data_8PQX
#
_entry.id   8PQX
#
_cell.length_a   1.00
_cell.length_b   1.00
_cell.length_c   1.00
_cell.angle_alpha   90.00
_cell.angle_beta   90.00
_cell.angle_gamma   90.00
#
_symmetry.space_group_name_H-M   'P 1'
#
loop_
_entity.id
_entity.type
_entity.pdbx_description
1 polymer 'Transitional endoplasmic reticulum ATPase'
2 non-polymer "ADENOSINE-5'-TRIPHOSPHATE"
3 non-polymer "ADENOSINE-5'-DIPHOSPHATE"
#
_entity_poly.entity_id   1
_entity_poly.type   'polypeptide(L)'
_entity_poly.pdbx_seq_one_letter_code
;MASGADSKGDDLSTAILKQKNRPNRLIVDEAINEDNSVVSLSQPKMDELQLFRGDTVLLKGKKRREAVCIVLSDDTCSDE
KIRMNRVVRNNLRVRLGDVISIQPCPDVKYGKRIHVLPIDDTVEGITGNLFEVYLKPYFLEAYRPIRKGDIFLVRGGMRA
VEFKVVETDPSPYCIVAPDTVIHCEGEPIKREDEEESLNEVGYDDIGGCRKQLAQIKEMVELPLRHPALFKAIGVKPPRG
ILLYGPPGTGKTLIARAVANETGAFFFLINGPEIMSKLAGESESNLRKAFEEAEKNAPAIIFIDELDAIAPKREKTHGEV
ERRIVSQLLTLMDGLKQRAHVIVMAATNRPNSIDPALRRFGRFDREVDIGIPDATGRLEILQIHTKNMKLADDVDLEQVA
NETHGHVGADLAALCSEAALQAIRKKMDLIDLEDETIDAEVMNSLAVTMDDFRWALSQSNPSALRETVVEVPQVTWEDIG
GLEDVKRELQELVQYPVEHPDKFLKFGMTPSKGVLFYGPPGCGKTLLAKAIANECQANAISIKGPELLTMWFGESEANVR
EIFDKARQAAPCVLFFDELDSIAKARGGNIGDGGGAADRVINQILTEMDGMSTKKNVFIIGATNRPDIIDPAILRPGRLD
QLIYIPLPDEKSRVAILKANLRKSPVAKDVDLEFLAKMTNGFSGADLTEICQRACKLAIRESIESEIRRERERQTNPSAM
EVEEDDPVPEIRRDHFEEAMRFARRSVSDNDIRKYEMFAQTLQQSRGFGSFRFPSGNQGGAGPSQGSGGGTGGSVYTEDN
DDDLYG
;
_entity_poly.pdbx_strand_id   A,B,C,D,E,F
#
loop_
_chem_comp.id
_chem_comp.type
_chem_comp.name
_chem_comp.formula
ADP non-polymer ADENOSINE-5'-DIPHOSPHATE 'C10 H15 N5 O10 P2'
ATP non-polymer ADENOSINE-5'-TRIPHOSPHATE 'C10 H16 N5 O13 P3'
#
# COMPACT_ATOMS: atom_id res chain seq x y z
N ASN A 21 -39.09 58.60 -2.38
CA ASN A 21 -39.53 59.75 -1.59
C ASN A 21 -38.45 60.81 -1.54
N ARG A 22 -37.21 60.42 -1.80
CA ARG A 22 -36.11 61.37 -1.80
C ARG A 22 -36.33 62.38 -2.93
N PRO A 23 -36.40 63.68 -2.62
CA PRO A 23 -36.80 64.64 -3.67
C PRO A 23 -35.90 64.60 -4.89
N ASN A 24 -34.58 64.53 -4.68
CA ASN A 24 -33.62 64.51 -5.78
C ASN A 24 -33.45 63.13 -6.39
N ARG A 25 -34.40 62.23 -6.18
CA ARG A 25 -34.39 60.88 -6.75
C ARG A 25 -35.37 60.88 -7.93
N LEU A 26 -34.85 61.20 -9.11
CA LEU A 26 -35.66 61.39 -10.30
C LEU A 26 -34.99 60.71 -11.49
N ILE A 27 -35.83 60.28 -12.44
CA ILE A 27 -35.32 59.55 -13.60
C ILE A 27 -34.53 60.51 -14.49
N VAL A 28 -33.73 59.92 -15.37
CA VAL A 28 -33.04 60.64 -16.43
C VAL A 28 -33.48 60.05 -17.76
N ASP A 29 -33.54 60.90 -18.78
CA ASP A 29 -34.16 60.52 -20.05
C ASP A 29 -33.33 61.09 -21.19
N GLU A 30 -33.88 61.03 -22.41
CA GLU A 30 -33.17 61.42 -23.63
C GLU A 30 -32.55 62.80 -23.53
N ALA A 31 -31.49 63.03 -24.31
CA ALA A 31 -30.84 64.34 -24.39
C ALA A 31 -30.56 64.69 -25.84
N ILE A 32 -30.54 65.98 -26.12
CA ILE A 32 -30.41 66.49 -27.48
C ILE A 32 -29.18 67.35 -27.70
N ASN A 33 -28.63 67.99 -26.66
CA ASN A 33 -27.43 68.81 -26.81
C ASN A 33 -26.21 67.90 -26.82
N GLU A 34 -25.59 67.77 -28.01
CA GLU A 34 -24.49 66.83 -28.21
C GLU A 34 -23.29 67.09 -27.31
N ASP A 35 -23.26 68.22 -26.59
CA ASP A 35 -22.15 68.52 -25.70
C ASP A 35 -22.48 67.98 -24.31
N ASN A 36 -21.58 67.17 -23.75
CA ASN A 36 -21.85 66.58 -22.44
C ASN A 36 -21.73 67.60 -21.32
N SER A 37 -20.93 68.64 -21.49
CA SER A 37 -20.72 69.61 -20.43
C SER A 37 -22.00 70.27 -19.96
N VAL A 38 -23.09 70.13 -20.71
CA VAL A 38 -24.37 70.69 -20.30
C VAL A 38 -25.10 69.67 -19.44
N VAL A 39 -25.71 70.16 -18.36
CA VAL A 39 -26.56 69.35 -17.50
C VAL A 39 -27.88 70.09 -17.35
N SER A 40 -28.97 69.34 -17.32
CA SER A 40 -30.29 69.93 -17.47
C SER A 40 -30.73 70.63 -16.19
N LEU A 41 -31.93 71.21 -16.27
CA LEU A 41 -32.60 71.78 -15.12
C LEU A 41 -34.06 71.34 -15.15
N SER A 42 -34.78 71.64 -14.08
CA SER A 42 -36.24 71.51 -14.06
C SER A 42 -36.74 72.59 -13.12
N GLN A 43 -37.17 73.71 -13.69
CA GLN A 43 -37.54 74.89 -12.90
C GLN A 43 -38.33 74.55 -11.64
N PRO A 44 -39.42 73.78 -11.71
CA PRO A 44 -40.03 73.30 -10.46
C PRO A 44 -39.04 72.59 -9.55
N LYS A 45 -38.05 71.91 -10.11
CA LYS A 45 -37.02 71.28 -9.30
C LYS A 45 -35.93 72.27 -8.90
N MET A 46 -35.58 73.19 -9.80
CA MET A 46 -34.61 74.23 -9.43
C MET A 46 -35.07 74.99 -8.21
N ASP A 47 -36.38 75.26 -8.11
CA ASP A 47 -36.90 75.87 -6.89
C ASP A 47 -36.62 74.99 -5.69
N GLU A 48 -36.65 73.67 -5.86
CA GLU A 48 -36.26 72.77 -4.78
C GLU A 48 -34.76 72.84 -4.53
N LEU A 49 -33.96 72.75 -5.59
CA LEU A 49 -32.53 72.87 -5.47
C LEU A 49 -32.15 74.32 -5.24
N GLN A 50 -30.85 74.54 -5.02
CA GLN A 50 -30.24 75.85 -5.14
C GLN A 50 -29.45 75.97 -6.43
N LEU A 51 -29.85 75.22 -7.47
CA LEU A 51 -29.06 75.15 -8.69
C LEU A 51 -28.77 76.54 -9.22
N PHE A 52 -27.51 76.93 -9.18
CA PHE A 52 -27.06 78.21 -9.73
C PHE A 52 -26.31 77.95 -11.02
N ARG A 53 -26.35 78.96 -11.89
CA ARG A 53 -25.57 78.88 -13.12
C ARG A 53 -24.11 79.20 -12.83
N GLY A 54 -23.22 78.45 -13.46
CA GLY A 54 -21.81 78.61 -13.20
C GLY A 54 -21.02 77.42 -13.68
N ASP A 55 -20.18 76.87 -12.81
CA ASP A 55 -19.29 75.78 -13.23
C ASP A 55 -20.01 74.44 -13.19
N THR A 56 -20.45 74.00 -12.01
CA THR A 56 -20.71 72.60 -11.80
C THR A 56 -21.94 72.37 -10.92
N VAL A 57 -22.62 71.25 -11.18
CA VAL A 57 -23.57 70.63 -10.26
C VAL A 57 -23.16 69.19 -10.09
N LEU A 58 -23.11 68.72 -8.85
CA LEU A 58 -22.74 67.33 -8.57
C LEU A 58 -23.98 66.47 -8.76
N LEU A 59 -24.09 65.84 -9.92
CA LEU A 59 -25.15 64.88 -10.18
C LEU A 59 -24.57 63.49 -9.94
N LYS A 60 -25.05 62.83 -8.89
CA LYS A 60 -24.48 61.59 -8.41
C LYS A 60 -25.34 60.41 -8.86
N GLY A 61 -24.67 59.35 -9.31
CA GLY A 61 -25.35 58.13 -9.73
C GLY A 61 -24.75 56.87 -9.14
N LYS A 62 -24.39 55.93 -10.01
CA LYS A 62 -23.92 54.62 -9.60
C LYS A 62 -22.40 54.52 -9.77
N LYS A 63 -21.78 53.70 -8.92
CA LYS A 63 -20.36 53.39 -8.97
C LYS A 63 -19.48 54.61 -8.74
N ARG A 64 -20.04 55.69 -8.23
CA ARG A 64 -19.33 56.90 -7.81
C ARG A 64 -18.85 57.75 -8.98
N ARG A 65 -18.99 57.28 -10.21
CA ARG A 65 -18.62 58.08 -11.38
C ARG A 65 -19.79 59.00 -11.74
N GLU A 66 -19.51 60.27 -11.87
CA GLU A 66 -20.52 61.29 -12.11
C GLU A 66 -20.26 62.00 -13.44
N ALA A 67 -21.20 62.87 -13.82
CA ALA A 67 -21.07 63.75 -14.97
C ALA A 67 -21.29 65.17 -14.47
N VAL A 68 -20.22 65.82 -14.03
CA VAL A 68 -20.29 67.12 -13.39
C VAL A 68 -19.80 68.17 -14.38
N CYS A 69 -20.60 69.21 -14.60
CA CYS A 69 -20.26 70.21 -15.60
C CYS A 69 -21.28 71.35 -15.54
N ILE A 70 -21.13 72.30 -16.48
CA ILE A 70 -22.07 73.43 -16.55
C ILE A 70 -23.50 72.92 -16.67
N VAL A 71 -24.44 73.79 -16.34
CA VAL A 71 -25.82 73.40 -16.07
C VAL A 71 -26.78 74.37 -16.76
N LEU A 72 -28.06 74.00 -16.71
CA LEU A 72 -29.22 74.81 -17.06
C LEU A 72 -29.43 74.98 -18.56
N SER A 73 -28.84 74.14 -19.40
CA SER A 73 -29.08 74.18 -20.84
C SER A 73 -30.21 73.23 -21.23
N ASP A 74 -31.35 73.36 -20.53
CA ASP A 74 -32.46 72.42 -20.67
C ASP A 74 -33.72 73.11 -20.17
N ASP A 75 -34.73 72.30 -19.80
CA ASP A 75 -36.10 72.73 -19.55
C ASP A 75 -36.86 72.79 -20.86
N THR A 76 -36.28 72.24 -21.92
CA THR A 76 -37.03 72.02 -23.16
C THR A 76 -38.00 70.87 -23.01
N CYS A 77 -37.67 69.88 -22.18
CA CYS A 77 -38.46 68.67 -22.04
C CYS A 77 -39.40 68.77 -20.84
N SER A 78 -40.19 67.71 -20.65
CA SER A 78 -41.09 67.63 -19.52
C SER A 78 -40.29 67.54 -18.23
N ASP A 79 -40.97 67.52 -17.09
CA ASP A 79 -40.32 67.41 -15.80
C ASP A 79 -40.39 65.97 -15.30
N GLU A 80 -39.82 65.75 -14.12
CA GLU A 80 -39.75 64.43 -13.48
C GLU A 80 -38.74 63.52 -14.17
N LYS A 81 -38.19 63.96 -15.31
CA LYS A 81 -37.13 63.23 -16.00
C LYS A 81 -36.09 64.22 -16.47
N ILE A 82 -34.95 64.25 -15.77
CA ILE A 82 -33.88 65.16 -16.11
C ILE A 82 -33.26 64.75 -17.44
N ARG A 83 -32.97 65.74 -18.28
CA ARG A 83 -32.25 65.48 -19.51
C ARG A 83 -30.76 65.46 -19.24
N MET A 84 -30.13 64.32 -19.47
CA MET A 84 -28.69 64.20 -19.27
C MET A 84 -28.08 63.57 -20.51
N ASN A 85 -26.99 64.18 -21.00
CA ASN A 85 -26.37 63.74 -22.23
C ASN A 85 -26.14 62.24 -22.23
N ARG A 86 -26.72 61.56 -23.23
CA ARG A 86 -26.71 60.10 -23.27
C ARG A 86 -25.33 59.53 -22.98
N VAL A 87 -24.27 60.28 -23.27
CA VAL A 87 -22.92 59.79 -23.04
C VAL A 87 -22.62 59.66 -21.54
N VAL A 88 -23.48 60.18 -20.67
CA VAL A 88 -23.30 60.01 -19.23
C VAL A 88 -24.16 58.86 -18.74
N ARG A 89 -24.58 57.98 -19.66
CA ARG A 89 -25.23 56.74 -19.28
C ARG A 89 -24.20 55.61 -19.20
N ASN A 90 -23.48 55.35 -20.30
CA ASN A 90 -22.39 54.39 -20.27
C ASN A 90 -21.49 54.65 -19.05
N ASN A 91 -21.20 55.92 -18.80
CA ASN A 91 -20.58 56.36 -17.56
C ASN A 91 -21.69 56.72 -16.57
N LEU A 92 -21.36 56.61 -15.29
CA LEU A 92 -22.24 57.11 -14.23
C LEU A 92 -23.54 56.32 -14.14
N ARG A 93 -23.76 55.38 -15.05
CA ARG A 93 -25.04 54.68 -15.18
C ARG A 93 -24.83 53.48 -16.09
N VAL A 94 -25.92 52.83 -16.45
CA VAL A 94 -25.87 51.74 -17.42
C VAL A 94 -26.90 51.98 -18.54
N ARG A 95 -28.15 52.23 -18.16
CA ARG A 95 -29.26 52.21 -19.10
C ARG A 95 -30.27 53.28 -18.70
N LEU A 96 -31.48 53.19 -19.26
CA LEU A 96 -32.59 54.07 -18.89
C LEU A 96 -33.15 53.62 -17.54
N GLY A 97 -34.24 54.27 -17.13
CA GLY A 97 -34.88 53.97 -15.86
C GLY A 97 -34.07 54.30 -14.64
N ASP A 98 -32.84 54.76 -14.79
CA ASP A 98 -31.98 55.05 -13.66
C ASP A 98 -32.48 56.32 -12.96
N VAL A 99 -31.74 56.77 -11.96
CA VAL A 99 -32.10 57.94 -11.18
C VAL A 99 -30.84 58.73 -10.87
N ILE A 100 -30.96 60.05 -10.87
CA ILE A 100 -29.85 60.95 -10.56
C ILE A 100 -30.13 61.61 -9.23
N SER A 101 -29.06 61.92 -8.52
CA SER A 101 -29.11 62.71 -7.28
C SER A 101 -28.34 64.00 -7.56
N ILE A 102 -29.05 65.01 -8.05
CA ILE A 102 -28.43 66.26 -8.48
C ILE A 102 -28.42 67.21 -7.29
N GLN A 103 -27.23 67.66 -6.91
CA GLN A 103 -27.04 68.54 -5.80
C GLN A 103 -25.88 69.47 -6.17
N PRO A 104 -26.07 70.79 -6.15
CA PRO A 104 -25.02 71.67 -6.66
C PRO A 104 -23.75 71.63 -5.81
N CYS A 105 -22.61 71.73 -6.49
CA CYS A 105 -21.32 72.01 -5.86
C CYS A 105 -20.52 72.91 -6.79
N PRO A 106 -21.00 74.13 -7.02
CA PRO A 106 -20.30 75.06 -7.91
C PRO A 106 -19.09 75.66 -7.21
N ASP A 107 -18.43 76.59 -7.90
CA ASP A 107 -17.27 77.29 -7.38
C ASP A 107 -16.19 76.30 -6.94
N VAL A 108 -15.70 75.53 -7.91
CA VAL A 108 -14.55 74.67 -7.66
C VAL A 108 -13.28 75.50 -7.77
N LYS A 109 -12.20 74.97 -7.20
CA LYS A 109 -10.92 75.63 -7.36
C LYS A 109 -10.57 75.75 -8.84
N TYR A 110 -9.58 76.58 -9.12
CA TYR A 110 -9.05 76.75 -10.48
C TYR A 110 -7.58 76.32 -10.43
N GLY A 111 -7.35 75.02 -10.59
CA GLY A 111 -5.99 74.51 -10.62
C GLY A 111 -5.29 74.96 -11.89
N LYS A 112 -4.20 74.28 -12.24
CA LYS A 112 -3.52 74.60 -13.50
C LYS A 112 -4.50 74.49 -14.66
N ARG A 113 -4.94 73.26 -14.93
CA ARG A 113 -5.84 72.96 -16.04
C ARG A 113 -6.15 71.48 -15.97
N ILE A 114 -7.09 71.00 -16.79
CA ILE A 114 -7.41 69.59 -16.86
C ILE A 114 -6.72 68.99 -18.08
N HIS A 115 -6.30 67.74 -17.94
CA HIS A 115 -5.68 66.97 -19.01
C HIS A 115 -6.33 67.23 -20.36
N VAL A 116 -5.51 67.29 -21.40
CA VAL A 116 -5.98 67.21 -22.79
C VAL A 116 -5.29 66.04 -23.46
N LEU A 117 -6.06 65.02 -23.83
CA LEU A 117 -5.54 63.94 -24.67
C LEU A 117 -6.69 63.04 -25.14
N PRO A 118 -6.71 62.64 -26.41
CA PRO A 118 -7.71 61.67 -26.88
C PRO A 118 -7.28 60.24 -26.50
N ILE A 119 -8.12 59.27 -26.89
CA ILE A 119 -7.93 57.90 -26.44
C ILE A 119 -7.87 56.89 -27.59
N ASP A 120 -8.86 56.91 -28.48
CA ASP A 120 -9.03 55.80 -29.43
C ASP A 120 -8.87 56.23 -30.89
N ASP A 121 -9.60 57.25 -31.32
CA ASP A 121 -9.80 57.51 -32.74
C ASP A 121 -9.00 58.68 -33.28
N THR A 122 -7.91 59.08 -32.63
CA THR A 122 -7.13 60.21 -33.12
C THR A 122 -5.85 59.79 -33.85
N VAL A 123 -5.22 58.70 -33.44
CA VAL A 123 -4.06 58.20 -34.18
C VAL A 123 -4.44 57.88 -35.61
N GLU A 124 -5.72 57.61 -35.86
CA GLU A 124 -6.22 57.38 -37.22
C GLU A 124 -6.32 58.72 -37.93
N GLY A 125 -5.23 59.10 -38.60
CA GLY A 125 -5.15 60.36 -39.32
C GLY A 125 -4.10 61.28 -38.73
N ILE A 126 -4.14 62.53 -39.19
CA ILE A 126 -3.17 63.53 -38.74
C ILE A 126 -3.33 63.73 -37.23
N THR A 127 -2.23 63.62 -36.51
CA THR A 127 -2.22 63.77 -35.06
C THR A 127 -1.73 65.15 -34.61
N GLY A 128 -0.65 65.65 -35.19
CA GLY A 128 -0.19 67.00 -34.86
C GLY A 128 0.08 67.18 -33.39
N ASN A 129 -0.80 67.94 -32.72
CA ASN A 129 -0.71 68.16 -31.29
C ASN A 129 -1.85 67.52 -30.51
N LEU A 130 -2.89 67.04 -31.19
CA LEU A 130 -4.05 66.38 -30.58
C LEU A 130 -4.86 67.34 -29.71
N PHE A 131 -4.44 68.61 -29.64
CA PHE A 131 -5.19 69.63 -28.91
C PHE A 131 -5.59 70.80 -29.79
N GLU A 132 -4.66 71.33 -30.59
CA GLU A 132 -4.87 72.58 -31.30
C GLU A 132 -5.45 72.39 -32.69
N VAL A 133 -5.89 71.19 -33.04
CA VAL A 133 -6.43 70.91 -34.36
C VAL A 133 -7.95 70.75 -34.26
N TYR A 134 -8.40 69.91 -33.32
CA TYR A 134 -9.80 69.56 -33.21
C TYR A 134 -10.46 69.94 -31.89
N LEU A 135 -9.71 69.95 -30.79
CA LEU A 135 -10.31 70.11 -29.47
C LEU A 135 -10.28 71.55 -28.96
N LYS A 136 -9.33 72.36 -29.42
CA LYS A 136 -9.18 73.72 -28.94
C LYS A 136 -10.45 74.55 -29.07
N PRO A 137 -11.31 74.35 -30.10
CA PRO A 137 -12.44 75.26 -30.26
C PRO A 137 -13.61 75.01 -29.30
N TYR A 138 -13.39 74.24 -28.23
CA TYR A 138 -14.47 73.87 -27.32
C TYR A 138 -14.26 74.33 -25.88
N PHE A 139 -13.02 74.57 -25.45
CA PHE A 139 -12.76 75.09 -24.11
C PHE A 139 -12.74 76.62 -24.22
N LEU A 140 -13.87 77.17 -24.64
CA LEU A 140 -14.00 78.59 -24.93
C LEU A 140 -15.11 79.16 -24.07
N GLU A 141 -14.75 79.98 -23.08
CA GLU A 141 -15.69 80.65 -22.18
C GLU A 141 -16.57 79.66 -21.41
N ALA A 142 -16.27 78.37 -21.50
CA ALA A 142 -16.91 77.31 -20.73
C ALA A 142 -15.84 76.38 -20.20
N TYR A 143 -14.87 76.96 -19.49
CA TYR A 143 -13.56 76.36 -19.34
C TYR A 143 -13.62 75.11 -18.47
N ARG A 144 -14.31 74.09 -18.98
CA ARG A 144 -14.29 72.74 -18.46
C ARG A 144 -14.58 72.66 -16.97
N PRO A 145 -15.75 73.07 -16.52
CA PRO A 145 -16.28 72.48 -15.28
C PRO A 145 -16.53 71.00 -15.53
N ILE A 146 -15.76 70.14 -14.87
CA ILE A 146 -15.70 68.73 -15.21
C ILE A 146 -15.51 67.94 -13.93
N ARG A 147 -15.59 66.62 -14.06
CA ARG A 147 -15.17 65.73 -12.99
C ARG A 147 -14.51 64.52 -13.64
N LYS A 148 -13.30 64.21 -13.20
CA LYS A 148 -12.51 63.17 -13.84
C LYS A 148 -13.30 61.87 -13.90
N GLY A 149 -13.58 61.43 -15.12
CA GLY A 149 -14.50 60.33 -15.37
C GLY A 149 -15.62 60.73 -16.30
N ASP A 150 -15.89 62.03 -16.46
CA ASP A 150 -16.85 62.49 -17.43
C ASP A 150 -16.28 62.30 -18.82
N ILE A 151 -16.94 61.47 -19.63
CA ILE A 151 -16.50 61.17 -20.99
C ILE A 151 -17.57 61.67 -21.94
N PHE A 152 -17.14 62.15 -23.10
CA PHE A 152 -18.05 62.86 -24.00
C PHE A 152 -17.46 62.84 -25.41
N LEU A 153 -18.05 63.61 -26.30
CA LEU A 153 -17.61 63.72 -27.69
C LEU A 153 -17.20 65.16 -27.97
N VAL A 154 -16.03 65.32 -28.58
CA VAL A 154 -15.51 66.64 -28.94
C VAL A 154 -14.51 66.49 -30.08
N ARG A 155 -14.69 67.25 -31.15
CA ARG A 155 -13.83 67.19 -32.32
C ARG A 155 -13.97 68.50 -33.10
N GLY A 156 -13.17 68.60 -34.16
CA GLY A 156 -13.27 69.68 -35.12
C GLY A 156 -13.49 69.10 -36.50
N GLY A 157 -14.32 68.06 -36.56
CA GLY A 157 -14.42 67.23 -37.74
C GLY A 157 -15.59 66.28 -37.66
N MET A 158 -15.35 64.99 -37.96
CA MET A 158 -16.42 64.02 -38.06
C MET A 158 -17.26 63.95 -36.79
N ARG A 159 -16.78 64.58 -35.71
CA ARG A 159 -17.62 64.84 -34.53
C ARG A 159 -17.91 63.57 -33.74
N ALA A 160 -16.98 62.61 -33.74
CA ALA A 160 -17.13 61.41 -32.91
C ALA A 160 -15.74 60.95 -32.46
N VAL A 161 -15.34 61.43 -31.29
CA VAL A 161 -14.10 61.03 -30.63
C VAL A 161 -14.25 61.31 -29.14
N GLU A 162 -13.62 60.48 -28.33
CA GLU A 162 -13.77 60.61 -26.89
C GLU A 162 -12.73 61.54 -26.30
N PHE A 163 -12.99 61.95 -25.06
CA PHE A 163 -12.04 62.74 -24.28
C PHE A 163 -12.03 62.18 -22.86
N LYS A 164 -10.92 61.59 -22.48
CA LYS A 164 -10.83 60.78 -21.27
C LYS A 164 -9.87 61.44 -20.29
N VAL A 165 -9.85 60.91 -19.07
CA VAL A 165 -8.94 61.36 -18.02
C VAL A 165 -7.64 60.59 -18.12
N VAL A 166 -6.53 61.32 -18.07
CA VAL A 166 -5.21 60.71 -18.12
C VAL A 166 -4.38 61.19 -16.92
N GLU A 167 -4.40 62.49 -16.67
CA GLU A 167 -3.57 63.11 -15.65
C GLU A 167 -4.44 63.82 -14.62
N THR A 168 -3.81 64.16 -13.48
CA THR A 168 -4.49 64.87 -12.41
C THR A 168 -3.45 65.66 -11.63
N ASP A 169 -3.31 66.95 -11.94
CA ASP A 169 -2.48 67.80 -11.09
C ASP A 169 -3.29 68.21 -9.86
N PRO A 170 -4.51 68.73 -10.00
CA PRO A 170 -5.37 68.88 -8.83
C PRO A 170 -6.24 67.66 -8.62
N SER A 171 -6.22 67.13 -7.40
CA SER A 171 -7.06 65.97 -7.09
C SER A 171 -8.53 66.25 -7.36
N PRO A 172 -9.15 67.27 -6.76
CA PRO A 172 -10.52 67.62 -7.13
C PRO A 172 -10.56 68.32 -8.48
N TYR A 173 -11.74 68.28 -9.09
CA TYR A 173 -11.92 68.90 -10.39
C TYR A 173 -11.93 70.42 -10.27
N CYS A 174 -11.58 71.09 -11.37
CA CYS A 174 -11.39 72.54 -11.37
C CYS A 174 -11.99 73.11 -12.64
N ILE A 175 -11.75 74.40 -12.85
CA ILE A 175 -12.18 75.12 -14.04
C ILE A 175 -10.93 75.67 -14.70
N VAL A 176 -10.68 75.23 -15.93
CA VAL A 176 -9.38 75.52 -16.56
C VAL A 176 -9.32 77.00 -16.89
N ALA A 177 -8.15 77.45 -17.29
CA ALA A 177 -7.95 78.84 -17.72
C ALA A 177 -6.83 78.84 -18.74
N PRO A 178 -6.78 79.86 -19.60
CA PRO A 178 -5.68 79.92 -20.58
C PRO A 178 -4.34 80.17 -19.91
N ASP A 179 -3.27 80.24 -20.71
CA ASP A 179 -1.93 80.51 -20.21
C ASP A 179 -1.35 79.27 -19.52
N THR A 180 -2.16 78.24 -19.37
CA THR A 180 -1.71 77.02 -18.72
C THR A 180 -0.83 76.23 -19.68
N VAL A 181 -0.39 75.05 -19.24
CA VAL A 181 0.48 74.20 -20.02
C VAL A 181 -0.12 72.80 -20.06
N ILE A 182 -0.08 72.20 -21.25
CA ILE A 182 -0.62 70.87 -21.48
C ILE A 182 0.36 70.09 -22.33
N HIS A 183 0.39 68.78 -22.13
CA HIS A 183 1.31 67.90 -22.84
C HIS A 183 0.50 66.76 -23.45
N CYS A 184 0.29 66.80 -24.77
CA CYS A 184 -0.34 65.71 -25.48
C CYS A 184 0.66 64.61 -25.83
N GLU A 185 1.82 64.60 -25.17
CA GLU A 185 2.79 63.51 -25.34
C GLU A 185 2.12 62.15 -25.21
N GLY A 186 1.04 62.06 -24.43
CA GLY A 186 0.34 60.80 -24.30
C GLY A 186 -0.18 60.31 -25.63
N GLU A 187 -0.40 58.99 -25.71
CA GLU A 187 -0.83 58.36 -26.92
C GLU A 187 -2.23 57.79 -26.77
N PRO A 188 -3.08 57.89 -27.80
CA PRO A 188 -4.38 57.23 -27.75
C PRO A 188 -4.23 55.73 -27.56
N ILE A 189 -5.17 55.14 -26.82
CA ILE A 189 -5.05 53.74 -26.38
C ILE A 189 -6.23 52.89 -26.85
N LYS A 190 -6.24 51.63 -26.45
CA LYS A 190 -7.35 50.72 -26.69
C LYS A 190 -8.42 50.93 -25.62
N ARG A 191 -9.43 50.10 -25.73
CA ARG A 191 -10.56 50.26 -24.85
C ARG A 191 -10.28 49.60 -23.54
N GLU A 192 -9.22 49.99 -22.85
CA GLU A 192 -9.02 49.44 -21.52
C GLU A 192 -10.24 49.95 -20.77
N ASP A 193 -10.57 51.21 -21.00
CA ASP A 193 -11.72 51.80 -20.36
C ASP A 193 -13.02 51.12 -20.77
N GLU A 194 -13.18 50.77 -22.04
CA GLU A 194 -14.38 50.05 -22.45
C GLU A 194 -14.50 48.66 -21.83
N GLU A 195 -13.35 48.02 -21.61
CA GLU A 195 -13.34 46.70 -21.00
C GLU A 195 -13.66 46.83 -19.53
N GLU A 196 -13.17 47.91 -18.92
CA GLU A 196 -13.45 48.15 -17.51
C GLU A 196 -14.96 48.24 -17.33
N SER A 197 -15.61 48.94 -18.26
CA SER A 197 -17.06 49.06 -18.21
C SER A 197 -17.70 47.69 -18.30
N LEU A 198 -17.15 46.83 -19.16
CA LEU A 198 -17.69 45.50 -19.33
C LEU A 198 -17.12 44.55 -18.28
N ASN A 199 -17.70 44.56 -17.08
CA ASN A 199 -17.20 43.71 -16.00
C ASN A 199 -18.23 43.56 -14.89
N GLU A 200 -17.77 43.14 -13.71
CA GLU A 200 -18.66 43.01 -12.56
C GLU A 200 -19.85 42.07 -12.84
N VAL A 201 -19.58 40.78 -12.98
CA VAL A 201 -20.65 39.81 -13.20
C VAL A 201 -21.77 40.03 -12.19
N GLY A 202 -23.00 39.73 -12.58
CA GLY A 202 -24.12 39.97 -11.69
C GLY A 202 -24.99 38.74 -11.55
N TYR A 203 -26.08 38.91 -10.80
CA TYR A 203 -27.01 37.79 -10.59
C TYR A 203 -27.71 37.41 -11.88
N ASP A 204 -27.83 38.35 -12.82
CA ASP A 204 -28.39 38.04 -14.13
C ASP A 204 -27.54 37.03 -14.89
N ASP A 205 -26.28 36.88 -14.51
CA ASP A 205 -25.37 35.94 -15.16
C ASP A 205 -25.36 34.57 -14.48
N ILE A 206 -26.21 34.35 -13.48
CA ILE A 206 -26.26 33.11 -12.73
C ILE A 206 -27.54 32.37 -13.06
N GLY A 207 -27.41 31.11 -13.45
CA GLY A 207 -28.56 30.28 -13.74
C GLY A 207 -28.32 28.86 -13.28
N GLY A 208 -29.42 28.18 -12.95
CA GLY A 208 -29.35 26.81 -12.49
C GLY A 208 -29.12 26.65 -11.00
N CYS A 209 -28.88 27.73 -10.28
CA CYS A 209 -28.65 27.70 -8.84
C CYS A 209 -29.48 28.77 -8.15
N ARG A 210 -30.74 28.91 -8.56
CA ARG A 210 -31.59 29.95 -8.00
C ARG A 210 -31.77 29.77 -6.49
N LYS A 211 -32.05 28.55 -6.06
CA LYS A 211 -32.12 28.28 -4.63
C LYS A 211 -30.79 28.52 -3.95
N GLN A 212 -29.70 28.04 -4.56
CA GLN A 212 -28.38 28.27 -4.01
C GLN A 212 -28.02 29.74 -4.01
N LEU A 213 -28.40 30.47 -5.07
CA LEU A 213 -28.14 31.90 -5.12
C LEU A 213 -28.89 32.63 -4.01
N ALA A 214 -30.15 32.25 -3.77
CA ALA A 214 -30.91 32.86 -2.69
C ALA A 214 -30.30 32.54 -1.33
N GLN A 215 -29.83 31.30 -1.14
CA GLN A 215 -29.17 30.95 0.10
C GLN A 215 -27.92 31.78 0.31
N ILE A 216 -27.12 31.95 -0.75
CA ILE A 216 -25.91 32.76 -0.64
C ILE A 216 -26.27 34.21 -0.32
N LYS A 217 -27.33 34.72 -0.95
CA LYS A 217 -27.77 36.09 -0.70
C LYS A 217 -28.15 36.26 0.76
N GLU A 218 -28.97 35.36 1.29
CA GLU A 218 -29.40 35.49 2.68
C GLU A 218 -28.25 35.25 3.65
N MET A 219 -27.20 34.53 3.23
CA MET A 219 -26.03 34.37 4.08
C MET A 219 -25.16 35.63 4.11
N VAL A 220 -24.95 36.28 2.96
CA VAL A 220 -23.93 37.31 2.87
C VAL A 220 -24.50 38.72 2.85
N GLU A 221 -25.83 38.88 2.86
CA GLU A 221 -26.40 40.22 2.82
C GLU A 221 -26.06 41.00 4.08
N LEU A 222 -26.32 40.42 5.25
CA LEU A 222 -26.07 41.13 6.49
C LEU A 222 -24.59 41.43 6.72
N PRO A 223 -23.66 40.47 6.60
CA PRO A 223 -22.25 40.81 6.86
C PRO A 223 -21.68 41.86 5.93
N LEU A 224 -22.11 41.89 4.67
CA LEU A 224 -21.51 42.77 3.66
C LEU A 224 -22.27 44.08 3.52
N ARG A 225 -23.58 44.01 3.24
CA ARG A 225 -24.35 45.23 3.03
C ARG A 225 -24.47 46.06 4.31
N HIS A 226 -24.38 45.42 5.47
CA HIS A 226 -24.56 46.09 6.75
C HIS A 226 -23.40 45.74 7.67
N PRO A 227 -22.21 46.31 7.44
CA PRO A 227 -21.06 45.99 8.29
C PRO A 227 -21.15 46.61 9.67
N ALA A 228 -21.49 47.90 9.75
CA ALA A 228 -21.62 48.55 11.05
C ALA A 228 -22.81 48.01 11.83
N LEU A 229 -23.90 47.70 11.12
CA LEU A 229 -25.07 47.12 11.75
C LEU A 229 -24.72 45.80 12.44
N PHE A 230 -23.96 44.94 11.74
CA PHE A 230 -23.59 43.68 12.33
C PHE A 230 -22.53 43.86 13.41
N LYS A 231 -21.67 44.87 13.28
CA LYS A 231 -20.70 45.17 14.32
C LYS A 231 -21.38 45.63 15.61
N ALA A 232 -22.55 46.26 15.49
CA ALA A 232 -23.29 46.66 16.68
C ALA A 232 -23.72 45.45 17.50
N ILE A 233 -24.20 44.41 16.84
CA ILE A 233 -24.63 43.20 17.53
C ILE A 233 -23.43 42.28 17.75
N GLY A 234 -23.62 41.30 18.62
CA GLY A 234 -22.54 40.38 18.95
C GLY A 234 -22.81 38.96 18.51
N VAL A 235 -23.38 38.80 17.31
CA VAL A 235 -23.68 37.48 16.78
C VAL A 235 -22.49 37.02 15.94
N LYS A 236 -22.37 35.71 15.78
CA LYS A 236 -21.30 35.16 14.94
C LYS A 236 -21.75 35.14 13.49
N PRO A 237 -21.00 35.76 12.58
CA PRO A 237 -21.38 35.76 11.17
C PRO A 237 -20.96 34.48 10.49
N PRO A 238 -21.58 34.13 9.37
CA PRO A 238 -21.02 33.06 8.54
C PRO A 238 -19.83 33.58 7.75
N ARG A 239 -18.62 33.22 8.19
CA ARG A 239 -17.39 33.69 7.55
C ARG A 239 -16.69 32.58 6.77
N GLY A 240 -17.35 31.44 6.60
CA GLY A 240 -16.83 30.39 5.75
C GLY A 240 -17.91 29.76 4.92
N ILE A 241 -17.74 29.81 3.60
CA ILE A 241 -18.71 29.27 2.66
C ILE A 241 -18.00 28.24 1.78
N LEU A 242 -18.55 27.04 1.73
CA LEU A 242 -17.97 25.94 0.97
C LEU A 242 -18.90 25.64 -0.21
N LEU A 243 -18.62 26.29 -1.34
CA LEU A 243 -19.36 26.02 -2.58
C LEU A 243 -18.76 24.76 -3.22
N TYR A 244 -19.45 23.64 -3.07
CA TYR A 244 -18.97 22.37 -3.61
C TYR A 244 -19.92 21.86 -4.67
N GLY A 245 -19.34 21.23 -5.69
CA GLY A 245 -20.09 20.70 -6.80
C GLY A 245 -19.18 20.32 -7.94
N PRO A 246 -19.75 19.90 -9.07
CA PRO A 246 -18.91 19.55 -10.21
C PRO A 246 -18.16 20.76 -10.72
N PRO A 247 -16.98 20.55 -11.31
CA PRO A 247 -16.26 21.68 -11.90
C PRO A 247 -17.05 22.29 -13.04
N GLY A 248 -16.93 23.61 -13.17
CA GLY A 248 -17.63 24.32 -14.23
C GLY A 248 -19.06 24.71 -13.91
N THR A 249 -19.49 24.61 -12.65
CA THR A 249 -20.83 24.99 -12.25
C THR A 249 -20.94 26.43 -11.76
N GLY A 250 -20.01 27.29 -12.17
CA GLY A 250 -20.12 28.70 -11.87
C GLY A 250 -19.83 29.09 -10.44
N LYS A 251 -19.05 28.29 -9.71
CA LYS A 251 -18.73 28.63 -8.33
C LYS A 251 -17.99 29.96 -8.25
N THR A 252 -16.91 30.11 -9.02
CA THR A 252 -16.21 31.38 -9.04
C THR A 252 -17.06 32.47 -9.68
N LEU A 253 -17.89 32.12 -10.66
CA LEU A 253 -18.81 33.10 -11.22
C LEU A 253 -19.82 33.57 -10.18
N ILE A 254 -20.37 32.64 -9.40
CA ILE A 254 -21.32 33.01 -8.36
C ILE A 254 -20.66 33.91 -7.33
N ALA A 255 -19.44 33.55 -6.90
CA ALA A 255 -18.73 34.36 -5.92
C ALA A 255 -18.44 35.76 -6.45
N ARG A 256 -17.97 35.85 -7.70
CA ARG A 256 -17.66 37.14 -8.28
C ARG A 256 -18.91 38.00 -8.41
N ALA A 257 -20.02 37.41 -8.87
CA ALA A 257 -21.27 38.17 -8.99
C ALA A 257 -21.75 38.66 -7.63
N VAL A 258 -21.69 37.80 -6.63
CA VAL A 258 -22.15 38.18 -5.29
C VAL A 258 -21.29 39.31 -4.74
N ALA A 259 -19.97 39.20 -4.90
CA ALA A 259 -19.08 40.23 -4.37
C ALA A 259 -19.26 41.55 -5.11
N ASN A 260 -19.41 41.50 -6.44
CA ASN A 260 -19.52 42.73 -7.22
C ASN A 260 -20.84 43.44 -6.96
N GLU A 261 -21.95 42.69 -6.98
CA GLU A 261 -23.25 43.33 -6.78
C GLU A 261 -23.41 43.87 -5.38
N THR A 262 -22.94 43.12 -4.37
CA THR A 262 -23.01 43.59 -2.99
C THR A 262 -21.98 44.67 -2.68
N GLY A 263 -21.04 44.92 -3.60
CA GLY A 263 -20.02 45.92 -3.38
C GLY A 263 -18.83 45.46 -2.58
N ALA A 264 -18.83 44.22 -2.11
CA ALA A 264 -17.69 43.72 -1.33
C ALA A 264 -16.47 43.55 -2.22
N PHE A 265 -15.31 43.81 -1.66
CA PHE A 265 -14.06 43.66 -2.39
C PHE A 265 -13.78 42.19 -2.63
N PHE A 266 -13.65 41.80 -3.90
CA PHE A 266 -13.43 40.41 -4.27
C PHE A 266 -11.95 40.18 -4.51
N PHE A 267 -11.38 39.22 -3.79
CA PHE A 267 -10.01 38.77 -4.01
C PHE A 267 -10.06 37.33 -4.48
N LEU A 268 -9.55 37.10 -5.70
CA LEU A 268 -9.59 35.76 -6.31
C LEU A 268 -8.35 35.00 -5.88
N ILE A 269 -8.46 34.29 -4.77
CA ILE A 269 -7.39 33.41 -4.29
C ILE A 269 -7.52 32.09 -5.03
N ASN A 270 -6.51 31.77 -5.84
CA ASN A 270 -6.50 30.54 -6.62
C ASN A 270 -5.53 29.55 -5.99
N GLY A 271 -5.98 28.32 -5.79
CA GLY A 271 -5.16 27.29 -5.21
C GLY A 271 -3.85 27.07 -5.95
N PRO A 272 -3.95 26.86 -7.28
CA PRO A 272 -2.71 26.84 -8.08
C PRO A 272 -1.91 28.11 -7.96
N GLU A 273 -2.55 29.27 -7.92
CA GLU A 273 -1.82 30.53 -7.75
C GLU A 273 -1.15 30.58 -6.38
N ILE A 274 -1.82 30.07 -5.35
CA ILE A 274 -1.23 30.09 -4.01
C ILE A 274 -0.01 29.19 -3.95
N MET A 275 -0.20 27.89 -4.19
CA MET A 275 0.89 26.93 -3.99
C MET A 275 1.72 26.72 -5.26
N SER A 276 1.65 27.65 -6.22
CA SER A 276 2.56 27.62 -7.36
C SER A 276 3.94 28.13 -6.98
N LYS A 277 4.04 29.02 -6.01
CA LYS A 277 5.30 29.64 -5.64
C LYS A 277 5.97 28.83 -4.54
N LEU A 278 7.02 29.38 -3.94
CA LEU A 278 7.72 28.70 -2.86
C LEU A 278 6.82 28.60 -1.63
N ALA A 279 7.13 27.64 -0.76
CA ALA A 279 6.33 27.42 0.44
C ALA A 279 6.25 28.69 1.27
N GLY A 280 7.39 29.29 1.60
CA GLY A 280 7.38 30.57 2.28
C GLY A 280 6.71 31.64 1.46
N GLU A 281 6.97 31.65 0.14
CA GLU A 281 6.31 32.62 -0.73
C GLU A 281 4.82 32.39 -0.79
N SER A 282 4.38 31.12 -0.82
CA SER A 282 2.95 30.84 -0.82
C SER A 282 2.29 31.30 0.47
N GLU A 283 2.93 31.05 1.61
CA GLU A 283 2.37 31.51 2.88
C GLU A 283 2.33 33.02 2.95
N SER A 284 3.38 33.68 2.45
CA SER A 284 3.39 35.14 2.41
C SER A 284 2.28 35.68 1.53
N ASN A 285 2.05 35.04 0.38
CA ASN A 285 0.98 35.47 -0.51
C ASN A 285 -0.38 35.30 0.15
N LEU A 286 -0.59 34.18 0.85
CA LEU A 286 -1.85 33.98 1.56
C LEU A 286 -2.04 35.05 2.63
N ARG A 287 -1.00 35.32 3.41
CA ARG A 287 -1.10 36.32 4.46
C ARG A 287 -1.37 37.71 3.87
N LYS A 288 -0.69 38.05 2.78
CA LYS A 288 -0.92 39.34 2.14
C LYS A 288 -2.33 39.47 1.60
N ALA A 289 -2.85 38.39 1.00
CA ALA A 289 -4.22 38.42 0.49
C ALA A 289 -5.22 38.61 1.63
N PHE A 290 -5.02 37.88 2.72
CA PHE A 290 -5.94 38.01 3.86
C PHE A 290 -5.85 39.41 4.47
N GLU A 291 -4.64 39.96 4.57
CA GLU A 291 -4.49 41.31 5.11
C GLU A 291 -5.15 42.35 4.21
N GLU A 292 -5.00 42.20 2.90
CA GLU A 292 -5.65 43.12 1.97
C GLU A 292 -7.16 43.02 2.07
N ALA A 293 -7.68 41.80 2.19
CA ALA A 293 -9.13 41.63 2.34
C ALA A 293 -9.61 42.28 3.64
N GLU A 294 -8.86 42.10 4.73
CA GLU A 294 -9.23 42.74 5.99
C GLU A 294 -9.20 44.26 5.88
N LYS A 295 -8.19 44.80 5.17
CA LYS A 295 -8.11 46.23 4.97
C LYS A 295 -9.28 46.74 4.13
N ASN A 296 -9.73 45.95 3.15
CA ASN A 296 -10.82 46.32 2.28
C ASN A 296 -12.17 45.81 2.77
N ALA A 297 -12.35 45.69 4.08
CA ALA A 297 -13.62 45.22 4.63
C ALA A 297 -14.72 46.23 4.32
N PRO A 298 -15.92 45.77 3.93
CA PRO A 298 -16.32 44.36 3.75
C PRO A 298 -15.74 43.78 2.47
N ALA A 299 -15.11 42.60 2.57
CA ALA A 299 -14.49 41.96 1.42
C ALA A 299 -14.83 40.49 1.42
N ILE A 300 -14.72 39.87 0.25
CA ILE A 300 -14.99 38.45 0.06
C ILE A 300 -13.70 37.79 -0.39
N ILE A 301 -13.26 36.78 0.35
CA ILE A 301 -12.13 35.94 -0.03
C ILE A 301 -12.70 34.69 -0.66
N PHE A 302 -12.33 34.42 -1.91
CA PHE A 302 -12.77 33.22 -2.61
C PHE A 302 -11.56 32.36 -2.94
N ILE A 303 -11.65 31.07 -2.62
CA ILE A 303 -10.56 30.13 -2.83
C ILE A 303 -11.12 29.00 -3.68
N ASP A 304 -10.99 29.13 -5.01
CA ASP A 304 -11.36 28.03 -5.88
C ASP A 304 -10.30 26.94 -5.83
N GLU A 305 -10.73 25.71 -6.11
CA GLU A 305 -9.87 24.53 -6.00
C GLU A 305 -9.25 24.45 -4.61
N LEU A 306 -10.10 24.58 -3.60
CA LEU A 306 -9.62 24.52 -2.21
C LEU A 306 -8.99 23.17 -1.90
N ASP A 307 -9.43 22.11 -2.57
CA ASP A 307 -8.83 20.79 -2.37
C ASP A 307 -7.36 20.80 -2.76
N ALA A 308 -6.97 21.64 -3.71
CA ALA A 308 -5.56 21.76 -4.06
C ALA A 308 -4.76 22.33 -2.90
N ILE A 309 -5.24 23.43 -2.31
CA ILE A 309 -4.58 23.97 -1.13
C ILE A 309 -4.76 23.04 0.07
N ALA A 310 -6.00 22.60 0.29
CA ALA A 310 -6.36 21.85 1.50
C ALA A 310 -6.93 20.49 1.13
N PRO A 311 -6.09 19.48 1.00
CA PRO A 311 -6.58 18.12 0.79
C PRO A 311 -6.93 17.48 2.14
N LYS A 312 -7.28 16.20 2.09
CA LYS A 312 -7.49 15.45 3.33
C LYS A 312 -6.20 15.39 4.12
N ARG A 313 -6.32 15.46 5.45
CA ARG A 313 -5.14 15.54 6.30
C ARG A 313 -4.31 14.27 6.20
N GLU A 314 -4.97 13.11 6.14
CA GLU A 314 -4.25 11.86 5.96
C GLU A 314 -3.69 11.72 4.55
N LYS A 315 -4.18 12.49 3.59
CA LYS A 315 -3.79 12.34 2.20
C LYS A 315 -2.71 13.34 1.76
N THR A 316 -2.60 14.48 2.44
CA THR A 316 -1.61 15.49 2.06
C THR A 316 -0.22 14.96 2.36
N HIS A 317 0.47 14.50 1.31
CA HIS A 317 1.76 13.85 1.47
C HIS A 317 2.85 14.85 1.87
N GLY A 318 2.93 15.96 1.16
CA GLY A 318 4.04 16.89 1.38
C GLY A 318 3.85 17.73 2.63
N GLU A 319 4.94 17.93 3.36
CA GLU A 319 4.90 18.79 4.53
C GLU A 319 4.60 20.23 4.16
N VAL A 320 5.03 20.66 2.98
CA VAL A 320 4.72 22.01 2.52
C VAL A 320 3.22 22.20 2.38
N GLU A 321 2.53 21.19 1.84
CA GLU A 321 1.08 21.28 1.69
C GLU A 321 0.38 21.38 3.05
N ARG A 322 0.82 20.57 4.02
CA ARG A 322 0.24 20.66 5.36
C ARG A 322 0.51 22.02 5.99
N ARG A 323 1.71 22.56 5.78
CA ARG A 323 2.03 23.88 6.30
C ARG A 323 1.14 24.94 5.67
N ILE A 324 0.86 24.83 4.37
CA ILE A 324 -0.03 25.77 3.71
C ILE A 324 -1.45 25.64 4.24
N VAL A 325 -1.91 24.41 4.48
CA VAL A 325 -3.23 24.19 5.05
C VAL A 325 -3.33 24.87 6.41
N SER A 326 -2.32 24.67 7.25
CA SER A 326 -2.33 25.28 8.58
C SER A 326 -2.27 26.79 8.50
N GLN A 327 -1.49 27.33 7.55
CA GLN A 327 -1.43 28.78 7.39
C GLN A 327 -2.78 29.34 7.00
N LEU A 328 -3.48 28.66 6.09
CA LEU A 328 -4.82 29.10 5.71
C LEU A 328 -5.77 29.03 6.90
N LEU A 329 -5.67 27.95 7.69
CA LEU A 329 -6.53 27.82 8.86
C LEU A 329 -6.28 28.95 9.84
N THR A 330 -5.02 29.27 10.10
CA THR A 330 -4.69 30.35 11.02
C THR A 330 -5.16 31.70 10.49
N LEU A 331 -5.00 31.93 9.18
CA LEU A 331 -5.44 33.20 8.61
C LEU A 331 -6.94 33.36 8.71
N MET A 332 -7.70 32.30 8.43
CA MET A 332 -9.15 32.40 8.53
C MET A 332 -9.61 32.49 9.98
N ASP A 333 -8.88 31.87 10.92
CA ASP A 333 -9.20 32.06 12.34
C ASP A 333 -8.93 33.49 12.77
N GLY A 334 -7.85 34.08 12.26
CA GLY A 334 -7.58 35.49 12.53
C GLY A 334 -8.65 36.39 11.97
N LEU A 335 -9.17 36.04 10.78
CA LEU A 335 -10.34 36.75 10.28
C LEU A 335 -11.53 36.60 11.20
N LYS A 336 -11.74 35.39 11.72
CA LYS A 336 -12.87 35.13 12.61
C LYS A 336 -12.79 35.97 13.88
N GLN A 337 -11.59 36.06 14.48
CA GLN A 337 -11.47 36.78 15.74
C GLN A 337 -11.54 38.29 15.53
N ARG A 338 -10.89 38.81 14.49
CA ARG A 338 -10.88 40.25 14.26
C ARG A 338 -10.79 40.51 12.76
N ALA A 339 -11.95 40.67 12.12
CA ALA A 339 -12.06 41.08 10.72
C ALA A 339 -13.52 41.25 10.32
N HIS A 340 -13.76 41.61 9.07
CA HIS A 340 -15.11 41.66 8.51
C HIS A 340 -15.11 41.07 7.10
N VAL A 341 -14.44 39.94 6.93
CA VAL A 341 -14.24 39.31 5.63
C VAL A 341 -14.97 37.97 5.63
N ILE A 342 -15.69 37.69 4.54
CA ILE A 342 -16.38 36.42 4.35
C ILE A 342 -15.55 35.57 3.39
N VAL A 343 -15.22 34.36 3.82
CA VAL A 343 -14.37 33.47 3.03
C VAL A 343 -15.25 32.47 2.30
N MET A 344 -15.06 32.37 0.99
CA MET A 344 -15.76 31.41 0.15
C MET A 344 -14.74 30.45 -0.46
N ALA A 345 -15.17 29.21 -0.69
CA ALA A 345 -14.29 28.19 -1.23
C ALA A 345 -15.03 27.37 -2.27
N ALA A 346 -14.28 26.85 -3.23
CA ALA A 346 -14.80 25.99 -4.28
C ALA A 346 -14.04 24.67 -4.30
N THR A 347 -14.76 23.57 -4.37
CA THR A 347 -14.16 22.25 -4.44
C THR A 347 -15.10 21.30 -5.16
N ASN A 348 -14.54 20.20 -5.65
CA ASN A 348 -15.36 19.20 -6.33
C ASN A 348 -16.31 18.52 -5.35
N ARG A 349 -15.80 18.05 -4.23
CA ARG A 349 -16.58 17.38 -3.20
C ARG A 349 -16.26 17.98 -1.83
N PRO A 350 -17.24 18.04 -0.94
CA PRO A 350 -16.96 18.59 0.40
C PRO A 350 -15.97 17.75 1.19
N ASN A 351 -15.95 16.44 0.98
CA ASN A 351 -15.04 15.56 1.70
C ASN A 351 -13.63 15.57 1.11
N SER A 352 -13.45 16.09 -0.10
CA SER A 352 -12.12 16.15 -0.68
C SER A 352 -11.21 17.11 0.07
N ILE A 353 -11.79 18.13 0.72
CA ILE A 353 -11.02 19.09 1.48
C ILE A 353 -10.77 18.54 2.88
N ASP A 354 -9.87 19.18 3.61
CA ASP A 354 -9.54 18.73 4.96
C ASP A 354 -10.77 18.83 5.85
N PRO A 355 -11.07 17.80 6.65
CA PRO A 355 -12.18 17.92 7.60
C PRO A 355 -12.00 19.05 8.60
N ALA A 356 -10.75 19.41 8.91
CA ALA A 356 -10.51 20.54 9.81
C ALA A 356 -10.98 21.85 9.19
N LEU A 357 -11.02 21.94 7.85
CA LEU A 357 -11.54 23.13 7.21
C LEU A 357 -13.02 23.33 7.54
N ARG A 358 -13.80 22.25 7.51
CA ARG A 358 -15.23 22.31 7.79
C ARG A 358 -15.54 22.37 9.27
N ARG A 359 -14.55 22.62 10.12
CA ARG A 359 -14.79 22.76 11.54
C ARG A 359 -15.66 23.99 11.81
N PHE A 360 -16.50 23.88 12.84
CA PHE A 360 -17.36 24.99 13.22
C PHE A 360 -16.52 26.23 13.53
N GLY A 361 -17.00 27.39 13.07
CA GLY A 361 -16.26 28.62 13.16
C GLY A 361 -15.43 28.92 11.92
N ARG A 362 -14.94 27.89 11.23
CA ARG A 362 -14.14 28.06 10.03
C ARG A 362 -14.99 27.97 8.77
N PHE A 363 -15.65 26.83 8.56
CA PHE A 363 -16.60 26.65 7.44
C PHE A 363 -17.87 26.05 8.04
N ASP A 364 -18.74 26.92 8.54
CA ASP A 364 -19.95 26.45 9.21
C ASP A 364 -20.98 25.94 8.21
N ARG A 365 -21.18 26.68 7.13
CA ARG A 365 -22.23 26.38 6.17
C ARG A 365 -21.60 26.02 4.82
N GLU A 366 -22.00 24.87 4.29
CA GLU A 366 -21.54 24.39 2.99
C GLU A 366 -22.72 24.43 2.02
N VAL A 367 -22.54 25.14 0.90
CA VAL A 367 -23.58 25.32 -0.09
C VAL A 367 -23.31 24.37 -1.25
N ASP A 368 -24.25 23.48 -1.52
CA ASP A 368 -24.13 22.54 -2.63
C ASP A 368 -24.59 23.23 -3.90
N ILE A 369 -23.63 23.69 -4.71
CA ILE A 369 -23.98 24.31 -5.98
C ILE A 369 -24.71 23.32 -6.88
N GLY A 370 -24.23 22.09 -6.93
CA GLY A 370 -24.94 21.05 -7.64
C GLY A 370 -24.91 21.25 -9.15
N ILE A 371 -25.92 20.67 -9.79
CA ILE A 371 -26.04 20.68 -11.25
C ILE A 371 -27.30 21.42 -11.64
N PRO A 372 -27.34 22.09 -12.78
CA PRO A 372 -28.58 22.74 -13.22
C PRO A 372 -29.55 21.73 -13.82
N ASP A 373 -30.84 21.96 -13.57
CA ASP A 373 -31.89 21.11 -14.11
C ASP A 373 -32.24 21.61 -15.51
N ALA A 374 -33.36 21.10 -16.07
CA ALA A 374 -33.79 21.55 -17.39
C ALA A 374 -34.08 23.04 -17.40
N THR A 375 -34.79 23.52 -16.37
CA THR A 375 -35.01 24.96 -16.25
C THR A 375 -33.71 25.69 -16.00
N GLY A 376 -32.82 25.12 -15.18
CA GLY A 376 -31.54 25.73 -14.95
C GLY A 376 -30.67 25.78 -16.20
N ARG A 377 -30.66 24.69 -16.96
CA ARG A 377 -29.91 24.70 -18.22
C ARG A 377 -30.50 25.72 -19.20
N LEU A 378 -31.83 25.84 -19.21
CA LEU A 378 -32.47 26.86 -20.03
C LEU A 378 -32.03 28.25 -19.62
N GLU A 379 -31.98 28.52 -18.32
CA GLU A 379 -31.56 29.82 -17.83
C GLU A 379 -30.10 30.09 -18.22
N ILE A 380 -29.23 29.09 -18.08
CA ILE A 380 -27.83 29.26 -18.42
C ILE A 380 -27.68 29.55 -19.92
N LEU A 381 -28.40 28.80 -20.75
CA LEU A 381 -28.35 29.03 -22.20
C LEU A 381 -28.84 30.42 -22.56
N GLN A 382 -29.93 30.86 -21.91
CA GLN A 382 -30.44 32.21 -22.16
C GLN A 382 -29.43 33.26 -21.75
N ILE A 383 -28.74 33.04 -20.63
CA ILE A 383 -27.71 33.98 -20.18
C ILE A 383 -26.58 34.05 -21.19
N HIS A 384 -26.13 32.90 -21.69
CA HIS A 384 -25.02 32.89 -22.63
C HIS A 384 -25.42 33.35 -24.02
N THR A 385 -26.70 33.32 -24.35
CA THR A 385 -27.19 33.81 -25.63
C THR A 385 -27.76 35.21 -25.55
N LYS A 386 -27.57 35.90 -24.42
CA LYS A 386 -28.11 37.25 -24.26
C LYS A 386 -27.49 38.21 -25.28
N ASN A 387 -26.17 38.14 -25.46
CA ASN A 387 -25.47 38.99 -26.41
C ASN A 387 -25.22 38.28 -27.74
N MET A 388 -25.76 37.08 -27.93
CA MET A 388 -25.55 36.31 -29.14
C MET A 388 -26.77 36.45 -30.04
N LYS A 389 -26.55 36.87 -31.28
CA LYS A 389 -27.62 37.00 -32.27
C LYS A 389 -28.01 35.60 -32.74
N LEU A 390 -29.11 35.09 -32.21
CA LEU A 390 -29.56 33.74 -32.48
C LEU A 390 -30.93 33.76 -33.15
N ALA A 391 -31.14 32.81 -34.05
CA ALA A 391 -32.36 32.77 -34.84
C ALA A 391 -33.55 32.32 -33.99
N ASP A 392 -34.72 32.30 -34.60
CA ASP A 392 -35.95 31.91 -33.93
C ASP A 392 -36.12 30.41 -33.81
N ASP A 393 -35.32 29.62 -34.53
CA ASP A 393 -35.40 28.16 -34.49
C ASP A 393 -34.57 27.56 -33.38
N VAL A 394 -33.97 28.38 -32.51
CA VAL A 394 -33.09 27.86 -31.47
C VAL A 394 -33.86 26.99 -30.48
N ASP A 395 -35.11 27.36 -30.19
CA ASP A 395 -36.00 26.64 -29.26
C ASP A 395 -35.23 26.13 -28.04
N LEU A 396 -34.65 27.08 -27.30
CA LEU A 396 -33.78 26.74 -26.18
C LEU A 396 -34.47 25.88 -25.13
N GLU A 397 -35.80 25.90 -25.09
CA GLU A 397 -36.52 24.96 -24.24
C GLU A 397 -36.22 23.53 -24.64
N GLN A 398 -36.27 23.26 -25.95
CA GLN A 398 -35.97 21.92 -26.45
C GLN A 398 -34.51 21.56 -26.19
N VAL A 399 -33.59 22.52 -26.36
CA VAL A 399 -32.17 22.25 -26.13
C VAL A 399 -31.95 21.90 -24.66
N ALA A 400 -32.53 22.69 -23.76
CA ALA A 400 -32.35 22.44 -22.33
C ALA A 400 -32.98 21.11 -21.90
N ASN A 401 -34.16 20.80 -22.44
CA ASN A 401 -34.78 19.51 -22.14
C ASN A 401 -33.92 18.36 -22.65
N GLU A 402 -33.33 18.53 -23.84
CA GLU A 402 -32.42 17.52 -24.36
C GLU A 402 -31.10 17.51 -23.60
N THR A 403 -30.61 18.67 -23.16
CA THR A 403 -29.30 18.76 -22.55
C THR A 403 -29.28 17.99 -21.23
N HIS A 404 -28.40 17.00 -21.13
CA HIS A 404 -28.19 16.25 -19.90
C HIS A 404 -26.70 16.03 -19.72
N GLY A 405 -26.24 16.11 -18.48
CA GLY A 405 -24.84 15.94 -18.18
C GLY A 405 -23.99 17.18 -18.39
N HIS A 406 -24.59 18.28 -18.83
CA HIS A 406 -23.87 19.54 -19.03
C HIS A 406 -24.17 20.46 -17.86
N VAL A 407 -23.13 21.02 -17.26
CA VAL A 407 -23.28 21.88 -16.09
C VAL A 407 -22.56 23.20 -16.35
N GLY A 408 -23.30 24.29 -16.37
CA GLY A 408 -22.73 25.62 -16.36
C GLY A 408 -21.76 25.89 -17.51
N ALA A 409 -20.48 25.88 -17.18
CA ALA A 409 -19.43 26.10 -18.17
C ALA A 409 -19.53 25.11 -19.33
N ASP A 410 -20.10 23.93 -19.11
CA ASP A 410 -20.37 23.03 -20.24
C ASP A 410 -21.35 23.67 -21.22
N LEU A 411 -22.42 24.28 -20.71
CA LEU A 411 -23.35 24.98 -21.58
C LEU A 411 -22.71 26.23 -22.19
N ALA A 412 -21.82 26.89 -21.46
CA ALA A 412 -21.08 28.01 -22.03
C ALA A 412 -20.24 27.56 -23.21
N ALA A 413 -19.55 26.42 -23.06
CA ALA A 413 -18.76 25.88 -24.17
C ALA A 413 -19.67 25.45 -25.31
N LEU A 414 -20.87 24.95 -25.00
CA LEU A 414 -21.82 24.60 -26.04
C LEU A 414 -22.21 25.82 -26.86
N CYS A 415 -22.55 26.92 -26.18
CA CYS A 415 -22.90 28.15 -26.88
C CYS A 415 -21.72 28.67 -27.69
N SER A 416 -20.52 28.60 -27.12
CA SER A 416 -19.33 29.04 -27.84
C SER A 416 -19.10 28.20 -29.08
N GLU A 417 -19.32 26.88 -28.98
CA GLU A 417 -19.16 26.01 -30.14
C GLU A 417 -20.17 26.32 -31.21
N ALA A 418 -21.42 26.58 -30.82
CA ALA A 418 -22.44 26.95 -31.80
C ALA A 418 -22.08 28.24 -32.50
N ALA A 419 -21.64 29.25 -31.74
CA ALA A 419 -21.25 30.52 -32.34
C ALA A 419 -20.06 30.35 -33.26
N LEU A 420 -19.07 29.55 -32.84
CA LEU A 420 -17.88 29.34 -33.66
C LEU A 420 -18.22 28.59 -34.94
N GLN A 421 -19.14 27.63 -34.88
CA GLN A 421 -19.57 26.94 -36.09
C GLN A 421 -20.29 27.89 -37.03
N ALA A 422 -21.14 28.76 -36.49
CA ALA A 422 -21.80 29.76 -37.34
C ALA A 422 -20.77 30.67 -38.00
N ILE A 423 -19.77 31.11 -37.25
CA ILE A 423 -18.75 31.99 -37.80
C ILE A 423 -17.94 31.26 -38.87
N ARG A 424 -17.59 29.99 -38.62
CA ARG A 424 -16.81 29.25 -39.61
C ARG A 424 -17.64 28.95 -40.85
N LYS A 425 -18.96 28.89 -40.72
CA LYS A 425 -19.81 28.71 -41.88
C LYS A 425 -19.98 30.00 -42.67
N LYS A 426 -19.99 31.15 -42.00
CA LYS A 426 -20.24 32.42 -42.69
C LYS A 426 -18.93 33.09 -43.16
N MET A 427 -18.04 33.41 -42.22
CA MET A 427 -16.83 34.14 -42.54
C MET A 427 -15.92 33.35 -43.47
N ASP A 428 -15.71 32.07 -43.18
CA ASP A 428 -14.77 31.28 -43.96
C ASP A 428 -15.26 30.99 -45.38
N LEU A 429 -16.53 31.25 -45.67
CA LEU A 429 -17.10 30.95 -46.98
C LEU A 429 -17.60 32.17 -47.74
N ILE A 430 -17.76 33.32 -47.08
CA ILE A 430 -18.34 34.50 -47.72
C ILE A 430 -17.26 35.55 -48.04
N ASP A 431 -16.56 36.04 -47.03
CA ASP A 431 -15.61 37.14 -47.18
C ASP A 431 -14.20 36.55 -47.33
N LEU A 432 -13.78 36.30 -48.55
CA LEU A 432 -12.45 35.78 -48.81
C LEU A 432 -11.58 36.77 -49.59
N GLU A 433 -12.06 37.27 -50.73
CA GLU A 433 -11.30 38.18 -51.55
C GLU A 433 -12.03 39.49 -51.86
N ASP A 434 -13.27 39.64 -51.40
CA ASP A 434 -14.05 40.83 -51.73
C ASP A 434 -13.41 42.09 -51.18
N GLU A 435 -13.36 42.21 -49.86
CA GLU A 435 -12.87 43.42 -49.20
C GLU A 435 -12.77 43.12 -47.71
N THR A 436 -11.96 43.91 -47.01
CA THR A 436 -11.66 43.65 -45.61
C THR A 436 -12.94 43.67 -44.77
N ILE A 437 -12.94 42.85 -43.71
CA ILE A 437 -14.14 42.68 -42.90
C ILE A 437 -14.52 43.99 -42.22
N ASP A 438 -15.82 44.28 -42.20
CA ASP A 438 -16.37 45.45 -41.53
C ASP A 438 -17.44 44.99 -40.54
N ALA A 439 -18.08 45.96 -39.88
CA ALA A 439 -19.05 45.64 -38.85
C ALA A 439 -20.35 45.09 -39.44
N GLU A 440 -20.68 45.45 -40.68
CA GLU A 440 -21.95 45.04 -41.26
C GLU A 440 -22.05 43.52 -41.38
N VAL A 441 -20.97 42.88 -41.84
CA VAL A 441 -21.02 41.42 -42.02
C VAL A 441 -21.03 40.71 -40.68
N MET A 442 -20.30 41.22 -39.68
CA MET A 442 -20.24 40.52 -38.40
C MET A 442 -21.55 40.68 -37.63
N ASN A 443 -22.19 41.85 -37.68
CA ASN A 443 -23.44 42.01 -36.96
C ASN A 443 -24.59 41.27 -37.64
N SER A 444 -24.42 40.87 -38.90
CA SER A 444 -25.44 40.11 -39.59
C SER A 444 -25.39 38.62 -39.29
N LEU A 445 -24.40 38.17 -38.52
CA LEU A 445 -24.28 36.76 -38.18
C LEU A 445 -25.44 36.30 -37.31
N ALA A 446 -25.99 35.14 -37.63
CA ALA A 446 -27.09 34.55 -36.88
C ALA A 446 -26.77 33.10 -36.57
N VAL A 447 -27.14 32.67 -35.37
CA VAL A 447 -26.93 31.29 -34.92
C VAL A 447 -28.22 30.52 -35.13
N THR A 448 -28.13 29.36 -35.77
CA THR A 448 -29.29 28.55 -36.13
C THR A 448 -29.38 27.33 -35.23
N MET A 449 -30.47 26.57 -35.42
CA MET A 449 -30.66 25.34 -34.66
C MET A 449 -29.65 24.27 -35.03
N ASP A 450 -29.22 24.23 -36.30
CA ASP A 450 -28.27 23.21 -36.72
C ASP A 450 -26.95 23.35 -35.97
N ASP A 451 -26.53 24.59 -35.70
CA ASP A 451 -25.31 24.81 -34.94
C ASP A 451 -25.44 24.23 -33.54
N PHE A 452 -26.59 24.45 -32.88
CA PHE A 452 -26.80 23.90 -31.55
C PHE A 452 -26.85 22.38 -31.58
N ARG A 453 -27.48 21.80 -32.61
CA ARG A 453 -27.52 20.35 -32.74
C ARG A 453 -26.12 19.77 -32.89
N TRP A 454 -25.30 20.41 -33.72
CA TRP A 454 -23.92 19.95 -33.92
C TRP A 454 -23.12 20.09 -32.64
N ALA A 455 -23.31 21.18 -31.90
CA ALA A 455 -22.63 21.34 -30.62
C ALA A 455 -23.04 20.26 -29.64
N LEU A 456 -24.35 19.94 -29.58
CA LEU A 456 -24.83 18.88 -28.71
C LEU A 456 -24.20 17.55 -29.08
N SER A 457 -24.16 17.23 -30.37
CA SER A 457 -23.81 15.88 -30.79
C SER A 457 -22.30 15.68 -30.83
N GLN A 458 -21.60 16.45 -31.67
CA GLN A 458 -20.24 16.11 -32.04
C GLN A 458 -19.18 16.73 -31.13
N SER A 459 -19.41 17.94 -30.63
CA SER A 459 -18.35 18.74 -30.03
C SER A 459 -18.73 19.17 -28.62
N ASN A 460 -19.18 18.22 -27.80
CA ASN A 460 -19.42 18.56 -26.41
C ASN A 460 -19.18 17.37 -25.49
N PRO A 461 -18.15 17.41 -24.65
CA PRO A 461 -17.97 16.37 -23.64
C PRO A 461 -18.75 16.65 -22.37
N SER A 462 -19.69 15.78 -22.03
CA SER A 462 -20.47 15.94 -20.81
C SER A 462 -19.64 15.48 -19.61
N ALA A 463 -19.32 16.40 -18.71
CA ALA A 463 -18.47 16.10 -17.57
C ALA A 463 -19.25 15.54 -16.39
N LEU A 464 -20.56 15.38 -16.51
CA LEU A 464 -21.39 14.89 -15.41
C LEU A 464 -21.71 13.42 -15.61
N ARG A 465 -21.39 12.60 -14.61
CA ARG A 465 -21.71 11.18 -14.62
C ARG A 465 -22.29 10.68 -13.32
N GLU A 466 -22.29 11.48 -12.26
CA GLU A 466 -22.77 11.05 -10.95
C GLU A 466 -24.28 11.24 -10.87
N THR A 467 -24.83 11.12 -9.66
CA THR A 467 -26.27 11.17 -9.47
C THR A 467 -26.83 12.53 -9.86
N VAL A 468 -28.05 12.52 -10.39
CA VAL A 468 -28.74 13.74 -10.79
C VAL A 468 -29.58 14.23 -9.62
N VAL A 469 -29.51 15.54 -9.35
CA VAL A 469 -30.26 16.17 -8.28
C VAL A 469 -31.11 17.25 -8.92
N GLU A 470 -32.37 16.92 -9.22
CA GLU A 470 -33.26 17.87 -9.88
C GLU A 470 -34.70 17.45 -9.62
N VAL A 471 -35.61 18.38 -9.88
CA VAL A 471 -37.03 18.09 -9.81
C VAL A 471 -37.43 17.39 -11.11
N PRO A 472 -37.87 16.14 -11.06
CA PRO A 472 -38.21 15.44 -12.31
C PRO A 472 -39.43 16.05 -12.98
N GLN A 473 -39.43 15.97 -14.31
CA GLN A 473 -40.52 16.52 -15.11
C GLN A 473 -41.73 15.60 -15.17
N VAL A 474 -41.63 14.39 -14.64
CA VAL A 474 -42.76 13.46 -14.67
C VAL A 474 -43.79 13.90 -13.64
N THR A 475 -45.04 14.04 -14.09
CA THR A 475 -46.14 14.47 -13.24
C THR A 475 -47.12 13.31 -13.05
N TRP A 476 -48.21 13.59 -12.33
CA TRP A 476 -49.23 12.57 -12.11
C TRP A 476 -49.91 12.18 -13.41
N GLU A 477 -50.13 13.16 -14.29
CA GLU A 477 -50.74 12.87 -15.58
C GLU A 477 -49.88 11.94 -16.43
N ASP A 478 -48.57 11.91 -16.18
CA ASP A 478 -47.68 10.99 -16.89
C ASP A 478 -47.86 9.54 -16.44
N ILE A 479 -48.60 9.30 -15.37
CA ILE A 479 -48.83 7.96 -14.85
C ILE A 479 -50.29 7.61 -15.06
N GLY A 480 -50.55 6.38 -15.51
CA GLY A 480 -51.89 5.89 -15.71
C GLY A 480 -52.30 4.94 -14.59
N GLY A 481 -53.51 5.16 -14.07
CA GLY A 481 -54.03 4.30 -13.03
C GLY A 481 -53.32 4.53 -11.69
N LEU A 482 -53.42 3.51 -10.84
CA LEU A 482 -52.84 3.54 -9.50
C LEU A 482 -53.32 4.74 -8.70
N GLU A 483 -54.62 5.05 -8.83
CA GLU A 483 -55.17 6.22 -8.16
C GLU A 483 -55.08 6.10 -6.65
N ASP A 484 -55.39 4.91 -6.11
CA ASP A 484 -55.26 4.70 -4.67
C ASP A 484 -53.81 4.83 -4.23
N VAL A 485 -52.88 4.26 -5.00
CA VAL A 485 -51.47 4.38 -4.69
C VAL A 485 -51.03 5.83 -4.79
N LYS A 486 -51.52 6.54 -5.82
CA LYS A 486 -51.19 7.96 -5.95
C LYS A 486 -51.65 8.73 -4.72
N ARG A 487 -52.88 8.49 -4.27
CA ARG A 487 -53.40 9.21 -3.11
C ARG A 487 -52.61 8.87 -1.84
N GLU A 488 -52.30 7.59 -1.64
CA GLU A 488 -51.55 7.20 -0.45
C GLU A 488 -50.17 7.82 -0.44
N LEU A 489 -49.48 7.82 -1.58
CA LEU A 489 -48.17 8.44 -1.66
C LEU A 489 -48.26 9.95 -1.46
N GLN A 490 -49.29 10.57 -2.02
CA GLN A 490 -49.50 12.00 -1.82
C GLN A 490 -49.66 12.31 -0.34
N GLU A 491 -50.47 11.51 0.37
CA GLU A 491 -50.55 11.65 1.81
C GLU A 491 -49.16 11.56 2.44
N LEU A 492 -48.53 10.39 2.29
CA LEU A 492 -47.31 10.08 3.02
C LEU A 492 -46.20 11.09 2.76
N VAL A 493 -46.23 11.77 1.61
CA VAL A 493 -45.16 12.72 1.32
C VAL A 493 -45.60 14.15 1.62
N GLN A 494 -46.67 14.61 0.99
CA GLN A 494 -47.07 16.00 1.13
C GLN A 494 -47.49 16.32 2.57
N TYR A 495 -48.31 15.46 3.18
CA TYR A 495 -48.89 15.80 4.48
C TYR A 495 -47.85 16.11 5.55
N PRO A 496 -46.76 15.34 5.70
CA PRO A 496 -45.72 15.75 6.66
C PRO A 496 -45.08 17.09 6.31
N VAL A 497 -44.97 17.43 5.02
CA VAL A 497 -44.29 18.65 4.62
C VAL A 497 -45.24 19.81 4.32
N GLU A 498 -46.49 19.52 3.97
CA GLU A 498 -47.45 20.59 3.71
C GLU A 498 -48.27 20.96 4.93
N HIS A 499 -48.45 20.02 5.86
CA HIS A 499 -49.18 20.27 7.11
C HIS A 499 -48.36 19.75 8.28
N PRO A 500 -47.20 20.35 8.57
CA PRO A 500 -46.43 19.93 9.74
C PRO A 500 -47.16 20.14 11.05
N ASP A 501 -48.02 21.16 11.12
CA ASP A 501 -48.74 21.43 12.36
C ASP A 501 -49.69 20.30 12.71
N LYS A 502 -50.35 19.72 11.71
CA LYS A 502 -51.26 18.61 11.97
C LYS A 502 -50.52 17.39 12.51
N PHE A 503 -49.36 17.09 11.93
CA PHE A 503 -48.56 15.96 12.44
C PHE A 503 -48.03 16.24 13.83
N LEU A 504 -47.61 17.47 14.10
CA LEU A 504 -47.10 17.82 15.42
C LEU A 504 -48.21 17.79 16.47
N LYS A 505 -49.44 18.10 16.07
CA LYS A 505 -50.56 18.08 17.01
C LYS A 505 -50.78 16.68 17.56
N PHE A 506 -50.73 15.67 16.69
CA PHE A 506 -50.87 14.29 17.11
C PHE A 506 -49.53 13.73 17.58
N GLY A 507 -49.60 12.68 18.40
CA GLY A 507 -48.40 12.07 18.93
C GLY A 507 -47.84 10.98 18.05
N MET A 508 -47.73 11.24 16.75
CA MET A 508 -47.17 10.30 15.79
C MET A 508 -46.10 10.99 14.97
N THR A 509 -44.93 10.37 14.90
CA THR A 509 -43.86 10.86 14.03
C THR A 509 -44.16 10.46 12.59
N PRO A 510 -44.12 11.39 11.64
CA PRO A 510 -44.40 11.04 10.25
C PRO A 510 -43.38 10.03 9.72
N SER A 511 -43.85 9.16 8.82
CA SER A 511 -42.96 8.17 8.23
C SER A 511 -42.05 8.83 7.20
N LYS A 512 -40.79 8.40 7.17
CA LYS A 512 -39.79 8.96 6.29
C LYS A 512 -39.38 8.01 5.18
N GLY A 513 -40.19 6.98 4.91
CA GLY A 513 -39.86 6.03 3.87
C GLY A 513 -41.04 5.18 3.48
N VAL A 514 -41.06 4.74 2.22
CA VAL A 514 -42.06 3.83 1.71
C VAL A 514 -41.39 2.87 0.75
N LEU A 515 -41.92 1.66 0.66
CA LEU A 515 -41.39 0.63 -0.24
C LEU A 515 -42.41 0.32 -1.31
N PHE A 516 -41.97 0.32 -2.56
CA PHE A 516 -42.81 -0.06 -3.69
C PHE A 516 -42.42 -1.46 -4.14
N TYR A 517 -43.38 -2.37 -4.14
CA TYR A 517 -43.14 -3.75 -4.53
C TYR A 517 -44.23 -4.20 -5.49
N GLY A 518 -43.86 -5.00 -6.48
CA GLY A 518 -44.78 -5.47 -7.48
C GLY A 518 -44.06 -5.88 -8.75
N PRO A 519 -44.81 -6.27 -9.77
CA PRO A 519 -44.21 -6.67 -11.03
C PRO A 519 -43.44 -5.51 -11.67
N PRO A 520 -42.29 -5.78 -12.27
CA PRO A 520 -41.57 -4.73 -12.97
C PRO A 520 -42.38 -4.17 -14.13
N GLY A 521 -42.28 -2.88 -14.35
CA GLY A 521 -43.00 -2.23 -15.41
C GLY A 521 -44.28 -1.53 -14.99
N CYS A 522 -44.57 -1.45 -13.70
CA CYS A 522 -45.79 -0.81 -13.22
C CYS A 522 -45.61 0.66 -12.89
N GLY A 523 -44.40 1.20 -13.05
CA GLY A 523 -44.18 2.62 -12.89
C GLY A 523 -43.83 3.08 -11.49
N LYS A 524 -43.09 2.27 -10.73
CA LYS A 524 -42.61 2.72 -9.43
C LYS A 524 -41.67 3.89 -9.58
N THR A 525 -40.79 3.85 -10.59
CA THR A 525 -39.90 4.97 -10.85
C THR A 525 -40.68 6.23 -11.18
N LEU A 526 -41.71 6.10 -12.03
CA LEU A 526 -42.53 7.26 -12.31
C LEU A 526 -43.32 7.71 -11.09
N LEU A 527 -43.71 6.78 -10.22
CA LEU A 527 -44.39 7.17 -9.00
C LEU A 527 -43.50 8.06 -8.14
N ALA A 528 -42.24 7.64 -7.98
CA ALA A 528 -41.30 8.47 -7.23
C ALA A 528 -41.07 9.81 -7.91
N LYS A 529 -40.91 9.81 -9.23
CA LYS A 529 -40.69 11.06 -9.95
C LYS A 529 -41.88 12.00 -9.82
N ALA A 530 -43.09 11.46 -9.92
CA ALA A 530 -44.28 12.29 -9.86
C ALA A 530 -44.51 12.83 -8.45
N ILE A 531 -44.22 12.02 -7.43
CA ILE A 531 -44.39 12.54 -6.07
C ILE A 531 -43.31 13.58 -5.77
N ALA A 532 -42.12 13.45 -6.36
CA ALA A 532 -41.12 14.50 -6.21
C ALA A 532 -41.55 15.78 -6.93
N ASN A 533 -42.15 15.63 -8.12
CA ASN A 533 -42.56 16.80 -8.89
C ASN A 533 -43.73 17.52 -8.23
N GLU A 534 -44.68 16.77 -7.67
CA GLU A 534 -45.84 17.39 -7.03
C GLU A 534 -45.42 18.25 -5.85
N CYS A 535 -44.46 17.78 -5.05
CA CYS A 535 -43.92 18.56 -3.96
C CYS A 535 -42.87 19.55 -4.40
N GLN A 536 -42.54 19.58 -5.71
CA GLN A 536 -41.45 20.40 -6.23
C GLN A 536 -40.14 20.08 -5.51
N ALA A 537 -39.95 18.80 -5.21
CA ALA A 537 -38.80 18.33 -4.46
C ALA A 537 -37.83 17.63 -5.38
N ASN A 538 -36.54 17.83 -5.13
CA ASN A 538 -35.51 17.16 -5.92
C ASN A 538 -35.61 15.65 -5.74
N ALA A 539 -35.33 14.91 -6.81
CA ALA A 539 -35.35 13.46 -6.79
C ALA A 539 -33.98 12.93 -7.17
N ILE A 540 -33.43 12.06 -6.32
CA ILE A 540 -32.16 11.40 -6.59
C ILE A 540 -32.47 9.91 -6.73
N SER A 541 -32.56 9.44 -7.96
CA SER A 541 -32.92 8.06 -8.25
C SER A 541 -31.65 7.21 -8.32
N ILE A 542 -31.43 6.39 -7.31
CA ILE A 542 -30.32 5.44 -7.28
C ILE A 542 -30.87 4.12 -7.80
N LYS A 543 -30.56 3.82 -9.06
CA LYS A 543 -31.06 2.60 -9.67
C LYS A 543 -30.25 1.39 -9.19
N GLY A 544 -30.70 0.20 -9.60
CA GLY A 544 -30.00 -1.02 -9.33
C GLY A 544 -28.57 -1.07 -9.80
N PRO A 545 -28.25 -0.53 -10.98
CA PRO A 545 -26.83 -0.44 -11.37
C PRO A 545 -25.96 0.29 -10.35
N GLU A 546 -26.44 1.39 -9.76
CA GLU A 546 -25.64 2.09 -8.77
C GLU A 546 -25.44 1.26 -7.50
N LEU A 547 -26.51 0.61 -7.04
CA LEU A 547 -26.39 -0.24 -5.85
C LEU A 547 -25.42 -1.38 -6.09
N LEU A 548 -25.50 -2.03 -7.26
CA LEU A 548 -24.58 -3.12 -7.56
C LEU A 548 -23.16 -2.61 -7.76
N THR A 549 -23.00 -1.39 -8.28
CA THR A 549 -21.67 -0.81 -8.39
C THR A 549 -21.06 -0.58 -7.03
N MET A 550 -21.84 -0.07 -6.08
CA MET A 550 -21.33 0.14 -4.73
C MET A 550 -21.05 -1.20 -4.04
N TRP A 551 -21.87 -2.21 -4.30
CA TRP A 551 -21.67 -3.50 -3.66
C TRP A 551 -20.44 -4.22 -4.21
N PHE A 552 -20.31 -4.28 -5.54
CA PHE A 552 -19.19 -4.99 -6.15
C PHE A 552 -17.87 -4.28 -5.88
N GLY A 553 -17.88 -2.95 -5.90
CA GLY A 553 -16.68 -2.19 -5.61
C GLY A 553 -16.28 -2.18 -4.15
N GLU A 554 -17.07 -2.81 -3.28
CA GLU A 554 -16.79 -2.88 -1.85
C GLU A 554 -16.72 -1.48 -1.23
N SER A 555 -17.39 -0.52 -1.84
CA SER A 555 -17.43 0.86 -1.36
C SER A 555 -18.86 1.16 -0.93
N GLU A 556 -19.19 0.79 0.29
CA GLU A 556 -20.49 1.11 0.85
C GLU A 556 -20.57 2.55 1.35
N ALA A 557 -19.42 3.21 1.52
CA ALA A 557 -19.39 4.58 2.02
C ALA A 557 -19.99 5.57 1.03
N ASN A 558 -20.21 5.18 -0.22
CA ASN A 558 -20.83 6.08 -1.17
C ASN A 558 -22.26 6.43 -0.77
N VAL A 559 -22.93 5.53 -0.06
CA VAL A 559 -24.28 5.80 0.44
C VAL A 559 -24.25 7.00 1.38
N ARG A 560 -23.14 7.21 2.08
CA ARG A 560 -23.04 8.34 3.00
C ARG A 560 -23.20 9.66 2.26
N GLU A 561 -22.40 9.88 1.22
CA GLU A 561 -22.53 11.13 0.49
C GLU A 561 -23.78 11.16 -0.39
N ILE A 562 -24.32 9.99 -0.76
CA ILE A 562 -25.62 9.99 -1.44
C ILE A 562 -26.70 10.57 -0.52
N PHE A 563 -26.73 10.10 0.72
CA PHE A 563 -27.68 10.64 1.69
C PHE A 563 -27.38 12.09 2.03
N ASP A 564 -26.10 12.46 2.06
CA ASP A 564 -25.75 13.86 2.27
C ASP A 564 -26.28 14.75 1.16
N LYS A 565 -26.15 14.30 -0.09
CA LYS A 565 -26.71 15.04 -1.22
C LYS A 565 -28.22 15.13 -1.12
N ALA A 566 -28.87 14.04 -0.74
CA ALA A 566 -30.32 14.05 -0.58
C ALA A 566 -30.75 15.04 0.50
N ARG A 567 -30.03 15.04 1.63
CA ARG A 567 -30.36 15.95 2.73
C ARG A 567 -30.13 17.40 2.34
N GLN A 568 -29.02 17.68 1.64
CA GLN A 568 -28.72 19.04 1.21
C GLN A 568 -29.73 19.55 0.20
N ALA A 569 -30.45 18.66 -0.48
CA ALA A 569 -31.48 19.04 -1.43
C ALA A 569 -32.88 19.00 -0.82
N ALA A 570 -32.99 19.29 0.47
CA ALA A 570 -34.28 19.24 1.14
C ALA A 570 -35.20 20.33 0.60
N PRO A 571 -36.45 20.02 0.26
CA PRO A 571 -37.09 18.69 0.35
C PRO A 571 -36.66 17.78 -0.80
N CYS A 572 -36.43 16.51 -0.53
CA CYS A 572 -35.93 15.59 -1.52
C CYS A 572 -36.64 14.25 -1.39
N VAL A 573 -36.81 13.58 -2.53
CA VAL A 573 -37.35 12.23 -2.58
C VAL A 573 -36.21 11.31 -3.01
N LEU A 574 -35.63 10.61 -2.04
CA LEU A 574 -34.47 9.77 -2.28
C LEU A 574 -34.96 8.41 -2.78
N PHE A 575 -34.97 8.24 -4.10
CA PHE A 575 -35.50 7.02 -4.71
C PHE A 575 -34.40 6.00 -4.89
N PHE A 576 -34.69 4.76 -4.50
CA PHE A 576 -33.76 3.64 -4.66
C PHE A 576 -34.41 2.63 -5.59
N ASP A 577 -34.22 2.82 -6.90
CA ASP A 577 -34.77 1.90 -7.87
C ASP A 577 -34.04 0.56 -7.80
N GLU A 578 -34.81 -0.52 -7.93
CA GLU A 578 -34.30 -1.89 -7.88
C GLU A 578 -33.50 -2.11 -6.59
N LEU A 579 -34.18 -1.90 -5.46
CA LEU A 579 -33.55 -2.07 -4.16
C LEU A 579 -33.14 -3.51 -3.90
N ASP A 580 -33.73 -4.46 -4.62
CA ASP A 580 -33.39 -5.87 -4.49
C ASP A 580 -32.31 -6.31 -5.46
N SER A 581 -31.68 -5.36 -6.17
CA SER A 581 -30.66 -5.72 -7.14
C SER A 581 -29.48 -6.43 -6.48
N ILE A 582 -29.05 -5.94 -5.31
CA ILE A 582 -27.95 -6.59 -4.61
C ILE A 582 -28.40 -7.94 -4.06
N ALA A 583 -29.60 -8.02 -3.51
CA ALA A 583 -30.14 -9.28 -3.04
C ALA A 583 -30.37 -10.27 -4.18
N LYS A 584 -30.53 -9.78 -5.40
CA LYS A 584 -30.70 -10.65 -6.56
C LYS A 584 -29.37 -11.09 -7.15
N ALA A 585 -28.35 -10.22 -7.11
CA ALA A 585 -27.02 -10.62 -7.58
C ALA A 585 -26.38 -11.62 -6.63
N ARG A 586 -26.60 -11.44 -5.32
CA ARG A 586 -26.10 -12.37 -4.32
C ARG A 586 -27.07 -13.54 -4.12
N GLY A 587 -27.44 -14.18 -5.23
CA GLY A 587 -28.35 -15.31 -5.20
C GLY A 587 -29.77 -14.90 -5.55
N GLY A 588 -30.57 -15.91 -5.89
CA GLY A 588 -31.94 -15.69 -6.28
C GLY A 588 -32.90 -15.66 -5.10
N ASN A 589 -33.94 -16.50 -5.15
CA ASN A 589 -34.90 -16.57 -4.06
C ASN A 589 -34.22 -17.02 -2.77
N ILE A 590 -33.66 -18.24 -2.77
CA ILE A 590 -32.90 -18.72 -1.63
C ILE A 590 -31.42 -18.37 -1.77
N GLY A 591 -30.91 -18.34 -3.01
CA GLY A 591 -29.55 -17.92 -3.26
C GLY A 591 -28.51 -18.83 -2.61
N ASP A 592 -27.42 -18.21 -2.17
CA ASP A 592 -26.35 -18.93 -1.50
C ASP A 592 -26.77 -19.28 -0.08
N GLY A 593 -25.84 -19.82 0.70
CA GLY A 593 -26.12 -20.14 2.08
C GLY A 593 -26.18 -18.95 3.01
N GLY A 594 -25.83 -17.77 2.54
CA GLY A 594 -25.84 -16.57 3.35
C GLY A 594 -27.24 -16.01 3.54
N GLY A 595 -27.31 -14.94 4.34
CA GLY A 595 -28.56 -14.29 4.65
C GLY A 595 -28.97 -13.30 3.59
N ALA A 596 -29.89 -12.41 3.97
CA ALA A 596 -30.43 -11.42 3.07
C ALA A 596 -29.82 -10.04 3.23
N ALA A 597 -29.13 -9.77 4.33
CA ALA A 597 -28.54 -8.46 4.54
C ALA A 597 -27.33 -8.26 3.63
N ASP A 598 -27.15 -7.01 3.19
CA ASP A 598 -26.08 -6.64 2.27
C ASP A 598 -25.39 -5.39 2.76
N ARG A 599 -24.12 -5.23 2.41
CA ARG A 599 -23.33 -4.12 2.93
C ARG A 599 -23.89 -2.78 2.50
N VAL A 600 -24.27 -2.64 1.23
CA VAL A 600 -24.84 -1.38 0.76
C VAL A 600 -26.22 -1.16 1.36
N ILE A 601 -27.03 -2.22 1.42
CA ILE A 601 -28.32 -2.13 2.09
C ILE A 601 -28.12 -1.79 3.56
N ASN A 602 -27.08 -2.34 4.17
CA ASN A 602 -26.79 -2.02 5.57
C ASN A 602 -26.43 -0.55 5.73
N GLN A 603 -25.63 0.00 4.83
CA GLN A 603 -25.30 1.41 4.90
C GLN A 603 -26.53 2.29 4.68
N ILE A 604 -27.42 1.85 3.79
CA ILE A 604 -28.68 2.56 3.59
C ILE A 604 -29.49 2.57 4.88
N LEU A 605 -29.56 1.41 5.56
CA LEU A 605 -30.28 1.33 6.82
C LEU A 605 -29.65 2.25 7.86
N THR A 606 -28.33 2.26 7.95
CA THR A 606 -27.65 3.13 8.92
C THR A 606 -27.94 4.60 8.63
N GLU A 607 -27.88 5.00 7.35
CA GLU A 607 -28.15 6.38 6.99
C GLU A 607 -29.59 6.76 7.29
N MET A 608 -30.54 5.87 6.98
CA MET A 608 -31.95 6.17 7.26
C MET A 608 -32.19 6.28 8.75
N ASP A 609 -31.55 5.41 9.55
CA ASP A 609 -31.66 5.54 11.01
C ASP A 609 -31.06 6.85 11.48
N GLY A 610 -29.98 7.30 10.83
CA GLY A 610 -29.37 8.58 11.15
C GLY A 610 -30.01 9.78 10.50
N MET A 611 -31.04 9.59 9.68
CA MET A 611 -31.72 10.68 9.00
C MET A 611 -32.91 11.15 9.81
N SER A 612 -32.93 12.45 10.13
CA SER A 612 -34.07 13.02 10.82
C SER A 612 -35.26 13.14 9.89
N THR A 613 -36.45 12.79 10.41
CA THR A 613 -37.66 12.88 9.60
C THR A 613 -37.98 14.32 9.23
N LYS A 614 -37.72 15.25 10.15
CA LYS A 614 -37.97 16.67 9.93
C LYS A 614 -37.25 17.20 8.70
N LYS A 615 -36.12 16.60 8.34
CA LYS A 615 -35.34 17.01 7.18
C LYS A 615 -36.11 16.84 5.88
N ASN A 616 -37.36 16.36 5.94
CA ASN A 616 -38.26 16.18 4.80
C ASN A 616 -37.53 15.61 3.59
N VAL A 617 -36.71 14.60 3.85
CA VAL A 617 -36.06 13.80 2.83
C VAL A 617 -36.70 12.43 2.85
N PHE A 618 -37.47 12.11 1.81
CA PHE A 618 -38.24 10.88 1.76
C PHE A 618 -37.49 9.83 0.95
N ILE A 619 -37.49 8.60 1.47
CA ILE A 619 -36.80 7.49 0.83
C ILE A 619 -37.84 6.55 0.25
N ILE A 620 -37.75 6.30 -1.05
CA ILE A 620 -38.66 5.42 -1.76
C ILE A 620 -37.86 4.27 -2.34
N GLY A 621 -38.28 3.04 -2.04
CA GLY A 621 -37.60 1.86 -2.54
C GLY A 621 -38.48 1.03 -3.45
N ALA A 622 -37.94 0.65 -4.61
CA ALA A 622 -38.65 -0.18 -5.58
C ALA A 622 -37.99 -1.55 -5.63
N THR A 623 -38.78 -2.59 -5.42
CA THR A 623 -38.29 -3.97 -5.43
C THR A 623 -39.19 -4.80 -6.32
N ASN A 624 -38.60 -5.41 -7.35
CA ASN A 624 -39.32 -6.38 -8.15
C ASN A 624 -39.40 -7.75 -7.48
N ARG A 625 -38.56 -8.00 -6.48
CA ARG A 625 -38.59 -9.23 -5.69
C ARG A 625 -38.60 -8.84 -4.22
N PRO A 626 -39.75 -8.44 -3.68
CA PRO A 626 -39.79 -8.04 -2.26
C PRO A 626 -39.46 -9.16 -1.31
N ASP A 627 -39.63 -10.42 -1.72
CA ASP A 627 -39.37 -11.54 -0.82
C ASP A 627 -37.88 -11.78 -0.60
N ILE A 628 -37.01 -11.28 -1.48
CA ILE A 628 -35.58 -11.51 -1.35
C ILE A 628 -34.88 -10.40 -0.58
N ILE A 629 -35.54 -9.27 -0.34
CA ILE A 629 -34.90 -8.20 0.42
C ILE A 629 -34.88 -8.57 1.90
N ASP A 630 -33.94 -7.97 2.62
CA ASP A 630 -33.81 -8.24 4.05
C ASP A 630 -34.97 -7.63 4.81
N PRO A 631 -35.59 -8.36 5.73
CA PRO A 631 -36.68 -7.77 6.52
C PRO A 631 -36.23 -6.61 7.40
N ALA A 632 -34.93 -6.48 7.65
CA ALA A 632 -34.45 -5.38 8.49
C ALA A 632 -34.78 -4.02 7.87
N ILE A 633 -34.89 -3.95 6.55
CA ILE A 633 -35.30 -2.70 5.92
C ILE A 633 -36.81 -2.47 6.07
N LEU A 634 -37.57 -3.51 6.38
CA LEU A 634 -39.01 -3.40 6.58
C LEU A 634 -39.39 -3.11 8.02
N ARG A 635 -38.41 -2.92 8.90
CA ARG A 635 -38.71 -2.60 10.28
C ARG A 635 -39.41 -1.24 10.36
N PRO A 636 -40.34 -1.06 11.30
CA PRO A 636 -41.01 0.25 11.42
C PRO A 636 -40.00 1.36 11.68
N GLY A 637 -40.24 2.51 11.06
CA GLY A 637 -39.36 3.66 11.16
C GLY A 637 -38.49 3.89 9.95
N ARG A 638 -38.31 2.88 9.10
CA ARG A 638 -37.52 3.03 7.88
C ARG A 638 -38.37 2.88 6.62
N LEU A 639 -39.03 1.74 6.45
CA LEU A 639 -39.89 1.47 5.30
C LEU A 639 -41.15 0.74 5.74
N ASP A 640 -41.76 1.24 6.82
CA ASP A 640 -42.91 0.56 7.40
C ASP A 640 -44.08 0.45 6.43
N GLN A 641 -44.21 1.40 5.50
CA GLN A 641 -45.28 1.35 4.52
C GLN A 641 -44.82 0.54 3.31
N LEU A 642 -45.50 -0.57 3.05
CA LEU A 642 -45.22 -1.44 1.92
C LEU A 642 -46.36 -1.26 0.92
N ILE A 643 -46.22 -0.27 0.04
CA ILE A 643 -47.25 0.02 -0.94
C ILE A 643 -47.11 -0.95 -2.10
N TYR A 644 -48.16 -1.73 -2.35
CA TYR A 644 -48.15 -2.69 -3.44
C TYR A 644 -48.54 -1.99 -4.73
N ILE A 645 -47.71 -2.16 -5.76
CA ILE A 645 -48.00 -1.60 -7.08
C ILE A 645 -48.52 -2.74 -7.95
N PRO A 646 -49.84 -2.92 -8.05
CA PRO A 646 -50.39 -4.08 -8.73
C PRO A 646 -50.29 -3.97 -10.24
N LEU A 647 -50.45 -5.11 -10.90
CA LEU A 647 -50.49 -5.13 -12.34
C LEU A 647 -51.71 -4.36 -12.84
N PRO A 648 -51.55 -3.44 -13.77
CA PRO A 648 -52.69 -2.57 -14.15
C PRO A 648 -53.86 -3.37 -14.70
N ASP A 649 -55.06 -2.95 -14.32
CA ASP A 649 -56.28 -3.53 -14.84
C ASP A 649 -56.75 -2.74 -16.05
N GLU A 650 -58.00 -2.96 -16.47
CA GLU A 650 -58.51 -2.34 -17.70
C GLU A 650 -58.43 -0.83 -17.63
N LYS A 651 -58.98 -0.24 -16.55
CA LYS A 651 -58.97 1.22 -16.42
C LYS A 651 -57.55 1.74 -16.31
N SER A 652 -56.72 1.08 -15.51
CA SER A 652 -55.33 1.52 -15.36
C SER A 652 -54.58 1.41 -16.68
N ARG A 653 -54.80 0.33 -17.43
CA ARG A 653 -54.13 0.20 -18.72
C ARG A 653 -54.59 1.27 -19.70
N VAL A 654 -55.89 1.58 -19.70
CA VAL A 654 -56.41 2.64 -20.55
C VAL A 654 -55.75 3.97 -20.20
N ALA A 655 -55.65 4.27 -18.91
CA ALA A 655 -55.03 5.52 -18.49
C ALA A 655 -53.54 5.54 -18.86
N ILE A 656 -52.86 4.41 -18.74
CA ILE A 656 -51.45 4.34 -19.10
C ILE A 656 -51.28 4.61 -20.60
N LEU A 657 -52.14 4.00 -21.42
CA LEU A 657 -52.07 4.24 -22.86
C LEU A 657 -52.35 5.70 -23.18
N LYS A 658 -53.33 6.29 -22.51
CA LYS A 658 -53.62 7.71 -22.73
C LYS A 658 -52.43 8.58 -22.38
N ALA A 659 -51.77 8.28 -21.25
CA ALA A 659 -50.61 9.06 -20.84
C ALA A 659 -49.45 8.90 -21.81
N ASN A 660 -49.21 7.67 -22.30
CA ASN A 660 -48.08 7.44 -23.18
C ASN A 660 -48.30 8.04 -24.56
N LEU A 661 -49.50 7.88 -25.11
CA LEU A 661 -49.77 8.34 -26.47
C LEU A 661 -49.92 9.85 -26.57
N ARG A 662 -49.91 10.57 -25.45
CA ARG A 662 -50.01 12.02 -25.50
C ARG A 662 -48.82 12.66 -26.19
N LYS A 663 -47.69 11.96 -26.29
CA LYS A 663 -46.50 12.49 -26.93
C LYS A 663 -46.44 12.11 -28.41
N SER A 664 -46.58 10.82 -28.69
CA SER A 664 -46.52 10.35 -30.07
C SER A 664 -47.84 10.65 -30.79
N PRO A 665 -47.83 11.36 -31.91
CA PRO A 665 -49.07 11.62 -32.64
C PRO A 665 -49.69 10.32 -33.13
N VAL A 666 -50.90 10.04 -32.68
CA VAL A 666 -51.62 8.82 -33.02
C VAL A 666 -52.94 9.19 -33.67
N ALA A 667 -53.31 8.43 -34.71
CA ALA A 667 -54.57 8.66 -35.39
C ALA A 667 -55.74 8.35 -34.48
N LYS A 668 -56.85 9.07 -34.68
CA LYS A 668 -58.04 8.90 -33.86
C LYS A 668 -58.70 7.54 -34.06
N ASP A 669 -58.33 6.82 -35.12
CA ASP A 669 -58.87 5.48 -35.34
C ASP A 669 -58.42 4.48 -34.28
N VAL A 670 -57.39 4.82 -33.50
CA VAL A 670 -56.92 3.90 -32.47
C VAL A 670 -58.00 3.74 -31.40
N ASP A 671 -58.08 2.53 -30.85
CA ASP A 671 -59.07 2.16 -29.84
C ASP A 671 -58.39 1.70 -28.56
N LEU A 672 -58.08 2.66 -27.69
CA LEU A 672 -57.27 2.36 -26.50
C LEU A 672 -57.99 1.41 -25.56
N GLU A 673 -59.30 1.55 -25.41
CA GLU A 673 -60.04 0.64 -24.54
C GLU A 673 -59.96 -0.79 -25.05
N PHE A 674 -60.14 -0.98 -26.36
CA PHE A 674 -60.02 -2.30 -26.95
C PHE A 674 -58.61 -2.84 -26.80
N LEU A 675 -57.61 -2.00 -27.04
CA LEU A 675 -56.22 -2.43 -26.90
C LEU A 675 -55.92 -2.88 -25.48
N ALA A 676 -56.42 -2.13 -24.49
CA ALA A 676 -56.25 -2.54 -23.10
C ALA A 676 -56.97 -3.85 -22.82
N LYS A 677 -58.16 -4.03 -23.39
CA LYS A 677 -58.91 -5.25 -23.11
C LYS A 677 -58.26 -6.48 -23.76
N MET A 678 -57.52 -6.31 -24.86
CA MET A 678 -56.71 -7.42 -25.36
C MET A 678 -55.54 -7.70 -24.43
N THR A 679 -54.87 -6.65 -23.96
CA THR A 679 -53.69 -6.80 -23.12
C THR A 679 -54.14 -7.18 -21.71
N ASN A 680 -54.21 -8.48 -21.46
CA ASN A 680 -54.57 -8.99 -20.14
C ASN A 680 -53.31 -9.11 -19.29
N GLY A 681 -53.30 -8.41 -18.16
CA GLY A 681 -52.17 -8.45 -17.27
C GLY A 681 -50.90 -7.87 -17.85
N PHE A 682 -51.00 -6.70 -18.47
CA PHE A 682 -49.86 -6.03 -19.08
C PHE A 682 -49.40 -4.87 -18.20
N SER A 683 -48.11 -4.77 -17.97
CA SER A 683 -47.55 -3.70 -17.17
C SER A 683 -47.45 -2.42 -17.98
N GLY A 684 -47.27 -1.30 -17.28
CA GLY A 684 -47.19 -0.01 -17.94
C GLY A 684 -45.99 0.10 -18.86
N ALA A 685 -44.83 -0.35 -18.40
CA ALA A 685 -43.65 -0.30 -19.26
C ALA A 685 -43.77 -1.28 -20.42
N ASP A 686 -44.56 -2.34 -20.27
CA ASP A 686 -44.85 -3.18 -21.42
C ASP A 686 -45.78 -2.48 -22.41
N LEU A 687 -46.66 -1.61 -21.94
CA LEU A 687 -47.44 -0.78 -22.86
C LEU A 687 -46.57 0.25 -23.56
N THR A 688 -45.58 0.80 -22.86
CA THR A 688 -44.64 1.68 -23.54
C THR A 688 -43.78 0.90 -24.54
N GLU A 689 -43.46 -0.36 -24.25
CA GLU A 689 -42.81 -1.20 -25.25
C GLU A 689 -43.75 -1.49 -26.42
N ILE A 690 -45.06 -1.56 -26.15
CA ILE A 690 -46.04 -1.67 -27.23
C ILE A 690 -45.96 -0.47 -28.15
N CYS A 691 -45.87 0.73 -27.58
CA CYS A 691 -45.63 1.90 -28.43
C CYS A 691 -44.27 1.80 -29.09
N GLN A 692 -43.26 1.32 -28.38
CA GLN A 692 -41.96 1.17 -29.02
C GLN A 692 -42.11 0.41 -30.33
N ARG A 693 -42.77 -0.75 -30.27
CA ARG A 693 -43.01 -1.56 -31.45
C ARG A 693 -43.83 -0.80 -32.50
N ALA A 694 -45.04 -0.37 -32.13
CA ALA A 694 -45.98 0.18 -33.12
C ALA A 694 -45.53 1.54 -33.63
N CYS A 695 -45.18 2.45 -32.72
CA CYS A 695 -44.65 3.75 -33.08
C CYS A 695 -43.38 3.63 -33.91
N LYS A 696 -42.52 2.64 -33.61
CA LYS A 696 -41.33 2.42 -34.44
C LYS A 696 -41.71 1.90 -35.81
N LEU A 697 -42.73 1.05 -35.90
CA LEU A 697 -43.22 0.60 -37.19
C LEU A 697 -43.74 1.77 -38.01
N ALA A 698 -44.43 2.71 -37.35
CA ALA A 698 -44.88 3.91 -38.03
C ALA A 698 -43.71 4.75 -38.52
N ILE A 699 -42.67 4.90 -37.69
CA ILE A 699 -41.49 5.65 -38.10
C ILE A 699 -40.82 4.99 -39.30
N ARG A 700 -40.69 3.66 -39.27
CA ARG A 700 -40.09 2.93 -40.38
C ARG A 700 -40.93 3.06 -41.64
N GLU A 701 -42.26 3.02 -41.50
CA GLU A 701 -43.14 3.21 -42.64
C GLU A 701 -42.95 4.59 -43.25
N SER A 702 -42.86 5.62 -42.40
CA SER A 702 -42.63 6.97 -42.90
C SER A 702 -41.29 7.07 -43.62
N ILE A 703 -40.24 6.47 -43.05
CA ILE A 703 -38.91 6.54 -43.65
C ILE A 703 -38.90 5.82 -45.00
N GLU A 704 -39.48 4.62 -45.06
CA GLU A 704 -39.49 3.87 -46.31
C GLU A 704 -40.34 4.56 -47.36
N SER A 705 -41.46 5.17 -46.95
CA SER A 705 -42.25 5.94 -47.89
C SER A 705 -41.47 7.13 -48.43
N GLU A 706 -40.73 7.81 -47.55
CA GLU A 706 -39.91 8.94 -48.00
C GLU A 706 -38.84 8.49 -49.00
N ILE A 707 -38.16 7.38 -48.71
CA ILE A 707 -37.08 6.95 -49.59
C ILE A 707 -37.63 6.45 -50.93
N ARG A 708 -38.76 5.75 -50.91
CA ARG A 708 -39.34 5.28 -52.17
C ARG A 708 -39.87 6.44 -52.99
N ARG A 709 -40.45 7.45 -52.33
CA ARG A 709 -40.89 8.64 -53.04
C ARG A 709 -39.70 9.39 -53.64
N GLU A 710 -38.58 9.43 -52.91
CA GLU A 710 -37.37 10.03 -53.46
C GLU A 710 -36.87 9.28 -54.68
N ARG A 711 -36.90 7.95 -54.62
CA ARG A 711 -36.33 7.13 -55.69
C ARG A 711 -37.23 7.06 -56.92
N GLU A 712 -38.55 7.17 -56.76
CA GLU A 712 -39.44 6.91 -57.88
C GLU A 712 -39.36 7.99 -58.95
N ARG A 713 -39.31 9.26 -58.55
CA ARG A 713 -39.37 10.33 -59.55
C ARG A 713 -38.00 10.76 -60.06
N GLN A 714 -36.91 10.23 -59.49
CA GLN A 714 -35.58 10.59 -59.96
C GLN A 714 -35.31 10.07 -61.37
N THR A 715 -36.04 9.05 -61.82
CA THR A 715 -35.84 8.54 -63.16
C THR A 715 -36.40 9.50 -64.21
N ASN A 716 -37.56 10.08 -63.96
CA ASN A 716 -38.18 10.98 -64.92
C ASN A 716 -37.48 12.33 -64.89
N PRO A 717 -36.93 12.80 -66.02
CA PRO A 717 -36.26 14.11 -66.06
C PRO A 717 -37.26 15.26 -66.25
N SER A 718 -38.09 15.47 -65.25
CA SER A 718 -39.11 16.52 -65.28
C SER A 718 -38.66 17.69 -64.43
N ALA A 719 -38.64 18.88 -65.05
CA ALA A 719 -38.20 20.07 -64.34
C ALA A 719 -39.15 20.43 -63.20
N MET A 720 -40.46 20.31 -63.43
CA MET A 720 -41.48 20.65 -62.44
C MET A 720 -42.45 19.47 -62.35
N GLU A 721 -42.16 18.55 -61.41
CA GLU A 721 -43.06 17.44 -61.12
C GLU A 721 -42.84 17.07 -59.66
N VAL A 722 -43.66 17.66 -58.78
CA VAL A 722 -43.57 17.47 -57.34
C VAL A 722 -44.97 17.20 -56.83
N GLU A 723 -45.28 15.93 -56.56
CA GLU A 723 -46.53 15.56 -55.92
C GLU A 723 -46.32 15.42 -54.42
N GLU A 724 -46.07 16.56 -53.79
CA GLU A 724 -45.71 16.59 -52.37
C GLU A 724 -46.92 16.28 -51.51
N ASP A 725 -46.80 15.26 -50.67
CA ASP A 725 -47.86 14.91 -49.73
C ASP A 725 -47.26 14.05 -48.63
N ASP A 726 -47.64 14.34 -47.39
CA ASP A 726 -47.15 13.56 -46.26
C ASP A 726 -47.72 12.15 -46.31
N PRO A 727 -46.90 11.11 -46.21
CA PRO A 727 -47.43 9.74 -46.22
C PRO A 727 -48.37 9.48 -45.06
N VAL A 728 -47.88 9.69 -43.85
CA VAL A 728 -48.69 9.59 -42.64
C VAL A 728 -47.98 10.32 -41.50
N PRO A 729 -48.63 11.28 -40.84
CA PRO A 729 -47.96 11.99 -39.74
C PRO A 729 -48.29 11.40 -38.38
N GLU A 730 -49.20 10.43 -38.34
CA GLU A 730 -49.66 9.83 -37.10
C GLU A 730 -49.42 8.32 -37.15
N ILE A 731 -49.95 7.61 -36.16
CA ILE A 731 -49.84 6.17 -36.05
C ILE A 731 -51.25 5.59 -36.17
N ARG A 732 -51.44 4.72 -37.15
CA ARG A 732 -52.74 4.11 -37.39
C ARG A 732 -52.89 2.83 -36.58
N ARG A 733 -54.11 2.28 -36.58
CA ARG A 733 -54.40 1.06 -35.85
C ARG A 733 -53.68 -0.15 -36.41
N ASP A 734 -53.25 -0.09 -37.68
CA ASP A 734 -52.52 -1.20 -38.27
C ASP A 734 -51.19 -1.43 -37.55
N HIS A 735 -50.50 -0.34 -37.21
CA HIS A 735 -49.24 -0.46 -36.48
C HIS A 735 -49.45 -1.10 -35.12
N PHE A 736 -50.52 -0.70 -34.42
CA PHE A 736 -50.81 -1.28 -33.11
C PHE A 736 -51.19 -2.75 -33.23
N GLU A 737 -51.92 -3.11 -34.29
CA GLU A 737 -52.25 -4.52 -34.50
C GLU A 737 -50.99 -5.34 -34.79
N GLU A 738 -50.07 -4.79 -35.58
CA GLU A 738 -48.81 -5.47 -35.82
C GLU A 738 -48.01 -5.62 -34.53
N ALA A 739 -48.03 -4.59 -33.69
CA ALA A 739 -47.35 -4.69 -32.40
C ALA A 739 -47.98 -5.79 -31.53
N MET A 740 -49.31 -5.88 -31.54
CA MET A 740 -49.98 -6.96 -30.82
C MET A 740 -49.57 -8.32 -31.36
N ARG A 741 -49.45 -8.44 -32.69
CA ARG A 741 -48.97 -9.69 -33.27
C ARG A 741 -47.53 -9.96 -32.89
N PHE A 742 -46.76 -8.91 -32.57
CA PHE A 742 -45.37 -9.06 -32.16
C PHE A 742 -45.24 -9.15 -30.64
N ALA A 743 -45.69 -8.10 -29.94
CA ALA A 743 -45.60 -8.10 -28.49
C ALA A 743 -46.58 -9.10 -27.89
N ARG A 744 -46.14 -9.78 -26.83
CA ARG A 744 -46.95 -10.82 -26.21
C ARG A 744 -47.10 -10.58 -24.71
N ARG A 745 -47.59 -11.60 -23.99
CA ARG A 745 -47.92 -11.49 -22.57
C ARG A 745 -46.80 -10.81 -21.79
N SER A 746 -47.19 -10.01 -20.80
CA SER A 746 -46.24 -9.17 -20.08
C SER A 746 -45.30 -10.00 -19.22
N VAL A 747 -45.85 -10.68 -18.21
CA VAL A 747 -45.07 -11.45 -17.25
C VAL A 747 -45.77 -12.77 -16.96
N SER A 748 -45.04 -13.70 -16.38
CA SER A 748 -45.59 -14.99 -16.02
C SER A 748 -46.63 -14.83 -14.91
N ASP A 749 -47.67 -15.67 -14.98
CA ASP A 749 -48.71 -15.61 -13.97
C ASP A 749 -48.19 -16.08 -12.61
N ASN A 750 -47.15 -16.92 -12.60
CA ASN A 750 -46.57 -17.35 -11.34
C ASN A 750 -46.00 -16.18 -10.55
N ASP A 751 -45.36 -15.24 -11.26
CA ASP A 751 -44.86 -14.04 -10.58
C ASP A 751 -45.99 -13.23 -9.98
N ILE A 752 -47.11 -13.12 -10.70
CA ILE A 752 -48.26 -12.37 -10.18
C ILE A 752 -48.83 -13.07 -8.95
N ARG A 753 -48.87 -14.40 -8.98
CA ARG A 753 -49.32 -15.15 -7.80
C ARG A 753 -48.38 -14.92 -6.62
N LYS A 754 -47.07 -14.88 -6.88
CA LYS A 754 -46.12 -14.60 -5.81
C LYS A 754 -46.34 -13.21 -5.22
N TYR A 755 -46.58 -12.22 -6.09
CA TYR A 755 -46.83 -10.86 -5.60
C TYR A 755 -48.12 -10.81 -4.79
N GLU A 756 -49.16 -11.50 -5.25
CA GLU A 756 -50.43 -11.47 -4.53
C GLU A 756 -50.34 -12.20 -3.19
N MET A 757 -49.53 -13.26 -3.11
CA MET A 757 -49.35 -13.94 -1.83
C MET A 757 -48.47 -13.13 -0.89
N PHE A 758 -47.50 -12.39 -1.43
CA PHE A 758 -46.73 -11.47 -0.59
C PHE A 758 -47.62 -10.37 -0.05
N ALA A 759 -48.52 -9.85 -0.88
CA ALA A 759 -49.48 -8.85 -0.41
C ALA A 759 -50.40 -9.43 0.64
N GLN A 760 -50.85 -10.68 0.44
CA GLN A 760 -51.68 -11.34 1.44
C GLN A 760 -50.92 -11.57 2.73
N THR A 761 -49.60 -11.69 2.66
CA THR A 761 -48.75 -11.91 3.83
C THR A 761 -48.06 -10.63 4.26
N LEU A 762 -48.73 -9.49 4.15
CA LEU A 762 -48.16 -8.23 4.64
C LEU A 762 -47.94 -8.28 6.15
N GLN A 763 -48.75 -9.05 6.86
CA GLN A 763 -48.58 -9.24 8.30
C GLN A 763 -48.42 -10.72 8.62
N GLN A 764 -48.40 -11.06 9.91
CA GLN A 764 -48.23 -12.45 10.37
C GLN A 764 -46.96 -13.07 9.81
N SER A 765 -45.89 -12.28 9.75
CA SER A 765 -44.61 -12.74 9.23
C SER A 765 -43.50 -12.29 10.17
N ARG A 766 -42.40 -13.04 10.17
CA ARG A 766 -41.24 -12.76 11.01
C ARG A 766 -41.60 -12.66 12.48
N ASN B 21 -19.42 40.40 -59.97
CA ASN B 21 -18.44 41.26 -59.33
C ASN B 21 -17.02 40.85 -59.71
N ARG B 22 -16.66 41.11 -60.97
CA ARG B 22 -15.32 40.81 -61.46
C ARG B 22 -15.01 39.32 -61.30
N PRO B 23 -15.60 38.46 -62.11
CA PRO B 23 -15.25 37.03 -62.05
C PRO B 23 -13.89 36.75 -62.65
N ASN B 24 -12.90 37.56 -62.26
CA ASN B 24 -11.51 37.38 -62.64
C ASN B 24 -10.65 37.04 -61.42
N ARG B 25 -10.75 37.84 -60.37
CA ARG B 25 -10.13 37.46 -59.12
C ARG B 25 -10.63 36.10 -58.68
N LEU B 26 -9.87 35.43 -57.83
CA LEU B 26 -10.30 34.12 -57.38
C LEU B 26 -9.48 33.68 -56.18
N ILE B 27 -10.05 32.76 -55.43
CA ILE B 27 -9.50 32.37 -54.15
C ILE B 27 -8.73 31.08 -54.32
N VAL B 28 -7.93 30.75 -53.31
CA VAL B 28 -7.00 29.64 -53.38
C VAL B 28 -7.62 28.40 -52.79
N ASP B 29 -7.04 27.25 -53.11
CA ASP B 29 -7.37 25.98 -52.49
C ASP B 29 -6.24 25.02 -52.78
N GLU B 30 -6.36 23.82 -52.22
CA GLU B 30 -5.32 22.81 -52.41
C GLU B 30 -5.35 22.27 -53.84
N ALA B 31 -4.47 21.32 -54.10
CA ALA B 31 -4.28 20.78 -55.43
C ALA B 31 -4.10 19.27 -55.37
N ILE B 32 -4.33 18.62 -56.50
CA ILE B 32 -4.16 17.19 -56.65
C ILE B 32 -2.98 16.85 -57.54
N ASN B 33 -2.95 17.41 -58.75
CA ASN B 33 -1.85 17.15 -59.67
C ASN B 33 -0.52 17.41 -58.97
N GLU B 34 0.44 16.55 -59.24
CA GLU B 34 1.76 16.67 -58.66
C GLU B 34 2.70 17.48 -59.54
N ASP B 35 2.36 17.62 -60.82
CA ASP B 35 3.16 18.43 -61.73
C ASP B 35 3.22 19.87 -61.23
N ASN B 36 4.30 20.55 -61.58
CA ASN B 36 4.52 21.92 -61.16
C ASN B 36 4.00 22.88 -62.22
N SER B 37 3.70 24.10 -61.78
CA SER B 37 3.13 25.13 -62.65
C SER B 37 1.93 24.60 -63.40
N VAL B 38 1.04 23.91 -62.68
CA VAL B 38 -0.17 23.35 -63.25
C VAL B 38 -1.32 23.61 -62.30
N VAL B 39 -2.51 23.72 -62.87
CA VAL B 39 -3.70 24.14 -62.16
C VAL B 39 -4.89 23.37 -62.71
N SER B 40 -6.06 23.66 -62.13
CA SER B 40 -7.32 23.10 -62.61
C SER B 40 -8.45 23.94 -62.05
N LEU B 41 -9.48 24.11 -62.85
CA LEU B 41 -10.60 24.96 -62.47
C LEU B 41 -11.91 24.25 -62.79
N SER B 42 -12.97 24.71 -62.15
CA SER B 42 -14.29 24.16 -62.41
C SER B 42 -14.62 24.27 -63.89
N GLN B 43 -15.54 23.43 -64.34
CA GLN B 43 -15.90 23.33 -65.75
C GLN B 43 -16.66 24.55 -66.28
N PRO B 44 -17.50 25.22 -65.47
CA PRO B 44 -18.34 26.26 -66.06
C PRO B 44 -17.55 27.53 -66.32
N LYS B 45 -16.56 27.80 -65.49
CA LYS B 45 -15.75 29.01 -65.62
C LYS B 45 -14.56 28.79 -66.55
N MET B 46 -14.87 28.24 -67.73
CA MET B 46 -13.91 28.16 -68.81
C MET B 46 -14.27 29.06 -69.97
N ASP B 47 -15.55 29.41 -70.10
CA ASP B 47 -16.01 30.41 -71.05
C ASP B 47 -16.12 31.78 -70.40
N GLU B 48 -16.38 31.79 -69.08
CA GLU B 48 -16.41 33.06 -68.35
C GLU B 48 -15.11 33.81 -68.55
N LEU B 49 -13.99 33.11 -68.45
CA LEU B 49 -12.70 33.63 -68.85
C LEU B 49 -12.35 33.26 -70.29
N GLN B 50 -13.05 32.29 -70.86
CA GLN B 50 -12.96 31.97 -72.28
C GLN B 50 -11.52 31.59 -72.67
N LEU B 51 -11.07 30.48 -72.11
CA LEU B 51 -9.74 29.97 -72.39
C LEU B 51 -9.65 28.54 -71.89
N PHE B 52 -8.88 27.72 -72.60
CA PHE B 52 -8.84 26.29 -72.38
C PHE B 52 -7.51 25.86 -71.78
N ARG B 53 -7.42 24.56 -71.49
CA ARG B 53 -6.29 24.04 -70.73
C ARG B 53 -4.96 24.43 -71.36
N GLY B 54 -4.80 24.13 -72.65
CA GLY B 54 -3.56 24.47 -73.32
C GLY B 54 -3.22 25.94 -73.23
N ASP B 55 -4.22 26.80 -73.04
CA ASP B 55 -3.95 28.21 -72.91
C ASP B 55 -3.05 28.46 -71.72
N THR B 56 -1.86 28.97 -71.99
CA THR B 56 -0.94 29.36 -70.94
C THR B 56 -1.43 30.68 -70.34
N VAL B 57 -1.59 30.70 -69.03
CA VAL B 57 -2.25 31.80 -68.35
C VAL B 57 -1.36 32.32 -67.23
N LEU B 58 -1.33 33.64 -67.09
CA LEU B 58 -0.57 34.29 -66.05
C LEU B 58 -1.48 34.57 -64.85
N LEU B 59 -0.87 34.50 -63.67
CA LEU B 59 -1.57 34.74 -62.42
C LEU B 59 -0.78 35.73 -61.59
N LYS B 60 -1.49 36.59 -60.90
CA LYS B 60 -0.92 37.68 -60.12
C LYS B 60 -0.71 37.26 -58.68
N GLY B 61 0.15 37.99 -58.00
CA GLY B 61 0.43 37.71 -56.61
C GLY B 61 1.25 38.82 -55.98
N LYS B 62 1.23 38.83 -54.66
CA LYS B 62 1.73 39.94 -53.87
C LYS B 62 3.22 40.14 -54.07
N LYS B 63 3.78 41.16 -53.41
CA LYS B 63 5.12 41.67 -53.67
C LYS B 63 5.34 41.93 -55.15
N ARG B 64 4.25 42.10 -55.91
CA ARG B 64 4.32 42.36 -57.34
C ARG B 64 5.09 41.25 -58.05
N ARG B 65 4.50 40.06 -58.02
CA ARG B 65 5.03 38.95 -58.80
C ARG B 65 3.89 38.23 -59.48
N GLU B 66 4.10 37.88 -60.74
CA GLU B 66 3.10 37.18 -61.52
C GLU B 66 3.80 36.05 -62.26
N ALA B 67 3.19 34.87 -62.20
CA ALA B 67 3.77 33.66 -62.75
C ALA B 67 2.82 33.04 -63.75
N VAL B 68 3.36 32.54 -64.83
CA VAL B 68 2.57 31.91 -65.89
C VAL B 68 2.62 30.41 -65.69
N CYS B 69 1.50 29.76 -66.02
CA CYS B 69 1.40 28.32 -65.88
C CYS B 69 0.42 27.79 -66.90
N ILE B 70 0.44 26.47 -67.05
CA ILE B 70 -0.54 25.76 -67.86
C ILE B 70 -1.87 25.84 -67.14
N VAL B 71 -2.94 25.45 -67.82
CA VAL B 71 -4.27 25.52 -67.25
C VAL B 71 -5.00 24.21 -67.54
N LEU B 72 -6.07 23.99 -66.78
CA LEU B 72 -6.93 22.84 -66.99
C LEU B 72 -8.29 23.13 -66.39
N SER B 73 -9.29 22.37 -66.84
CA SER B 73 -10.65 22.45 -66.34
C SER B 73 -11.00 21.15 -65.62
N ASP B 74 -11.27 21.25 -64.33
CA ASP B 74 -11.69 20.10 -63.53
C ASP B 74 -13.10 20.36 -63.01
N ASP B 75 -13.53 19.52 -62.07
CA ASP B 75 -14.87 19.58 -61.51
C ASP B 75 -14.88 19.82 -60.01
N THR B 76 -14.01 19.12 -59.27
CA THR B 76 -14.11 19.14 -57.81
C THR B 76 -14.02 20.56 -57.27
N CYS B 77 -13.03 21.32 -57.72
CA CYS B 77 -12.84 22.66 -57.19
C CYS B 77 -14.03 23.55 -57.56
N SER B 78 -14.48 24.33 -56.59
CA SER B 78 -15.62 25.20 -56.81
C SER B 78 -15.25 26.32 -57.77
N ASP B 79 -16.30 26.93 -58.33
CA ASP B 79 -16.12 28.02 -59.28
C ASP B 79 -15.24 29.12 -58.68
N GLU B 80 -15.33 29.32 -57.38
CA GLU B 80 -14.64 30.43 -56.75
C GLU B 80 -13.23 30.09 -56.28
N LYS B 81 -12.70 28.92 -56.65
CA LYS B 81 -11.50 28.42 -56.02
C LYS B 81 -10.58 27.77 -57.04
N ILE B 82 -9.29 27.95 -56.81
CA ILE B 82 -8.25 27.45 -57.71
C ILE B 82 -7.49 26.36 -56.97
N ARG B 83 -6.73 25.59 -57.74
CA ARG B 83 -5.88 24.53 -57.19
C ARG B 83 -4.46 24.74 -57.64
N MET B 84 -3.52 24.61 -56.71
CA MET B 84 -2.11 24.71 -57.03
C MET B 84 -1.31 24.14 -55.86
N ASN B 85 0.01 24.14 -56.02
CA ASN B 85 0.92 23.48 -55.10
C ASN B 85 1.95 24.46 -54.57
N ARG B 86 2.67 24.01 -53.54
CA ARG B 86 3.63 24.87 -52.87
C ARG B 86 4.69 25.38 -53.82
N VAL B 87 5.04 24.58 -54.83
CA VAL B 87 6.13 24.94 -55.72
C VAL B 87 5.88 26.31 -56.32
N VAL B 88 4.62 26.59 -56.63
CA VAL B 88 4.25 27.82 -57.29
C VAL B 88 3.86 28.89 -56.29
N ARG B 89 3.16 28.49 -55.24
CA ARG B 89 2.71 29.46 -54.26
C ARG B 89 3.87 30.11 -53.55
N ASN B 90 4.98 29.37 -53.36
CA ASN B 90 6.16 29.96 -52.74
C ASN B 90 6.66 31.13 -53.55
N ASN B 91 7.03 30.87 -54.81
CA ASN B 91 7.50 31.96 -55.66
C ASN B 91 6.45 33.05 -55.78
N LEU B 92 5.18 32.68 -55.71
CA LEU B 92 4.12 33.66 -55.74
C LEU B 92 3.96 34.39 -54.41
N ARG B 93 4.55 33.88 -53.34
CA ARG B 93 4.52 34.55 -52.05
C ARG B 93 3.09 34.67 -51.55
N VAL B 94 2.28 33.67 -51.84
CA VAL B 94 0.87 33.66 -51.53
C VAL B 94 0.52 32.42 -50.73
N ARG B 95 -0.48 32.56 -49.87
CA ARG B 95 -0.97 31.48 -49.03
C ARG B 95 -2.45 31.26 -49.30
N LEU B 96 -2.98 30.23 -48.64
CA LEU B 96 -4.37 29.87 -48.84
C LEU B 96 -5.29 30.95 -48.30
N GLY B 97 -6.51 30.98 -48.83
CA GLY B 97 -7.48 31.98 -48.42
C GLY B 97 -7.28 33.27 -49.16
N ASP B 98 -6.04 33.55 -49.56
CA ASP B 98 -5.73 34.74 -50.35
C ASP B 98 -6.46 34.68 -51.68
N VAL B 99 -6.39 35.76 -52.45
CA VAL B 99 -7.11 35.86 -53.70
C VAL B 99 -6.20 36.50 -54.74
N ILE B 100 -6.40 36.09 -56.00
CA ILE B 100 -5.55 36.51 -57.10
C ILE B 100 -6.38 36.76 -58.34
N SER B 101 -5.79 37.47 -59.29
CA SER B 101 -6.37 37.67 -60.60
C SER B 101 -5.88 36.58 -61.55
N ILE B 102 -6.10 36.81 -62.84
CA ILE B 102 -5.76 35.82 -63.86
C ILE B 102 -5.92 36.47 -65.22
N GLN B 103 -5.05 36.08 -66.16
CA GLN B 103 -5.21 36.57 -67.53
C GLN B 103 -4.59 35.59 -68.52
N PRO B 104 -5.29 35.24 -69.59
CA PRO B 104 -4.68 34.36 -70.60
C PRO B 104 -3.54 35.07 -71.32
N CYS B 105 -2.54 34.28 -71.69
CA CYS B 105 -1.36 34.79 -72.40
C CYS B 105 -1.06 33.88 -73.58
N PRO B 106 -1.94 33.84 -74.59
CA PRO B 106 -1.62 33.11 -75.82
C PRO B 106 -0.40 33.66 -76.53
N ASP B 107 0.05 34.85 -76.17
CA ASP B 107 1.25 35.46 -76.71
C ASP B 107 2.50 34.80 -76.25
N VAL B 108 2.42 33.72 -75.48
CA VAL B 108 3.62 33.06 -75.00
C VAL B 108 4.45 32.59 -76.19
N LYS B 109 5.73 32.36 -75.91
CA LYS B 109 6.72 32.08 -76.93
C LYS B 109 7.36 30.71 -76.69
N TYR B 110 7.76 30.08 -77.80
CA TYR B 110 8.63 28.91 -77.73
C TYR B 110 10.03 29.41 -77.36
N GLY B 111 10.32 29.41 -76.06
CA GLY B 111 11.54 30.02 -75.61
C GLY B 111 12.78 29.27 -76.02
N LYS B 112 13.84 30.02 -76.26
CA LYS B 112 15.15 29.45 -76.50
C LYS B 112 15.89 29.33 -75.17
N ARG B 113 17.20 29.10 -75.25
CA ARG B 113 18.02 28.93 -74.05
C ARG B 113 17.64 29.94 -72.98
N ILE B 114 17.28 29.44 -71.81
CA ILE B 114 16.81 30.24 -70.70
C ILE B 114 17.59 29.78 -69.48
N HIS B 115 18.50 30.62 -69.01
CA HIS B 115 19.54 30.16 -68.11
C HIS B 115 18.97 29.81 -66.73
N VAL B 116 19.51 28.76 -66.13
CA VAL B 116 19.08 28.29 -64.82
C VAL B 116 20.28 28.04 -63.94
N LEU B 117 20.01 27.71 -62.69
CA LEU B 117 21.08 27.41 -61.74
C LEU B 117 20.50 26.84 -60.45
N PRO B 118 21.12 25.84 -59.83
CA PRO B 118 20.56 25.27 -58.61
C PRO B 118 20.69 26.26 -57.46
N ILE B 119 19.59 26.51 -56.78
CA ILE B 119 19.58 27.52 -55.72
C ILE B 119 19.25 26.87 -54.39
N ASP B 120 20.27 26.37 -53.71
CA ASP B 120 20.10 25.77 -52.39
C ASP B 120 21.45 25.22 -51.94
N ASP B 121 21.45 24.71 -50.72
CA ASP B 121 22.50 23.82 -50.25
C ASP B 121 22.18 22.37 -50.53
N THR B 122 21.00 22.08 -51.10
CA THR B 122 20.67 20.71 -51.50
C THR B 122 21.81 20.08 -52.27
N VAL B 123 22.54 20.89 -53.04
CA VAL B 123 23.70 20.40 -53.78
C VAL B 123 24.79 19.90 -52.85
N GLU B 124 24.68 20.17 -51.56
CA GLU B 124 25.71 19.75 -50.62
C GLU B 124 25.90 18.25 -50.67
N GLY B 125 27.14 17.82 -50.88
CA GLY B 125 27.45 16.41 -50.88
C GLY B 125 26.87 15.67 -52.07
N ILE B 126 27.09 16.18 -53.28
CA ILE B 126 26.56 15.58 -54.49
C ILE B 126 27.64 15.59 -55.57
N THR B 127 27.43 14.76 -56.59
CA THR B 127 28.37 14.62 -57.69
C THR B 127 27.57 14.27 -58.95
N GLY B 128 28.26 13.78 -59.97
CA GLY B 128 27.61 13.36 -61.19
C GLY B 128 27.03 14.51 -61.99
N ASN B 129 26.84 14.30 -63.29
CA ASN B 129 26.25 15.34 -64.15
C ASN B 129 24.75 15.38 -63.92
N LEU B 130 24.40 16.00 -62.80
CA LEU B 130 23.00 16.18 -62.45
C LEU B 130 22.19 16.79 -63.58
N PHE B 131 22.79 17.68 -64.35
CA PHE B 131 22.05 18.41 -65.37
C PHE B 131 21.13 17.48 -66.14
N GLU B 132 21.73 16.55 -66.87
CA GLU B 132 20.99 15.67 -67.75
C GLU B 132 19.94 14.89 -66.97
N VAL B 133 20.47 14.03 -66.10
CA VAL B 133 19.65 13.05 -65.39
C VAL B 133 18.44 13.70 -64.75
N TYR B 134 18.64 14.87 -64.14
CA TYR B 134 17.57 15.47 -63.35
C TYR B 134 16.61 16.28 -64.21
N LEU B 135 17.12 16.99 -65.21
CA LEU B 135 16.31 17.96 -65.93
C LEU B 135 15.71 17.38 -67.20
N LYS B 136 16.55 16.84 -68.07
CA LYS B 136 16.06 16.41 -69.39
C LYS B 136 14.78 15.61 -69.31
N PRO B 137 14.64 14.62 -68.44
CA PRO B 137 13.39 13.86 -68.41
C PRO B 137 12.21 14.70 -67.97
N TYR B 138 12.43 15.70 -67.11
CA TYR B 138 11.35 16.58 -66.72
C TYR B 138 11.03 17.56 -67.84
N PHE B 139 12.05 18.19 -68.41
CA PHE B 139 11.84 19.05 -69.56
C PHE B 139 11.52 18.26 -70.82
N LEU B 140 11.45 16.94 -70.72
CA LEU B 140 11.13 16.11 -71.86
C LEU B 140 9.72 16.40 -72.36
N GLU B 141 9.62 16.86 -73.60
CA GLU B 141 8.33 17.03 -74.28
C GLU B 141 7.31 17.74 -73.40
N ALA B 142 7.80 18.54 -72.46
CA ALA B 142 6.91 19.18 -71.50
C ALA B 142 6.27 20.44 -72.03
N TYR B 143 7.05 21.30 -72.70
CA TYR B 143 6.60 22.64 -73.01
C TYR B 143 6.13 23.35 -71.75
N ARG B 144 6.75 22.98 -70.64
CA ARG B 144 6.55 23.61 -69.35
C ARG B 144 6.79 25.11 -69.49
N PRO B 145 5.75 25.93 -69.47
CA PRO B 145 5.98 27.37 -69.54
C PRO B 145 6.81 27.84 -68.36
N ILE B 146 7.70 28.79 -68.64
CA ILE B 146 8.61 29.31 -67.64
C ILE B 146 8.61 30.81 -67.71
N ARG B 147 8.74 31.44 -66.55
CA ARG B 147 9.02 32.85 -66.44
C ARG B 147 10.22 33.03 -65.53
N LYS B 148 11.01 34.08 -65.81
CA LYS B 148 12.16 34.35 -64.98
C LYS B 148 11.78 34.36 -63.51
N GLY B 149 12.73 33.95 -62.67
CA GLY B 149 12.51 33.91 -61.24
C GLY B 149 11.86 32.65 -60.73
N ASP B 150 11.49 31.73 -61.62
CA ASP B 150 10.89 30.47 -61.19
C ASP B 150 11.83 29.73 -60.25
N ILE B 151 11.23 28.91 -59.39
CA ILE B 151 11.99 28.12 -58.43
C ILE B 151 11.61 26.66 -58.57
N PHE B 152 11.33 26.24 -59.80
CA PHE B 152 10.85 24.89 -60.06
C PHE B 152 11.76 23.87 -59.42
N LEU B 153 11.27 22.64 -59.29
CA LEU B 153 11.93 21.63 -58.49
C LEU B 153 11.83 20.27 -59.18
N VAL B 154 12.78 19.40 -58.86
CA VAL B 154 12.82 18.04 -59.38
C VAL B 154 13.49 17.16 -58.34
N ARG B 155 13.11 15.88 -58.34
CA ARG B 155 13.56 14.94 -57.32
C ARG B 155 14.01 13.64 -57.93
N GLY B 156 14.98 13.00 -57.28
CA GLY B 156 15.49 11.72 -57.72
C GLY B 156 16.62 11.31 -56.80
N GLY B 157 16.97 10.03 -56.89
CA GLY B 157 18.07 9.50 -56.11
C GLY B 157 17.95 9.80 -54.64
N MET B 158 16.81 9.47 -54.05
CA MET B 158 16.58 9.66 -52.62
C MET B 158 16.85 11.10 -52.20
N ARG B 159 16.81 12.03 -53.14
CA ARG B 159 17.04 13.42 -52.84
C ARG B 159 16.07 14.26 -53.66
N ALA B 160 16.01 15.54 -53.33
CA ALA B 160 15.16 16.47 -54.05
C ALA B 160 15.86 17.82 -54.09
N VAL B 161 15.89 18.44 -55.27
CA VAL B 161 16.64 19.68 -55.46
C VAL B 161 15.88 20.54 -56.44
N GLU B 162 16.14 21.84 -56.37
CA GLU B 162 15.44 22.82 -57.19
C GLU B 162 16.44 23.70 -57.91
N PHE B 163 15.95 24.42 -58.91
CA PHE B 163 16.77 25.36 -59.65
C PHE B 163 15.95 26.61 -59.94
N LYS B 164 16.63 27.74 -59.97
CA LYS B 164 16.02 29.00 -60.36
C LYS B 164 16.39 29.32 -61.80
N VAL B 165 15.41 29.79 -62.55
CA VAL B 165 15.66 30.33 -63.88
C VAL B 165 16.18 31.75 -63.73
N VAL B 166 17.49 31.92 -63.92
CA VAL B 166 18.11 33.22 -63.74
C VAL B 166 17.92 34.09 -64.98
N GLU B 167 17.78 33.47 -66.15
CA GLU B 167 17.71 34.20 -67.40
C GLU B 167 16.71 33.54 -68.32
N THR B 168 15.99 34.38 -69.07
CA THR B 168 15.08 33.93 -70.13
C THR B 168 15.50 34.69 -71.39
N ASP B 169 16.22 34.02 -72.28
CA ASP B 169 16.72 34.63 -73.51
C ASP B 169 15.61 35.47 -74.15
N PRO B 170 14.43 34.93 -74.37
CA PRO B 170 13.25 35.80 -74.47
C PRO B 170 12.60 35.93 -73.10
N SER B 171 12.08 37.12 -72.83
CA SER B 171 11.58 37.46 -71.52
C SER B 171 10.15 37.99 -71.61
N PRO B 172 9.41 37.96 -70.48
CA PRO B 172 9.87 37.42 -69.20
C PRO B 172 9.59 35.94 -69.08
N TYR B 173 8.66 35.46 -69.89
CA TYR B 173 8.22 34.08 -69.83
C TYR B 173 8.17 33.48 -71.22
N CYS B 174 8.39 32.18 -71.29
CA CYS B 174 8.44 31.48 -72.56
C CYS B 174 8.06 30.03 -72.35
N ILE B 175 8.03 29.29 -73.44
CA ILE B 175 7.82 27.85 -73.41
C ILE B 175 9.14 27.16 -73.65
N VAL B 176 9.26 25.97 -73.09
CA VAL B 176 10.40 25.10 -73.36
C VAL B 176 10.10 24.25 -74.59
N ALA B 177 11.14 23.94 -75.34
CA ALA B 177 11.02 23.07 -76.50
C ALA B 177 12.08 21.99 -76.42
N PRO B 178 11.76 20.77 -76.87
CA PRO B 178 12.79 19.73 -76.89
C PRO B 178 14.01 20.10 -77.70
N ASP B 179 13.89 21.10 -78.57
CA ASP B 179 15.02 21.53 -79.39
C ASP B 179 15.88 22.56 -78.66
N THR B 180 15.29 23.35 -77.79
CA THR B 180 16.03 24.41 -77.11
C THR B 180 17.29 23.85 -76.45
N VAL B 181 18.31 24.68 -76.39
CA VAL B 181 19.60 24.29 -75.84
C VAL B 181 19.63 24.59 -74.36
N ILE B 182 20.56 23.94 -73.67
CA ILE B 182 20.84 24.20 -72.26
C ILE B 182 22.36 24.27 -72.10
N HIS B 183 22.91 25.47 -72.12
CA HIS B 183 24.25 25.71 -71.59
C HIS B 183 24.08 26.01 -70.12
N CYS B 184 24.06 24.96 -69.31
CA CYS B 184 23.78 25.03 -67.88
C CYS B 184 25.09 24.97 -67.11
N GLU B 185 25.46 26.08 -66.48
CA GLU B 185 26.71 26.18 -65.74
C GLU B 185 26.48 27.01 -64.49
N GLY B 186 27.57 27.32 -63.81
CA GLY B 186 27.52 28.07 -62.56
C GLY B 186 27.61 27.17 -61.35
N GLU B 187 27.55 27.80 -60.20
CA GLU B 187 27.61 27.14 -58.90
C GLU B 187 26.35 27.43 -58.10
N PRO B 188 26.08 26.63 -57.07
CA PRO B 188 24.84 26.82 -56.30
C PRO B 188 24.82 28.20 -55.63
N ILE B 189 23.73 28.92 -55.86
CA ILE B 189 23.56 30.25 -55.28
C ILE B 189 22.54 30.16 -54.16
N LYS B 190 22.37 31.26 -53.45
CA LYS B 190 21.76 31.25 -52.13
C LYS B 190 20.29 31.66 -52.20
N ARG B 191 19.50 31.06 -51.33
CA ARG B 191 18.09 31.38 -51.21
C ARG B 191 17.97 32.74 -50.53
N GLU B 192 17.50 33.73 -51.28
CA GLU B 192 17.23 35.02 -50.67
C GLU B 192 16.31 34.84 -49.47
N ASP B 193 16.38 35.79 -48.54
CA ASP B 193 15.64 35.66 -47.29
C ASP B 193 14.13 35.75 -47.48
N GLU B 194 13.68 35.91 -48.72
CA GLU B 194 12.25 35.94 -48.99
C GLU B 194 11.73 34.53 -49.18
N GLU B 195 12.62 33.61 -49.55
CA GLU B 195 12.22 32.22 -49.77
C GLU B 195 11.71 31.60 -48.48
N GLU B 196 10.71 30.73 -48.59
CA GLU B 196 10.16 30.07 -47.41
C GLU B 196 10.46 28.58 -47.44
N SER B 197 11.08 28.07 -46.38
CA SER B 197 11.42 26.66 -46.31
C SER B 197 10.17 25.79 -46.28
N LEU B 198 10.18 24.68 -47.01
CA LEU B 198 9.04 23.78 -47.01
C LEU B 198 9.19 22.72 -45.93
N ASN B 199 10.25 22.81 -45.15
CA ASN B 199 10.48 21.84 -44.08
C ASN B 199 9.33 21.82 -43.10
N GLU B 200 8.63 22.94 -42.97
CA GLU B 200 7.51 23.02 -42.04
C GLU B 200 6.53 21.89 -42.30
N VAL B 201 6.10 21.22 -41.23
CA VAL B 201 5.17 20.11 -41.37
C VAL B 201 3.87 20.56 -42.02
N GLY B 202 3.28 19.71 -42.85
CA GLY B 202 2.05 20.06 -43.53
C GLY B 202 0.97 19.01 -43.41
N TYR B 203 -0.26 19.37 -43.74
CA TYR B 203 -1.37 18.42 -43.67
C TYR B 203 -1.14 17.24 -44.59
N ASP B 204 -0.34 17.42 -45.64
CA ASP B 204 0.01 16.30 -46.51
C ASP B 204 0.82 15.24 -45.78
N ASP B 205 1.42 15.59 -44.64
CA ASP B 205 2.20 14.66 -43.84
C ASP B 205 1.37 13.96 -42.76
N ILE B 206 0.07 14.20 -42.73
CA ILE B 206 -0.81 13.63 -41.71
C ILE B 206 -1.71 12.59 -42.36
N GLY B 207 -1.73 11.41 -41.79
CA GLY B 207 -2.60 10.34 -42.28
C GLY B 207 -3.13 9.53 -41.12
N GLY B 208 -4.32 8.96 -41.33
CA GLY B 208 -4.96 8.15 -40.32
C GLY B 208 -5.81 8.93 -39.33
N CYS B 209 -5.80 10.26 -39.38
CA CYS B 209 -6.58 11.11 -38.49
C CYS B 209 -7.30 12.18 -39.29
N ARG B 210 -7.89 11.81 -40.42
CA ARG B 210 -8.55 12.78 -41.29
C ARG B 210 -9.70 13.46 -40.56
N LYS B 211 -10.53 12.69 -39.86
CA LYS B 211 -11.59 13.28 -39.06
C LYS B 211 -11.02 14.13 -37.94
N GLN B 212 -9.99 13.62 -37.25
CA GLN B 212 -9.35 14.38 -36.19
C GLN B 212 -8.67 15.63 -36.75
N LEU B 213 -8.05 15.51 -37.92
CA LEU B 213 -7.42 16.67 -38.54
C LEU B 213 -8.46 17.74 -38.89
N ALA B 214 -9.61 17.32 -39.42
CA ALA B 214 -10.67 18.27 -39.72
C ALA B 214 -11.21 18.92 -38.46
N GLN B 215 -11.36 18.14 -37.39
CA GLN B 215 -11.79 18.71 -36.12
C GLN B 215 -10.80 19.75 -35.61
N ILE B 216 -9.51 19.44 -35.68
CA ILE B 216 -8.50 20.38 -35.25
C ILE B 216 -8.54 21.64 -36.12
N LYS B 217 -8.72 21.47 -37.42
CA LYS B 217 -8.81 22.61 -38.33
C LYS B 217 -9.97 23.52 -37.95
N GLU B 218 -11.16 22.93 -37.76
CA GLU B 218 -12.31 23.74 -37.42
C GLU B 218 -12.20 24.35 -36.04
N MET B 219 -11.40 23.75 -35.14
CA MET B 219 -11.17 24.35 -33.83
C MET B 219 -10.21 25.53 -33.91
N VAL B 220 -9.13 25.44 -34.68
CA VAL B 220 -8.05 26.41 -34.60
C VAL B 220 -8.04 27.40 -35.75
N GLU B 221 -8.93 27.26 -36.73
CA GLU B 221 -8.92 28.18 -37.86
C GLU B 221 -9.27 29.60 -37.42
N LEU B 222 -10.38 29.75 -36.70
CA LEU B 222 -10.81 31.09 -36.28
C LEU B 222 -9.83 31.75 -35.32
N PRO B 223 -9.36 31.11 -34.24
CA PRO B 223 -8.45 31.82 -33.33
C PRO B 223 -7.14 32.23 -33.97
N LEU B 224 -6.62 31.44 -34.92
CA LEU B 224 -5.29 31.68 -35.48
C LEU B 224 -5.35 32.48 -36.78
N ARG B 225 -6.11 32.00 -37.77
CA ARG B 225 -6.17 32.69 -39.05
C ARG B 225 -6.83 34.06 -38.93
N HIS B 226 -7.72 34.24 -37.96
CA HIS B 226 -8.48 35.48 -37.79
C HIS B 226 -8.35 35.96 -36.36
N PRO B 227 -7.20 36.52 -35.98
CA PRO B 227 -7.02 36.99 -34.60
C PRO B 227 -7.81 38.26 -34.29
N ALA B 228 -7.73 39.26 -35.18
CA ALA B 228 -8.47 40.49 -34.96
C ALA B 228 -9.97 40.27 -35.10
N LEU B 229 -10.37 39.40 -36.02
CA LEU B 229 -11.77 39.06 -36.19
C LEU B 229 -12.34 38.49 -34.90
N PHE B 230 -11.61 37.56 -34.28
CA PHE B 230 -12.10 36.97 -33.04
C PHE B 230 -12.00 37.95 -31.89
N LYS B 231 -11.00 38.85 -31.92
CA LYS B 231 -10.92 39.88 -30.90
C LYS B 231 -12.09 40.85 -30.96
N ALA B 232 -12.66 41.04 -32.15
CA ALA B 232 -13.84 41.90 -32.28
C ALA B 232 -15.02 41.32 -31.51
N ILE B 233 -15.23 40.02 -31.60
CA ILE B 233 -16.34 39.37 -30.91
C ILE B 233 -15.89 39.02 -29.49
N GLY B 234 -16.88 38.70 -28.65
CA GLY B 234 -16.60 38.37 -27.25
C GLY B 234 -16.92 36.94 -26.90
N VAL B 235 -16.59 36.01 -27.79
CA VAL B 235 -16.83 34.60 -27.56
C VAL B 235 -15.58 33.99 -26.93
N LYS B 236 -15.77 32.88 -26.21
CA LYS B 236 -14.64 32.18 -25.61
C LYS B 236 -14.01 31.24 -26.64
N PRO B 237 -12.72 31.36 -26.92
CA PRO B 237 -12.08 30.48 -27.88
C PRO B 237 -11.70 29.16 -27.25
N PRO B 238 -11.52 28.11 -28.04
CA PRO B 238 -10.90 26.89 -27.50
C PRO B 238 -9.40 27.09 -27.36
N ARG B 239 -8.93 27.31 -26.13
CA ARG B 239 -7.52 27.56 -25.86
C ARG B 239 -6.85 26.38 -25.19
N GLY B 240 -7.53 25.24 -25.10
CA GLY B 240 -6.91 24.03 -24.60
C GLY B 240 -7.31 22.83 -25.42
N ILE B 241 -6.33 22.14 -25.99
CA ILE B 241 -6.56 20.97 -26.84
C ILE B 241 -5.79 19.80 -26.25
N LEU B 242 -6.49 18.70 -25.99
CA LEU B 242 -5.91 17.51 -25.39
C LEU B 242 -5.89 16.42 -26.45
N LEU B 243 -4.77 16.32 -27.17
CA LEU B 243 -4.56 15.25 -28.14
C LEU B 243 -4.10 14.02 -27.38
N TYR B 244 -5.00 13.07 -27.18
CA TYR B 244 -4.68 11.86 -26.44
C TYR B 244 -4.82 10.64 -27.34
N GLY B 245 -3.93 9.68 -27.12
CA GLY B 245 -3.90 8.46 -27.91
C GLY B 245 -2.62 7.69 -27.64
N PRO B 246 -2.41 6.60 -28.37
CA PRO B 246 -1.18 5.83 -28.19
C PRO B 246 0.02 6.66 -28.57
N PRO B 247 1.17 6.38 -27.96
CA PRO B 247 2.39 7.08 -28.37
C PRO B 247 2.76 6.76 -29.80
N GLY B 248 3.30 7.74 -30.50
CA GLY B 248 3.70 7.56 -31.89
C GLY B 248 2.60 7.76 -32.90
N THR B 249 1.45 8.33 -32.51
CA THR B 249 0.35 8.57 -33.43
C THR B 249 0.38 9.97 -34.03
N GLY B 250 1.55 10.61 -34.06
CA GLY B 250 1.69 11.88 -34.75
C GLY B 250 1.07 13.07 -34.04
N LYS B 251 0.93 13.02 -32.73
CA LYS B 251 0.35 14.15 -32.00
C LYS B 251 1.21 15.40 -32.17
N THR B 252 2.51 15.28 -31.89
CA THR B 252 3.39 16.43 -32.11
C THR B 252 3.51 16.76 -33.59
N LEU B 253 3.46 15.74 -34.47
CA LEU B 253 3.46 16.01 -35.90
C LEU B 253 2.22 16.77 -36.32
N ILE B 254 1.05 16.37 -35.79
CA ILE B 254 -0.19 17.07 -36.12
C ILE B 254 -0.12 18.52 -35.64
N ALA B 255 0.35 18.72 -34.41
CA ALA B 255 0.45 20.07 -33.87
C ALA B 255 1.40 20.93 -34.69
N ARG B 256 2.57 20.38 -35.05
CA ARG B 256 3.53 21.13 -35.82
C ARG B 256 2.98 21.49 -37.20
N ALA B 257 2.33 20.53 -37.85
CA ALA B 257 1.76 20.81 -39.17
C ALA B 257 0.68 21.88 -39.09
N VAL B 258 -0.20 21.78 -38.08
CA VAL B 258 -1.26 22.77 -37.94
C VAL B 258 -0.68 24.15 -37.69
N ALA B 259 0.32 24.24 -36.80
CA ALA B 259 0.90 25.54 -36.49
C ALA B 259 1.64 26.13 -37.70
N ASN B 260 2.37 25.29 -38.43
CA ASN B 260 3.15 25.80 -39.55
C ASN B 260 2.26 26.24 -40.69
N GLU B 261 1.28 25.41 -41.06
CA GLU B 261 0.42 25.76 -42.19
C GLU B 261 -0.46 26.97 -41.88
N THR B 262 -0.99 27.05 -40.67
CA THR B 262 -1.80 28.21 -40.28
C THR B 262 -0.96 29.44 -40.00
N GLY B 263 0.37 29.30 -39.95
CA GLY B 263 1.24 30.42 -39.69
C GLY B 263 1.42 30.77 -38.23
N ALA B 264 0.76 30.06 -37.33
CA ALA B 264 0.92 30.34 -35.90
C ALA B 264 2.31 29.94 -35.43
N PHE B 265 2.84 30.71 -34.48
CA PHE B 265 4.15 30.42 -33.93
C PHE B 265 4.07 29.17 -33.06
N PHE B 266 4.88 28.16 -33.40
CA PHE B 266 4.87 26.89 -32.70
C PHE B 266 6.00 26.87 -31.69
N PHE B 267 5.66 26.64 -30.42
CA PHE B 267 6.64 26.43 -29.36
C PHE B 267 6.50 25.02 -28.85
N LEU B 268 7.57 24.23 -28.99
CA LEU B 268 7.55 22.82 -28.62
C LEU B 268 7.93 22.71 -27.14
N ILE B 269 6.91 22.76 -26.27
CA ILE B 269 7.11 22.57 -24.85
C ILE B 269 7.12 21.07 -24.59
N ASN B 270 8.26 20.55 -24.14
CA ASN B 270 8.41 19.13 -23.86
C ASN B 270 8.42 18.90 -22.36
N GLY B 271 7.61 17.95 -21.90
CA GLY B 271 7.52 17.63 -20.50
C GLY B 271 8.85 17.29 -19.87
N PRO B 272 9.58 16.35 -20.47
CA PRO B 272 10.96 16.12 -20.03
C PRO B 272 11.82 17.37 -20.11
N GLU B 273 11.67 18.18 -21.15
CA GLU B 273 12.45 19.41 -21.23
C GLU B 273 12.06 20.38 -20.14
N ILE B 274 10.77 20.43 -19.79
CA ILE B 274 10.32 21.34 -18.74
C ILE B 274 10.88 20.91 -17.39
N MET B 275 10.52 19.70 -16.94
CA MET B 275 10.89 19.28 -15.60
C MET B 275 12.24 18.56 -15.54
N SER B 276 13.07 18.71 -16.56
CA SER B 276 14.44 18.23 -16.51
C SER B 276 15.32 19.12 -15.65
N LYS B 277 15.02 20.41 -15.57
CA LYS B 277 15.84 21.37 -14.87
C LYS B 277 15.37 21.50 -13.42
N LEU B 278 15.89 22.49 -12.71
CA LEU B 278 15.48 22.72 -11.33
C LEU B 278 14.02 23.16 -11.28
N ALA B 279 13.41 22.97 -10.11
CA ALA B 279 12.00 23.32 -9.94
C ALA B 279 11.76 24.79 -10.26
N GLY B 280 12.53 25.68 -9.64
CA GLY B 280 12.45 27.09 -9.99
C GLY B 280 12.83 27.33 -11.43
N GLU B 281 13.87 26.63 -11.92
CA GLU B 281 14.25 26.76 -13.32
C GLU B 281 13.16 26.24 -14.25
N SER B 282 12.51 25.14 -13.87
CA SER B 282 11.41 24.61 -14.70
C SER B 282 10.26 25.59 -14.76
N GLU B 283 9.89 26.18 -13.61
CA GLU B 283 8.80 27.15 -13.61
C GLU B 283 9.17 28.39 -14.41
N SER B 284 10.42 28.84 -14.30
CA SER B 284 10.88 29.97 -15.10
C SER B 284 10.84 29.67 -16.58
N ASN B 285 11.22 28.45 -16.96
CA ASN B 285 11.17 28.07 -18.37
C ASN B 285 9.73 28.04 -18.87
N LEU B 286 8.81 27.50 -18.07
CA LEU B 286 7.40 27.50 -18.46
C LEU B 286 6.88 28.92 -18.63
N ARG B 287 7.20 29.80 -17.67
CA ARG B 287 6.73 31.18 -17.76
C ARG B 287 7.31 31.89 -18.97
N LYS B 288 8.61 31.65 -19.25
CA LYS B 288 9.23 32.28 -20.41
C LYS B 288 8.61 31.78 -21.71
N ALA B 289 8.34 30.47 -21.79
CA ALA B 289 7.71 29.92 -22.98
C ALA B 289 6.32 30.52 -23.20
N PHE B 290 5.53 30.62 -22.12
CA PHE B 290 4.20 31.18 -22.25
C PHE B 290 4.26 32.67 -22.64
N GLU B 291 5.21 33.41 -22.06
CA GLU B 291 5.36 34.82 -22.41
C GLU B 291 5.78 34.98 -23.86
N GLU B 292 6.69 34.14 -24.34
CA GLU B 292 7.10 34.21 -25.74
C GLU B 292 5.95 33.88 -26.67
N ALA B 293 5.14 32.87 -26.30
CA ALA B 293 3.97 32.55 -27.12
C ALA B 293 2.98 33.69 -27.14
N GLU B 294 2.76 34.34 -26.00
CA GLU B 294 1.86 35.49 -25.96
C GLU B 294 2.40 36.63 -26.82
N LYS B 295 3.72 36.86 -26.77
CA LYS B 295 4.32 37.90 -27.59
C LYS B 295 4.18 37.58 -29.08
N ASN B 296 4.27 36.31 -29.44
CA ASN B 296 4.17 35.88 -30.83
C ASN B 296 2.76 35.48 -31.22
N ALA B 297 1.75 36.09 -30.61
CA ALA B 297 0.37 35.78 -30.95
C ALA B 297 0.08 36.18 -32.40
N PRO B 298 -0.65 35.35 -33.16
CA PRO B 298 -1.21 34.05 -32.76
C PRO B 298 -0.15 32.97 -32.70
N ALA B 299 -0.10 32.22 -31.60
CA ALA B 299 0.89 31.18 -31.40
C ALA B 299 0.22 29.93 -30.84
N ILE B 300 0.89 28.80 -31.03
CA ILE B 300 0.40 27.52 -30.54
C ILE B 300 1.41 26.99 -29.53
N ILE B 301 0.95 26.71 -28.31
CA ILE B 301 1.74 26.05 -27.29
C ILE B 301 1.39 24.57 -27.32
N PHE B 302 2.38 23.72 -27.54
CA PHE B 302 2.19 22.28 -27.55
C PHE B 302 3.00 21.65 -26.43
N ILE B 303 2.36 20.81 -25.64
CA ILE B 303 2.98 20.16 -24.50
C ILE B 303 2.82 18.66 -24.70
N ASP B 304 3.79 18.03 -25.34
CA ASP B 304 3.80 16.57 -25.44
C ASP B 304 4.19 15.95 -24.11
N GLU B 305 3.71 14.73 -23.88
CA GLU B 305 3.91 14.04 -22.61
C GLU B 305 3.43 14.90 -21.44
N LEU B 306 2.20 15.41 -21.59
CA LEU B 306 1.62 16.25 -20.54
C LEU B 306 1.48 15.50 -19.23
N ASP B 307 1.29 14.18 -19.30
CA ASP B 307 1.21 13.37 -18.08
C ASP B 307 2.49 13.46 -17.28
N ALA B 308 3.63 13.65 -17.94
CA ALA B 308 4.89 13.84 -17.23
C ALA B 308 4.87 15.11 -16.40
N ILE B 309 4.46 16.23 -17.03
CA ILE B 309 4.31 17.47 -16.29
C ILE B 309 3.15 17.38 -15.32
N ALA B 310 2.00 16.91 -15.80
CA ALA B 310 0.75 16.94 -15.03
C ALA B 310 0.20 15.54 -14.89
N PRO B 311 0.58 14.83 -13.84
CA PRO B 311 -0.02 13.52 -13.54
C PRO B 311 -1.33 13.73 -12.76
N LYS B 312 -1.92 12.61 -12.33
CA LYS B 312 -3.08 12.68 -11.46
C LYS B 312 -2.71 13.36 -10.14
N ARG B 313 -3.63 14.15 -9.61
CA ARG B 313 -3.32 14.95 -8.42
C ARG B 313 -3.04 14.05 -7.22
N GLU B 314 -3.79 12.96 -7.08
CA GLU B 314 -3.54 12.01 -6.01
C GLU B 314 -2.28 11.20 -6.25
N LYS B 315 -1.77 11.17 -7.49
CA LYS B 315 -0.64 10.33 -7.84
C LYS B 315 0.68 11.08 -7.86
N THR B 316 0.66 12.40 -8.05
CA THR B 316 1.89 13.19 -8.12
C THR B 316 2.53 13.23 -6.73
N HIS B 317 3.56 12.39 -6.55
CA HIS B 317 4.18 12.23 -5.24
C HIS B 317 4.97 13.47 -4.83
N GLY B 318 5.82 13.97 -5.73
CA GLY B 318 6.73 15.05 -5.37
C GLY B 318 6.03 16.40 -5.33
N GLU B 319 6.38 17.20 -4.32
CA GLU B 319 5.84 18.55 -4.22
C GLU B 319 6.29 19.41 -5.39
N VAL B 320 7.48 19.16 -5.92
CA VAL B 320 7.96 19.90 -7.09
C VAL B 320 7.03 19.66 -8.28
N GLU B 321 6.60 18.42 -8.47
CA GLU B 321 5.71 18.10 -9.58
C GLU B 321 4.36 18.82 -9.43
N ARG B 322 3.81 18.83 -8.21
CA ARG B 322 2.56 19.56 -7.98
C ARG B 322 2.74 21.05 -8.22
N ARG B 323 3.88 21.60 -7.80
CA ARG B 323 4.15 23.01 -8.03
C ARG B 323 4.23 23.32 -9.52
N ILE B 324 4.84 22.42 -10.29
CA ILE B 324 4.92 22.60 -11.74
C ILE B 324 3.53 22.52 -12.36
N VAL B 325 2.70 21.58 -11.89
CA VAL B 325 1.33 21.46 -12.39
C VAL B 325 0.59 22.77 -12.15
N SER B 326 0.70 23.30 -10.94
CA SER B 326 0.00 24.55 -10.60
C SER B 326 0.54 25.71 -11.41
N GLN B 327 1.85 25.75 -11.64
CA GLN B 327 2.43 26.82 -12.45
C GLN B 327 1.89 26.77 -13.88
N LEU B 328 1.79 25.56 -14.44
CA LEU B 328 1.21 25.41 -15.78
C LEU B 328 -0.25 25.85 -15.79
N LEU B 329 -1.00 25.47 -14.75
CA LEU B 329 -2.40 25.86 -14.67
C LEU B 329 -2.55 27.38 -14.63
N THR B 330 -1.73 28.03 -13.81
CA THR B 330 -1.78 29.49 -13.71
C THR B 330 -1.38 30.16 -15.02
N LEU B 331 -0.35 29.62 -15.69
CA LEU B 331 0.09 30.21 -16.95
C LEU B 331 -0.99 30.08 -18.01
N MET B 332 -1.65 28.92 -18.09
CA MET B 332 -2.71 28.77 -19.08
C MET B 332 -3.95 29.59 -18.72
N ASP B 333 -4.22 29.79 -17.43
CA ASP B 333 -5.31 30.68 -17.04
C ASP B 333 -4.99 32.12 -17.40
N GLY B 334 -3.72 32.52 -17.23
CA GLY B 334 -3.31 33.84 -17.67
C GLY B 334 -3.43 34.02 -19.18
N LEU B 335 -3.15 32.95 -19.92
CA LEU B 335 -3.42 32.98 -21.36
C LEU B 335 -4.91 33.15 -21.62
N LYS B 336 -5.75 32.45 -20.85
CA LYS B 336 -7.19 32.52 -21.04
C LYS B 336 -7.71 33.94 -20.80
N GLN B 337 -7.23 34.60 -19.74
CA GLN B 337 -7.76 35.92 -19.41
C GLN B 337 -7.24 36.99 -20.37
N ARG B 338 -5.95 36.93 -20.73
CA ARG B 338 -5.37 37.94 -21.61
C ARG B 338 -4.26 37.31 -22.44
N ALA B 339 -4.62 36.83 -23.63
CA ALA B 339 -3.68 36.33 -24.63
C ALA B 339 -4.40 35.94 -25.90
N HIS B 340 -3.65 35.45 -26.89
CA HIS B 340 -4.23 34.89 -28.11
C HIS B 340 -3.49 33.62 -28.50
N VAL B 341 -3.23 32.75 -27.52
CA VAL B 341 -2.43 31.55 -27.70
C VAL B 341 -3.32 30.33 -27.48
N ILE B 342 -3.22 29.35 -28.36
CA ILE B 342 -3.94 28.09 -28.25
C ILE B 342 -2.98 27.03 -27.71
N VAL B 343 -3.37 26.38 -26.62
CA VAL B 343 -2.53 25.40 -25.95
C VAL B 343 -2.97 24.01 -26.39
N MET B 344 -2.01 23.22 -26.86
CA MET B 344 -2.23 21.83 -27.23
C MET B 344 -1.40 20.93 -26.33
N ALA B 345 -1.92 19.73 -26.08
CA ALA B 345 -1.24 18.78 -25.20
C ALA B 345 -1.32 17.38 -25.77
N ALA B 346 -0.33 16.56 -25.46
CA ALA B 346 -0.27 15.18 -25.89
C ALA B 346 -0.09 14.28 -24.67
N THR B 347 -0.88 13.21 -24.61
CA THR B 347 -0.78 12.26 -23.52
C THR B 347 -1.26 10.89 -24.01
N ASN B 348 -0.86 9.85 -23.29
CA ASN B 348 -1.29 8.51 -23.64
C ASN B 348 -2.80 8.34 -23.43
N ARG B 349 -3.30 8.72 -22.27
CA ARG B 349 -4.71 8.62 -21.93
C ARG B 349 -5.18 9.94 -21.36
N PRO B 350 -6.45 10.31 -21.60
CA PRO B 350 -6.96 11.56 -21.04
C PRO B 350 -7.02 11.57 -19.52
N ASN B 351 -7.25 10.39 -18.91
CA ASN B 351 -7.31 10.30 -17.45
C ASN B 351 -5.95 10.27 -16.80
N SER B 352 -4.87 10.01 -17.56
CA SER B 352 -3.54 9.99 -16.98
C SER B 352 -3.12 11.38 -16.51
N ILE B 353 -3.65 12.43 -17.12
CA ILE B 353 -3.32 13.79 -16.73
C ILE B 353 -4.21 14.21 -15.57
N ASP B 354 -3.86 15.32 -14.93
CA ASP B 354 -4.63 15.81 -13.79
C ASP B 354 -6.05 16.15 -14.23
N PRO B 355 -7.07 15.74 -13.48
CA PRO B 355 -8.44 16.16 -13.83
C PRO B 355 -8.63 17.66 -13.82
N ALA B 356 -7.85 18.38 -13.01
CA ALA B 356 -7.94 19.84 -13.00
C ALA B 356 -7.48 20.42 -14.33
N LEU B 357 -6.63 19.71 -15.07
CA LEU B 357 -6.23 20.19 -16.39
C LEU B 357 -7.43 20.23 -17.34
N ARG B 358 -8.27 19.20 -17.30
CA ARG B 358 -9.44 19.11 -18.16
C ARG B 358 -10.61 19.96 -17.67
N ARG B 359 -10.37 20.84 -16.70
CA ARG B 359 -11.43 21.73 -16.23
C ARG B 359 -11.86 22.67 -17.35
N PHE B 360 -13.14 23.01 -17.35
CA PHE B 360 -13.68 23.93 -18.34
C PHE B 360 -12.94 25.27 -18.27
N GLY B 361 -12.65 25.82 -19.45
CA GLY B 361 -11.81 27.00 -19.57
C GLY B 361 -10.34 26.69 -19.78
N ARG B 362 -9.86 25.57 -19.25
CA ARG B 362 -8.47 25.19 -19.39
C ARG B 362 -8.27 24.22 -20.56
N PHE B 363 -8.93 23.06 -20.50
CA PHE B 363 -8.93 22.08 -21.59
C PHE B 363 -10.37 21.68 -21.84
N ASP B 364 -11.08 22.49 -22.65
CA ASP B 364 -12.50 22.25 -22.88
C ASP B 364 -12.72 21.08 -23.81
N ARG B 365 -11.95 20.99 -24.89
CA ARG B 365 -12.15 19.98 -25.93
C ARG B 365 -10.95 19.05 -25.97
N GLU B 366 -11.21 17.76 -25.89
CA GLU B 366 -10.19 16.73 -25.97
C GLU B 366 -10.37 15.97 -27.28
N VAL B 367 -9.32 15.92 -28.09
CA VAL B 367 -9.36 15.28 -29.40
C VAL B 367 -8.69 13.92 -29.28
N ASP B 368 -9.44 12.86 -29.58
CA ASP B 368 -8.91 11.50 -29.55
C ASP B 368 -8.21 11.22 -30.86
N ILE B 369 -6.88 11.32 -30.87
CA ILE B 369 -6.11 11.01 -32.06
C ILE B 369 -6.35 9.56 -32.48
N GLY B 370 -6.33 8.65 -31.52
CA GLY B 370 -6.67 7.27 -31.80
C GLY B 370 -5.62 6.56 -32.64
N ILE B 371 -6.08 5.54 -33.34
CA ILE B 371 -5.21 4.68 -34.15
C ILE B 371 -5.64 4.80 -35.61
N PRO B 372 -4.73 4.65 -36.57
CA PRO B 372 -5.13 4.66 -37.98
C PRO B 372 -5.72 3.32 -38.39
N ASP B 373 -6.73 3.39 -39.25
CA ASP B 373 -7.36 2.20 -39.79
C ASP B 373 -6.56 1.70 -41.00
N ALA B 374 -7.13 0.77 -41.75
CA ALA B 374 -6.45 0.27 -42.95
C ALA B 374 -6.22 1.39 -43.95
N THR B 375 -7.24 2.21 -44.19
CA THR B 375 -7.06 3.37 -45.05
C THR B 375 -6.10 4.37 -44.43
N GLY B 376 -6.17 4.55 -43.11
CA GLY B 376 -5.24 5.44 -42.45
C GLY B 376 -3.80 4.94 -42.51
N ARG B 377 -3.60 3.64 -42.30
CA ARG B 377 -2.27 3.06 -42.43
C ARG B 377 -1.77 3.19 -43.85
N LEU B 378 -2.66 3.01 -44.84
CA LEU B 378 -2.28 3.21 -46.24
C LEU B 378 -1.83 4.65 -46.48
N GLU B 379 -2.57 5.62 -45.93
CA GLU B 379 -2.19 7.01 -46.10
C GLU B 379 -0.85 7.31 -45.45
N ILE B 380 -0.61 6.77 -44.25
CA ILE B 380 0.66 6.99 -43.57
C ILE B 380 1.81 6.40 -44.36
N LEU B 381 1.62 5.18 -44.88
CA LEU B 381 2.67 4.54 -45.67
C LEU B 381 2.95 5.34 -46.94
N GLN B 382 1.90 5.83 -47.60
CA GLN B 382 2.08 6.64 -48.79
C GLN B 382 2.83 7.92 -48.46
N ILE B 383 2.54 8.53 -47.31
CA ILE B 383 3.23 9.74 -46.90
C ILE B 383 4.71 9.45 -46.68
N HIS B 384 5.01 8.34 -46.00
CA HIS B 384 6.40 8.02 -45.70
C HIS B 384 7.16 7.51 -46.92
N THR B 385 6.45 7.03 -47.95
CA THR B 385 7.09 6.58 -49.18
C THR B 385 7.03 7.62 -50.28
N LYS B 386 6.64 8.86 -49.96
CA LYS B 386 6.54 9.91 -50.97
C LYS B 386 7.91 10.21 -51.57
N ASN B 387 8.94 10.31 -50.73
CA ASN B 387 10.30 10.58 -51.18
C ASN B 387 11.14 9.32 -51.29
N MET B 388 10.52 8.15 -51.12
CA MET B 388 11.23 6.87 -51.16
C MET B 388 10.99 6.21 -52.51
N LYS B 389 12.09 5.88 -53.21
CA LYS B 389 12.00 5.20 -54.50
C LYS B 389 11.63 3.75 -54.25
N LEU B 390 10.36 3.43 -54.47
CA LEU B 390 9.82 2.10 -54.17
C LEU B 390 9.30 1.46 -55.45
N ALA B 391 9.45 0.14 -55.53
CA ALA B 391 9.10 -0.60 -56.73
C ALA B 391 7.58 -0.70 -56.87
N ASP B 392 7.15 -1.31 -57.98
CA ASP B 392 5.73 -1.47 -58.25
C ASP B 392 5.10 -2.63 -57.50
N ASP B 393 5.90 -3.51 -56.90
CA ASP B 393 5.39 -4.65 -56.16
C ASP B 393 5.09 -4.33 -54.70
N VAL B 394 5.19 -3.05 -54.31
CA VAL B 394 4.98 -2.69 -52.91
C VAL B 394 3.55 -2.96 -52.47
N ASP B 395 2.58 -2.77 -53.37
CA ASP B 395 1.15 -2.97 -53.13
C ASP B 395 0.75 -2.52 -51.72
N LEU B 396 0.96 -1.23 -51.47
CA LEU B 396 0.75 -0.68 -50.14
C LEU B 396 -0.67 -0.89 -49.62
N GLU B 397 -1.63 -1.12 -50.52
CA GLU B 397 -2.96 -1.52 -50.07
C GLU B 397 -2.90 -2.83 -49.29
N GLN B 398 -2.16 -3.82 -49.84
CA GLN B 398 -2.01 -5.10 -49.16
C GLN B 398 -1.25 -4.93 -47.85
N VAL B 399 -0.23 -4.09 -47.83
CA VAL B 399 0.54 -3.87 -46.61
C VAL B 399 -0.34 -3.27 -45.52
N ALA B 400 -1.11 -2.24 -45.89
CA ALA B 400 -1.98 -1.58 -44.92
C ALA B 400 -3.07 -2.51 -44.42
N ASN B 401 -3.66 -3.31 -45.33
CA ASN B 401 -4.66 -4.29 -44.90
C ASN B 401 -4.05 -5.31 -43.96
N GLU B 402 -2.83 -5.75 -44.25
CA GLU B 402 -2.14 -6.66 -43.34
C GLU B 402 -1.70 -5.96 -42.07
N THR B 403 -1.31 -4.70 -42.15
CA THR B 403 -0.75 -4.01 -40.99
C THR B 403 -1.81 -3.84 -39.90
N HIS B 404 -1.54 -4.40 -38.72
CA HIS B 404 -2.41 -4.25 -37.57
C HIS B 404 -1.54 -4.02 -36.34
N GLY B 405 -2.00 -3.14 -35.45
CA GLY B 405 -1.25 -2.81 -34.25
C GLY B 405 -0.16 -1.78 -34.46
N HIS B 406 0.03 -1.28 -35.67
CA HIS B 406 1.02 -0.26 -35.95
C HIS B 406 0.33 1.09 -36.08
N VAL B 407 0.83 2.09 -35.36
CA VAL B 407 0.22 3.41 -35.34
C VAL B 407 1.28 4.45 -35.69
N GLY B 408 1.07 5.15 -36.80
CA GLY B 408 1.87 6.32 -37.11
C GLY B 408 3.36 6.08 -37.17
N ALA B 409 4.05 6.52 -36.13
CA ALA B 409 5.50 6.33 -36.04
C ALA B 409 5.89 4.86 -36.15
N ASP B 410 5.00 3.94 -35.80
CA ASP B 410 5.28 2.52 -36.06
C ASP B 410 5.41 2.27 -37.55
N LEU B 411 4.50 2.82 -38.36
CA LEU B 411 4.62 2.69 -39.80
C LEU B 411 5.82 3.45 -40.34
N ALA B 412 6.17 4.58 -39.72
CA ALA B 412 7.38 5.30 -40.11
C ALA B 412 8.62 4.43 -39.89
N ALA B 413 8.68 3.76 -38.74
CA ALA B 413 9.79 2.85 -38.47
C ALA B 413 9.77 1.66 -39.42
N LEU B 414 8.58 1.21 -39.81
CA LEU B 414 8.47 0.14 -40.79
C LEU B 414 9.09 0.55 -42.12
N CYS B 415 8.72 1.75 -42.60
CA CYS B 415 9.29 2.25 -43.85
C CYS B 415 10.79 2.45 -43.73
N SER B 416 11.25 2.96 -42.59
CA SER B 416 12.68 3.13 -42.38
C SER B 416 13.40 1.79 -42.39
N GLU B 417 12.80 0.77 -41.78
CA GLU B 417 13.41 -0.56 -41.78
C GLU B 417 13.48 -1.14 -43.19
N ALA B 418 12.41 -0.97 -43.97
CA ALA B 418 12.44 -1.45 -45.35
C ALA B 418 13.54 -0.74 -46.15
N ALA B 419 13.63 0.58 -46.01
CA ALA B 419 14.66 1.33 -46.73
C ALA B 419 16.06 0.90 -46.29
N LEU B 420 16.25 0.71 -44.98
CA LEU B 420 17.56 0.31 -44.47
C LEU B 420 17.93 -1.10 -44.94
N GLN B 421 16.95 -2.00 -45.01
CA GLN B 421 17.24 -3.33 -45.53
C GLN B 421 17.62 -3.27 -47.01
N ALA B 422 16.92 -2.44 -47.79
CA ALA B 422 17.28 -2.26 -49.19
C ALA B 422 18.70 -1.72 -49.33
N ILE B 423 19.05 -0.73 -48.50
CA ILE B 423 20.39 -0.15 -48.55
C ILE B 423 21.44 -1.18 -48.14
N ARG B 424 21.16 -1.97 -47.10
CA ARG B 424 22.14 -2.96 -46.67
C ARG B 424 22.27 -4.09 -47.68
N LYS B 425 21.23 -4.33 -48.49
CA LYS B 425 21.33 -5.32 -49.55
C LYS B 425 22.11 -4.78 -50.76
N LYS B 426 21.99 -3.48 -51.05
CA LYS B 426 22.62 -2.92 -52.23
C LYS B 426 24.04 -2.40 -51.94
N MET B 427 24.16 -1.43 -51.04
CA MET B 427 25.44 -0.78 -50.77
C MET B 427 26.45 -1.75 -50.19
N ASP B 428 26.04 -2.56 -49.21
CA ASP B 428 26.99 -3.45 -48.55
C ASP B 428 27.47 -4.58 -49.44
N LEU B 429 26.83 -4.81 -50.59
CA LEU B 429 27.20 -5.92 -51.46
C LEU B 429 27.69 -5.49 -52.84
N ILE B 430 27.48 -4.24 -53.24
CA ILE B 430 27.83 -3.77 -54.58
C ILE B 430 29.09 -2.92 -54.56
N ASP B 431 29.07 -1.80 -53.85
CA ASP B 431 30.16 -0.83 -53.87
C ASP B 431 31.07 -1.09 -52.67
N LEU B 432 32.10 -1.91 -52.87
CA LEU B 432 33.06 -2.19 -51.82
C LEU B 432 34.46 -1.69 -52.14
N GLU B 433 34.99 -2.04 -53.31
CA GLU B 433 36.34 -1.64 -53.69
C GLU B 433 36.40 -0.94 -55.04
N ASP B 434 35.26 -0.80 -55.74
CA ASP B 434 35.28 -0.21 -57.07
C ASP B 434 35.74 1.24 -57.04
N GLU B 435 34.95 2.11 -56.42
CA GLU B 435 35.21 3.54 -56.39
C GLU B 435 34.24 4.18 -55.42
N THR B 436 34.58 5.38 -54.95
CA THR B 436 33.81 6.04 -53.90
C THR B 436 32.37 6.27 -54.35
N ILE B 437 31.45 6.24 -53.40
CA ILE B 437 30.03 6.33 -53.71
C ILE B 437 29.71 7.68 -54.33
N ASP B 438 28.86 7.66 -55.35
CA ASP B 438 28.38 8.85 -56.03
C ASP B 438 26.85 8.84 -56.01
N ALA B 439 26.25 9.86 -56.64
CA ALA B 439 24.80 10.00 -56.61
C ALA B 439 24.11 8.96 -57.50
N GLU B 440 24.79 8.47 -58.53
CA GLU B 440 24.15 7.55 -59.47
C GLU B 440 23.72 6.26 -58.78
N VAL B 441 24.58 5.70 -57.93
CA VAL B 441 24.25 4.44 -57.27
C VAL B 441 23.16 4.64 -56.23
N MET B 442 23.19 5.76 -55.51
CA MET B 442 22.19 5.97 -54.45
C MET B 442 20.82 6.27 -55.03
N ASN B 443 20.74 7.04 -56.12
CA ASN B 443 19.44 7.32 -56.70
C ASN B 443 18.85 6.12 -57.43
N SER B 444 19.67 5.11 -57.72
CA SER B 444 19.18 3.89 -58.36
C SER B 444 18.59 2.91 -57.37
N LEU B 445 18.65 3.19 -56.06
CA LEU B 445 18.12 2.29 -55.06
C LEU B 445 16.60 2.20 -55.17
N ALA B 446 16.08 0.97 -55.08
CA ALA B 446 14.65 0.72 -55.13
C ALA B 446 14.26 -0.19 -53.98
N VAL B 447 13.09 0.08 -53.40
CA VAL B 447 12.56 -0.71 -52.29
C VAL B 447 11.55 -1.70 -52.85
N THR B 448 11.70 -2.97 -52.50
CA THR B 448 10.88 -4.05 -53.03
C THR B 448 9.88 -4.53 -51.99
N MET B 449 9.02 -5.46 -52.41
CA MET B 449 8.03 -6.02 -51.50
C MET B 449 8.67 -6.89 -50.43
N ASP B 450 9.79 -7.56 -50.74
CA ASP B 450 10.43 -8.41 -49.76
C ASP B 450 10.93 -7.61 -48.57
N ASP B 451 11.41 -6.39 -48.82
CA ASP B 451 11.83 -5.52 -47.72
C ASP B 451 10.66 -5.20 -46.80
N PHE B 452 9.50 -4.89 -47.37
CA PHE B 452 8.32 -4.61 -46.55
C PHE B 452 7.87 -5.84 -45.79
N ARG B 453 7.93 -7.01 -46.42
CA ARG B 453 7.56 -8.24 -45.72
C ARG B 453 8.48 -8.51 -44.55
N TRP B 454 9.79 -8.32 -44.75
CA TRP B 454 10.75 -8.51 -43.67
C TRP B 454 10.53 -7.50 -42.54
N ALA B 455 10.22 -6.25 -42.90
CA ALA B 455 9.93 -5.25 -41.88
C ALA B 455 8.68 -5.62 -41.10
N LEU B 456 7.64 -6.10 -41.78
CA LEU B 456 6.43 -6.54 -41.10
C LEU B 456 6.72 -7.68 -40.14
N SER B 457 7.49 -8.67 -40.59
CA SER B 457 7.62 -9.91 -39.84
C SER B 457 8.66 -9.79 -38.72
N GLN B 458 9.91 -9.51 -39.08
CA GLN B 458 11.01 -9.72 -38.15
C GLN B 458 11.34 -8.49 -37.31
N SER B 459 11.22 -7.30 -37.88
CA SER B 459 11.81 -6.10 -37.28
C SER B 459 10.76 -5.02 -37.06
N ASN B 460 9.63 -5.39 -36.46
CA ASN B 460 8.65 -4.37 -36.10
C ASN B 460 7.88 -4.74 -34.84
N PRO B 461 8.09 -4.02 -33.74
CA PRO B 461 7.25 -4.23 -32.55
C PRO B 461 5.96 -3.42 -32.60
N SER B 462 4.82 -4.11 -32.59
CA SER B 462 3.53 -3.44 -32.60
C SER B 462 3.21 -2.96 -31.19
N ALA B 463 3.12 -1.65 -31.02
CA ALA B 463 2.89 -1.05 -29.72
C ALA B 463 1.42 -0.97 -29.34
N LEU B 464 0.52 -1.43 -30.20
CA LEU B 464 -0.92 -1.36 -29.96
C LEU B 464 -1.44 -2.71 -29.50
N ARG B 465 -2.09 -2.71 -28.33
CA ARG B 465 -2.72 -3.91 -27.80
C ARG B 465 -4.12 -3.67 -27.26
N GLU B 466 -4.58 -2.43 -27.17
CA GLU B 466 -5.89 -2.11 -26.61
C GLU B 466 -6.95 -2.23 -27.70
N THR B 467 -8.15 -1.73 -27.40
CA THR B 467 -9.28 -1.87 -28.32
C THR B 467 -9.03 -1.14 -29.62
N VAL B 468 -9.54 -1.70 -30.71
CA VAL B 468 -9.42 -1.10 -32.03
C VAL B 468 -10.62 -0.21 -32.28
N VAL B 469 -10.37 0.99 -32.80
CA VAL B 469 -11.42 1.96 -33.11
C VAL B 469 -11.29 2.27 -34.60
N GLU B 470 -12.08 1.59 -35.42
CA GLU B 470 -12.00 1.78 -36.86
C GLU B 470 -13.30 1.31 -37.49
N VAL B 471 -13.51 1.71 -38.74
CA VAL B 471 -14.64 1.22 -39.51
C VAL B 471 -14.28 -0.15 -40.06
N PRO B 472 -14.99 -1.21 -39.66
CA PRO B 472 -14.64 -2.55 -40.14
C PRO B 472 -14.87 -2.70 -41.63
N GLN B 473 -14.03 -3.53 -42.25
CA GLN B 473 -14.13 -3.78 -43.68
C GLN B 473 -15.20 -4.78 -44.05
N VAL B 474 -15.83 -5.43 -43.06
CA VAL B 474 -16.88 -6.40 -43.35
C VAL B 474 -18.15 -5.68 -43.78
N THR B 475 -18.69 -6.06 -44.92
CA THR B 475 -19.90 -5.47 -45.46
C THR B 475 -21.05 -6.48 -45.42
N TRP B 476 -22.20 -6.06 -45.94
CA TRP B 476 -23.35 -6.94 -45.98
C TRP B 476 -23.10 -8.14 -46.89
N GLU B 477 -22.41 -7.92 -48.01
CA GLU B 477 -22.09 -9.02 -48.91
C GLU B 477 -21.20 -10.07 -48.24
N ASP B 478 -20.45 -9.68 -47.22
CA ASP B 478 -19.62 -10.64 -46.48
C ASP B 478 -20.46 -11.56 -45.59
N ILE B 479 -21.74 -11.29 -45.43
CA ILE B 479 -22.63 -12.10 -44.61
C ILE B 479 -23.63 -12.79 -45.52
N GLY B 480 -23.87 -14.07 -45.25
CA GLY B 480 -24.83 -14.85 -46.00
C GLY B 480 -26.12 -15.04 -45.22
N GLY B 481 -27.24 -14.81 -45.89
CA GLY B 481 -28.53 -15.00 -45.25
C GLY B 481 -28.83 -13.92 -44.24
N LEU B 482 -29.75 -14.25 -43.33
CA LEU B 482 -30.20 -13.33 -42.27
C LEU B 482 -30.72 -12.02 -42.86
N GLU B 483 -31.45 -12.12 -43.96
CA GLU B 483 -31.93 -10.92 -44.64
C GLU B 483 -32.88 -10.12 -43.75
N ASP B 484 -33.79 -10.82 -43.05
CA ASP B 484 -34.69 -10.12 -42.14
C ASP B 484 -33.93 -9.47 -40.99
N VAL B 485 -32.94 -10.19 -40.44
CA VAL B 485 -32.10 -9.63 -39.39
C VAL B 485 -31.31 -8.43 -39.92
N LYS B 486 -30.79 -8.57 -41.15
CA LYS B 486 -30.06 -7.45 -41.77
C LYS B 486 -30.95 -6.22 -41.87
N ARG B 487 -32.18 -6.41 -42.35
CA ARG B 487 -33.09 -5.28 -42.51
C ARG B 487 -33.46 -4.67 -41.16
N GLU B 488 -33.74 -5.50 -40.16
CA GLU B 488 -34.10 -4.97 -38.84
C GLU B 488 -32.94 -4.19 -38.23
N LEU B 489 -31.72 -4.71 -38.34
CA LEU B 489 -30.56 -3.99 -37.82
C LEU B 489 -30.31 -2.71 -38.59
N GLN B 490 -30.51 -2.74 -39.91
CA GLN B 490 -30.38 -1.53 -40.72
C GLN B 490 -31.35 -0.48 -40.25
N GLU B 491 -32.61 -0.86 -40.01
CA GLU B 491 -33.56 0.07 -39.42
C GLU B 491 -33.02 0.63 -38.12
N LEU B 492 -32.82 -0.26 -37.14
CA LEU B 492 -32.52 0.17 -35.77
C LEU B 492 -31.27 1.05 -35.70
N VAL B 493 -30.35 0.91 -36.65
CA VAL B 493 -29.13 1.72 -36.59
C VAL B 493 -29.23 2.94 -37.50
N GLN B 494 -29.45 2.72 -38.80
CA GLN B 494 -29.42 3.83 -39.74
C GLN B 494 -30.55 4.82 -39.48
N TYR B 495 -31.76 4.32 -39.26
CA TYR B 495 -32.91 5.22 -39.19
C TYR B 495 -32.78 6.29 -38.11
N PRO B 496 -32.34 5.98 -36.88
CA PRO B 496 -32.10 7.08 -35.93
C PRO B 496 -31.04 8.07 -36.39
N VAL B 497 -30.03 7.62 -37.14
CA VAL B 497 -28.94 8.50 -37.52
C VAL B 497 -29.09 9.05 -38.94
N GLU B 498 -29.82 8.37 -39.81
CA GLU B 498 -30.02 8.86 -41.18
C GLU B 498 -31.29 9.69 -41.31
N HIS B 499 -32.28 9.46 -40.47
CA HIS B 499 -33.53 10.23 -40.47
C HIS B 499 -33.87 10.65 -39.05
N PRO B 500 -33.06 11.53 -38.45
CA PRO B 500 -33.39 12.02 -37.10
C PRO B 500 -34.70 12.79 -37.06
N ASP B 501 -35.05 13.47 -38.15
CA ASP B 501 -36.28 14.25 -38.18
C ASP B 501 -37.51 13.36 -38.03
N LYS B 502 -37.50 12.19 -38.68
CA LYS B 502 -38.63 11.27 -38.57
C LYS B 502 -38.81 10.77 -37.14
N PHE B 503 -37.71 10.44 -36.47
CA PHE B 503 -37.79 10.00 -35.08
C PHE B 503 -38.24 11.12 -34.17
N LEU B 504 -37.75 12.34 -34.42
CA LEU B 504 -38.15 13.49 -33.60
C LEU B 504 -39.62 13.83 -33.80
N LYS B 505 -40.15 13.60 -35.02
CA LYS B 505 -41.55 13.89 -35.29
C LYS B 505 -42.47 13.06 -34.41
N PHE B 506 -42.16 11.78 -34.27
CA PHE B 506 -42.94 10.90 -33.40
C PHE B 506 -42.45 10.99 -31.97
N GLY B 507 -43.33 10.61 -31.04
CA GLY B 507 -43.01 10.67 -29.63
C GLY B 507 -42.36 9.42 -29.11
N MET B 508 -41.36 8.90 -29.83
CA MET B 508 -40.63 7.73 -29.42
C MET B 508 -39.14 8.01 -29.46
N THR B 509 -38.44 7.72 -28.37
CA THR B 509 -36.99 7.83 -28.34
C THR B 509 -36.38 6.62 -29.05
N PRO B 510 -35.47 6.81 -30.00
CA PRO B 510 -34.87 5.67 -30.69
C PRO B 510 -34.10 4.78 -29.73
N SER B 511 -34.10 3.49 -30.03
CA SER B 511 -33.37 2.54 -29.20
C SER B 511 -31.88 2.65 -29.44
N LYS B 512 -31.10 2.55 -28.36
CA LYS B 512 -29.65 2.69 -28.43
C LYS B 512 -28.92 1.37 -28.20
N GLY B 513 -29.61 0.25 -28.32
CA GLY B 513 -28.98 -1.04 -28.12
C GLY B 513 -29.81 -2.17 -28.65
N VAL B 514 -29.13 -3.25 -29.06
CA VAL B 514 -29.78 -4.46 -29.51
C VAL B 514 -28.94 -5.64 -29.02
N LEU B 515 -29.61 -6.76 -28.77
CA LEU B 515 -28.96 -7.98 -28.31
C LEU B 515 -29.08 -9.06 -29.37
N PHE B 516 -27.96 -9.69 -29.70
CA PHE B 516 -27.93 -10.81 -30.62
C PHE B 516 -27.77 -12.09 -29.84
N TYR B 517 -28.72 -13.02 -29.99
CA TYR B 517 -28.68 -14.29 -29.29
C TYR B 517 -28.97 -15.41 -30.27
N GLY B 518 -28.29 -16.54 -30.08
CA GLY B 518 -28.43 -17.67 -30.96
C GLY B 518 -27.22 -18.58 -30.89
N PRO B 519 -27.21 -19.64 -31.70
CA PRO B 519 -26.08 -20.55 -31.70
C PRO B 519 -24.80 -19.84 -32.11
N PRO B 520 -23.67 -20.18 -31.50
CA PRO B 520 -22.40 -19.58 -31.92
C PRO B 520 -22.06 -19.99 -33.35
N GLY B 521 -21.47 -19.06 -34.09
CA GLY B 521 -21.11 -19.31 -35.46
C GLY B 521 -22.08 -18.78 -36.50
N CYS B 522 -23.10 -18.03 -36.09
CA CYS B 522 -24.08 -17.49 -37.01
C CYS B 522 -23.73 -16.10 -37.52
N GLY B 523 -22.63 -15.52 -37.06
CA GLY B 523 -22.18 -14.26 -37.60
C GLY B 523 -22.68 -13.01 -36.90
N LYS B 524 -22.90 -13.07 -35.59
CA LYS B 524 -23.27 -11.88 -34.86
C LYS B 524 -22.16 -10.83 -34.93
N THR B 525 -20.92 -11.27 -34.80
CA THR B 525 -19.79 -10.35 -34.93
C THR B 525 -19.77 -9.70 -36.31
N LEU B 526 -19.97 -10.50 -37.36
CA LEU B 526 -20.04 -9.91 -38.69
C LEU B 526 -21.25 -9.02 -38.84
N LEU B 527 -22.36 -9.33 -38.18
CA LEU B 527 -23.52 -8.45 -38.25
C LEU B 527 -23.19 -7.08 -37.68
N ALA B 528 -22.52 -7.05 -36.52
CA ALA B 528 -22.11 -5.78 -35.95
C ALA B 528 -21.12 -5.06 -36.86
N LYS B 529 -20.15 -5.79 -37.41
CA LYS B 529 -19.16 -5.16 -38.28
C LYS B 529 -19.82 -4.59 -39.54
N ALA B 530 -20.76 -5.33 -40.12
CA ALA B 530 -21.41 -4.87 -41.35
C ALA B 530 -22.32 -3.69 -41.09
N ILE B 531 -23.02 -3.67 -39.94
CA ILE B 531 -23.85 -2.51 -39.66
C ILE B 531 -23.00 -1.30 -39.33
N ALA B 532 -21.81 -1.50 -38.76
CA ALA B 532 -20.90 -0.38 -38.56
C ALA B 532 -20.36 0.13 -39.90
N ASN B 533 -20.05 -0.79 -40.82
CA ASN B 533 -19.51 -0.39 -42.12
C ASN B 533 -20.55 0.33 -42.96
N GLU B 534 -21.80 -0.14 -42.92
CA GLU B 534 -22.85 0.48 -43.72
C GLU B 534 -23.08 1.93 -43.32
N CYS B 535 -23.05 2.21 -42.01
CA CYS B 535 -23.16 3.56 -41.52
C CYS B 535 -21.83 4.31 -41.55
N GLN B 536 -20.76 3.64 -42.00
CA GLN B 536 -19.41 4.21 -41.96
C GLN B 536 -19.04 4.64 -40.54
N ALA B 537 -19.48 3.85 -39.57
CA ALA B 537 -19.29 4.14 -38.16
C ALA B 537 -18.20 3.25 -37.59
N ASN B 538 -17.39 3.81 -36.69
CA ASN B 538 -16.35 3.03 -36.03
C ASN B 538 -16.98 1.92 -35.20
N ALA B 539 -16.30 0.78 -35.14
CA ALA B 539 -16.76 -0.36 -34.38
C ALA B 539 -15.69 -0.73 -33.34
N ILE B 540 -16.11 -0.82 -32.09
CA ILE B 540 -15.23 -1.24 -31.00
C ILE B 540 -15.79 -2.56 -30.48
N SER B 541 -15.18 -3.66 -30.90
CA SER B 541 -15.66 -5.00 -30.55
C SER B 541 -14.96 -5.45 -29.28
N ILE B 542 -15.71 -5.47 -28.17
CA ILE B 542 -15.21 -5.98 -26.90
C ILE B 542 -15.64 -7.43 -26.82
N LYS B 543 -14.70 -8.33 -27.07
CA LYS B 543 -15.01 -9.76 -27.06
C LYS B 543 -15.10 -10.27 -25.63
N GLY B 544 -15.49 -11.55 -25.51
CA GLY B 544 -15.53 -12.21 -24.23
C GLY B 544 -14.23 -12.23 -23.46
N PRO B 545 -13.07 -12.42 -24.12
CA PRO B 545 -11.80 -12.28 -23.40
C PRO B 545 -11.64 -10.94 -22.70
N GLU B 546 -12.05 -9.83 -23.32
CA GLU B 546 -11.91 -8.54 -22.66
C GLU B 546 -12.83 -8.43 -21.45
N LEU B 547 -14.08 -8.90 -21.58
CA LEU B 547 -15.00 -8.87 -20.46
C LEU B 547 -14.49 -9.71 -19.31
N LEU B 548 -13.98 -10.90 -19.60
CA LEU B 548 -13.46 -11.75 -18.54
C LEU B 548 -12.18 -11.18 -17.95
N THR B 549 -11.37 -10.47 -18.76
CA THR B 549 -10.20 -9.81 -18.22
C THR B 549 -10.58 -8.71 -17.23
N MET B 550 -11.61 -7.93 -17.57
CA MET B 550 -12.06 -6.89 -16.66
C MET B 550 -12.69 -7.50 -15.41
N TRP B 551 -13.40 -8.61 -15.55
CA TRP B 551 -14.04 -9.23 -14.39
C TRP B 551 -13.02 -9.86 -13.46
N PHE B 552 -12.09 -10.65 -14.01
CA PHE B 552 -11.11 -11.33 -13.17
C PHE B 552 -10.15 -10.35 -12.51
N GLY B 553 -9.75 -9.30 -13.24
CA GLY B 553 -8.88 -8.30 -12.69
C GLY B 553 -9.54 -7.36 -11.70
N GLU B 554 -10.84 -7.53 -11.46
CA GLU B 554 -11.60 -6.70 -10.53
C GLU B 554 -11.53 -5.23 -10.91
N SER B 555 -11.34 -4.95 -12.19
CA SER B 555 -11.27 -3.58 -12.71
C SER B 555 -12.47 -3.39 -13.64
N GLU B 556 -13.61 -3.05 -13.05
CA GLU B 556 -14.80 -2.73 -13.83
C GLU B 556 -14.76 -1.32 -14.40
N ALA B 557 -13.87 -0.47 -13.88
CA ALA B 557 -13.78 0.90 -14.35
C ALA B 557 -13.27 1.01 -15.79
N ASN B 558 -12.72 -0.08 -16.35
CA ASN B 558 -12.29 -0.04 -17.74
C ASN B 558 -13.45 0.19 -18.69
N VAL B 559 -14.65 -0.27 -18.31
CA VAL B 559 -15.84 -0.02 -19.11
C VAL B 559 -16.09 1.47 -19.27
N ARG B 560 -15.69 2.26 -18.28
CA ARG B 560 -15.90 3.71 -18.36
C ARG B 560 -15.14 4.30 -19.55
N GLU B 561 -13.84 4.03 -19.65
CA GLU B 561 -13.10 4.58 -20.78
C GLU B 561 -13.40 3.84 -22.07
N ILE B 562 -13.89 2.59 -22.00
CA ILE B 562 -14.37 1.94 -23.22
C ILE B 562 -15.55 2.70 -23.81
N PHE B 563 -16.51 3.05 -22.96
CA PHE B 563 -17.65 3.83 -23.41
C PHE B 563 -17.25 5.24 -23.80
N ASP B 564 -16.24 5.81 -23.13
CA ASP B 564 -15.73 7.12 -23.53
C ASP B 564 -15.13 7.07 -24.93
N LYS B 565 -14.35 6.02 -25.22
CA LYS B 565 -13.80 5.85 -26.57
C LYS B 565 -14.91 5.67 -27.59
N ALA B 566 -15.94 4.89 -27.25
CA ALA B 566 -17.06 4.70 -28.16
C ALA B 566 -17.77 6.02 -28.44
N ARG B 567 -17.99 6.82 -27.39
CA ARG B 567 -18.68 8.09 -27.56
C ARG B 567 -17.84 9.07 -28.37
N GLN B 568 -16.53 9.11 -28.12
CA GLN B 568 -15.65 10.00 -28.86
C GLN B 568 -15.55 9.63 -30.33
N ALA B 569 -15.88 8.38 -30.68
CA ALA B 569 -15.87 7.93 -32.07
C ALA B 569 -17.27 7.96 -32.68
N ALA B 570 -18.11 8.90 -32.26
CA ALA B 570 -19.46 8.99 -32.79
C ALA B 570 -19.44 9.35 -34.26
N PRO B 571 -20.20 8.66 -35.11
CA PRO B 571 -21.08 7.53 -34.79
C PRO B 571 -20.30 6.24 -34.59
N CYS B 572 -20.69 5.44 -33.60
CA CYS B 572 -19.95 4.23 -33.27
C CYS B 572 -20.92 3.10 -32.97
N VAL B 573 -20.50 1.88 -33.29
CA VAL B 573 -21.25 0.67 -32.97
C VAL B 573 -20.44 -0.06 -31.92
N LEU B 574 -20.85 0.06 -30.66
CA LEU B 574 -20.11 -0.52 -29.54
C LEU B 574 -20.53 -1.98 -29.39
N PHE B 575 -19.74 -2.89 -29.97
CA PHE B 575 -20.07 -4.29 -29.98
C PHE B 575 -19.47 -4.98 -28.76
N PHE B 576 -20.28 -5.82 -28.10
CA PHE B 576 -19.86 -6.60 -26.95
C PHE B 576 -20.00 -8.07 -27.31
N ASP B 577 -18.97 -8.63 -27.94
CA ASP B 577 -18.99 -10.03 -28.31
C ASP B 577 -18.91 -10.91 -27.06
N GLU B 578 -19.68 -11.99 -27.08
CA GLU B 578 -19.75 -12.93 -25.96
C GLU B 578 -20.08 -12.21 -24.66
N LEU B 579 -21.23 -11.54 -24.67
CA LEU B 579 -21.67 -10.79 -23.50
C LEU B 579 -21.98 -11.70 -22.32
N ASP B 580 -22.19 -12.99 -22.56
CA ASP B 580 -22.46 -13.96 -21.50
C ASP B 580 -21.19 -14.65 -21.02
N SER B 581 -20.02 -14.17 -21.46
CA SER B 581 -18.76 -14.81 -21.05
C SER B 581 -18.56 -14.75 -19.54
N ILE B 582 -18.88 -13.60 -18.93
CA ILE B 582 -18.75 -13.49 -17.49
C ILE B 582 -19.80 -14.34 -16.79
N ALA B 583 -21.04 -14.32 -17.30
CA ALA B 583 -22.09 -15.17 -16.74
C ALA B 583 -21.79 -16.65 -16.93
N LYS B 584 -20.98 -17.01 -17.93
CA LYS B 584 -20.59 -18.39 -18.15
C LYS B 584 -19.40 -18.81 -17.30
N ALA B 585 -18.46 -17.90 -17.06
CA ALA B 585 -17.34 -18.21 -16.18
C ALA B 585 -17.79 -18.32 -14.73
N ARG B 586 -18.74 -17.47 -14.32
CA ARG B 586 -19.31 -17.54 -12.98
C ARG B 586 -20.45 -18.54 -12.91
N GLY B 587 -20.18 -19.76 -13.37
CA GLY B 587 -21.16 -20.82 -13.38
C GLY B 587 -21.82 -21.00 -14.73
N GLY B 588 -22.46 -22.15 -14.90
CA GLY B 588 -23.12 -22.48 -16.15
C GLY B 588 -24.54 -21.97 -16.22
N ASN B 589 -25.48 -22.87 -16.51
CA ASN B 589 -26.89 -22.49 -16.57
C ASN B 589 -27.38 -21.98 -15.22
N ILE B 590 -27.33 -22.83 -14.20
CA ILE B 590 -27.66 -22.40 -12.84
C ILE B 590 -26.43 -21.90 -12.09
N GLY B 591 -25.27 -22.49 -12.39
CA GLY B 591 -24.02 -22.02 -11.81
C GLY B 591 -23.98 -22.16 -10.30
N ASP B 592 -23.32 -21.19 -9.67
CA ASP B 592 -23.20 -21.16 -8.22
C ASP B 592 -24.52 -20.70 -7.61
N GLY B 593 -24.52 -20.49 -6.29
CA GLY B 593 -25.71 -20.01 -5.62
C GLY B 593 -26.01 -18.55 -5.84
N GLY B 594 -25.10 -17.80 -6.48
CA GLY B 594 -25.30 -16.40 -6.71
C GLY B 594 -26.25 -16.13 -7.86
N GLY B 595 -26.50 -14.83 -8.09
CA GLY B 595 -27.40 -14.40 -9.13
C GLY B 595 -26.71 -14.30 -10.48
N ALA B 596 -27.36 -13.56 -11.38
CA ALA B 596 -26.86 -13.41 -12.74
C ALA B 596 -26.13 -12.09 -12.99
N ALA B 597 -26.28 -11.11 -12.11
CA ALA B 597 -25.62 -9.83 -12.31
C ALA B 597 -24.12 -9.94 -12.05
N ASP B 598 -23.35 -9.18 -12.82
CA ASP B 598 -21.90 -9.20 -12.75
C ASP B 598 -21.37 -7.78 -12.71
N ARG B 599 -20.19 -7.61 -12.11
CA ARG B 599 -19.65 -6.27 -11.90
C ARG B 599 -19.38 -5.56 -13.22
N VAL B 600 -18.79 -6.26 -14.19
CA VAL B 600 -18.52 -5.64 -15.48
C VAL B 600 -19.82 -5.41 -16.25
N ILE B 601 -20.74 -6.38 -16.20
CA ILE B 601 -22.06 -6.18 -16.79
C ILE B 601 -22.77 -5.03 -16.10
N ASN B 602 -22.59 -4.89 -14.79
CA ASN B 602 -23.19 -3.78 -14.07
C ASN B 602 -22.63 -2.44 -14.53
N GLN B 603 -21.31 -2.37 -14.73
CA GLN B 603 -20.71 -1.15 -15.22
C GLN B 603 -21.19 -0.83 -16.64
N ILE B 604 -21.37 -1.88 -17.47
CA ILE B 604 -21.92 -1.67 -18.79
C ILE B 604 -23.33 -1.09 -18.70
N LEU B 605 -24.15 -1.63 -17.79
CA LEU B 605 -25.49 -1.11 -17.60
C LEU B 605 -25.46 0.34 -17.15
N THR B 606 -24.58 0.67 -16.21
CA THR B 606 -24.47 2.04 -15.74
C THR B 606 -24.07 2.98 -16.87
N GLU B 607 -23.09 2.58 -17.68
CA GLU B 607 -22.64 3.41 -18.79
C GLU B 607 -23.74 3.60 -19.83
N MET B 608 -24.46 2.52 -20.15
CA MET B 608 -25.56 2.63 -21.11
C MET B 608 -26.67 3.53 -20.60
N ASP B 609 -26.98 3.44 -19.30
CA ASP B 609 -27.96 4.34 -18.72
C ASP B 609 -27.47 5.78 -18.77
N GLY B 610 -26.16 5.98 -18.60
CA GLY B 610 -25.56 7.30 -18.72
C GLY B 610 -25.25 7.75 -20.13
N MET B 611 -25.50 6.91 -21.12
CA MET B 611 -25.21 7.25 -22.52
C MET B 611 -26.44 7.85 -23.17
N SER B 612 -26.29 9.05 -23.73
CA SER B 612 -27.39 9.68 -24.45
C SER B 612 -27.59 9.00 -25.80
N THR B 613 -28.85 8.78 -26.16
CA THR B 613 -29.16 8.13 -27.44
C THR B 613 -28.73 9.00 -28.61
N LYS B 614 -28.87 10.32 -28.47
CA LYS B 614 -28.49 11.26 -29.52
C LYS B 614 -27.04 11.12 -29.93
N LYS B 615 -26.18 10.67 -29.02
CA LYS B 615 -24.76 10.48 -29.29
C LYS B 615 -24.51 9.45 -30.37
N ASN B 616 -25.57 8.85 -30.92
CA ASN B 616 -25.52 7.88 -32.01
C ASN B 616 -24.39 6.87 -31.82
N VAL B 617 -24.27 6.39 -30.59
CA VAL B 617 -23.38 5.30 -30.23
C VAL B 617 -24.25 4.09 -29.92
N PHE B 618 -24.20 3.08 -30.78
CA PHE B 618 -25.07 1.92 -30.67
C PHE B 618 -24.32 0.78 -30.01
N ILE B 619 -25.01 0.09 -29.09
CA ILE B 619 -24.43 -1.01 -28.33
C ILE B 619 -25.06 -2.29 -28.84
N ILE B 620 -24.22 -3.23 -29.29
CA ILE B 620 -24.67 -4.52 -29.78
C ILE B 620 -24.07 -5.60 -28.91
N GLY B 621 -24.91 -6.48 -28.39
CA GLY B 621 -24.44 -7.57 -27.55
C GLY B 621 -24.71 -8.93 -28.16
N ALA B 622 -23.70 -9.78 -28.16
CA ALA B 622 -23.81 -11.14 -28.68
C ALA B 622 -23.71 -12.12 -27.52
N THR B 623 -24.71 -12.99 -27.40
CA THR B 623 -24.76 -13.98 -26.33
C THR B 623 -25.05 -15.34 -26.93
N ASN B 624 -24.14 -16.30 -26.72
CA ASN B 624 -24.41 -17.68 -27.10
C ASN B 624 -25.29 -18.39 -26.08
N ARG B 625 -25.43 -17.83 -24.88
CA ARG B 625 -26.31 -18.37 -23.84
C ARG B 625 -27.15 -17.22 -23.31
N PRO B 626 -28.20 -16.82 -24.04
CA PRO B 626 -29.03 -15.69 -23.58
C PRO B 626 -29.75 -15.97 -22.27
N ASP B 627 -29.97 -17.24 -21.91
CA ASP B 627 -30.69 -17.55 -20.68
C ASP B 627 -29.85 -17.31 -19.43
N ILE B 628 -28.52 -17.26 -19.56
CA ILE B 628 -27.66 -17.06 -18.40
C ILE B 628 -27.35 -15.60 -18.13
N ILE B 629 -27.63 -14.70 -19.07
CA ILE B 629 -27.37 -13.28 -18.83
C ILE B 629 -28.42 -12.72 -17.87
N ASP B 630 -28.05 -11.65 -17.20
CA ASP B 630 -28.96 -11.02 -16.24
C ASP B 630 -30.09 -10.33 -16.99
N PRO B 631 -31.34 -10.50 -16.56
CA PRO B 631 -32.45 -9.80 -17.21
C PRO B 631 -32.37 -8.29 -17.09
N ALA B 632 -31.57 -7.77 -16.16
CA ALA B 632 -31.45 -6.33 -16.00
C ALA B 632 -30.91 -5.67 -17.26
N ILE B 633 -30.10 -6.40 -18.04
CA ILE B 633 -29.63 -5.85 -19.31
C ILE B 633 -30.70 -5.89 -20.38
N LEU B 634 -31.75 -6.68 -20.18
CA LEU B 634 -32.86 -6.78 -21.12
C LEU B 634 -33.98 -5.79 -20.81
N ARG B 635 -33.81 -4.94 -19.81
CA ARG B 635 -34.82 -3.96 -19.49
C ARG B 635 -34.97 -2.97 -20.66
N PRO B 636 -36.17 -2.47 -20.92
CA PRO B 636 -36.35 -1.51 -22.02
C PRO B 636 -35.49 -0.27 -21.80
N GLY B 637 -34.93 0.23 -22.89
CA GLY B 637 -34.04 1.38 -22.86
C GLY B 637 -32.57 1.04 -22.99
N ARG B 638 -32.19 -0.22 -22.75
CA ARG B 638 -30.79 -0.64 -22.91
C ARG B 638 -30.63 -1.65 -24.03
N LEU B 639 -31.32 -2.78 -23.96
CA LEU B 639 -31.24 -3.84 -24.97
C LEU B 639 -32.63 -4.41 -25.22
N ASP B 640 -33.62 -3.53 -25.37
CA ASP B 640 -35.00 -3.96 -25.48
C ASP B 640 -35.23 -4.83 -26.71
N GLN B 641 -34.45 -4.64 -27.77
CA GLN B 641 -34.57 -5.47 -28.97
C GLN B 641 -33.71 -6.71 -28.81
N LEU B 642 -34.34 -7.88 -28.81
CA LEU B 642 -33.66 -9.17 -28.72
C LEU B 642 -33.76 -9.82 -30.10
N ILE B 643 -32.81 -9.53 -30.97
CA ILE B 643 -32.82 -10.06 -32.31
C ILE B 643 -32.25 -11.48 -32.28
N TYR B 644 -33.06 -12.45 -32.70
CA TYR B 644 -32.63 -13.84 -32.73
C TYR B 644 -31.85 -14.11 -34.01
N ILE B 645 -30.65 -14.66 -33.87
CA ILE B 645 -29.84 -15.03 -35.02
C ILE B 645 -29.98 -16.55 -35.20
N PRO B 646 -30.90 -16.99 -36.06
CA PRO B 646 -31.18 -18.43 -36.14
C PRO B 646 -30.09 -19.19 -36.89
N LEU B 647 -30.10 -20.50 -36.71
CA LEU B 647 -29.20 -21.37 -37.44
C LEU B 647 -29.54 -21.28 -38.93
N PRO B 648 -28.55 -21.06 -39.80
CA PRO B 648 -28.85 -20.82 -41.22
C PRO B 648 -29.55 -22.01 -41.86
N ASP B 649 -30.52 -21.70 -42.71
CA ASP B 649 -31.22 -22.71 -43.49
C ASP B 649 -30.54 -22.88 -44.84
N GLU B 650 -31.21 -23.54 -45.78
CA GLU B 650 -30.59 -23.87 -47.07
C GLU B 650 -30.15 -22.60 -47.81
N LYS B 651 -31.06 -21.63 -47.95
CA LYS B 651 -30.71 -20.41 -48.66
C LYS B 651 -29.63 -19.63 -47.93
N SER B 652 -29.75 -19.53 -46.60
CA SER B 652 -28.75 -18.81 -45.81
C SER B 652 -27.40 -19.50 -45.91
N ARG B 653 -27.37 -20.83 -45.85
CA ARG B 653 -26.11 -21.55 -45.96
C ARG B 653 -25.49 -21.36 -47.35
N VAL B 654 -26.32 -21.37 -48.39
CA VAL B 654 -25.82 -21.13 -49.74
C VAL B 654 -25.20 -19.75 -49.84
N ALA B 655 -25.88 -18.74 -49.28
CA ALA B 655 -25.35 -17.38 -49.32
C ALA B 655 -24.06 -17.27 -48.52
N ILE B 656 -23.98 -17.96 -47.37
CA ILE B 656 -22.77 -17.94 -46.56
C ILE B 656 -21.61 -18.55 -47.35
N LEU B 657 -21.85 -19.68 -48.00
CA LEU B 657 -20.81 -20.31 -48.81
C LEU B 657 -20.37 -19.40 -49.95
N LYS B 658 -21.32 -18.74 -50.60
CA LYS B 658 -20.98 -17.80 -51.67
C LYS B 658 -20.12 -16.66 -51.15
N ALA B 659 -20.47 -16.12 -49.97
CA ALA B 659 -19.68 -15.03 -49.40
C ALA B 659 -18.29 -15.49 -49.02
N ASN B 660 -18.16 -16.68 -48.44
CA ASN B 660 -16.86 -17.15 -47.97
C ASN B 660 -15.94 -17.51 -49.15
N LEU B 661 -16.48 -18.20 -50.15
CA LEU B 661 -15.67 -18.67 -51.26
C LEU B 661 -15.27 -17.57 -52.23
N ARG B 662 -15.78 -16.35 -52.04
CA ARG B 662 -15.40 -15.24 -52.92
C ARG B 662 -13.92 -14.89 -52.79
N LYS B 663 -13.27 -15.27 -51.69
CA LYS B 663 -11.85 -14.97 -51.50
C LYS B 663 -10.97 -16.12 -51.97
N SER B 664 -11.25 -17.33 -51.54
CA SER B 664 -10.46 -18.49 -51.93
C SER B 664 -10.84 -18.93 -53.34
N PRO B 665 -9.90 -19.02 -54.28
CA PRO B 665 -10.23 -19.48 -55.64
C PRO B 665 -10.72 -20.92 -55.60
N VAL B 666 -11.96 -21.12 -56.04
CA VAL B 666 -12.59 -22.44 -56.04
C VAL B 666 -12.98 -22.79 -57.47
N ALA B 667 -12.80 -24.06 -57.83
CA ALA B 667 -13.18 -24.52 -59.15
C ALA B 667 -14.69 -24.47 -59.33
N LYS B 668 -15.12 -24.24 -60.57
CA LYS B 668 -16.55 -24.16 -60.87
C LYS B 668 -17.27 -25.49 -60.69
N ASP B 669 -16.54 -26.60 -60.58
CA ASP B 669 -17.17 -27.89 -60.34
C ASP B 669 -17.82 -27.97 -58.97
N VAL B 670 -17.50 -27.05 -58.06
CA VAL B 670 -18.10 -27.08 -56.73
C VAL B 670 -19.60 -26.83 -56.84
N ASP B 671 -20.36 -27.47 -55.97
CA ASP B 671 -21.83 -27.39 -55.95
C ASP B 671 -22.31 -26.89 -54.59
N LEU B 672 -22.37 -25.56 -54.46
CA LEU B 672 -22.66 -24.94 -53.17
C LEU B 672 -24.04 -25.31 -52.66
N GLU B 673 -25.04 -25.37 -53.56
CA GLU B 673 -26.38 -25.75 -53.13
C GLU B 673 -26.41 -27.16 -52.57
N PHE B 674 -25.75 -28.10 -53.25
CA PHE B 674 -25.66 -29.46 -52.74
C PHE B 674 -24.92 -29.52 -51.41
N LEU B 675 -23.81 -28.78 -51.31
CA LEU B 675 -23.04 -28.76 -50.07
C LEU B 675 -23.89 -28.24 -48.92
N ALA B 676 -24.67 -27.19 -49.17
CA ALA B 676 -25.56 -26.67 -48.14
C ALA B 676 -26.63 -27.69 -47.78
N LYS B 677 -27.15 -28.41 -48.78
CA LYS B 677 -28.21 -29.37 -48.49
C LYS B 677 -27.69 -30.59 -47.72
N MET B 678 -26.41 -30.92 -47.86
CA MET B 678 -25.84 -31.93 -46.95
C MET B 678 -25.69 -31.38 -45.54
N THR B 679 -25.22 -30.15 -45.41
CA THR B 679 -24.97 -29.52 -44.11
C THR B 679 -26.31 -29.11 -43.51
N ASN B 680 -26.90 -30.01 -42.73
CA ASN B 680 -28.16 -29.74 -42.05
C ASN B 680 -27.86 -29.08 -40.71
N GLY B 681 -28.38 -27.87 -40.51
CA GLY B 681 -28.17 -27.16 -39.27
C GLY B 681 -26.73 -26.78 -39.02
N PHE B 682 -26.06 -26.23 -40.02
CA PHE B 682 -24.67 -25.82 -39.90
C PHE B 682 -24.58 -24.30 -39.78
N SER B 683 -23.78 -23.84 -38.83
CA SER B 683 -23.60 -22.40 -38.64
C SER B 683 -22.63 -21.83 -39.67
N GLY B 684 -22.64 -20.50 -39.79
CA GLY B 684 -21.78 -19.86 -40.76
C GLY B 684 -20.31 -20.05 -40.47
N ALA B 685 -19.91 -19.90 -39.21
CA ALA B 685 -18.52 -20.13 -38.86
C ALA B 685 -18.13 -21.59 -38.99
N ASP B 686 -19.10 -22.51 -38.89
CA ASP B 686 -18.80 -23.90 -39.21
C ASP B 686 -18.60 -24.10 -40.71
N LEU B 687 -19.27 -23.31 -41.54
CA LEU B 687 -18.99 -23.36 -42.97
C LEU B 687 -17.62 -22.76 -43.28
N THR B 688 -17.22 -21.72 -42.56
CA THR B 688 -15.87 -21.22 -42.73
C THR B 688 -14.83 -22.23 -42.23
N GLU B 689 -15.17 -23.00 -41.19
CA GLU B 689 -14.30 -24.11 -40.80
C GLU B 689 -14.30 -25.21 -41.86
N ILE B 690 -15.41 -25.38 -42.57
CA ILE B 690 -15.45 -26.28 -43.72
C ILE B 690 -14.44 -25.84 -44.78
N CYS B 691 -14.40 -24.54 -45.08
CA CYS B 691 -13.34 -24.07 -45.97
C CYS B 691 -11.97 -24.25 -45.32
N GLN B 692 -11.86 -24.01 -44.02
CA GLN B 692 -10.57 -24.24 -43.38
C GLN B 692 -10.06 -25.62 -43.72
N ARG B 693 -10.90 -26.63 -43.52
CA ARG B 693 -10.53 -28.01 -43.84
C ARG B 693 -10.22 -28.17 -45.33
N ALA B 694 -11.18 -27.87 -46.19
CA ALA B 694 -11.04 -28.20 -47.62
C ALA B 694 -10.00 -27.32 -48.31
N CYS B 695 -10.09 -26.00 -48.10
CA CYS B 695 -9.11 -25.07 -48.62
C CYS B 695 -7.70 -25.38 -48.11
N LYS B 696 -7.58 -25.83 -46.85
CA LYS B 696 -6.27 -26.23 -46.34
C LYS B 696 -5.79 -27.51 -47.00
N LEU B 697 -6.70 -28.44 -47.28
CA LEU B 697 -6.34 -29.64 -48.01
C LEU B 697 -5.84 -29.28 -49.40
N ALA B 698 -6.47 -28.31 -50.04
CA ALA B 698 -6.01 -27.83 -51.34
C ALA B 698 -4.62 -27.21 -51.24
N ILE B 699 -4.39 -26.41 -50.20
CA ILE B 699 -3.07 -25.81 -49.99
C ILE B 699 -2.01 -26.89 -49.79
N ARG B 700 -2.34 -27.90 -48.98
CA ARG B 700 -1.40 -28.99 -48.73
C ARG B 700 -1.14 -29.78 -50.00
N GLU B 701 -2.17 -30.01 -50.81
CA GLU B 701 -1.99 -30.70 -52.08
C GLU B 701 -1.07 -29.91 -53.01
N SER B 702 -1.26 -28.58 -53.07
CA SER B 702 -0.38 -27.76 -53.88
C SER B 702 1.05 -27.82 -53.39
N ILE B 703 1.24 -27.76 -52.07
CA ILE B 703 2.59 -27.78 -51.51
C ILE B 703 3.27 -29.12 -51.78
N GLU B 704 2.56 -30.23 -51.56
CA GLU B 704 3.14 -31.53 -51.79
C GLU B 704 3.42 -31.76 -53.27
N SER B 705 2.54 -31.27 -54.14
CA SER B 705 2.81 -31.37 -55.58
C SER B 705 4.06 -30.58 -55.94
N GLU B 706 4.22 -29.38 -55.37
CA GLU B 706 5.40 -28.58 -55.65
C GLU B 706 6.67 -29.29 -55.18
N ILE B 707 6.65 -29.87 -53.98
CA ILE B 707 7.86 -30.49 -53.45
C ILE B 707 8.18 -31.77 -54.23
N ARG B 708 7.17 -32.55 -54.60
CA ARG B 708 7.45 -33.77 -55.37
C ARG B 708 7.93 -33.42 -56.78
N ARG B 709 7.39 -32.36 -57.38
CA ARG B 709 7.89 -31.90 -58.66
C ARG B 709 9.33 -31.42 -58.56
N GLU B 710 9.66 -30.74 -57.46
CA GLU B 710 11.05 -30.33 -57.24
C GLU B 710 11.97 -31.54 -57.09
N ARG B 711 11.52 -32.56 -56.38
CA ARG B 711 12.38 -33.71 -56.09
C ARG B 711 12.52 -34.65 -57.28
N GLU B 712 11.52 -34.74 -58.15
CA GLU B 712 11.53 -35.77 -59.18
C GLU B 712 12.60 -35.52 -60.23
N ARG B 713 12.75 -34.28 -60.70
CA ARG B 713 13.66 -34.00 -61.80
C ARG B 713 15.08 -33.69 -61.35
N GLN B 714 15.32 -33.56 -60.05
CA GLN B 714 16.67 -33.27 -59.57
C GLN B 714 17.62 -34.43 -59.81
N THR B 715 17.11 -35.65 -59.99
CA THR B 715 17.97 -36.79 -60.25
C THR B 715 18.54 -36.75 -61.67
N ASN B 716 17.72 -36.38 -62.64
CA ASN B 716 18.15 -36.34 -64.03
C ASN B 716 19.04 -35.12 -64.26
N PRO B 717 20.28 -35.28 -64.71
CA PRO B 717 21.16 -34.13 -64.98
C PRO B 717 20.91 -33.53 -66.36
N SER B 718 19.74 -32.96 -66.55
CA SER B 718 19.33 -32.36 -67.81
C SER B 718 19.46 -30.84 -67.72
N ALA B 719 20.21 -30.25 -68.65
CA ALA B 719 20.40 -28.80 -68.63
C ALA B 719 19.09 -28.07 -68.90
N MET B 720 18.29 -28.56 -69.85
CA MET B 720 17.02 -27.92 -70.23
C MET B 720 15.95 -29.00 -70.20
N GLU B 721 15.28 -29.14 -69.05
CA GLU B 721 14.13 -30.04 -68.91
C GLU B 721 13.22 -29.43 -67.84
N VAL B 722 12.26 -28.63 -68.28
CA VAL B 722 11.34 -27.94 -67.38
C VAL B 722 9.94 -28.14 -67.94
N GLU B 723 9.17 -29.04 -67.33
CA GLU B 723 7.77 -29.23 -67.67
C GLU B 723 6.91 -28.43 -66.69
N GLU B 724 7.01 -27.12 -66.82
CA GLU B 724 6.36 -26.20 -65.89
C GLU B 724 4.85 -26.21 -66.12
N ASP B 725 4.09 -26.51 -65.06
CA ASP B 725 2.64 -26.46 -65.12
C ASP B 725 2.11 -26.38 -63.70
N ASP B 726 1.12 -25.52 -63.49
CA ASP B 726 0.51 -25.38 -62.18
C ASP B 726 -0.28 -26.64 -61.84
N PRO B 727 -0.06 -27.24 -60.66
CA PRO B 727 -0.82 -28.46 -60.30
C PRO B 727 -2.31 -28.18 -60.21
N VAL B 728 -2.69 -27.21 -59.39
CA VAL B 728 -4.07 -26.76 -59.28
C VAL B 728 -4.10 -25.39 -58.62
N PRO B 729 -4.70 -24.37 -59.25
CA PRO B 729 -4.74 -23.04 -58.63
C PRO B 729 -6.02 -22.80 -57.85
N GLU B 730 -6.96 -23.73 -57.93
CA GLU B 730 -8.27 -23.59 -57.30
C GLU B 730 -8.50 -24.76 -56.35
N ILE B 731 -9.72 -24.85 -55.83
CA ILE B 731 -10.14 -25.92 -54.94
C ILE B 731 -11.21 -26.73 -55.64
N ARG B 732 -10.98 -28.02 -55.79
CA ARG B 732 -11.91 -28.91 -56.47
C ARG B 732 -12.92 -29.50 -55.48
N ARG B 733 -13.93 -30.17 -56.01
CA ARG B 733 -14.97 -30.77 -55.18
C ARG B 733 -14.43 -31.91 -54.33
N ASP B 734 -13.30 -32.51 -54.70
CA ASP B 734 -12.73 -33.58 -53.90
C ASP B 734 -12.31 -33.07 -52.52
N HIS B 735 -11.73 -31.87 -52.46
CA HIS B 735 -11.35 -31.29 -51.18
C HIS B 735 -12.57 -31.06 -50.30
N PHE B 736 -13.66 -30.57 -50.89
CA PHE B 736 -14.87 -30.33 -50.12
C PHE B 736 -15.49 -31.64 -49.65
N GLU B 737 -15.44 -32.68 -50.48
CA GLU B 737 -15.93 -33.99 -50.05
C GLU B 737 -15.09 -34.55 -48.90
N GLU B 738 -13.77 -34.37 -48.97
CA GLU B 738 -12.92 -34.79 -47.86
C GLU B 738 -13.24 -34.00 -46.60
N ALA B 739 -13.50 -32.71 -46.73
CA ALA B 739 -13.89 -31.91 -45.58
C ALA B 739 -15.21 -32.40 -44.99
N MET B 740 -16.17 -32.75 -45.85
CA MET B 740 -17.42 -33.33 -45.37
C MET B 740 -17.17 -34.64 -44.63
N ARG B 741 -16.26 -35.47 -45.13
CA ARG B 741 -15.91 -36.70 -44.44
C ARG B 741 -15.21 -36.41 -43.12
N PHE B 742 -14.58 -35.25 -43.01
CA PHE B 742 -13.90 -34.84 -41.77
C PHE B 742 -14.82 -34.01 -40.88
N ALA B 743 -15.29 -32.87 -41.39
CA ALA B 743 -16.18 -32.01 -40.60
C ALA B 743 -17.54 -32.66 -40.43
N ARG B 744 -18.11 -32.50 -39.24
CA ARG B 744 -19.39 -33.13 -38.92
C ARG B 744 -20.39 -32.11 -38.40
N ARG B 745 -21.50 -32.59 -37.84
CA ARG B 745 -22.62 -31.76 -37.40
C ARG B 745 -22.13 -30.55 -36.61
N SER B 746 -22.82 -29.42 -36.82
CA SER B 746 -22.38 -28.15 -36.26
C SER B 746 -22.51 -28.13 -34.75
N VAL B 747 -23.75 -28.20 -34.25
CA VAL B 747 -24.04 -28.09 -32.83
C VAL B 747 -25.11 -29.11 -32.46
N SER B 748 -25.22 -29.36 -31.16
CA SER B 748 -26.23 -30.30 -30.67
C SER B 748 -27.63 -29.75 -30.90
N ASP B 749 -28.56 -30.65 -31.20
CA ASP B 749 -29.95 -30.25 -31.43
C ASP B 749 -30.59 -29.73 -30.14
N ASN B 750 -30.10 -30.17 -28.98
CA ASN B 750 -30.64 -29.68 -27.72
C ASN B 750 -30.40 -28.18 -27.57
N ASP B 751 -29.22 -27.71 -27.99
CA ASP B 751 -28.96 -26.27 -27.96
C ASP B 751 -29.92 -25.51 -28.86
N ILE B 752 -30.20 -26.05 -30.04
CA ILE B 752 -31.14 -25.40 -30.96
C ILE B 752 -32.53 -25.36 -30.37
N ARG B 753 -32.93 -26.44 -29.69
CA ARG B 753 -34.23 -26.45 -29.01
C ARG B 753 -34.26 -25.40 -27.90
N LYS B 754 -33.16 -25.26 -27.16
CA LYS B 754 -33.09 -24.22 -26.13
C LYS B 754 -33.22 -22.83 -26.74
N TYR B 755 -32.56 -22.58 -27.86
CA TYR B 755 -32.65 -21.28 -28.51
C TYR B 755 -34.07 -21.03 -29.01
N GLU B 756 -34.72 -22.06 -29.58
CA GLU B 756 -36.06 -21.88 -30.10
C GLU B 756 -37.07 -21.67 -28.98
N MET B 757 -36.86 -22.30 -27.81
CA MET B 757 -37.77 -22.06 -26.69
C MET B 757 -37.52 -20.71 -26.05
N PHE B 758 -36.27 -20.23 -26.06
CA PHE B 758 -36.00 -18.87 -25.61
C PHE B 758 -36.66 -17.86 -26.54
N ALA B 759 -36.61 -18.10 -27.85
CA ALA B 759 -37.30 -17.24 -28.79
C ALA B 759 -38.80 -17.29 -28.58
N GLN B 760 -39.35 -18.48 -28.32
CA GLN B 760 -40.77 -18.60 -28.04
C GLN B 760 -41.14 -17.89 -26.75
N THR B 761 -40.20 -17.75 -25.82
CA THR B 761 -40.43 -17.08 -24.55
C THR B 761 -39.84 -15.67 -24.54
N LEU B 762 -39.92 -14.97 -25.67
CA LEU B 762 -39.47 -13.58 -25.72
C LEU B 762 -40.29 -12.70 -24.79
N GLN B 763 -41.56 -13.08 -24.56
CA GLN B 763 -42.42 -12.36 -23.62
C GLN B 763 -42.95 -13.32 -22.57
N GLN B 764 -43.85 -12.84 -21.71
CA GLN B 764 -44.43 -13.64 -20.63
C GLN B 764 -43.35 -14.20 -19.71
N SER B 765 -42.34 -13.39 -19.43
CA SER B 765 -41.23 -13.79 -18.58
C SER B 765 -40.92 -12.66 -17.60
N ARG B 766 -40.38 -13.05 -16.45
CA ARG B 766 -40.01 -12.10 -15.39
C ARG B 766 -41.20 -11.25 -14.96
N ASN C 21 35.86 -5.79 -65.98
CA ASN C 21 36.38 -4.54 -65.47
C ASN C 21 37.50 -4.80 -64.47
N ARG C 22 38.65 -5.23 -64.99
CA ARG C 22 39.82 -5.48 -64.15
C ARG C 22 39.52 -6.50 -63.08
N PRO C 23 39.37 -7.78 -63.43
CA PRO C 23 39.17 -8.80 -62.39
C PRO C 23 40.45 -9.09 -61.61
N ASN C 24 41.12 -8.03 -61.17
CA ASN C 24 42.29 -8.09 -60.32
C ASN C 24 42.00 -7.49 -58.95
N ARG C 25 41.48 -6.27 -58.92
CA ARG C 25 40.99 -5.74 -57.67
C ARG C 25 39.96 -6.68 -57.06
N LEU C 26 39.76 -6.57 -55.75
CA LEU C 26 38.79 -7.44 -55.13
C LEU C 26 38.45 -6.93 -53.73
N ILE C 27 37.30 -7.35 -53.25
CA ILE C 27 36.74 -6.82 -52.03
C ILE C 27 37.02 -7.78 -50.89
N VAL C 28 36.84 -7.30 -49.68
CA VAL C 28 37.22 -8.04 -48.49
C VAL C 28 36.03 -8.81 -47.95
N ASP C 29 36.33 -9.78 -47.10
CA ASP C 29 35.32 -10.50 -46.34
C ASP C 29 36.04 -11.21 -45.20
N GLU C 30 35.25 -11.86 -44.35
CA GLU C 30 35.82 -12.55 -43.20
C GLU C 30 36.56 -13.81 -43.65
N ALA C 31 37.08 -14.53 -42.66
CA ALA C 31 37.92 -15.68 -42.91
C ALA C 31 37.58 -16.81 -41.94
N ILE C 32 37.97 -18.01 -42.33
CA ILE C 32 37.77 -19.20 -41.51
C ILE C 32 39.09 -19.74 -40.98
N ASN C 33 40.05 -19.99 -41.86
CA ASN C 33 41.34 -20.48 -41.43
C ASN C 33 41.90 -19.60 -40.32
N GLU C 34 42.51 -20.25 -39.34
CA GLU C 34 43.10 -19.55 -38.21
C GLU C 34 44.57 -19.22 -38.44
N ASP C 35 45.20 -19.91 -39.39
CA ASP C 35 46.58 -19.61 -39.73
C ASP C 35 46.71 -18.17 -40.23
N ASN C 36 47.89 -17.61 -40.02
CA ASN C 36 48.17 -16.25 -40.39
C ASN C 36 48.77 -16.19 -41.79
N SER C 37 48.62 -15.03 -42.42
CA SER C 37 49.08 -14.83 -43.80
C SER C 37 48.57 -15.93 -44.71
N VAL C 38 47.28 -16.24 -44.58
CA VAL C 38 46.65 -17.26 -45.40
C VAL C 38 45.28 -16.75 -45.85
N VAL C 39 44.85 -17.24 -47.00
CA VAL C 39 43.67 -16.74 -47.67
C VAL C 39 42.96 -17.91 -48.35
N SER C 40 41.85 -17.59 -49.01
CA SER C 40 41.13 -18.56 -49.80
C SER C 40 40.22 -17.81 -50.75
N LEU C 41 40.04 -18.34 -51.95
CA LEU C 41 39.26 -17.68 -52.98
C LEU C 41 38.35 -18.70 -53.64
N SER C 42 37.32 -18.18 -54.29
CA SER C 42 36.40 -19.05 -55.02
C SER C 42 37.16 -19.86 -56.05
N GLN C 43 36.57 -20.98 -56.45
CA GLN C 43 37.20 -21.94 -57.35
C GLN C 43 37.36 -21.43 -58.78
N PRO C 44 36.44 -20.60 -59.31
CA PRO C 44 36.53 -20.28 -60.73
C PRO C 44 37.62 -19.27 -60.99
N LYS C 45 37.85 -18.37 -60.05
CA LYS C 45 38.86 -17.32 -60.21
C LYS C 45 40.23 -17.78 -59.75
N MET C 46 40.63 -18.95 -60.25
CA MET C 46 41.98 -19.45 -60.11
C MET C 46 42.74 -19.46 -61.42
N ASP C 47 42.02 -19.52 -62.53
CA ASP C 47 42.61 -19.36 -63.86
C ASP C 47 42.49 -17.92 -64.33
N GLU C 48 41.46 -17.21 -63.87
CA GLU C 48 41.32 -15.80 -64.20
C GLU C 48 42.59 -15.05 -63.82
N LEU C 49 43.10 -15.32 -62.63
CA LEU C 49 44.43 -14.87 -62.24
C LEU C 49 45.50 -15.91 -62.52
N GLN C 50 45.10 -17.16 -62.76
CA GLN C 50 46.01 -18.19 -63.24
C GLN C 50 47.14 -18.42 -62.25
N LEU C 51 46.79 -18.90 -61.06
CA LEU C 51 47.76 -19.19 -60.03
C LEU C 51 47.08 -20.02 -58.96
N PHE C 52 47.86 -20.91 -58.35
CA PHE C 52 47.33 -21.92 -57.44
C PHE C 52 47.75 -21.65 -56.00
N ARG C 53 47.26 -22.50 -55.11
CA ARG C 53 47.40 -22.24 -53.68
C ARG C 53 48.86 -22.03 -53.29
N GLY C 54 49.73 -22.96 -53.65
CA GLY C 54 51.13 -22.82 -53.33
C GLY C 54 51.74 -21.54 -53.85
N ASP C 55 51.15 -20.95 -54.89
CA ASP C 55 51.65 -19.69 -55.41
C ASP C 55 51.59 -18.64 -54.32
N THR C 56 52.75 -18.14 -53.93
CA THR C 56 52.83 -17.03 -52.98
C THR C 56 52.47 -15.75 -53.71
N VAL C 57 51.51 -15.02 -53.18
CA VAL C 57 50.92 -13.89 -53.88
C VAL C 57 50.97 -12.66 -53.00
N LEU C 58 51.26 -11.52 -53.61
CA LEU C 58 51.31 -10.25 -52.92
C LEU C 58 49.98 -9.52 -53.09
N LEU C 59 49.61 -8.78 -52.06
CA LEU C 59 48.38 -8.03 -52.03
C LEU C 59 48.68 -6.61 -51.60
N LYS C 60 47.97 -5.67 -52.21
CA LYS C 60 48.19 -4.25 -52.01
C LYS C 60 47.27 -3.71 -50.93
N GLY C 61 47.64 -2.56 -50.39
CA GLY C 61 46.85 -1.93 -49.36
C GLY C 61 47.34 -0.52 -49.08
N LYS C 62 46.46 0.24 -48.44
CA LYS C 62 46.63 1.67 -48.29
C LYS C 62 47.86 2.03 -47.49
N LYS C 63 48.11 3.32 -47.33
CA LYS C 63 49.37 3.84 -46.81
C LYS C 63 50.57 3.25 -47.55
N ARG C 64 50.34 2.74 -48.75
CA ARG C 64 51.40 2.14 -49.56
C ARG C 64 52.08 1.00 -48.80
N ARG C 65 51.30 -0.04 -48.55
CA ARG C 65 51.86 -1.25 -47.98
C ARG C 65 51.29 -2.46 -48.71
N GLU C 66 52.17 -3.40 -49.02
CA GLU C 66 51.77 -4.61 -49.70
C GLU C 66 52.42 -5.79 -48.99
N ALA C 67 51.61 -6.82 -48.75
CA ALA C 67 52.04 -7.97 -47.98
C ALA C 67 51.83 -9.24 -48.80
N VAL C 68 52.79 -10.14 -48.70
CA VAL C 68 52.73 -11.40 -49.43
C VAL C 68 52.21 -12.48 -48.50
N CYS C 69 51.46 -13.41 -49.07
CA CYS C 69 50.88 -14.49 -48.30
C CYS C 69 50.70 -15.70 -49.19
N ILE C 70 50.44 -16.83 -48.55
CA ILE C 70 50.08 -18.06 -49.25
C ILE C 70 48.69 -17.85 -49.82
N VAL C 71 48.27 -18.77 -50.69
CA VAL C 71 46.98 -18.67 -51.36
C VAL C 71 46.28 -20.02 -51.29
N LEU C 72 44.97 -19.99 -51.52
CA LEU C 72 44.17 -21.20 -51.60
C LEU C 72 42.91 -20.89 -52.38
N SER C 73 42.29 -21.97 -52.87
CA SER C 73 41.03 -21.89 -53.59
C SER C 73 39.95 -22.59 -52.78
N ASP C 74 38.93 -21.83 -52.37
CA ASP C 74 37.79 -22.36 -51.64
C ASP C 74 36.53 -22.16 -52.48
N ASP C 75 35.39 -22.38 -51.85
CA ASP C 75 34.09 -22.29 -52.51
C ASP C 75 33.18 -21.23 -51.89
N THR C 76 33.10 -21.19 -50.56
CA THR C 76 32.09 -20.36 -49.92
C THR C 76 32.20 -18.90 -50.34
N CYS C 77 33.41 -18.36 -50.31
CA CYS C 77 33.59 -16.95 -50.62
C CYS C 77 33.24 -16.70 -52.08
N SER C 78 32.52 -15.61 -52.32
CA SER C 78 32.12 -15.29 -53.68
C SER C 78 33.32 -14.87 -54.52
N ASP C 79 33.12 -14.92 -55.84
CA ASP C 79 34.18 -14.55 -56.76
C ASP C 79 34.72 -13.17 -56.47
N GLU C 80 33.87 -12.27 -55.98
CA GLU C 80 34.26 -10.89 -55.79
C GLU C 80 34.86 -10.61 -54.41
N LYS C 81 35.13 -11.64 -53.62
CA LYS C 81 35.42 -11.43 -52.21
C LYS C 81 36.54 -12.34 -51.74
N ILE C 82 37.36 -11.80 -50.84
CA ILE C 82 38.53 -12.49 -50.33
C ILE C 82 38.27 -12.78 -48.85
N ARG C 83 39.07 -13.68 -48.31
CA ARG C 83 39.01 -14.03 -46.90
C ARG C 83 40.37 -13.83 -46.26
N MET C 84 40.39 -13.21 -45.08
CA MET C 84 41.61 -13.03 -44.34
C MET C 84 41.26 -12.65 -42.90
N ASN C 85 42.29 -12.47 -42.09
CA ASN C 85 42.14 -12.28 -40.66
C ASN C 85 42.79 -10.97 -40.21
N ARG C 86 42.50 -10.61 -38.96
CA ARG C 86 42.99 -9.34 -38.44
C ARG C 86 44.50 -9.27 -38.46
N VAL C 87 45.17 -10.40 -38.29
CA VAL C 87 46.62 -10.40 -38.19
C VAL C 87 47.23 -9.71 -39.40
N VAL C 88 46.63 -9.93 -40.55
CA VAL C 88 47.15 -9.40 -41.80
C VAL C 88 46.53 -8.06 -42.14
N ARG C 89 45.24 -7.92 -41.88
CA ARG C 89 44.56 -6.68 -42.21
C ARG C 89 45.10 -5.51 -41.41
N ASN C 90 45.54 -5.76 -40.17
CA ASN C 90 46.13 -4.70 -39.37
C ASN C 90 47.36 -4.14 -40.06
N ASN C 91 48.37 -4.98 -40.31
CA ASN C 91 49.56 -4.50 -40.99
C ASN C 91 49.21 -3.92 -42.34
N LEU C 92 48.16 -4.44 -42.98
CA LEU C 92 47.71 -3.90 -44.25
C LEU C 92 46.95 -2.60 -44.08
N ARG C 93 46.52 -2.26 -42.87
CA ARG C 93 45.86 -1.00 -42.61
C ARG C 93 44.56 -0.91 -43.39
N VAL C 94 43.89 -2.05 -43.55
CA VAL C 94 42.69 -2.15 -44.36
C VAL C 94 41.57 -2.76 -43.53
N ARG C 95 40.35 -2.36 -43.84
CA ARG C 95 39.15 -2.84 -43.18
C ARG C 95 38.22 -3.47 -44.21
N LEU C 96 37.13 -4.02 -43.70
CA LEU C 96 36.17 -4.71 -44.54
C LEU C 96 35.49 -3.73 -45.48
N GLY C 97 34.98 -4.26 -46.58
CA GLY C 97 34.32 -3.44 -47.57
C GLY C 97 35.31 -2.79 -48.52
N ASP C 98 36.52 -2.54 -48.01
CA ASP C 98 37.58 -1.98 -48.83
C ASP C 98 37.93 -2.94 -49.96
N VAL C 99 38.79 -2.50 -50.87
CA VAL C 99 39.13 -3.29 -52.05
C VAL C 99 40.62 -3.20 -52.29
N ILE C 100 41.19 -4.27 -52.83
CA ILE C 100 42.63 -4.40 -53.03
C ILE C 100 42.91 -5.08 -54.35
N SER C 101 44.15 -4.94 -54.80
CA SER C 101 44.65 -5.64 -55.96
C SER C 101 45.31 -6.94 -55.52
N ILE C 102 46.05 -7.57 -56.43
CA ILE C 102 46.68 -8.85 -56.18
C ILE C 102 47.63 -9.14 -57.33
N GLN C 103 48.75 -9.81 -57.00
CA GLN C 103 49.66 -10.24 -58.04
C GLN C 103 50.48 -11.46 -57.59
N PRO C 104 50.57 -12.50 -58.41
CA PRO C 104 51.41 -13.64 -58.04
C PRO C 104 52.87 -13.24 -57.99
N CYS C 105 53.60 -13.88 -57.08
CA CYS C 105 55.03 -13.65 -56.90
C CYS C 105 55.76 -14.99 -56.80
N PRO C 106 55.76 -15.77 -57.88
CA PRO C 106 56.60 -16.99 -57.90
C PRO C 106 58.07 -16.71 -57.71
N ASP C 107 58.50 -15.46 -57.86
CA ASP C 107 59.87 -15.04 -57.64
C ASP C 107 60.27 -15.05 -56.19
N VAL C 108 59.39 -15.48 -55.29
CA VAL C 108 59.73 -15.48 -53.89
C VAL C 108 60.96 -16.35 -53.66
N LYS C 109 61.61 -16.13 -52.53
CA LYS C 109 62.89 -16.72 -52.21
C LYS C 109 62.79 -17.55 -50.93
N TYR C 110 63.60 -18.60 -50.87
CA TYR C 110 63.85 -19.30 -49.61
C TYR C 110 64.72 -18.43 -48.74
N GLY C 111 64.10 -17.62 -47.90
CA GLY C 111 64.82 -16.61 -47.17
C GLY C 111 65.75 -17.20 -46.14
N LYS C 112 66.87 -16.51 -45.93
CA LYS C 112 67.78 -16.83 -44.85
C LYS C 112 67.41 -16.02 -43.62
N ARG C 113 68.31 -15.98 -42.64
CA ARG C 113 68.06 -15.26 -41.41
C ARG C 113 67.38 -13.93 -41.66
N ILE C 114 66.22 -13.74 -41.06
CA ILE C 114 65.40 -12.55 -41.25
C ILE C 114 65.02 -12.07 -39.86
N HIS C 115 65.60 -10.94 -39.45
CA HIS C 115 65.61 -10.58 -38.04
C HIS C 115 64.22 -10.18 -37.57
N VAL C 116 63.90 -10.57 -36.34
CA VAL C 116 62.61 -10.28 -35.73
C VAL C 116 62.81 -9.72 -34.33
N LEU C 117 61.71 -9.32 -33.71
CA LEU C 117 61.76 -8.81 -32.35
C LEU C 117 60.34 -8.65 -31.80
N PRO C 118 60.09 -8.96 -30.52
CA PRO C 118 58.74 -8.83 -29.99
C PRO C 118 58.37 -7.35 -29.87
N ILE C 119 57.21 -6.99 -30.40
CA ILE C 119 56.81 -5.59 -30.42
C ILE C 119 55.53 -5.40 -29.63
N ASP C 120 55.66 -5.22 -28.32
CA ASP C 120 54.51 -4.97 -27.46
C ASP C 120 55.00 -4.88 -26.03
N ASP C 121 54.07 -4.57 -25.14
CA ASP C 121 54.25 -4.80 -23.72
C ASP C 121 53.80 -6.19 -23.30
N THR C 122 53.25 -6.98 -24.23
CA THR C 122 52.89 -8.36 -23.92
C THR C 122 54.01 -9.07 -23.19
N VAL C 123 55.25 -8.71 -23.50
CA VAL C 123 56.40 -9.28 -22.83
C VAL C 123 56.43 -8.93 -21.36
N GLU C 124 55.60 -8.00 -20.93
CA GLU C 124 55.58 -7.59 -19.54
C GLU C 124 55.32 -8.77 -18.63
N GLY C 125 56.19 -8.97 -17.66
CA GLY C 125 56.02 -10.04 -16.69
C GLY C 125 56.17 -11.42 -17.29
N ILE C 126 57.26 -11.66 -18.01
CA ILE C 126 57.50 -12.94 -18.65
C ILE C 126 58.96 -13.32 -18.47
N THR C 127 59.24 -14.61 -18.68
CA THR C 127 60.58 -15.16 -18.51
C THR C 127 60.74 -16.31 -19.49
N GLY C 128 61.75 -17.15 -19.28
CA GLY C 128 61.97 -18.31 -20.11
C GLY C 128 62.42 -17.98 -21.51
N ASN C 129 63.07 -18.93 -22.19
CA ASN C 129 63.51 -18.72 -23.56
C ASN C 129 62.31 -18.85 -24.50
N LEU C 130 61.52 -17.80 -24.51
CA LEU C 130 60.35 -17.74 -25.39
C LEU C 130 60.69 -18.07 -26.82
N PHE C 131 61.88 -17.68 -27.28
CA PHE C 131 62.23 -17.83 -28.69
C PHE C 131 61.81 -19.20 -29.19
N GLU C 132 62.45 -20.24 -28.65
CA GLU C 132 62.25 -21.59 -29.13
C GLU C 132 60.79 -21.98 -29.03
N VAL C 133 60.33 -22.06 -27.78
CA VAL C 133 59.02 -22.60 -27.45
C VAL C 133 57.94 -21.96 -28.30
N TYR C 134 58.01 -20.64 -28.49
CA TYR C 134 56.92 -19.94 -29.15
C TYR C 134 57.04 -19.98 -30.65
N LEU C 135 58.25 -19.89 -31.20
CA LEU C 135 58.43 -19.69 -32.63
C LEU C 135 58.66 -21.00 -33.35
N LYS C 136 59.66 -21.76 -32.93
CA LYS C 136 60.06 -22.94 -33.69
C LYS C 136 58.88 -23.81 -34.11
N PRO C 137 57.93 -24.12 -33.23
CA PRO C 137 56.81 -24.96 -33.66
C PRO C 137 55.93 -24.29 -34.68
N TYR C 138 55.83 -22.96 -34.64
CA TYR C 138 55.06 -22.25 -35.66
C TYR C 138 55.84 -22.19 -36.96
N PHE C 139 57.11 -21.80 -36.89
CA PHE C 139 57.96 -21.82 -38.07
C PHE C 139 58.33 -23.22 -38.50
N LEU C 140 57.83 -24.23 -37.79
CA LEU C 140 58.11 -25.61 -38.13
C LEU C 140 57.53 -25.95 -39.49
N GLU C 141 58.40 -26.32 -40.43
CA GLU C 141 57.99 -26.85 -41.74
C GLU C 141 56.90 -25.99 -42.37
N ALA C 142 56.85 -24.71 -42.00
CA ALA C 142 55.79 -23.84 -42.46
C ALA C 142 56.05 -23.27 -43.85
N TYR C 143 57.27 -22.80 -44.10
CA TYR C 143 57.56 -22.01 -45.29
C TYR C 143 56.60 -20.83 -45.35
N ARG C 144 56.21 -20.35 -44.17
CA ARG C 144 55.40 -19.17 -44.01
C ARG C 144 56.09 -18.00 -44.72
N PRO C 145 55.59 -17.54 -45.85
CA PRO C 145 56.21 -16.40 -46.51
C PRO C 145 56.17 -15.18 -45.61
N ILE C 146 57.24 -14.41 -45.65
CA ILE C 146 57.38 -13.23 -44.80
C ILE C 146 57.85 -12.08 -45.64
N ARG C 147 57.37 -10.89 -45.30
CA ARG C 147 57.90 -9.65 -45.81
C ARG C 147 58.21 -8.74 -44.64
N LYS C 148 59.23 -7.91 -44.81
CA LYS C 148 59.59 -6.97 -43.76
C LYS C 148 58.37 -6.20 -43.28
N GLY C 149 58.36 -5.86 -42.00
CA GLY C 149 57.27 -5.12 -41.42
C GLY C 149 56.12 -5.97 -40.92
N ASP C 150 56.17 -7.28 -41.13
CA ASP C 150 55.11 -8.15 -40.66
C ASP C 150 54.95 -8.02 -39.15
N ILE C 151 53.74 -8.29 -38.69
CA ILE C 151 53.41 -8.22 -37.27
C ILE C 151 52.83 -9.54 -36.80
N PHE C 152 53.30 -10.64 -37.39
CA PHE C 152 52.76 -11.96 -37.12
C PHE C 152 52.68 -12.22 -35.64
N LEU C 153 51.90 -13.22 -35.24
CA LEU C 153 51.55 -13.44 -33.86
C LEU C 153 51.55 -14.92 -33.54
N VAL C 154 51.76 -15.23 -32.26
CA VAL C 154 51.74 -16.60 -31.77
C VAL C 154 51.27 -16.58 -30.33
N ARG C 155 50.65 -17.67 -29.90
CA ARG C 155 50.02 -17.73 -28.58
C ARG C 155 50.37 -19.03 -27.88
N GLY C 156 50.44 -18.96 -26.56
CA GLY C 156 50.71 -20.12 -25.74
C GLY C 156 50.80 -19.69 -24.29
N GLY C 157 50.74 -20.69 -23.41
CA GLY C 157 50.85 -20.45 -21.99
C GLY C 157 49.89 -19.39 -21.49
N MET C 158 48.61 -19.55 -21.81
CA MET C 158 47.58 -18.62 -21.36
C MET C 158 47.90 -17.19 -21.73
N ARG C 159 48.75 -16.99 -22.72
CA ARG C 159 49.12 -15.67 -23.16
C ARG C 159 49.21 -15.66 -24.67
N ALA C 160 49.32 -14.47 -25.24
CA ALA C 160 49.46 -14.32 -26.68
C ALA C 160 50.36 -13.13 -26.94
N VAL C 161 51.33 -13.30 -27.85
CA VAL C 161 52.33 -12.28 -28.09
C VAL C 161 52.69 -12.31 -29.56
N GLU C 162 53.20 -11.18 -30.05
CA GLU C 162 53.51 -11.01 -31.46
C GLU C 162 54.95 -10.52 -31.61
N PHE C 163 55.45 -10.61 -32.82
CA PHE C 163 56.78 -10.13 -33.14
C PHE C 163 56.75 -9.48 -34.51
N LYS C 164 57.57 -8.45 -34.67
CA LYS C 164 57.76 -7.79 -35.95
C LYS C 164 59.05 -8.29 -36.59
N VAL C 165 58.99 -8.55 -37.89
CA VAL C 165 60.18 -8.82 -38.67
C VAL C 165 60.86 -7.50 -39.00
N VAL C 166 61.95 -7.21 -38.29
CA VAL C 166 62.64 -5.94 -38.48
C VAL C 166 63.56 -6.00 -39.69
N GLU C 167 64.04 -7.19 -40.04
CA GLU C 167 65.02 -7.34 -41.10
C GLU C 167 64.73 -8.61 -41.90
N THR C 168 64.95 -8.50 -43.21
CA THR C 168 64.88 -9.65 -44.11
C THR C 168 66.20 -9.68 -44.86
N ASP C 169 67.10 -10.58 -44.46
CA ASP C 169 68.42 -10.69 -45.07
C ASP C 169 68.30 -10.61 -46.58
N PRO C 170 67.46 -11.41 -47.23
CA PRO C 170 66.95 -11.02 -48.54
C PRO C 170 65.63 -10.27 -48.37
N SER C 171 65.44 -9.28 -49.22
CA SER C 171 64.32 -8.37 -49.09
C SER C 171 63.52 -8.29 -50.38
N PRO C 172 62.27 -7.83 -50.31
CA PRO C 172 61.61 -7.42 -49.07
C PRO C 172 60.91 -8.59 -48.40
N TYR C 173 60.64 -9.62 -49.19
CA TYR C 173 59.90 -10.77 -48.72
C TYR C 173 60.60 -12.05 -49.13
N CYS C 174 60.41 -13.09 -48.31
CA CYS C 174 61.09 -14.36 -48.54
C CYS C 174 60.26 -15.47 -47.91
N ILE C 175 60.74 -16.67 -48.08
CA ILE C 175 60.16 -17.85 -47.45
C ILE C 175 61.05 -18.27 -46.29
N VAL C 176 60.43 -18.88 -45.30
CA VAL C 176 61.15 -19.48 -44.19
C VAL C 176 61.50 -20.91 -44.56
N ALA C 177 62.63 -21.37 -44.05
CA ALA C 177 63.05 -22.75 -44.25
C ALA C 177 63.44 -23.35 -42.91
N PRO C 178 63.16 -24.64 -42.70
CA PRO C 178 63.59 -25.27 -41.44
C PRO C 178 65.09 -25.19 -41.23
N ASP C 179 65.86 -24.91 -42.28
CA ASP C 179 67.30 -24.80 -42.15
C ASP C 179 67.73 -23.40 -41.75
N THR C 180 66.97 -22.39 -42.13
CA THR C 180 67.36 -21.02 -41.86
C THR C 180 67.65 -20.82 -40.38
N VAL C 181 68.57 -19.92 -40.09
CA VAL C 181 69.01 -19.65 -38.74
C VAL C 181 68.15 -18.56 -38.13
N ILE C 182 68.17 -18.49 -36.80
CA ILE C 182 67.52 -17.42 -36.05
C ILE C 182 68.50 -16.97 -34.98
N HIS C 183 69.25 -15.90 -35.25
CA HIS C 183 69.91 -15.14 -34.20
C HIS C 183 68.92 -14.09 -33.73
N CYS C 184 68.09 -14.47 -32.78
CA CYS C 184 66.97 -13.65 -32.31
C CYS C 184 67.38 -12.99 -31.00
N GLU C 185 67.54 -11.67 -31.02
CA GLU C 185 67.97 -10.92 -29.86
C GLU C 185 67.23 -9.59 -29.83
N GLY C 186 67.64 -8.73 -28.91
CA GLY C 186 67.01 -7.43 -28.73
C GLY C 186 66.03 -7.44 -27.58
N GLU C 187 65.41 -6.28 -27.37
CA GLU C 187 64.43 -6.06 -26.33
C GLU C 187 63.10 -5.64 -26.94
N PRO C 188 62.01 -5.74 -26.19
CA PRO C 188 60.70 -5.39 -26.76
C PRO C 188 60.63 -3.93 -27.17
N ILE C 189 60.22 -3.71 -28.41
CA ILE C 189 60.11 -2.35 -28.94
C ILE C 189 58.64 -2.00 -29.04
N LYS C 190 58.37 -0.74 -29.39
CA LYS C 190 57.08 -0.13 -29.14
C LYS C 190 56.21 -0.14 -30.39
N ARG C 191 54.92 -0.29 -30.16
CA ARG C 191 53.94 -0.25 -31.25
C ARG C 191 53.80 1.19 -31.72
N GLU C 192 54.25 1.46 -32.94
CA GLU C 192 54.02 2.78 -33.52
C GLU C 192 52.55 3.13 -33.43
N ASP C 193 52.25 4.43 -33.46
CA ASP C 193 50.86 4.89 -33.43
C ASP C 193 50.16 4.68 -32.09
N GLU C 194 48.87 4.40 -32.12
CA GLU C 194 48.11 4.25 -30.88
C GLU C 194 48.70 3.20 -29.94
N GLU C 195 49.23 2.12 -30.51
CA GLU C 195 49.78 1.04 -29.70
C GLU C 195 48.72 0.54 -28.74
N GLU C 196 47.48 0.47 -29.20
CA GLU C 196 46.38 0.03 -28.35
C GLU C 196 46.59 -1.40 -27.87
N SER C 197 46.21 -1.67 -26.63
CA SER C 197 46.36 -3.01 -26.09
C SER C 197 45.40 -3.99 -26.74
N LEU C 198 45.71 -5.28 -26.66
CA LEU C 198 44.85 -6.30 -27.27
C LEU C 198 43.47 -6.32 -26.62
N ASN C 199 43.37 -5.81 -25.40
CA ASN C 199 42.09 -5.81 -24.69
C ASN C 199 41.01 -5.10 -25.50
N GLU C 200 39.82 -5.67 -25.52
CA GLU C 200 38.71 -5.08 -26.28
C GLU C 200 37.87 -6.16 -26.93
N VAL C 201 36.63 -6.33 -26.46
CA VAL C 201 35.78 -7.36 -26.99
C VAL C 201 35.57 -7.22 -28.48
N GLY C 202 35.45 -8.35 -29.16
CA GLY C 202 35.19 -8.34 -30.59
C GLY C 202 34.14 -9.39 -30.80
N TYR C 203 33.67 -9.53 -32.03
CA TYR C 203 32.57 -10.47 -32.24
C TYR C 203 32.99 -11.90 -31.91
N ASP C 204 34.30 -12.19 -31.99
CA ASP C 204 34.79 -13.49 -31.58
C ASP C 204 34.57 -13.75 -30.10
N ASP C 205 34.36 -12.71 -29.31
CA ASP C 205 34.12 -12.83 -27.87
C ASP C 205 32.64 -12.94 -27.53
N ILE C 206 31.77 -13.00 -28.52
CA ILE C 206 30.32 -13.04 -28.31
C ILE C 206 29.81 -14.43 -28.69
N GLY C 207 29.08 -15.05 -27.79
CA GLY C 207 28.48 -16.35 -28.05
C GLY C 207 27.12 -16.45 -27.40
N GLY C 208 26.27 -17.26 -28.01
CA GLY C 208 24.92 -17.46 -27.51
C GLY C 208 23.91 -16.45 -28.00
N CYS C 209 24.33 -15.43 -28.74
CA CYS C 209 23.45 -14.40 -29.27
C CYS C 209 23.76 -14.15 -30.74
N ARG C 210 23.98 -15.22 -31.51
CA ARG C 210 24.36 -15.07 -32.91
C ARG C 210 23.28 -14.35 -33.69
N LYS C 211 22.01 -14.74 -33.50
CA LYS C 211 20.91 -14.03 -34.14
C LYS C 211 20.83 -12.59 -33.64
N GLN C 212 20.96 -12.40 -32.32
CA GLN C 212 20.94 -11.05 -31.77
C GLN C 212 22.14 -10.24 -32.25
N LEU C 213 23.31 -10.88 -32.35
CA LEU C 213 24.48 -10.19 -32.86
C LEU C 213 24.28 -9.75 -34.30
N ALA C 214 23.70 -10.62 -35.12
CA ALA C 214 23.43 -10.26 -36.52
C ALA C 214 22.42 -9.12 -36.60
N GLN C 215 21.38 -9.16 -35.75
CA GLN C 215 20.41 -8.07 -35.71
C GLN C 215 21.08 -6.75 -35.35
N ILE C 216 21.94 -6.78 -34.33
CA ILE C 216 22.64 -5.56 -33.93
C ILE C 216 23.53 -5.07 -35.07
N LYS C 217 24.21 -6.00 -35.75
CA LYS C 217 25.07 -5.62 -36.87
C LYS C 217 24.27 -4.92 -37.96
N GLU C 218 23.14 -5.52 -38.35
CA GLU C 218 22.34 -4.92 -39.41
C GLU C 218 21.69 -3.62 -38.96
N MET C 219 21.50 -3.43 -37.66
CA MET C 219 20.98 -2.16 -37.17
C MET C 219 22.03 -1.06 -37.19
N VAL C 220 23.28 -1.36 -36.78
CA VAL C 220 24.26 -0.32 -36.53
C VAL C 220 25.30 -0.19 -37.62
N GLU C 221 25.26 -1.04 -38.65
CA GLU C 221 26.28 -0.95 -39.69
C GLU C 221 26.15 0.35 -40.47
N LEU C 222 24.95 0.66 -40.95
CA LEU C 222 24.76 1.87 -41.75
C LEU C 222 25.01 3.14 -40.96
N PRO C 223 24.45 3.35 -39.76
CA PRO C 223 24.71 4.62 -39.06
C PRO C 223 26.17 4.85 -38.70
N LEU C 224 26.92 3.80 -38.41
CA LEU C 224 28.29 3.94 -37.92
C LEU C 224 29.32 3.82 -39.04
N ARG C 225 29.29 2.73 -39.79
CA ARG C 225 30.29 2.52 -40.83
C ARG C 225 30.13 3.53 -41.96
N HIS C 226 28.93 4.05 -42.17
CA HIS C 226 28.64 4.97 -43.27
C HIS C 226 27.92 6.20 -42.71
N PRO C 227 28.65 7.10 -42.05
CA PRO C 227 28.01 8.30 -41.49
C PRO C 227 27.63 9.32 -42.56
N ALA C 228 28.54 9.63 -43.47
CA ALA C 228 28.24 10.58 -44.54
C ALA C 228 27.20 10.01 -45.50
N LEU C 229 27.29 8.71 -45.77
CA LEU C 229 26.30 8.06 -46.63
C LEU C 229 24.89 8.22 -46.06
N PHE C 230 24.75 7.99 -44.77
CA PHE C 230 23.43 8.13 -44.16
C PHE C 230 23.03 9.59 -44.04
N LYS C 231 24.00 10.49 -43.86
CA LYS C 231 23.69 11.92 -43.85
C LYS C 231 23.19 12.40 -45.20
N ALA C 232 23.62 11.76 -46.29
CA ALA C 232 23.12 12.12 -47.61
C ALA C 232 21.62 11.87 -47.71
N ILE C 233 21.15 10.73 -47.21
CA ILE C 233 19.74 10.39 -47.26
C ILE C 233 19.03 11.00 -46.06
N GLY C 234 17.70 11.03 -46.14
CA GLY C 234 16.90 11.63 -45.09
C GLY C 234 16.03 10.62 -44.36
N VAL C 235 16.57 9.45 -44.09
CA VAL C 235 15.85 8.40 -43.37
C VAL C 235 16.14 8.54 -41.88
N LYS C 236 15.23 8.03 -41.05
CA LYS C 236 15.43 8.05 -39.61
C LYS C 236 16.26 6.84 -39.19
N PRO C 237 17.39 7.06 -38.52
CA PRO C 237 18.23 5.93 -38.09
C PRO C 237 17.68 5.32 -36.81
N PRO C 238 18.04 4.07 -36.52
CA PRO C 238 17.77 3.54 -35.18
C PRO C 238 18.79 4.08 -34.19
N ARG C 239 18.39 5.05 -33.38
CA ARG C 239 19.27 5.69 -32.43
C ARG C 239 18.98 5.28 -30.99
N GLY C 240 18.12 4.28 -30.80
CA GLY C 240 17.88 3.74 -29.48
C GLY C 240 17.78 2.23 -29.52
N ILE C 241 18.65 1.56 -28.77
CA ILE C 241 18.70 0.11 -28.72
C ILE C 241 18.52 -0.33 -27.27
N LEU C 242 17.54 -1.20 -27.04
CA LEU C 242 17.22 -1.68 -25.71
C LEU C 242 17.61 -3.16 -25.63
N LEU C 243 18.84 -3.41 -25.19
CA LEU C 243 19.31 -4.77 -24.95
C LEU C 243 18.79 -5.23 -23.60
N TYR C 244 17.75 -6.05 -23.60
CA TYR C 244 17.15 -6.52 -22.36
C TYR C 244 17.30 -8.04 -22.26
N GLY C 245 17.51 -8.49 -21.02
CA GLY C 245 17.69 -9.90 -20.74
C GLY C 245 18.19 -10.10 -19.33
N PRO C 246 18.50 -11.34 -18.97
CA PRO C 246 19.02 -11.60 -17.64
C PRO C 246 20.36 -10.91 -17.44
N PRO C 247 20.69 -10.55 -16.21
CA PRO C 247 22.01 -9.96 -15.96
C PRO C 247 23.11 -10.98 -16.26
N GLY C 248 24.23 -10.48 -16.76
CA GLY C 248 25.35 -11.33 -17.08
C GLY C 248 25.30 -11.98 -18.45
N THR C 249 24.40 -11.54 -19.33
CA THR C 249 24.30 -12.10 -20.67
C THR C 249 25.11 -11.31 -21.70
N GLY C 250 26.14 -10.59 -21.27
CA GLY C 250 27.05 -9.94 -22.20
C GLY C 250 26.49 -8.73 -22.90
N LYS C 251 25.52 -8.04 -22.31
CA LYS C 251 24.97 -6.85 -22.94
C LYS C 251 26.03 -5.78 -23.12
N THR C 252 26.74 -5.45 -22.03
CA THR C 252 27.83 -4.48 -22.16
C THR C 252 28.97 -5.04 -22.99
N LEU C 253 29.21 -6.35 -22.92
CA LEU C 253 30.22 -6.96 -23.77
C LEU C 253 29.84 -6.85 -25.24
N ILE C 254 28.56 -7.11 -25.56
CA ILE C 254 28.10 -7.00 -26.94
C ILE C 254 28.25 -5.56 -27.42
N ALA C 255 27.84 -4.60 -26.59
CA ALA C 255 27.94 -3.20 -26.99
C ALA C 255 29.39 -2.78 -27.20
N ARG C 256 30.28 -3.18 -26.30
CA ARG C 256 31.69 -2.82 -26.43
C ARG C 256 32.30 -3.45 -27.68
N ALA C 257 31.99 -4.71 -27.95
CA ALA C 257 32.53 -5.37 -29.14
C ALA C 257 32.02 -4.69 -30.41
N VAL C 258 30.73 -4.37 -30.44
CA VAL C 258 30.16 -3.72 -31.63
C VAL C 258 30.80 -2.36 -31.85
N ALA C 259 30.96 -1.58 -30.77
CA ALA C 259 31.54 -0.25 -30.91
C ALA C 259 33.00 -0.32 -31.33
N ASN C 260 33.76 -1.26 -30.75
CA ASN C 260 35.18 -1.34 -31.05
C ASN C 260 35.43 -1.82 -32.47
N GLU C 261 34.74 -2.88 -32.88
CA GLU C 261 34.96 -3.43 -34.21
C GLU C 261 34.51 -2.47 -35.30
N THR C 262 33.35 -1.83 -35.10
CA THR C 262 32.86 -0.85 -36.07
C THR C 262 33.63 0.46 -36.01
N GLY C 263 34.49 0.65 -35.02
CA GLY C 263 35.25 1.88 -34.89
C GLY C 263 34.54 3.02 -34.23
N ALA C 264 33.27 2.84 -33.84
CA ALA C 264 32.53 3.90 -33.18
C ALA C 264 33.09 4.14 -31.79
N PHE C 265 33.07 5.41 -31.36
CA PHE C 265 33.55 5.76 -30.03
C PHE C 265 32.58 5.24 -28.99
N PHE C 266 33.07 4.41 -28.07
CA PHE C 266 32.24 3.80 -27.04
C PHE C 266 32.37 4.60 -25.75
N PHE C 267 31.25 5.07 -25.23
CA PHE C 267 31.19 5.72 -23.92
C PHE C 267 30.36 4.85 -23.00
N LEU C 268 30.97 4.36 -21.92
CA LEU C 268 30.30 3.45 -20.99
C LEU C 268 29.58 4.29 -19.94
N ILE C 269 28.33 4.62 -20.22
CA ILE C 269 27.47 5.32 -19.28
C ILE C 269 26.88 4.28 -18.33
N ASN C 270 27.24 4.35 -17.05
CA ASN C 270 26.76 3.41 -16.06
C ASN C 270 25.72 4.09 -15.17
N GLY C 271 24.58 3.43 -14.99
CA GLY C 271 23.51 3.96 -14.19
C GLY C 271 23.94 4.33 -12.77
N PRO C 272 24.58 3.37 -12.08
CA PRO C 272 25.20 3.74 -10.79
C PRO C 272 26.20 4.86 -10.91
N GLU C 273 27.02 4.87 -11.97
CA GLU C 273 27.97 5.97 -12.14
C GLU C 273 27.25 7.29 -12.38
N ILE C 274 26.13 7.26 -13.11
CA ILE C 274 25.39 8.49 -13.38
C ILE C 274 24.79 9.03 -12.10
N MET C 275 23.91 8.26 -11.46
CA MET C 275 23.16 8.76 -10.32
C MET C 275 23.86 8.51 -8.99
N SER C 276 25.17 8.21 -9.02
CA SER C 276 25.95 8.14 -7.79
C SER C 276 26.28 9.52 -7.24
N LYS C 277 26.38 10.52 -8.11
CA LYS C 277 26.78 11.86 -7.70
C LYS C 277 25.54 12.69 -7.37
N LEU C 278 25.72 13.99 -7.19
CA LEU C 278 24.61 14.88 -6.90
C LEU C 278 23.67 14.96 -8.11
N ALA C 279 22.42 15.35 -7.84
CA ALA C 279 21.42 15.44 -8.90
C ALA C 279 21.87 16.37 -10.01
N GLY C 280 22.28 17.59 -9.65
CA GLY C 280 22.85 18.50 -10.63
C GLY C 280 24.13 17.93 -11.23
N GLU C 281 24.97 17.31 -10.40
CA GLU C 281 26.19 16.70 -10.90
C GLU C 281 25.88 15.53 -11.83
N SER C 282 24.86 14.73 -11.49
CA SER C 282 24.48 13.63 -12.37
C SER C 282 23.98 14.13 -13.71
N GLU C 283 23.15 15.17 -13.70
CA GLU C 283 22.66 15.73 -14.96
C GLU C 283 23.79 16.33 -15.78
N SER C 284 24.73 17.01 -15.11
CA SER C 284 25.89 17.55 -15.80
C SER C 284 26.74 16.44 -16.41
N ASN C 285 26.92 15.34 -15.69
CA ASN C 285 27.68 14.21 -16.22
C ASN C 285 27.00 13.61 -17.43
N LEU C 286 25.67 13.46 -17.37
CA LEU C 286 24.93 12.94 -18.53
C LEU C 286 25.08 13.87 -19.73
N ARG C 287 24.93 15.18 -19.51
CA ARG C 287 25.05 16.13 -20.60
C ARG C 287 26.46 16.12 -21.18
N LYS C 288 27.48 16.05 -20.33
CA LYS C 288 28.86 16.00 -20.81
C LYS C 288 29.12 14.73 -21.62
N ALA C 289 28.61 13.59 -21.14
CA ALA C 289 28.79 12.35 -21.87
C ALA C 289 28.12 12.41 -23.25
N PHE C 290 26.89 12.95 -23.30
CA PHE C 290 26.20 13.05 -24.57
C PHE C 290 26.92 14.01 -25.51
N GLU C 291 27.43 15.13 -24.98
CA GLU C 291 28.16 16.08 -25.81
C GLU C 291 29.45 15.47 -26.34
N GLU C 292 30.16 14.71 -25.50
CA GLU C 292 31.39 14.05 -25.97
C GLU C 292 31.08 13.02 -27.03
N ALA C 293 29.98 12.26 -26.86
CA ALA C 293 29.60 11.29 -27.89
C ALA C 293 29.25 11.99 -29.19
N GLU C 294 28.53 13.11 -29.12
CA GLU C 294 28.21 13.86 -30.32
C GLU C 294 29.47 14.40 -30.99
N LYS C 295 30.43 14.87 -30.20
CA LYS C 295 31.69 15.36 -30.75
C LYS C 295 32.47 14.24 -31.42
N ASN C 296 32.40 13.02 -30.85
CA ASN C 296 33.11 11.87 -31.40
C ASN C 296 32.26 11.04 -32.33
N ALA C 297 31.33 11.67 -33.06
CA ALA C 297 30.49 10.94 -34.00
C ALA C 297 31.35 10.37 -35.12
N PRO C 298 31.09 9.13 -35.55
CA PRO C 298 30.07 8.20 -35.05
C PRO C 298 30.45 7.60 -33.70
N ALA C 299 29.55 7.64 -32.73
CA ALA C 299 29.83 7.13 -31.40
C ALA C 299 28.64 6.33 -30.91
N ILE C 300 28.89 5.45 -29.94
CA ILE C 300 27.88 4.61 -29.33
C ILE C 300 27.77 4.98 -27.87
N ILE C 301 26.58 5.36 -27.43
CA ILE C 301 26.29 5.59 -26.02
C ILE C 301 25.63 4.32 -25.48
N PHE C 302 26.23 3.72 -24.47
CA PHE C 302 25.69 2.53 -23.82
C PHE C 302 25.36 2.84 -22.38
N ILE C 303 24.14 2.49 -21.97
CA ILE C 303 23.66 2.75 -20.62
C ILE C 303 23.24 1.41 -20.03
N ASP C 304 24.16 0.74 -19.34
CA ASP C 304 23.81 -0.47 -18.62
C ASP C 304 23.05 -0.12 -17.35
N GLU C 305 22.21 -1.05 -16.91
CA GLU C 305 21.32 -0.85 -15.77
C GLU C 305 20.47 0.41 -15.98
N LEU C 306 19.85 0.49 -17.16
CA LEU C 306 19.00 1.63 -17.48
C LEU C 306 17.83 1.75 -16.51
N ASP C 307 17.36 0.62 -15.97
CA ASP C 307 16.29 0.67 -14.99
C ASP C 307 16.69 1.45 -13.76
N ALA C 308 17.98 1.46 -13.42
CA ALA C 308 18.45 2.28 -12.31
C ALA C 308 18.27 3.75 -12.59
N ILE C 309 18.71 4.20 -13.77
CA ILE C 309 18.48 5.58 -14.17
C ILE C 309 16.99 5.83 -14.43
N ALA C 310 16.37 4.95 -15.20
CA ALA C 310 15.00 5.14 -15.69
C ALA C 310 14.11 4.00 -15.24
N PRO C 311 13.50 4.12 -14.08
CA PRO C 311 12.50 3.13 -13.64
C PRO C 311 11.14 3.46 -14.24
N LYS C 312 10.12 2.71 -13.83
CA LYS C 312 8.76 3.02 -14.23
C LYS C 312 8.37 4.39 -13.68
N ARG C 313 7.58 5.13 -14.47
CA ARG C 313 7.27 6.50 -14.09
C ARG C 313 6.42 6.54 -12.82
N GLU C 314 5.48 5.60 -12.69
CA GLU C 314 4.70 5.50 -11.46
C GLU C 314 5.52 4.98 -10.29
N LYS C 315 6.66 4.35 -10.55
CA LYS C 315 7.45 3.72 -9.50
C LYS C 315 8.60 4.58 -9.02
N THR C 316 9.09 5.51 -9.84
CA THR C 316 10.22 6.35 -9.44
C THR C 316 9.78 7.30 -8.34
N HIS C 317 10.15 6.95 -7.09
CA HIS C 317 9.68 7.70 -5.93
C HIS C 317 10.34 9.08 -5.85
N GLY C 318 11.66 9.14 -5.99
CA GLY C 318 12.37 10.39 -5.77
C GLY C 318 12.23 11.34 -6.96
N GLU C 319 12.06 12.63 -6.64
CA GLU C 319 12.00 13.64 -7.68
C GLU C 319 13.32 13.76 -8.43
N VAL C 320 14.44 13.51 -7.74
CA VAL C 320 15.74 13.52 -8.40
C VAL C 320 15.80 12.46 -9.49
N GLU C 321 15.26 11.27 -9.22
CA GLU C 321 15.27 10.21 -10.22
C GLU C 321 14.43 10.58 -11.43
N ARG C 322 13.25 11.18 -11.21
CA ARG C 322 12.43 11.62 -12.33
C ARG C 322 13.13 12.71 -13.13
N ARG C 323 13.82 13.62 -12.43
CA ARG C 323 14.57 14.67 -13.12
C ARG C 323 15.68 14.07 -13.98
N ILE C 324 16.37 13.05 -13.46
CA ILE C 324 17.41 12.38 -14.23
C ILE C 324 16.82 11.67 -15.45
N VAL C 325 15.66 11.03 -15.28
CA VAL C 325 14.99 10.37 -16.40
C VAL C 325 14.67 11.39 -17.48
N SER C 326 14.11 12.53 -17.08
CA SER C 326 13.76 13.57 -18.05
C SER C 326 15.00 14.14 -18.72
N GLN C 327 16.09 14.32 -17.96
CA GLN C 327 17.33 14.80 -18.55
C GLN C 327 17.86 13.85 -19.60
N LEU C 328 17.82 12.54 -19.30
CA LEU C 328 18.23 11.55 -20.29
C LEU C 328 17.34 11.58 -21.52
N LEU C 329 16.02 11.72 -21.31
CA LEU C 329 15.10 11.79 -22.44
C LEU C 329 15.40 13.00 -23.32
N THR C 330 15.64 14.15 -22.70
CA THR C 330 15.95 15.36 -23.47
C THR C 330 17.28 15.22 -24.20
N LEU C 331 18.28 14.63 -23.55
CA LEU C 331 19.58 14.46 -24.21
C LEU C 331 19.48 13.53 -25.40
N MET C 332 18.73 12.42 -25.27
CA MET C 332 18.58 11.53 -26.41
C MET C 332 17.71 12.13 -27.50
N ASP C 333 16.73 12.96 -27.15
CA ASP C 333 15.97 13.67 -28.18
C ASP C 333 16.86 14.68 -28.91
N GLY C 334 17.75 15.35 -28.17
CA GLY C 334 18.70 16.24 -28.82
C GLY C 334 19.64 15.49 -29.74
N LEU C 335 20.03 14.28 -29.36
CA LEU C 335 20.78 13.43 -30.29
C LEU C 335 19.95 13.10 -31.52
N LYS C 336 18.66 12.81 -31.32
CA LYS C 336 17.79 12.47 -32.44
C LYS C 336 17.68 13.62 -33.43
N GLN C 337 17.51 14.85 -32.93
CA GLN C 337 17.30 15.98 -33.83
C GLN C 337 18.60 16.39 -34.53
N ARG C 338 19.72 16.39 -33.80
CA ARG C 338 21.00 16.83 -34.39
C ARG C 338 22.13 16.07 -33.70
N ALA C 339 22.51 14.93 -34.29
CA ALA C 339 23.69 14.16 -33.88
C ALA C 339 23.89 12.97 -34.80
N HIS C 340 24.92 12.17 -34.53
CA HIS C 340 25.16 10.91 -35.22
C HIS C 340 25.56 9.83 -34.23
N VAL C 341 24.86 9.76 -33.11
CA VAL C 341 25.19 8.86 -32.01
C VAL C 341 24.07 7.84 -31.85
N ILE C 342 24.44 6.57 -31.69
CA ILE C 342 23.49 5.49 -31.46
C ILE C 342 23.51 5.16 -29.97
N VAL C 343 22.34 5.18 -29.34
CA VAL C 343 22.22 4.96 -27.91
C VAL C 343 21.80 3.51 -27.67
N MET C 344 22.56 2.81 -26.83
CA MET C 344 22.24 1.45 -26.44
C MET C 344 21.98 1.41 -24.94
N ALA C 345 21.12 0.50 -24.51
CA ALA C 345 20.74 0.39 -23.11
C ALA C 345 20.66 -1.07 -22.71
N ALA C 346 20.92 -1.33 -21.43
CA ALA C 346 20.85 -2.67 -20.86
C ALA C 346 19.92 -2.64 -19.65
N THR C 347 19.02 -3.62 -19.59
CA THR C 347 18.10 -3.74 -18.47
C THR C 347 17.70 -5.20 -18.31
N ASN C 348 17.20 -5.53 -17.11
CA ASN C 348 16.75 -6.89 -16.86
C ASN C 348 15.52 -7.22 -17.70
N ARG C 349 14.51 -6.36 -17.66
CA ARG C 349 13.26 -6.52 -18.39
C ARG C 349 12.93 -5.24 -19.14
N PRO C 350 12.31 -5.36 -20.32
CA PRO C 350 11.95 -4.13 -21.06
C PRO C 350 10.91 -3.29 -20.34
N ASN C 351 10.02 -3.91 -19.57
CA ASN C 351 9.00 -3.17 -18.83
C ASN C 351 9.53 -2.54 -17.55
N SER C 352 10.70 -2.96 -17.07
CA SER C 352 11.25 -2.37 -15.86
C SER C 352 11.65 -0.91 -16.07
N ILE C 353 11.97 -0.53 -17.31
CA ILE C 353 12.34 0.84 -17.63
C ILE C 353 11.08 1.65 -17.87
N ASP C 354 11.23 2.97 -17.91
CA ASP C 354 10.08 3.85 -18.13
C ASP C 354 9.47 3.58 -19.50
N PRO C 355 8.15 3.47 -19.61
CA PRO C 355 7.53 3.32 -20.93
C PRO C 355 7.81 4.49 -21.85
N ALA C 356 8.04 5.68 -21.30
CA ALA C 356 8.40 6.82 -22.14
C ALA C 356 9.75 6.63 -22.82
N LEU C 357 10.63 5.82 -22.22
CA LEU C 357 11.91 5.52 -22.87
C LEU C 357 11.69 4.76 -24.17
N ARG C 358 10.78 3.79 -24.17
CA ARG C 358 10.49 2.99 -25.35
C ARG C 358 9.60 3.70 -26.35
N ARG C 359 9.38 5.01 -26.19
CA ARG C 359 8.59 5.76 -27.14
C ARG C 359 9.28 5.78 -28.50
N PHE C 360 8.47 5.79 -29.56
CA PHE C 360 9.02 5.85 -30.91
C PHE C 360 9.87 7.10 -31.10
N GLY C 361 11.00 6.93 -31.77
CA GLY C 361 11.99 7.96 -31.89
C GLY C 361 13.08 7.91 -30.84
N ARG C 362 12.75 7.42 -29.63
CA ARG C 362 13.72 7.31 -28.56
C ARG C 362 14.34 5.92 -28.50
N PHE C 363 13.50 4.89 -28.28
CA PHE C 363 13.93 3.50 -28.31
C PHE C 363 12.97 2.74 -29.21
N ASP C 364 13.23 2.78 -30.52
CA ASP C 364 12.32 2.17 -31.48
C ASP C 364 12.43 0.65 -31.46
N ARG C 365 13.65 0.13 -31.43
CA ARG C 365 13.89 -1.31 -31.54
C ARG C 365 14.50 -1.82 -30.25
N GLU C 366 13.90 -2.87 -29.69
CA GLU C 366 14.37 -3.52 -28.49
C GLU C 366 14.87 -4.91 -28.87
N VAL C 367 16.12 -5.19 -28.52
CA VAL C 367 16.76 -6.46 -28.86
C VAL C 367 16.77 -7.33 -27.62
N ASP C 368 16.13 -8.51 -27.71
CA ASP C 368 16.09 -9.45 -26.61
C ASP C 368 17.36 -10.28 -26.64
N ILE C 369 18.33 -9.94 -25.78
CA ILE C 369 19.57 -10.71 -25.70
C ILE C 369 19.25 -12.14 -25.29
N GLY C 370 18.38 -12.31 -24.30
CA GLY C 370 17.93 -13.64 -23.94
C GLY C 370 19.01 -14.46 -23.27
N ILE C 371 18.85 -15.78 -23.38
CA ILE C 371 19.74 -16.74 -22.74
C ILE C 371 20.42 -17.58 -23.82
N PRO C 372 21.64 -18.04 -23.60
CA PRO C 372 22.28 -18.93 -24.58
C PRO C 372 21.76 -20.35 -24.47
N ASP C 373 21.62 -21.00 -25.62
CA ASP C 373 21.19 -22.39 -25.68
C ASP C 373 22.40 -23.29 -25.48
N ALA C 374 22.22 -24.60 -25.75
CA ALA C 374 23.33 -25.53 -25.61
C ALA C 374 24.47 -25.17 -26.56
N THR C 375 24.14 -24.86 -27.81
CA THR C 375 25.16 -24.39 -28.75
C THR C 375 25.72 -23.05 -28.30
N GLY C 376 24.86 -22.16 -27.80
CA GLY C 376 25.35 -20.89 -27.31
C GLY C 376 26.25 -21.02 -26.10
N ARG C 377 25.87 -21.90 -25.15
CA ARG C 377 26.73 -22.15 -24.01
C ARG C 377 28.06 -22.77 -24.45
N LEU C 378 28.03 -23.65 -25.45
CA LEU C 378 29.25 -24.21 -25.99
C LEU C 378 30.14 -23.12 -26.57
N GLU C 379 29.54 -22.19 -27.33
CA GLU C 379 30.32 -21.09 -27.91
C GLU C 379 30.92 -20.21 -26.82
N ILE C 380 30.15 -19.92 -25.77
CA ILE C 380 30.65 -19.09 -24.68
C ILE C 380 31.81 -19.78 -23.97
N LEU C 381 31.67 -21.08 -23.71
CA LEU C 381 32.74 -21.83 -23.06
C LEU C 381 33.99 -21.86 -23.93
N GLN C 382 33.82 -22.06 -25.24
CA GLN C 382 34.96 -22.05 -26.15
C GLN C 382 35.64 -20.69 -26.15
N ILE C 383 34.86 -19.61 -26.11
CA ILE C 383 35.43 -18.27 -26.07
C ILE C 383 36.24 -18.08 -24.80
N HIS C 384 35.69 -18.51 -23.66
CA HIS C 384 36.38 -18.31 -22.38
C HIS C 384 37.57 -19.26 -22.21
N THR C 385 37.60 -20.36 -22.94
CA THR C 385 38.72 -21.30 -22.89
C THR C 385 39.70 -21.10 -24.05
N LYS C 386 39.56 -20.01 -24.80
CA LYS C 386 40.46 -19.78 -25.93
C LYS C 386 41.89 -19.61 -25.47
N ASN C 387 42.10 -18.83 -24.40
CA ASN C 387 43.42 -18.60 -23.84
C ASN C 387 43.71 -19.49 -22.65
N MET C 388 42.85 -20.45 -22.35
CA MET C 388 43.01 -21.35 -21.22
C MET C 388 43.53 -22.69 -21.70
N LYS C 389 44.66 -23.13 -21.13
CA LYS C 389 45.24 -24.41 -21.47
C LYS C 389 44.40 -25.50 -20.82
N LEU C 390 43.55 -26.15 -21.61
CA LEU C 390 42.61 -27.14 -21.13
C LEU C 390 42.89 -28.49 -21.77
N ALA C 391 42.67 -29.56 -21.00
CA ALA C 391 42.99 -30.90 -21.46
C ALA C 391 41.99 -31.36 -22.51
N ASP C 392 42.22 -32.57 -23.03
CA ASP C 392 41.36 -33.16 -24.05
C ASP C 392 40.09 -33.78 -23.47
N ASP C 393 40.02 -33.96 -22.15
CA ASP C 393 38.85 -34.56 -21.52
C ASP C 393 37.79 -33.53 -21.17
N VAL C 394 37.95 -32.27 -21.59
CA VAL C 394 37.00 -31.22 -21.23
C VAL C 394 35.64 -31.48 -21.84
N ASP C 395 35.60 -32.05 -23.05
CA ASP C 395 34.37 -32.36 -23.79
C ASP C 395 33.31 -31.28 -23.60
N LEU C 396 33.66 -30.06 -24.03
CA LEU C 396 32.81 -28.91 -23.80
C LEU C 396 31.41 -29.08 -24.38
N GLU C 397 31.25 -29.97 -25.37
CA GLU C 397 29.91 -30.31 -25.84
C GLU C 397 29.08 -30.89 -24.70
N GLN C 398 29.66 -31.83 -23.96
CA GLN C 398 28.96 -32.43 -22.82
C GLN C 398 28.68 -31.39 -21.74
N VAL C 399 29.64 -30.50 -21.49
CA VAL C 399 29.45 -29.48 -20.46
C VAL C 399 28.29 -28.56 -20.85
N ALA C 400 28.28 -28.10 -22.11
CA ALA C 400 27.24 -27.21 -22.57
C ALA C 400 25.87 -27.89 -22.56
N ASN C 401 25.82 -29.16 -22.99
CA ASN C 401 24.57 -29.90 -22.94
C ASN C 401 24.07 -30.05 -21.50
N GLU C 402 25.00 -30.31 -20.58
CA GLU C 402 24.64 -30.37 -19.17
C GLU C 402 24.31 -28.99 -18.60
N THR C 403 25.00 -27.96 -19.06
CA THR C 403 24.84 -26.63 -18.46
C THR C 403 23.43 -26.11 -18.74
N HIS C 404 22.70 -25.82 -17.67
CA HIS C 404 21.37 -25.22 -17.76
C HIS C 404 21.26 -24.15 -16.68
N GLY C 405 20.61 -23.04 -17.02
CA GLY C 405 20.45 -21.95 -16.09
C GLY C 405 21.64 -21.02 -15.99
N HIS C 406 22.71 -21.28 -16.73
CA HIS C 406 23.89 -20.41 -16.75
C HIS C 406 23.86 -19.56 -18.01
N VAL C 407 24.04 -18.26 -17.84
CA VAL C 407 23.97 -17.32 -18.95
C VAL C 407 25.24 -16.48 -18.96
N GLY C 408 26.02 -16.59 -20.04
CA GLY C 408 27.11 -15.67 -20.28
C GLY C 408 28.13 -15.59 -19.17
N ALA C 409 28.07 -14.51 -18.40
CA ALA C 409 28.98 -14.32 -17.28
C ALA C 409 28.91 -15.46 -16.28
N ASP C 410 27.79 -16.18 -16.21
CA ASP C 410 27.74 -17.38 -15.39
C ASP C 410 28.74 -18.42 -15.91
N LEU C 411 28.78 -18.62 -17.23
CA LEU C 411 29.76 -19.53 -17.80
C LEU C 411 31.17 -18.98 -17.66
N ALA C 412 31.34 -17.66 -17.72
CA ALA C 412 32.65 -17.07 -17.47
C ALA C 412 33.12 -17.38 -16.06
N ALA C 413 32.23 -17.25 -15.08
CA ALA C 413 32.57 -17.58 -13.70
C ALA C 413 32.84 -19.07 -13.55
N LEU C 414 32.13 -19.90 -14.32
CA LEU C 414 32.38 -21.34 -14.30
C LEU C 414 33.80 -21.64 -14.78
N CYS C 415 34.20 -21.04 -15.91
CA CYS C 415 35.55 -21.24 -16.41
C CYS C 415 36.59 -20.71 -15.43
N SER C 416 36.32 -19.55 -14.83
CA SER C 416 37.23 -19.00 -13.83
C SER C 416 37.37 -19.93 -12.64
N GLU C 417 36.25 -20.51 -12.19
CA GLU C 417 36.30 -21.44 -11.07
C GLU C 417 37.10 -22.69 -11.41
N ALA C 418 36.91 -23.22 -12.63
CA ALA C 418 37.68 -24.39 -13.04
C ALA C 418 39.18 -24.07 -13.07
N ALA C 419 39.54 -22.91 -13.64
CA ALA C 419 40.94 -22.52 -13.69
C ALA C 419 41.51 -22.31 -12.29
N LEU C 420 40.74 -21.68 -11.40
CA LEU C 420 41.22 -21.44 -10.05
C LEU C 420 41.38 -22.74 -9.28
N GLN C 421 40.48 -23.71 -9.50
CA GLN C 421 40.64 -25.00 -8.85
C GLN C 421 41.89 -25.71 -9.37
N ALA C 422 42.14 -25.65 -10.67
CA ALA C 422 43.36 -26.24 -11.21
C ALA C 422 44.59 -25.58 -10.61
N ILE C 423 44.58 -24.26 -10.49
CA ILE C 423 45.73 -23.55 -9.92
C ILE C 423 45.90 -23.91 -8.45
N ARG C 424 44.81 -24.00 -7.69
CA ARG C 424 44.93 -24.35 -6.28
C ARG C 424 45.36 -25.80 -6.09
N LYS C 425 45.08 -26.66 -7.08
CA LYS C 425 45.57 -28.03 -7.01
C LYS C 425 47.05 -28.13 -7.38
N LYS C 426 47.53 -27.30 -8.29
CA LYS C 426 48.91 -27.40 -8.75
C LYS C 426 49.87 -26.53 -7.92
N MET C 427 49.63 -25.21 -7.91
CA MET C 427 50.55 -24.28 -7.26
C MET C 427 50.60 -24.52 -5.75
N ASP C 428 49.45 -24.69 -5.11
CA ASP C 428 49.42 -24.81 -3.66
C ASP C 428 50.01 -26.13 -3.16
N LEU C 429 50.25 -27.10 -4.05
CA LEU C 429 50.75 -28.40 -3.65
C LEU C 429 52.12 -28.75 -4.23
N ILE C 430 52.59 -28.02 -5.24
CA ILE C 430 53.84 -28.35 -5.93
C ILE C 430 54.98 -27.40 -5.51
N ASP C 431 54.81 -26.11 -5.77
CA ASP C 431 55.87 -25.13 -5.56
C ASP C 431 55.65 -24.46 -4.20
N LEU C 432 56.27 -25.01 -3.16
CA LEU C 432 56.17 -24.44 -1.83
C LEU C 432 57.51 -23.95 -1.31
N GLU C 433 58.55 -24.78 -1.33
CA GLU C 433 59.86 -24.39 -0.83
C GLU C 433 60.98 -24.60 -1.84
N ASP C 434 60.68 -25.12 -3.04
CA ASP C 434 61.73 -25.41 -4.01
C ASP C 434 62.45 -24.15 -4.46
N GLU C 435 61.73 -23.25 -5.14
CA GLU C 435 62.31 -22.05 -5.72
C GLU C 435 61.18 -21.19 -6.24
N THR C 436 61.46 -19.90 -6.40
CA THR C 436 60.42 -18.93 -6.77
C THR C 436 59.77 -19.30 -8.10
N ILE C 437 58.49 -18.97 -8.23
CA ILE C 437 57.72 -19.37 -9.40
C ILE C 437 58.28 -18.72 -10.66
N ASP C 438 58.35 -19.50 -11.74
CA ASP C 438 58.79 -19.04 -13.04
C ASP C 438 57.70 -19.35 -14.06
N ALA C 439 57.99 -19.02 -15.33
CA ALA C 439 56.99 -19.19 -16.37
C ALA C 439 56.77 -20.66 -16.73
N GLU C 440 57.79 -21.50 -16.53
CA GLU C 440 57.68 -22.90 -16.93
C GLU C 440 56.56 -23.62 -16.20
N VAL C 441 56.46 -23.40 -14.88
CA VAL C 441 55.43 -24.09 -14.10
C VAL C 441 54.05 -23.56 -14.43
N MET C 442 53.92 -22.25 -14.66
CA MET C 442 52.59 -21.69 -14.91
C MET C 442 52.08 -22.07 -16.30
N ASN C 443 52.96 -22.09 -17.31
CA ASN C 443 52.50 -22.47 -18.64
C ASN C 443 52.22 -23.96 -18.75
N SER C 444 52.70 -24.77 -17.80
CA SER C 444 52.42 -26.19 -17.81
C SER C 444 51.08 -26.54 -17.19
N LEU C 445 50.36 -25.55 -16.65
CA LEU C 445 49.07 -25.80 -16.02
C LEU C 445 48.04 -26.24 -17.06
N ALA C 446 47.27 -27.27 -16.71
CA ALA C 446 46.23 -27.79 -17.58
C ALA C 446 44.94 -27.95 -16.78
N VAL C 447 43.82 -27.63 -17.43
CA VAL C 447 42.50 -27.74 -16.82
C VAL C 447 41.87 -29.06 -17.27
N THR C 448 41.39 -29.83 -16.30
CA THR C 448 40.85 -31.16 -16.54
C THR C 448 39.32 -31.15 -16.44
N MET C 449 38.73 -32.31 -16.75
CA MET C 449 37.28 -32.44 -16.66
C MET C 449 36.78 -32.38 -15.22
N ASP C 450 37.58 -32.87 -14.27
CA ASP C 450 37.16 -32.86 -12.88
C ASP C 450 36.95 -31.43 -12.38
N ASP C 451 37.81 -30.50 -12.82
CA ASP C 451 37.63 -29.11 -12.45
C ASP C 451 36.30 -28.55 -12.95
N PHE C 452 35.95 -28.88 -14.21
CA PHE C 452 34.68 -28.43 -14.75
C PHE C 452 33.50 -29.06 -14.02
N ARG C 453 33.62 -30.34 -13.66
CA ARG C 453 32.55 -31.00 -12.91
C ARG C 453 32.36 -30.34 -11.55
N TRP C 454 33.46 -30.04 -10.87
CA TRP C 454 33.38 -29.39 -9.57
C TRP C 454 32.77 -27.99 -9.69
N ALA C 455 33.16 -27.26 -10.74
CA ALA C 455 32.57 -25.93 -10.98
C ALA C 455 31.07 -26.04 -11.23
N LEU C 456 30.65 -27.03 -12.03
CA LEU C 456 29.23 -27.23 -12.28
C LEU C 456 28.49 -27.54 -10.99
N SER C 457 29.04 -28.43 -10.16
CA SER C 457 28.29 -28.95 -9.03
C SER C 457 28.33 -28.01 -7.83
N GLN C 458 29.51 -27.73 -7.31
CA GLN C 458 29.63 -27.14 -5.98
C GLN C 458 29.67 -25.62 -6.00
N SER C 459 30.29 -25.01 -7.01
CA SER C 459 30.65 -23.60 -6.94
C SER C 459 30.08 -22.83 -8.12
N ASN C 460 28.79 -23.01 -8.40
CA ASN C 460 28.16 -22.20 -9.42
C ASN C 460 26.70 -21.93 -9.12
N PRO C 461 26.33 -20.69 -8.82
CA PRO C 461 24.91 -20.35 -8.68
C PRO C 461 24.26 -20.00 -10.02
N SER C 462 23.27 -20.78 -10.42
CA SER C 462 22.55 -20.51 -11.66
C SER C 462 21.55 -19.39 -11.44
N ALA C 463 21.75 -18.27 -12.12
CA ALA C 463 20.91 -17.09 -11.93
C ALA C 463 19.64 -17.13 -12.80
N LEU C 464 19.46 -18.17 -13.60
CA LEU C 464 18.31 -18.27 -14.48
C LEU C 464 17.24 -19.18 -13.88
N ARG C 465 16.03 -18.65 -13.75
CA ARG C 465 14.90 -19.42 -13.27
C ARG C 465 13.63 -19.22 -14.08
N GLU C 466 13.61 -18.27 -15.01
CA GLU C 466 12.42 -17.97 -15.79
C GLU C 466 12.34 -18.91 -17.00
N THR C 467 11.44 -18.59 -17.93
CA THR C 467 11.20 -19.45 -19.08
C THR C 467 12.44 -19.56 -19.96
N VAL C 468 12.63 -20.74 -20.55
CA VAL C 468 13.75 -20.99 -21.45
C VAL C 468 13.31 -20.68 -22.88
N VAL C 469 14.17 -19.97 -23.60
CA VAL C 469 13.92 -19.59 -24.99
C VAL C 469 15.07 -20.16 -25.81
N GLU C 470 14.85 -21.33 -26.39
CA GLU C 470 15.90 -21.99 -27.16
C GLU C 470 15.26 -22.99 -28.11
N VAL C 471 16.04 -23.44 -29.09
CA VAL C 471 15.61 -24.50 -29.99
C VAL C 471 15.83 -25.83 -29.28
N PRO C 472 14.77 -26.58 -29.00
CA PRO C 472 14.94 -27.84 -28.27
C PRO C 472 15.70 -28.86 -29.10
N GLN C 473 16.46 -29.71 -28.40
CA GLN C 473 17.26 -30.74 -29.05
C GLN C 473 16.45 -31.97 -29.43
N VAL C 474 15.18 -32.05 -29.02
CA VAL C 474 14.36 -33.20 -29.35
C VAL C 474 13.95 -33.13 -30.80
N THR C 475 14.20 -34.20 -31.54
CA THR C 475 13.88 -34.29 -32.96
C THR C 475 12.75 -35.30 -33.17
N TRP C 476 12.40 -35.50 -34.45
CA TRP C 476 11.36 -36.46 -34.78
C TRP C 476 11.78 -37.88 -34.42
N GLU C 477 13.06 -38.20 -34.62
CA GLU C 477 13.56 -39.53 -34.26
C GLU C 477 13.45 -39.80 -32.77
N ASP C 478 13.42 -38.75 -31.95
CA ASP C 478 13.25 -38.92 -30.51
C ASP C 478 11.83 -39.31 -30.13
N ILE C 479 10.89 -39.26 -31.08
CA ILE C 479 9.50 -39.63 -30.84
C ILE C 479 9.19 -40.91 -31.60
N GLY C 480 8.48 -41.82 -30.95
CA GLY C 480 8.07 -43.07 -31.56
C GLY C 480 6.60 -43.03 -31.94
N GLY C 481 6.31 -43.47 -33.17
CA GLY C 481 4.95 -43.51 -33.63
C GLY C 481 4.38 -42.13 -33.91
N LEU C 482 3.04 -42.07 -33.89
CA LEU C 482 2.30 -40.83 -34.17
C LEU C 482 2.70 -40.23 -35.51
N GLU C 483 2.87 -41.09 -36.52
CA GLU C 483 3.32 -40.62 -37.83
C GLU C 483 2.29 -39.67 -38.45
N ASP C 484 1.01 -40.01 -38.35
CA ASP C 484 -0.03 -39.12 -38.87
C ASP C 484 -0.04 -37.80 -38.13
N VAL C 485 0.09 -37.85 -36.80
CA VAL C 485 0.15 -36.63 -36.01
C VAL C 485 1.40 -35.83 -36.36
N LYS C 486 2.52 -36.52 -36.56
CA LYS C 486 3.75 -35.84 -36.96
C LYS C 486 3.55 -35.11 -38.28
N ARG C 487 2.94 -35.78 -39.26
CA ARG C 487 2.72 -35.16 -40.56
C ARG C 487 1.77 -33.97 -40.47
N GLU C 488 0.69 -34.12 -39.71
CA GLU C 488 -0.28 -33.02 -39.57
C GLU C 488 0.36 -31.82 -38.91
N LEU C 489 1.15 -32.04 -37.85
CA LEU C 489 1.82 -30.94 -37.18
C LEU C 489 2.87 -30.31 -38.09
N GLN C 490 3.59 -31.12 -38.86
CA GLN C 490 4.55 -30.61 -39.83
C GLN C 490 3.86 -29.69 -40.83
N GLU C 491 2.71 -30.13 -41.35
CA GLU C 491 1.92 -29.25 -42.21
C GLU C 491 1.61 -27.94 -41.48
N LEU C 492 0.86 -28.04 -40.39
CA LEU C 492 0.31 -26.85 -39.72
C LEU C 492 1.39 -25.86 -39.31
N VAL C 493 2.62 -26.32 -39.09
CA VAL C 493 3.66 -25.40 -38.65
C VAL C 493 4.53 -24.97 -39.83
N GLN C 494 5.17 -25.93 -40.51
CA GLN C 494 6.12 -25.58 -41.56
C GLN C 494 5.44 -24.88 -42.72
N TYR C 495 4.30 -25.40 -43.18
CA TYR C 495 3.70 -24.88 -44.40
C TYR C 495 3.39 -23.39 -44.35
N PRO C 496 2.82 -22.84 -43.28
CA PRO C 496 2.68 -21.37 -43.21
C PRO C 496 4.00 -20.63 -43.25
N VAL C 497 5.07 -21.21 -42.70
CA VAL C 497 6.35 -20.51 -42.62
C VAL C 497 7.33 -20.92 -43.72
N GLU C 498 7.19 -22.11 -44.30
CA GLU C 498 8.07 -22.53 -45.37
C GLU C 498 7.51 -22.21 -46.75
N HIS C 499 6.19 -22.12 -46.88
CA HIS C 499 5.54 -21.76 -48.14
C HIS C 499 4.50 -20.68 -47.89
N PRO C 500 4.93 -19.48 -47.51
CA PRO C 500 3.96 -18.39 -47.33
C PRO C 500 3.23 -18.02 -48.62
N ASP C 501 3.89 -18.18 -49.76
CA ASP C 501 3.26 -17.83 -51.03
C ASP C 501 2.05 -18.70 -51.31
N LYS C 502 2.13 -20.00 -51.00
CA LYS C 502 1.01 -20.89 -51.23
C LYS C 502 -0.19 -20.50 -50.37
N PHE C 503 0.06 -20.17 -49.10
CA PHE C 503 -1.03 -19.74 -48.23
C PHE C 503 -1.62 -18.42 -48.68
N LEU C 504 -0.77 -17.49 -49.13
CA LEU C 504 -1.26 -16.20 -49.60
C LEU C 504 -2.06 -16.35 -50.90
N LYS C 505 -1.71 -17.32 -51.74
CA LYS C 505 -2.43 -17.53 -52.98
C LYS C 505 -3.88 -17.88 -52.72
N PHE C 506 -4.13 -18.76 -51.74
CA PHE C 506 -5.49 -19.14 -51.37
C PHE C 506 -6.06 -18.12 -50.38
N GLY C 507 -7.38 -18.09 -50.31
CA GLY C 507 -8.06 -17.16 -49.42
C GLY C 507 -8.30 -17.73 -48.04
N MET C 508 -7.27 -18.34 -47.46
CA MET C 508 -7.36 -18.89 -46.11
C MET C 508 -6.20 -18.39 -45.28
N THR C 509 -6.51 -17.85 -44.11
CA THR C 509 -5.48 -17.46 -43.15
C THR C 509 -4.94 -18.69 -42.45
N PRO C 510 -3.62 -18.89 -42.41
CA PRO C 510 -3.07 -20.06 -41.73
C PRO C 510 -3.41 -20.07 -40.25
N SER C 511 -3.60 -21.27 -39.70
CA SER C 511 -3.89 -21.40 -38.29
C SER C 511 -2.65 -21.14 -37.45
N LYS C 512 -2.83 -20.45 -36.32
CA LYS C 512 -1.73 -20.07 -35.46
C LYS C 512 -1.74 -20.85 -34.13
N GLY C 513 -2.48 -21.94 -34.06
CA GLY C 513 -2.53 -22.72 -32.84
C GLY C 513 -3.09 -24.10 -33.07
N VAL C 514 -2.65 -25.05 -32.24
CA VAL C 514 -3.17 -26.41 -32.24
C VAL C 514 -3.24 -26.89 -30.81
N LEU C 515 -4.20 -27.77 -30.53
CA LEU C 515 -4.39 -28.34 -29.20
C LEU C 515 -4.09 -29.83 -29.24
N PHE C 516 -3.27 -30.29 -28.31
CA PHE C 516 -2.96 -31.71 -28.15
C PHE C 516 -3.73 -32.24 -26.96
N TYR C 517 -4.56 -33.26 -27.19
CA TYR C 517 -5.35 -33.86 -26.14
C TYR C 517 -5.24 -35.37 -26.22
N GLY C 518 -5.21 -36.01 -25.06
CA GLY C 518 -5.06 -37.45 -24.98
C GLY C 518 -4.52 -37.88 -23.63
N PRO C 519 -4.28 -39.18 -23.47
CA PRO C 519 -3.74 -39.68 -22.21
C PRO C 519 -2.37 -39.09 -21.93
N PRO C 520 -2.09 -38.77 -20.67
CA PRO C 520 -0.74 -38.27 -20.33
C PRO C 520 0.30 -39.35 -20.60
N GLY C 521 1.47 -38.90 -21.06
CA GLY C 521 2.55 -39.81 -21.37
C GLY C 521 2.70 -40.19 -22.83
N CYS C 522 1.93 -39.56 -23.72
CA CYS C 522 2.00 -39.88 -25.14
C CYS C 522 2.95 -38.98 -25.90
N GLY C 523 3.61 -38.04 -25.24
CA GLY C 523 4.63 -37.24 -25.87
C GLY C 523 4.19 -35.97 -26.53
N LYS C 524 3.16 -35.30 -25.99
CA LYS C 524 2.76 -34.00 -26.52
C LYS C 524 3.89 -32.99 -26.36
N THR C 525 4.56 -33.01 -25.21
CA THR C 525 5.70 -32.13 -25.00
C THR C 525 6.80 -32.40 -26.02
N LEU C 526 7.10 -33.67 -26.26
CA LEU C 526 8.09 -33.98 -27.29
C LEU C 526 7.60 -33.61 -28.67
N LEU C 527 6.30 -33.70 -28.93
CA LEU C 527 5.78 -33.28 -30.22
C LEU C 527 6.04 -31.79 -30.44
N ALA C 528 5.76 -30.97 -29.43
CA ALA C 528 6.04 -29.55 -29.54
C ALA C 528 7.53 -29.29 -29.70
N LYS C 529 8.36 -30.00 -28.93
CA LYS C 529 9.80 -29.79 -29.04
C LYS C 529 10.32 -30.19 -30.40
N ALA C 530 9.83 -31.30 -30.96
CA ALA C 530 10.30 -31.78 -32.25
C ALA C 530 9.83 -30.86 -33.37
N ILE C 531 8.60 -30.35 -33.29
CA ILE C 531 8.16 -29.44 -34.33
C ILE C 531 8.90 -28.10 -34.24
N ALA C 532 9.30 -27.69 -33.03
CA ALA C 532 10.14 -26.51 -32.91
C ALA C 532 11.53 -26.76 -33.48
N ASN C 533 12.08 -27.95 -33.25
CA ASN C 533 13.43 -28.25 -33.74
C ASN C 533 13.45 -28.39 -35.26
N GLU C 534 12.41 -28.99 -35.84
CA GLU C 534 12.36 -29.18 -37.28
C GLU C 534 12.35 -27.84 -38.00
N CYS C 535 11.60 -26.87 -37.49
CA CYS C 535 11.60 -25.53 -38.04
C CYS C 535 12.76 -24.69 -37.56
N GLN C 536 13.63 -25.25 -36.69
CA GLN C 536 14.71 -24.49 -36.06
C GLN C 536 14.17 -23.27 -35.33
N ALA C 537 13.00 -23.44 -34.71
CA ALA C 537 12.30 -22.35 -34.04
C ALA C 537 12.44 -22.52 -32.53
N ASN C 538 12.58 -21.38 -31.84
CA ASN C 538 12.66 -21.41 -30.38
C ASN C 538 11.36 -21.96 -29.80
N ALA C 539 11.48 -22.69 -28.70
CA ALA C 539 10.32 -23.25 -28.01
C ALA C 539 10.30 -22.73 -26.58
N ILE C 540 9.16 -22.17 -26.18
CA ILE C 540 8.95 -21.70 -24.81
C ILE C 540 7.84 -22.57 -24.23
N SER C 541 8.22 -23.57 -23.44
CA SER C 541 7.28 -24.51 -22.87
C SER C 541 6.81 -24.01 -21.52
N ILE C 542 5.57 -23.53 -21.46
CA ILE C 542 4.93 -23.12 -20.22
C ILE C 542 4.17 -24.32 -19.69
N LYS C 543 4.74 -24.99 -18.69
CA LYS C 543 4.11 -26.17 -18.14
C LYS C 543 2.96 -25.79 -17.20
N GLY C 544 2.24 -26.81 -16.72
CA GLY C 544 1.19 -26.62 -15.75
C GLY C 544 1.61 -25.92 -14.48
N PRO C 545 2.79 -26.22 -13.93
CA PRO C 545 3.26 -25.43 -12.78
C PRO C 545 3.29 -23.94 -13.02
N GLU C 546 3.73 -23.49 -14.20
CA GLU C 546 3.76 -22.06 -14.47
C GLU C 546 2.36 -21.47 -14.56
N LEU C 547 1.44 -22.18 -15.22
CA LEU C 547 0.07 -21.70 -15.31
C LEU C 547 -0.57 -21.60 -13.94
N LEU C 548 -0.36 -22.62 -13.09
CA LEU C 548 -0.92 -22.57 -11.75
C LEU C 548 -0.24 -21.52 -10.89
N THR C 549 1.04 -21.26 -11.12
CA THR C 549 1.72 -20.18 -10.41
C THR C 549 1.12 -18.83 -10.77
N MET C 550 0.84 -18.60 -12.06
CA MET C 550 0.23 -17.35 -12.46
C MET C 550 -1.21 -17.24 -11.94
N TRP C 551 -1.93 -18.35 -11.90
CA TRP C 551 -3.31 -18.33 -11.42
C TRP C 551 -3.38 -18.08 -9.93
N PHE C 552 -2.60 -18.82 -9.15
CA PHE C 552 -2.65 -18.68 -7.69
C PHE C 552 -2.12 -17.33 -7.24
N GLY C 553 -1.06 -16.85 -7.89
CA GLY C 553 -0.53 -15.55 -7.56
C GLY C 553 -1.36 -14.38 -8.01
N GLU C 554 -2.49 -14.64 -8.70
CA GLU C 554 -3.38 -13.59 -9.19
C GLU C 554 -2.67 -12.63 -10.12
N SER C 555 -1.61 -13.10 -10.78
CA SER C 555 -0.85 -12.31 -11.73
C SER C 555 -1.02 -12.93 -13.10
N GLU C 556 -2.11 -12.56 -13.77
CA GLU C 556 -2.35 -12.99 -15.13
C GLU C 556 -1.55 -12.18 -16.15
N ALA C 557 -1.01 -11.03 -15.75
CA ALA C 557 -0.25 -10.19 -16.66
C ALA C 557 1.07 -10.82 -17.08
N ASN C 558 1.51 -11.90 -16.41
CA ASN C 558 2.73 -12.57 -16.82
C ASN C 558 2.60 -13.17 -18.22
N VAL C 559 1.38 -13.55 -18.60
CA VAL C 559 1.14 -14.07 -19.94
C VAL C 559 1.49 -13.03 -20.99
N ARG C 560 1.35 -11.74 -20.65
CA ARG C 560 1.67 -10.69 -21.61
C ARG C 560 3.14 -10.74 -22.00
N GLU C 561 4.05 -10.75 -21.01
CA GLU C 561 5.46 -10.80 -21.38
C GLU C 561 5.88 -12.19 -21.83
N ILE C 562 5.14 -13.24 -21.46
CA ILE C 562 5.41 -14.56 -22.03
C ILE C 562 5.18 -14.52 -23.54
N PHE C 563 4.04 -13.97 -23.96
CA PHE C 563 3.76 -13.84 -25.39
C PHE C 563 4.71 -12.86 -26.05
N ASP C 564 5.14 -11.82 -25.34
CA ASP C 564 6.13 -10.90 -25.91
C ASP C 564 7.45 -11.61 -26.16
N LYS C 565 7.89 -12.46 -25.22
CA LYS C 565 9.10 -13.24 -25.43
C LYS C 565 8.94 -14.21 -26.59
N ALA C 566 7.77 -14.84 -26.70
CA ALA C 566 7.52 -15.74 -27.82
C ALA C 566 7.57 -15.00 -29.15
N ARG C 567 6.97 -13.81 -29.21
CA ARG C 567 6.96 -13.03 -30.44
C ARG C 567 8.36 -12.55 -30.79
N GLN C 568 9.13 -12.10 -29.80
CA GLN C 568 10.49 -11.63 -30.05
C GLN C 568 11.41 -12.75 -30.51
N ALA C 569 11.04 -14.01 -30.25
CA ALA C 569 11.81 -15.16 -30.69
C ALA C 569 11.24 -15.78 -31.97
N ALA C 570 10.66 -14.95 -32.83
CA ALA C 570 10.06 -15.47 -34.07
C ALA C 570 11.15 -16.02 -34.99
N PRO C 571 10.97 -17.21 -35.55
CA PRO C 571 9.82 -18.10 -35.40
C PRO C 571 9.86 -18.85 -34.07
N CYS C 572 8.72 -19.01 -33.41
CA CYS C 572 8.69 -19.63 -32.10
C CYS C 572 7.48 -20.55 -32.00
N VAL C 573 7.63 -21.61 -31.22
CA VAL C 573 6.55 -22.55 -30.92
C VAL C 573 6.22 -22.36 -29.45
N LEU C 574 5.14 -21.64 -29.16
CA LEU C 574 4.77 -21.30 -27.79
C LEU C 574 3.97 -22.46 -27.22
N PHE C 575 4.64 -23.35 -26.49
CA PHE C 575 4.01 -24.55 -25.96
C PHE C 575 3.44 -24.28 -24.58
N PHE C 576 2.21 -24.71 -24.36
CA PHE C 576 1.52 -24.59 -23.07
C PHE C 576 1.24 -26.00 -22.56
N ASP C 577 2.22 -26.59 -21.87
CA ASP C 577 2.04 -27.92 -21.32
C ASP C 577 1.04 -27.89 -20.18
N GLU C 578 0.19 -28.92 -20.13
CA GLU C 578 -0.86 -29.05 -19.11
C GLU C 578 -1.73 -27.79 -19.07
N LEU C 579 -2.34 -27.49 -20.22
CA LEU C 579 -3.20 -26.33 -20.34
C LEU C 579 -4.44 -26.44 -19.46
N ASP C 580 -4.80 -27.65 -19.05
CA ASP C 580 -5.95 -27.87 -18.18
C ASP C 580 -5.57 -27.88 -16.71
N SER C 581 -4.33 -27.52 -16.37
CA SER C 581 -3.89 -27.52 -14.99
C SER C 581 -4.72 -26.58 -14.13
N ILE C 582 -5.01 -25.38 -14.64
CA ILE C 582 -5.83 -24.44 -13.90
C ILE C 582 -7.26 -24.94 -13.81
N ALA C 583 -7.80 -25.47 -14.91
CA ALA C 583 -9.14 -26.02 -14.90
C ALA C 583 -9.23 -27.26 -14.00
N LYS C 584 -8.11 -27.94 -13.75
CA LYS C 584 -8.10 -29.09 -12.86
C LYS C 584 -7.92 -28.69 -11.40
N ALA C 585 -7.17 -27.64 -11.12
CA ALA C 585 -7.04 -27.15 -9.75
C ALA C 585 -8.34 -26.50 -9.28
N ARG C 586 -9.02 -25.80 -10.18
CA ARG C 586 -10.31 -25.20 -9.85
C ARG C 586 -11.45 -26.19 -10.07
N GLY C 587 -11.31 -27.37 -9.46
CA GLY C 587 -12.31 -28.41 -9.56
C GLY C 587 -11.93 -29.46 -10.59
N GLY C 588 -12.60 -30.61 -10.49
CA GLY C 588 -12.33 -31.72 -11.39
C GLY C 588 -13.15 -31.65 -12.67
N ASN C 589 -13.89 -32.72 -12.97
CA ASN C 589 -14.73 -32.74 -14.16
C ASN C 589 -15.80 -31.66 -14.09
N ILE C 590 -16.67 -31.74 -13.10
CA ILE C 590 -17.67 -30.70 -12.88
C ILE C 590 -17.15 -29.63 -11.93
N GLY C 591 -16.31 -30.01 -10.98
CA GLY C 591 -15.68 -29.06 -10.09
C GLY C 591 -16.67 -28.29 -9.23
N ASP C 592 -16.34 -27.03 -8.97
CA ASP C 592 -17.19 -26.16 -8.18
C ASP C 592 -18.38 -25.72 -9.03
N GLY C 593 -19.17 -24.79 -8.48
CA GLY C 593 -20.31 -24.27 -9.21
C GLY C 593 -19.97 -23.29 -10.31
N GLY C 594 -18.71 -22.88 -10.41
CA GLY C 594 -18.28 -21.94 -11.42
C GLY C 594 -18.12 -22.58 -12.78
N GLY C 595 -17.78 -21.73 -13.75
CA GLY C 595 -17.60 -22.16 -15.13
C GLY C 595 -16.22 -22.71 -15.38
N ALA C 596 -15.87 -22.77 -16.66
CA ALA C 596 -14.59 -23.33 -17.08
C ALA C 596 -13.55 -22.27 -17.42
N ALA C 597 -13.95 -21.03 -17.61
CA ALA C 597 -12.98 -19.98 -17.94
C ALA C 597 -12.13 -19.62 -16.74
N ASP C 598 -10.86 -19.30 -17.00
CA ASP C 598 -9.90 -18.97 -15.97
C ASP C 598 -9.15 -17.71 -16.35
N ARG C 599 -8.66 -16.99 -15.33
CA ARG C 599 -8.03 -15.69 -15.59
C ARG C 599 -6.78 -15.83 -16.44
N VAL C 600 -5.93 -16.82 -16.14
CA VAL C 600 -4.72 -17.01 -16.94
C VAL C 600 -5.07 -17.53 -18.33
N ILE C 601 -6.03 -18.46 -18.41
CA ILE C 601 -6.51 -18.92 -19.71
C ILE C 601 -7.13 -17.75 -20.48
N ASN C 602 -7.82 -16.86 -19.76
CA ASN C 602 -8.40 -15.69 -20.41
C ASN C 602 -7.31 -14.77 -20.97
N GLN C 603 -6.24 -14.56 -20.22
CA GLN C 603 -5.15 -13.74 -20.72
C GLN C 603 -4.47 -14.41 -21.91
N ILE C 604 -4.36 -15.73 -21.89
CA ILE C 604 -3.82 -16.45 -23.04
C ILE C 604 -4.71 -16.22 -24.25
N LEU C 605 -6.02 -16.30 -24.07
CA LEU C 605 -6.95 -16.05 -25.17
C LEU C 605 -6.80 -14.64 -25.71
N THR C 606 -6.70 -13.66 -24.82
CA THR C 606 -6.54 -12.27 -25.24
C THR C 606 -5.25 -12.08 -26.03
N GLU C 607 -4.15 -12.67 -25.55
CA GLU C 607 -2.88 -12.55 -26.25
C GLU C 607 -2.93 -13.22 -27.62
N MET C 608 -3.53 -14.41 -27.69
CA MET C 608 -3.63 -15.11 -28.97
C MET C 608 -4.49 -14.31 -29.96
N ASP C 609 -5.59 -13.72 -29.47
CA ASP C 609 -6.40 -12.86 -30.34
C ASP C 609 -5.60 -11.65 -30.79
N GLY C 610 -4.73 -11.12 -29.93
CA GLY C 610 -3.86 -10.03 -30.29
C GLY C 610 -2.60 -10.41 -31.02
N MET C 611 -2.36 -11.70 -31.24
CA MET C 611 -1.15 -12.16 -31.91
C MET C 611 -1.42 -12.31 -33.40
N SER C 612 -0.61 -11.64 -34.22
CA SER C 612 -0.73 -11.79 -35.66
C SER C 612 -0.19 -13.14 -36.11
N THR C 613 -0.90 -13.78 -37.03
CA THR C 613 -0.48 -15.08 -37.53
C THR C 613 0.84 -14.97 -38.30
N LYS C 614 1.03 -13.88 -39.02
CA LYS C 614 2.24 -13.65 -39.80
C LYS C 614 3.49 -13.69 -38.95
N LYS C 615 3.37 -13.36 -37.66
CA LYS C 615 4.49 -13.37 -36.72
C LYS C 615 5.08 -14.76 -36.54
N ASN C 616 4.52 -15.77 -37.21
CA ASN C 616 4.99 -17.15 -37.20
C ASN C 616 5.37 -17.61 -35.80
N VAL C 617 4.51 -17.27 -34.84
CA VAL C 617 4.60 -17.75 -33.48
C VAL C 617 3.43 -18.70 -33.27
N PHE C 618 3.74 -19.99 -33.13
CA PHE C 618 2.73 -21.03 -33.05
C PHE C 618 2.49 -21.41 -31.59
N ILE C 619 1.22 -21.56 -31.23
CA ILE C 619 0.81 -21.89 -29.87
C ILE C 619 0.34 -23.33 -29.86
N ILE C 620 0.95 -24.14 -29.02
CA ILE C 620 0.58 -25.55 -28.88
C ILE C 620 0.13 -25.79 -27.45
N GLY C 621 -1.06 -26.37 -27.30
CA GLY C 621 -1.58 -26.65 -25.97
C GLY C 621 -1.77 -28.13 -25.73
N ALA C 622 -1.29 -28.60 -24.58
CA ALA C 622 -1.42 -30.01 -24.20
C ALA C 622 -2.39 -30.11 -23.02
N THR C 623 -3.43 -30.93 -23.18
CA THR C 623 -4.44 -31.12 -22.14
C THR C 623 -4.64 -32.60 -21.91
N ASN C 624 -4.42 -33.05 -20.68
CA ASN C 624 -4.75 -34.42 -20.31
C ASN C 624 -6.24 -34.59 -20.02
N ARG C 625 -6.95 -33.49 -19.81
CA ARG C 625 -8.41 -33.50 -19.61
C ARG C 625 -9.01 -32.45 -20.54
N PRO C 626 -9.15 -32.77 -21.83
CA PRO C 626 -9.72 -31.79 -22.77
C PRO C 626 -11.15 -31.40 -22.45
N ASP C 627 -11.90 -32.24 -21.74
CA ASP C 627 -13.30 -31.95 -21.45
C ASP C 627 -13.45 -30.87 -20.38
N ILE C 628 -12.42 -30.62 -19.57
CA ILE C 628 -12.53 -29.63 -18.51
C ILE C 628 -12.06 -28.25 -18.93
N ILE C 629 -11.39 -28.13 -20.09
CA ILE C 629 -10.96 -26.82 -20.54
C ILE C 629 -12.15 -26.03 -21.09
N ASP C 630 -12.02 -24.71 -21.07
CA ASP C 630 -13.10 -23.86 -21.55
C ASP C 630 -13.22 -23.97 -23.07
N PRO C 631 -14.44 -24.12 -23.60
CA PRO C 631 -14.58 -24.17 -25.07
C PRO C 631 -14.17 -22.88 -25.76
N ALA C 632 -14.07 -21.77 -25.03
CA ALA C 632 -13.67 -20.51 -25.64
C ALA C 632 -12.28 -20.59 -26.25
N ILE C 633 -11.42 -21.45 -25.70
CA ILE C 633 -10.10 -21.65 -26.30
C ILE C 633 -10.18 -22.51 -27.55
N LEU C 634 -11.28 -23.24 -27.74
CA LEU C 634 -11.47 -24.08 -28.91
C LEU C 634 -12.16 -23.35 -30.05
N ARG C 635 -12.45 -22.07 -29.89
CA ARG C 635 -13.09 -21.31 -30.95
C ARG C 635 -12.15 -21.22 -32.15
N PRO C 636 -12.69 -21.23 -33.37
CA PRO C 636 -11.82 -21.12 -34.55
C PRO C 636 -11.00 -19.84 -34.53
N GLY C 637 -9.76 -19.95 -34.96
CA GLY C 637 -8.82 -18.84 -34.95
C GLY C 637 -7.80 -18.89 -33.84
N ARG C 638 -8.04 -19.66 -32.78
CA ARG C 638 -7.09 -19.81 -31.69
C ARG C 638 -6.52 -21.22 -31.60
N LEU C 639 -7.38 -22.22 -31.42
CA LEU C 639 -6.97 -23.61 -31.31
C LEU C 639 -7.96 -24.49 -32.08
N ASP C 640 -8.29 -24.07 -33.30
CA ASP C 640 -9.32 -24.77 -34.07
C ASP C 640 -8.93 -26.22 -34.37
N GLN C 641 -7.65 -26.52 -34.46
CA GLN C 641 -7.19 -27.88 -34.70
C GLN C 641 -7.03 -28.60 -33.37
N LEU C 642 -7.82 -29.65 -33.18
CA LEU C 642 -7.75 -30.49 -31.98
C LEU C 642 -7.13 -31.82 -32.38
N ILE C 643 -5.80 -31.88 -32.33
CA ILE C 643 -5.08 -33.08 -32.73
C ILE C 643 -5.11 -34.07 -31.56
N TYR C 644 -5.69 -35.24 -31.79
CA TYR C 644 -5.76 -36.28 -30.78
C TYR C 644 -4.46 -37.06 -30.74
N ILE C 645 -3.87 -37.17 -29.56
CA ILE C 645 -2.66 -37.97 -29.38
C ILE C 645 -3.07 -39.30 -28.76
N PRO C 646 -3.28 -40.33 -29.57
CA PRO C 646 -3.84 -41.58 -29.04
C PRO C 646 -2.80 -42.38 -28.26
N LEU C 647 -3.31 -43.33 -27.48
CA LEU C 647 -2.43 -44.25 -26.78
C LEU C 647 -1.68 -45.10 -27.79
N PRO C 648 -0.36 -45.21 -27.68
CA PRO C 648 0.42 -45.89 -28.72
C PRO C 648 0.01 -47.35 -28.87
N ASP C 649 -0.03 -47.79 -30.13
CA ASP C 649 -0.31 -49.19 -30.46
C ASP C 649 1.00 -49.95 -30.57
N GLU C 650 0.95 -51.16 -31.14
CA GLU C 650 2.13 -52.02 -31.19
C GLU C 650 3.28 -51.35 -31.93
N LYS C 651 3.02 -50.84 -33.14
CA LYS C 651 4.08 -50.21 -33.92
C LYS C 651 4.58 -48.94 -33.23
N SER C 652 3.65 -48.13 -32.71
CA SER C 652 4.06 -46.91 -32.01
C SER C 652 4.88 -47.23 -30.78
N ARG C 653 4.47 -48.25 -30.02
CA ARG C 653 5.23 -48.63 -28.82
C ARG C 653 6.61 -49.15 -29.19
N VAL C 654 6.71 -49.92 -30.28
CA VAL C 654 8.01 -50.39 -30.74
C VAL C 654 8.90 -49.21 -31.11
N ALA C 655 8.35 -48.24 -31.83
CA ALA C 655 9.14 -47.08 -32.22
C ALA C 655 9.56 -46.26 -31.00
N ILE C 656 8.67 -46.14 -30.00
CA ILE C 656 9.00 -45.43 -28.78
C ILE C 656 10.15 -46.11 -28.05
N LEU C 657 10.09 -47.44 -27.95
CA LEU C 657 11.16 -48.18 -27.30
C LEU C 657 12.47 -48.02 -28.07
N LYS C 658 12.41 -48.05 -29.40
CA LYS C 658 13.62 -47.86 -30.19
C LYS C 658 14.21 -46.48 -29.96
N ALA C 659 13.37 -45.45 -29.89
CA ALA C 659 13.85 -44.09 -29.66
C ALA C 659 14.45 -43.95 -28.27
N ASN C 660 13.82 -44.54 -27.25
CA ASN C 660 14.30 -44.38 -25.89
C ASN C 660 15.60 -45.14 -25.66
N LEU C 661 15.68 -46.38 -26.15
CA LEU C 661 16.84 -47.22 -25.90
C LEU C 661 18.07 -46.82 -26.71
N ARG C 662 17.94 -45.84 -27.62
CA ARG C 662 19.09 -45.38 -28.38
C ARG C 662 20.15 -44.74 -27.50
N LYS C 663 19.79 -44.27 -26.30
CA LYS C 663 20.74 -43.64 -25.40
C LYS C 663 21.34 -44.64 -24.42
N SER C 664 20.50 -45.42 -23.75
CA SER C 664 21.00 -46.39 -22.79
C SER C 664 21.52 -47.62 -23.52
N PRO C 665 22.76 -48.03 -23.30
CA PRO C 665 23.28 -49.24 -23.95
C PRO C 665 22.50 -50.48 -23.50
N VAL C 666 21.86 -51.14 -24.45
CA VAL C 666 21.04 -52.31 -24.19
C VAL C 666 21.59 -53.49 -24.98
N ALA C 667 21.59 -54.66 -24.35
CA ALA C 667 22.05 -55.87 -25.02
C ALA C 667 21.12 -56.25 -26.16
N LYS C 668 21.69 -56.86 -27.20
CA LYS C 668 20.91 -57.25 -28.36
C LYS C 668 19.90 -58.36 -28.06
N ASP C 669 20.03 -59.02 -26.91
CA ASP C 669 19.05 -60.05 -26.53
C ASP C 669 17.67 -59.46 -26.25
N VAL C 670 17.58 -58.14 -26.07
CA VAL C 670 16.29 -57.53 -25.79
C VAL C 670 15.37 -57.70 -27.01
N ASP C 671 14.08 -57.88 -26.74
CA ASP C 671 13.07 -58.10 -27.76
C ASP C 671 11.98 -57.02 -27.69
N LEU C 672 12.24 -55.90 -28.38
CA LEU C 672 11.37 -54.74 -28.25
C LEU C 672 9.96 -55.01 -28.76
N GLU C 673 9.84 -55.78 -29.84
CA GLU C 673 8.51 -56.12 -30.35
C GLU C 673 7.72 -56.92 -29.33
N PHE C 674 8.36 -57.92 -28.70
CA PHE C 674 7.69 -58.70 -27.67
C PHE C 674 7.34 -57.83 -26.48
N LEU C 675 8.26 -56.95 -26.06
CA LEU C 675 8.00 -56.08 -24.93
C LEU C 675 6.80 -55.18 -25.21
N ALA C 676 6.71 -54.64 -26.42
CA ALA C 676 5.56 -53.82 -26.80
C ALA C 676 4.29 -54.65 -26.81
N LYS C 677 4.36 -55.90 -27.27
CA LYS C 677 3.16 -56.72 -27.33
C LYS C 677 2.67 -57.13 -25.95
N MET C 678 3.57 -57.21 -24.95
CA MET C 678 3.08 -57.39 -23.59
C MET C 678 2.43 -56.12 -23.07
N THR C 679 3.03 -54.96 -23.34
CA THR C 679 2.54 -53.68 -22.85
C THR C 679 1.33 -53.28 -23.69
N ASN C 680 0.14 -53.67 -23.22
CA ASN C 680 -1.10 -53.32 -23.88
C ASN C 680 -1.58 -51.97 -23.36
N GLY C 681 -1.73 -51.00 -24.26
CA GLY C 681 -2.19 -49.68 -23.87
C GLY C 681 -1.23 -48.94 -22.96
N PHE C 682 0.06 -48.94 -23.32
CA PHE C 682 1.08 -48.26 -22.53
C PHE C 682 1.49 -46.98 -23.22
N SER C 683 1.57 -45.89 -22.46
CA SER C 683 1.98 -44.60 -22.99
C SER C 683 3.48 -44.54 -23.15
N GLY C 684 3.94 -43.56 -23.94
CA GLY C 684 5.37 -43.42 -24.19
C GLY C 684 6.15 -43.10 -22.93
N ALA C 685 5.65 -42.18 -22.11
CA ALA C 685 6.35 -41.88 -20.87
C ALA C 685 6.28 -43.05 -19.89
N ASP C 686 5.28 -43.91 -20.00
CA ASP C 686 5.29 -45.13 -19.20
C ASP C 686 6.35 -46.11 -19.72
N LEU C 687 6.65 -46.09 -21.02
CA LEU C 687 7.76 -46.89 -21.52
C LEU C 687 9.10 -46.31 -21.06
N THR C 688 9.21 -44.99 -20.98
CA THR C 688 10.42 -44.42 -20.41
C THR C 688 10.53 -44.72 -18.92
N GLU C 689 9.40 -44.81 -18.22
CA GLU C 689 9.43 -45.29 -16.84
C GLU C 689 9.81 -46.77 -16.77
N ILE C 690 9.44 -47.53 -17.80
CA ILE C 690 9.91 -48.91 -17.90
C ILE C 690 11.43 -48.95 -17.98
N CYS C 691 12.02 -48.10 -18.81
CA CYS C 691 13.48 -48.01 -18.79
C CYS C 691 13.98 -47.50 -17.44
N GLN C 692 13.27 -46.54 -16.84
CA GLN C 692 13.70 -46.09 -15.51
C GLN C 692 13.89 -47.29 -14.60
N ARG C 693 12.87 -48.15 -14.52
CA ARG C 693 12.94 -49.35 -13.70
C ARG C 693 14.09 -50.26 -14.14
N ALA C 694 14.06 -50.71 -15.41
CA ALA C 694 15.00 -51.76 -15.84
C ALA C 694 16.43 -51.24 -15.94
N CYS C 695 16.60 -50.10 -16.59
CA CYS C 695 17.90 -49.45 -16.70
C CYS C 695 18.46 -49.12 -15.32
N LYS C 696 17.61 -48.73 -14.36
CA LYS C 696 18.08 -48.48 -13.00
C LYS C 696 18.48 -49.78 -12.31
N LEU C 697 17.75 -50.87 -12.58
CA LEU C 697 18.14 -52.17 -12.05
C LEU C 697 19.50 -52.58 -12.60
N ALA C 698 19.75 -52.29 -13.88
CA ALA C 698 21.06 -52.56 -14.47
C ALA C 698 22.15 -51.73 -13.80
N ILE C 699 21.86 -50.45 -13.55
CA ILE C 699 22.83 -49.59 -12.88
C ILE C 699 23.13 -50.11 -11.48
N ARG C 700 22.08 -50.51 -10.75
CA ARG C 700 22.27 -51.04 -9.40
C ARG C 700 23.05 -52.35 -9.43
N GLU C 701 22.79 -53.19 -10.42
CA GLU C 701 23.54 -54.43 -10.57
C GLU C 701 25.01 -54.14 -10.82
N SER C 702 25.30 -53.18 -11.69
CA SER C 702 26.69 -52.80 -11.94
C SER C 702 27.36 -52.27 -10.69
N ILE C 703 26.65 -51.43 -9.93
CA ILE C 703 27.24 -50.85 -8.72
C ILE C 703 27.50 -51.93 -7.68
N GLU C 704 26.54 -52.83 -7.46
CA GLU C 704 26.72 -53.88 -6.47
C GLU C 704 27.82 -54.86 -6.90
N SER C 705 27.91 -55.15 -8.20
CA SER C 705 29.01 -55.98 -8.69
C SER C 705 30.34 -55.30 -8.44
N GLU C 706 30.43 -54.00 -8.69
CA GLU C 706 31.68 -53.27 -8.44
C GLU C 706 32.05 -53.32 -6.97
N ILE C 707 31.09 -53.09 -6.08
CA ILE C 707 31.43 -53.03 -4.66
C ILE C 707 31.79 -54.42 -4.13
N ARG C 708 31.10 -55.47 -4.59
CA ARG C 708 31.44 -56.81 -4.13
C ARG C 708 32.80 -57.25 -4.69
N ARG C 709 33.11 -56.85 -5.93
CA ARG C 709 34.43 -57.13 -6.49
C ARG C 709 35.51 -56.40 -5.71
N GLU C 710 35.23 -55.15 -5.30
CA GLU C 710 36.17 -54.42 -4.46
C GLU C 710 36.38 -55.10 -3.12
N ARG C 711 35.31 -55.60 -2.51
CA ARG C 711 35.40 -56.17 -1.17
C ARG C 711 36.00 -57.57 -1.16
N GLU C 712 35.84 -58.34 -2.23
CA GLU C 712 36.22 -59.75 -2.18
C GLU C 712 37.74 -59.93 -2.12
N ARG C 713 38.49 -59.17 -2.92
CA ARG C 713 39.93 -59.40 -3.00
C ARG C 713 40.72 -58.61 -1.98
N GLN C 714 40.08 -57.71 -1.22
CA GLN C 714 40.80 -56.93 -0.22
C GLN C 714 41.29 -57.80 0.93
N THR C 715 40.70 -58.97 1.14
CA THR C 715 41.16 -59.85 2.21
C THR C 715 42.49 -60.50 1.86
N ASN C 716 42.64 -60.94 0.62
CA ASN C 716 43.87 -61.61 0.21
C ASN C 716 44.99 -60.60 0.03
N PRO C 717 46.12 -60.72 0.75
CA PRO C 717 47.24 -59.77 0.58
C PRO C 717 48.14 -60.14 -0.58
N SER C 718 47.59 -60.04 -1.79
CA SER C 718 48.30 -60.36 -3.01
C SER C 718 48.76 -59.08 -3.70
N ALA C 719 50.07 -58.98 -3.97
CA ALA C 719 50.61 -57.79 -4.60
C ALA C 719 50.07 -57.62 -6.02
N MET C 720 49.99 -58.72 -6.78
CA MET C 720 49.53 -58.69 -8.17
C MET C 720 48.44 -59.75 -8.31
N GLU C 721 47.19 -59.34 -8.13
CA GLU C 721 46.03 -60.21 -8.35
C GLU C 721 44.87 -59.31 -8.75
N VAL C 722 44.70 -59.12 -10.06
CA VAL C 722 43.67 -58.25 -10.61
C VAL C 722 42.99 -59.01 -11.74
N GLU C 723 41.80 -59.54 -11.47
CA GLU C 723 40.98 -60.18 -12.49
C GLU C 723 39.96 -59.16 -13.01
N GLU C 724 40.50 -58.16 -13.72
CA GLU C 724 39.69 -57.04 -14.18
C GLU C 724 38.78 -57.47 -15.32
N ASP C 725 37.48 -57.27 -15.15
CA ASP C 725 36.50 -57.57 -16.19
C ASP C 725 35.22 -56.80 -15.89
N ASP C 726 34.64 -56.21 -16.93
CA ASP C 726 33.40 -55.47 -16.75
C ASP C 726 32.26 -56.44 -16.44
N PRO C 727 31.47 -56.21 -15.38
CA PRO C 727 30.36 -57.11 -15.08
C PRO C 727 29.34 -57.14 -16.19
N VAL C 728 28.81 -55.99 -16.56
CA VAL C 728 27.90 -55.85 -17.69
C VAL C 728 27.85 -54.39 -18.11
N PRO C 729 28.11 -54.07 -19.37
CA PRO C 729 28.07 -52.66 -19.81
C PRO C 729 26.73 -52.28 -20.42
N GLU C 730 25.86 -53.26 -20.60
CA GLU C 730 24.56 -53.06 -21.25
C GLU C 730 23.44 -53.50 -20.31
N ILE C 731 22.23 -53.53 -20.84
CA ILE C 731 21.05 -53.94 -20.09
C ILE C 731 20.51 -55.21 -20.74
N ARG C 732 20.40 -56.27 -19.96
CA ARG C 732 19.93 -57.55 -20.47
C ARG C 732 18.41 -57.67 -20.33
N ARG C 733 17.87 -58.72 -20.93
CA ARG C 733 16.42 -58.93 -20.91
C ARG C 733 15.91 -59.24 -19.51
N ASP C 734 16.78 -59.69 -18.60
CA ASP C 734 16.35 -59.97 -17.24
C ASP C 734 15.90 -58.69 -16.54
N HIS C 735 16.61 -57.59 -16.75
CA HIS C 735 16.21 -56.32 -16.16
C HIS C 735 14.85 -55.88 -16.69
N PHE C 736 14.61 -56.05 -17.99
CA PHE C 736 13.32 -55.67 -18.55
C PHE C 736 12.20 -56.57 -18.03
N GLU C 737 12.48 -57.86 -17.85
CA GLU C 737 11.48 -58.76 -17.28
C GLU C 737 11.16 -58.37 -15.84
N GLU C 738 12.19 -58.00 -15.06
CA GLU C 738 11.95 -57.53 -13.71
C GLU C 738 11.12 -56.25 -13.70
N ALA C 739 11.40 -55.35 -14.65
CA ALA C 739 10.60 -54.14 -14.77
C ALA C 739 9.15 -54.46 -15.09
N MET C 740 8.93 -55.41 -16.01
CA MET C 740 7.57 -55.87 -16.29
C MET C 740 6.89 -56.44 -15.06
N ARG C 741 7.63 -57.19 -14.26
CA ARG C 741 7.06 -57.70 -13.01
C ARG C 741 6.78 -56.56 -12.03
N PHE C 742 7.49 -55.45 -12.16
CA PHE C 742 7.27 -54.28 -11.31
C PHE C 742 6.29 -53.30 -11.93
N ALA C 743 6.61 -52.78 -13.11
CA ALA C 743 5.73 -51.83 -13.78
C ALA C 743 4.47 -52.53 -14.27
N ARG C 744 3.34 -51.84 -14.16
CA ARG C 744 2.05 -52.42 -14.53
C ARG C 744 1.30 -51.52 -15.50
N ARG C 745 0.01 -51.82 -15.71
CA ARG C 745 -0.82 -51.13 -16.70
C ARG C 745 -0.64 -49.62 -16.63
N SER C 746 -0.67 -48.98 -17.80
CA SER C 746 -0.35 -47.56 -17.89
C SER C 746 -1.43 -46.71 -17.24
N VAL C 747 -2.64 -46.73 -17.81
CA VAL C 747 -3.74 -45.90 -17.35
C VAL C 747 -5.02 -46.71 -17.34
N SER C 748 -6.03 -46.20 -16.63
CA SER C 748 -7.32 -46.86 -16.58
C SER C 748 -7.99 -46.84 -17.94
N ASP C 749 -8.71 -47.94 -18.25
CA ASP C 749 -9.43 -48.01 -19.51
C ASP C 749 -10.57 -47.01 -19.59
N ASN C 750 -11.11 -46.59 -18.44
CA ASN C 750 -12.16 -45.58 -18.43
C ASN C 750 -11.66 -44.26 -19.01
N ASP C 751 -10.42 -43.89 -18.67
CA ASP C 751 -9.84 -42.68 -19.24
C ASP C 751 -9.72 -42.79 -20.75
N ILE C 752 -9.30 -43.95 -21.24
CA ILE C 752 -9.18 -44.15 -22.68
C ILE C 752 -10.54 -44.06 -23.35
N ARG C 753 -11.57 -44.61 -22.72
CA ARG C 753 -12.92 -44.50 -23.25
C ARG C 753 -13.37 -43.03 -23.28
N LYS C 754 -13.03 -42.27 -22.24
CA LYS C 754 -13.36 -40.85 -22.24
C LYS C 754 -12.67 -40.11 -23.37
N TYR C 755 -11.38 -40.42 -23.61
CA TYR C 755 -10.66 -39.79 -24.71
C TYR C 755 -11.26 -40.16 -26.05
N GLU C 756 -11.63 -41.44 -26.22
CA GLU C 756 -12.20 -41.87 -27.49
C GLU C 756 -13.57 -41.28 -27.73
N MET C 757 -14.36 -41.06 -26.67
CA MET C 757 -15.66 -40.43 -26.86
C MET C 757 -15.51 -38.93 -27.10
N PHE C 758 -14.50 -38.30 -26.49
CA PHE C 758 -14.21 -36.90 -26.82
C PHE C 758 -13.78 -36.77 -28.28
N ALA C 759 -12.96 -37.70 -28.76
CA ALA C 759 -12.58 -37.69 -30.17
C ALA C 759 -13.78 -37.92 -31.07
N GLN C 760 -14.68 -38.83 -30.67
CA GLN C 760 -15.91 -39.05 -31.43
C GLN C 760 -16.80 -37.83 -31.42
N THR C 761 -16.70 -37.00 -30.38
CA THR C 761 -17.50 -35.78 -30.26
C THR C 761 -16.69 -34.53 -30.60
N LEU C 762 -15.80 -34.64 -31.61
CA LEU C 762 -15.07 -33.47 -32.06
C LEU C 762 -16.01 -32.41 -32.63
N GLN C 763 -17.14 -32.84 -33.18
CA GLN C 763 -18.15 -31.90 -33.68
C GLN C 763 -19.48 -32.18 -33.00
N GLN C 764 -20.54 -31.49 -33.45
CA GLN C 764 -21.88 -31.63 -32.87
C GLN C 764 -21.88 -31.33 -31.38
N SER C 765 -21.10 -30.32 -30.99
CA SER C 765 -21.01 -29.92 -29.60
C SER C 765 -21.11 -28.40 -29.50
N ARG C 766 -21.58 -27.93 -28.35
CA ARG C 766 -21.74 -26.50 -28.07
C ARG C 766 -22.61 -25.82 -29.12
N ASN D 21 68.29 -33.98 -4.43
CA ASN D 21 68.35 -32.53 -4.58
C ASN D 21 68.49 -31.85 -3.23
N ARG D 22 69.36 -32.38 -2.39
CA ARG D 22 69.63 -31.80 -1.09
C ARG D 22 68.37 -31.75 -0.23
N PRO D 23 67.87 -32.89 0.25
CA PRO D 23 66.71 -32.87 1.14
C PRO D 23 67.09 -32.56 2.58
N ASN D 24 67.98 -31.59 2.76
CA ASN D 24 68.26 -31.08 4.09
C ASN D 24 67.06 -30.32 4.64
N ARG D 25 66.60 -29.33 3.88
CA ARG D 25 65.51 -28.49 4.33
C ARG D 25 64.18 -29.23 4.23
N LEU D 26 63.14 -28.63 4.82
CA LEU D 26 61.81 -29.21 4.73
C LEU D 26 60.78 -28.14 5.09
N ILE D 27 59.54 -28.40 4.68
CA ILE D 27 58.50 -27.40 4.70
C ILE D 27 57.76 -27.46 6.03
N VAL D 28 57.02 -26.40 6.31
CA VAL D 28 56.30 -26.26 7.56
C VAL D 28 54.87 -26.76 7.39
N ASP D 29 54.26 -27.10 8.52
CA ASP D 29 52.84 -27.42 8.58
C ASP D 29 52.38 -27.19 10.02
N GLU D 30 51.07 -27.08 10.17
CA GLU D 30 50.50 -26.87 11.50
C GLU D 30 50.88 -28.04 12.41
N ALA D 31 51.00 -27.74 13.70
CA ALA D 31 51.43 -28.71 14.70
C ALA D 31 50.25 -29.10 15.59
N ILE D 32 50.26 -30.35 16.03
CA ILE D 32 49.23 -30.86 16.93
C ILE D 32 49.67 -30.78 18.38
N ASN D 33 50.78 -31.42 18.71
CA ASN D 33 51.27 -31.41 20.08
C ASN D 33 51.60 -29.99 20.49
N GLU D 34 50.97 -29.52 21.58
CA GLU D 34 51.13 -28.15 22.01
C GLU D 34 52.40 -27.94 22.83
N ASP D 35 53.03 -29.01 23.28
CA ASP D 35 54.31 -28.92 23.97
C ASP D 35 55.26 -28.01 23.21
N ASN D 36 55.69 -26.95 23.87
CA ASN D 36 56.59 -25.98 23.24
C ASN D 36 57.94 -26.61 22.98
N SER D 37 58.59 -26.13 21.92
CA SER D 37 59.90 -26.65 21.53
C SER D 37 59.83 -28.14 21.21
N VAL D 38 58.75 -28.53 20.53
CA VAL D 38 58.52 -29.92 20.17
C VAL D 38 57.99 -29.97 18.75
N VAL D 39 58.26 -31.09 18.08
CA VAL D 39 57.90 -31.26 16.68
C VAL D 39 57.39 -32.68 16.47
N SER D 40 56.95 -32.93 15.24
CA SER D 40 56.48 -34.23 14.82
C SER D 40 56.77 -34.40 13.33
N LEU D 41 56.81 -35.65 12.89
CA LEU D 41 57.09 -35.93 11.48
C LEU D 41 56.52 -37.28 11.11
N SER D 42 56.37 -37.49 9.80
CA SER D 42 56.01 -38.81 9.31
C SER D 42 57.05 -39.82 9.77
N GLN D 43 56.66 -41.10 9.72
CA GLN D 43 57.47 -42.17 10.29
C GLN D 43 58.70 -42.52 9.47
N PRO D 44 58.67 -42.43 8.13
CA PRO D 44 59.80 -42.99 7.37
C PRO D 44 61.06 -42.17 7.49
N LYS D 45 60.95 -40.84 7.46
CA LYS D 45 62.14 -40.01 7.38
C LYS D 45 62.86 -39.96 8.71
N MET D 46 63.35 -41.11 9.16
CA MET D 46 64.24 -41.21 10.31
C MET D 46 65.67 -41.47 9.90
N ASP D 47 65.86 -42.34 8.92
CA ASP D 47 67.19 -42.62 8.39
C ASP D 47 67.69 -41.47 7.54
N GLU D 48 66.80 -40.87 6.73
CA GLU D 48 67.20 -39.72 5.92
C GLU D 48 67.80 -38.64 6.79
N LEU D 49 67.35 -38.54 8.03
CA LEU D 49 67.95 -37.64 9.01
C LEU D 49 68.72 -38.40 10.09
N GLN D 50 68.44 -39.69 10.27
CA GLN D 50 69.24 -40.58 11.11
C GLN D 50 69.31 -40.06 12.55
N LEU D 51 68.15 -40.07 13.20
CA LEU D 51 68.05 -39.63 14.58
C LEU D 51 66.76 -40.17 15.17
N PHE D 52 66.70 -40.16 16.50
CA PHE D 52 65.57 -40.70 17.23
C PHE D 52 64.81 -39.58 17.94
N ARG D 53 63.56 -39.89 18.29
CA ARG D 53 62.68 -38.89 18.88
C ARG D 53 63.34 -38.15 20.03
N GLY D 54 63.89 -38.89 21.00
CA GLY D 54 64.53 -38.25 22.12
C GLY D 54 65.68 -37.36 21.73
N ASP D 55 66.19 -37.50 20.50
CA ASP D 55 67.32 -36.71 20.07
C ASP D 55 66.97 -35.23 20.08
N THR D 56 68.00 -34.40 20.21
CA THR D 56 67.88 -32.95 20.16
C THR D 56 68.44 -32.46 18.85
N VAL D 57 67.70 -31.59 18.18
CA VAL D 57 68.02 -31.18 16.82
C VAL D 57 67.84 -29.68 16.69
N LEU D 58 68.77 -29.04 15.98
CA LEU D 58 68.70 -27.62 15.70
C LEU D 58 68.01 -27.40 14.35
N LEU D 59 67.38 -26.24 14.24
CA LEU D 59 66.58 -25.90 13.07
C LEU D 59 66.82 -24.43 12.76
N LYS D 60 67.15 -24.16 11.50
CA LYS D 60 67.57 -22.82 11.12
C LYS D 60 66.38 -21.95 10.77
N GLY D 61 66.65 -20.66 10.69
CA GLY D 61 65.61 -19.69 10.40
C GLY D 61 66.22 -18.37 9.98
N LYS D 62 65.37 -17.53 9.42
CA LYS D 62 65.81 -16.31 8.76
C LYS D 62 66.46 -15.37 9.77
N LYS D 63 66.94 -14.22 9.28
CA LYS D 63 67.71 -13.27 10.08
C LYS D 63 68.82 -13.98 10.84
N ARG D 64 69.27 -15.12 10.33
CA ARG D 64 70.33 -15.91 10.95
C ARG D 64 69.95 -16.27 12.39
N ARG D 65 68.87 -17.05 12.49
CA ARG D 65 68.44 -17.58 13.76
C ARG D 65 68.45 -19.10 13.71
N GLU D 66 68.48 -19.71 14.89
CA GLU D 66 68.33 -21.15 14.99
C GLU D 66 67.67 -21.47 16.32
N ALA D 67 66.93 -22.58 16.33
CA ALA D 67 66.22 -23.02 17.53
C ALA D 67 66.34 -24.52 17.64
N VAL D 68 66.64 -25.00 18.83
CA VAL D 68 66.86 -26.42 19.08
C VAL D 68 65.64 -26.97 19.80
N CYS D 69 65.29 -28.22 19.48
CA CYS D 69 64.10 -28.83 20.05
C CYS D 69 64.26 -30.34 20.07
N ILE D 70 63.35 -30.98 20.81
CA ILE D 70 63.16 -32.40 20.68
C ILE D 70 62.63 -32.72 19.29
N VAL D 71 62.70 -33.99 18.93
CA VAL D 71 62.14 -34.49 17.68
C VAL D 71 61.19 -35.62 17.99
N LEU D 72 60.27 -35.89 17.07
CA LEU D 72 59.34 -36.99 17.21
C LEU D 72 58.85 -37.40 15.84
N SER D 73 58.31 -38.62 15.77
CA SER D 73 57.83 -39.20 14.53
C SER D 73 56.41 -39.72 14.73
N ASP D 74 55.51 -39.32 13.84
CA ASP D 74 54.17 -39.87 13.75
C ASP D 74 54.01 -40.48 12.37
N ASP D 75 52.78 -40.89 12.05
CA ASP D 75 52.48 -41.50 10.77
C ASP D 75 51.57 -40.65 9.89
N THR D 76 50.97 -39.59 10.44
CA THR D 76 49.97 -38.84 9.71
C THR D 76 50.60 -37.90 8.70
N CYS D 77 51.47 -37.01 9.17
CA CYS D 77 52.06 -36.01 8.29
C CYS D 77 52.78 -36.67 7.13
N SER D 78 52.98 -35.90 6.06
CA SER D 78 53.75 -36.37 4.93
C SER D 78 55.24 -36.31 5.25
N ASP D 79 56.01 -37.16 4.57
CA ASP D 79 57.45 -37.21 4.81
C ASP D 79 58.10 -35.85 4.58
N GLU D 80 57.63 -35.12 3.58
CA GLU D 80 58.29 -33.90 3.14
C GLU D 80 57.83 -32.67 3.90
N LYS D 81 57.25 -32.82 5.08
CA LYS D 81 56.67 -31.69 5.81
C LYS D 81 56.96 -31.80 7.29
N ILE D 82 57.01 -30.64 7.94
CA ILE D 82 57.25 -30.54 9.36
C ILE D 82 56.01 -29.97 10.03
N ARG D 83 55.94 -30.16 11.35
CA ARG D 83 54.80 -29.70 12.14
C ARG D 83 55.32 -28.99 13.39
N MET D 84 55.11 -27.67 13.45
CA MET D 84 55.55 -26.87 14.59
C MET D 84 54.53 -25.78 14.84
N ASN D 85 54.55 -25.26 16.07
CA ASN D 85 53.51 -24.36 16.56
C ASN D 85 53.98 -22.91 16.57
N ARG D 86 53.01 -22.00 16.72
CA ARG D 86 53.29 -20.57 16.61
C ARG D 86 54.42 -20.14 17.53
N VAL D 87 54.49 -20.74 18.72
CA VAL D 87 55.49 -20.32 19.70
C VAL D 87 56.86 -20.26 19.05
N VAL D 88 57.21 -21.31 18.31
CA VAL D 88 58.53 -21.41 17.73
C VAL D 88 58.58 -20.69 16.39
N ARG D 89 57.50 -20.76 15.63
CA ARG D 89 57.47 -20.13 14.33
C ARG D 89 57.56 -18.61 14.44
N ASN D 90 57.37 -18.08 15.65
CA ASN D 90 57.52 -16.65 15.87
C ASN D 90 58.98 -16.26 16.03
N ASN D 91 59.67 -16.94 16.95
CA ASN D 91 61.09 -16.63 17.15
C ASN D 91 61.87 -16.84 15.86
N LEU D 92 61.65 -17.97 15.19
CA LEU D 92 62.33 -18.26 13.95
C LEU D 92 62.01 -17.27 12.85
N ARG D 93 61.02 -16.39 13.05
CA ARG D 93 60.67 -15.41 12.04
C ARG D 93 60.17 -16.10 10.77
N VAL D 94 59.29 -17.08 10.96
CA VAL D 94 58.86 -17.96 9.89
C VAL D 94 57.34 -18.03 9.85
N ARG D 95 56.82 -18.36 8.68
CA ARG D 95 55.39 -18.49 8.45
C ARG D 95 55.12 -19.77 7.67
N LEU D 96 53.86 -20.15 7.64
CA LEU D 96 53.49 -21.40 6.97
C LEU D 96 53.81 -21.31 5.49
N GLY D 97 53.98 -22.48 4.88
CA GLY D 97 54.41 -22.56 3.50
C GLY D 97 55.88 -22.33 3.29
N ASP D 98 56.60 -21.83 4.28
CA ASP D 98 58.02 -21.59 4.16
C ASP D 98 58.79 -22.87 4.43
N VAL D 99 60.11 -22.78 4.34
CA VAL D 99 60.98 -23.95 4.47
C VAL D 99 62.22 -23.56 5.26
N ILE D 100 62.72 -24.52 6.04
CA ILE D 100 63.88 -24.31 6.91
C ILE D 100 64.83 -25.48 6.78
N SER D 101 66.00 -25.32 7.39
CA SER D 101 66.98 -26.38 7.46
C SER D 101 66.93 -27.06 8.82
N ILE D 102 67.59 -28.21 8.90
CA ILE D 102 67.60 -29.05 10.09
C ILE D 102 68.97 -29.70 10.24
N GLN D 103 69.35 -29.95 11.49
CA GLN D 103 70.65 -30.52 11.76
C GLN D 103 70.64 -31.23 13.11
N PRO D 104 70.92 -32.54 13.16
CA PRO D 104 70.94 -33.22 14.45
C PRO D 104 72.10 -32.70 15.30
N CYS D 105 71.79 -32.39 16.56
CA CYS D 105 72.78 -31.88 17.51
C CYS D 105 72.78 -32.72 18.77
N PRO D 106 73.17 -33.99 18.65
CA PRO D 106 73.42 -34.80 19.87
C PRO D 106 74.51 -34.21 20.75
N ASP D 107 75.22 -33.17 20.29
CA ASP D 107 76.22 -32.47 21.09
C ASP D 107 75.57 -31.50 22.08
N VAL D 108 74.27 -31.64 22.33
CA VAL D 108 73.60 -30.76 23.27
C VAL D 108 74.23 -30.91 24.66
N LYS D 109 73.95 -29.94 25.52
CA LYS D 109 74.59 -29.84 26.82
C LYS D 109 73.56 -29.71 27.92
N TYR D 110 73.82 -30.37 29.05
CA TYR D 110 73.09 -30.10 30.29
C TYR D 110 73.55 -28.76 30.83
N GLY D 111 72.66 -27.77 30.83
CA GLY D 111 73.00 -26.42 31.18
C GLY D 111 72.71 -26.08 32.63
N LYS D 112 73.53 -25.18 33.16
CA LYS D 112 73.32 -24.61 34.48
C LYS D 112 72.32 -23.46 34.40
N ARG D 113 72.29 -22.63 35.43
CA ARG D 113 71.53 -21.38 35.42
C ARG D 113 71.56 -20.75 34.04
N ILE D 114 70.38 -20.37 33.56
CA ILE D 114 70.22 -19.73 32.26
C ILE D 114 69.23 -18.59 32.42
N HIS D 115 69.73 -17.36 32.43
CA HIS D 115 68.94 -16.23 32.89
C HIS D 115 67.77 -15.99 31.96
N VAL D 116 66.57 -15.87 32.56
CA VAL D 116 65.33 -15.62 31.83
C VAL D 116 64.73 -14.32 32.32
N LEU D 117 63.64 -13.89 31.70
CA LEU D 117 63.09 -12.59 32.03
C LEU D 117 61.68 -12.43 31.47
N PRO D 118 60.73 -11.91 32.25
CA PRO D 118 59.36 -11.78 31.74
C PRO D 118 59.25 -10.64 30.75
N ILE D 119 58.81 -10.94 29.54
CA ILE D 119 58.87 -9.99 28.44
C ILE D 119 57.44 -9.73 27.98
N ASP D 120 56.79 -8.75 28.62
CA ASP D 120 55.50 -8.27 28.14
C ASP D 120 54.92 -7.19 29.04
N ASP D 121 53.76 -6.66 28.64
CA ASP D 121 52.89 -5.97 29.57
C ASP D 121 52.08 -6.94 30.40
N THR D 122 51.95 -8.19 29.94
CA THR D 122 51.25 -9.22 30.70
C THR D 122 51.68 -9.21 32.15
N VAL D 123 52.92 -8.84 32.41
CA VAL D 123 53.46 -8.72 33.76
C VAL D 123 52.52 -7.83 34.56
N GLU D 124 51.81 -6.95 33.86
CA GLU D 124 50.88 -6.04 34.52
C GLU D 124 49.81 -6.82 35.26
N GLY D 125 49.32 -6.23 36.34
CA GLY D 125 48.21 -6.80 37.08
C GLY D 125 48.51 -8.13 37.72
N ILE D 126 49.64 -8.24 38.40
CA ILE D 126 50.07 -9.50 39.01
C ILE D 126 50.70 -9.21 40.35
N THR D 127 50.77 -10.25 41.18
CA THR D 127 51.38 -10.16 42.49
C THR D 127 51.78 -11.55 42.95
N GLY D 128 52.95 -11.65 43.56
CA GLY D 128 53.45 -12.90 44.10
C GLY D 128 54.57 -13.49 43.27
N ASN D 129 55.07 -14.63 43.73
CA ASN D 129 56.06 -15.40 42.99
C ASN D 129 55.32 -16.31 42.03
N LEU D 130 54.83 -15.71 40.96
CA LEU D 130 54.36 -16.50 39.83
C LEU D 130 55.46 -17.42 39.32
N PHE D 131 56.72 -17.05 39.56
CA PHE D 131 57.85 -17.84 39.11
C PHE D 131 57.62 -19.31 39.39
N GLU D 132 57.41 -19.63 40.67
CA GLU D 132 57.33 -21.01 41.11
C GLU D 132 56.23 -21.77 40.36
N VAL D 133 55.00 -21.36 40.60
CA VAL D 133 53.85 -22.09 40.07
C VAL D 133 53.94 -22.17 38.55
N TYR D 134 54.35 -21.09 37.90
CA TYR D 134 54.25 -21.01 36.46
C TYR D 134 55.39 -21.75 35.75
N LEU D 135 56.54 -21.90 36.40
CA LEU D 135 57.73 -22.40 35.72
C LEU D 135 58.19 -23.75 36.24
N LYS D 136 58.16 -23.94 37.55
CA LYS D 136 58.60 -25.22 38.11
C LYS D 136 57.96 -26.41 37.42
N PRO D 137 56.65 -26.43 37.15
CA PRO D 137 56.08 -27.58 36.46
C PRO D 137 56.48 -27.62 35.00
N TYR D 138 56.42 -26.47 34.32
CA TYR D 138 56.73 -26.43 32.91
C TYR D 138 58.14 -26.92 32.63
N PHE D 139 59.03 -26.75 33.61
CA PHE D 139 60.40 -27.25 33.49
C PHE D 139 60.56 -28.62 34.14
N LEU D 140 59.47 -29.28 34.48
CA LEU D 140 59.52 -30.47 35.31
C LEU D 140 59.56 -31.74 34.46
N GLU D 141 60.55 -32.58 34.73
CA GLU D 141 60.64 -33.93 34.19
C GLU D 141 60.44 -33.97 32.67
N ALA D 142 60.87 -32.92 31.97
CA ALA D 142 60.77 -32.86 30.53
C ALA D 142 62.10 -32.66 29.84
N TYR D 143 63.12 -32.16 30.55
CA TYR D 143 64.39 -31.83 29.95
C TYR D 143 64.18 -30.96 28.72
N ARG D 144 63.22 -30.05 28.83
CA ARG D 144 62.88 -29.10 27.79
C ARG D 144 64.13 -28.33 27.38
N PRO D 145 64.69 -28.61 26.21
CA PRO D 145 65.91 -27.90 25.79
C PRO D 145 65.64 -26.43 25.57
N ILE D 146 66.70 -25.64 25.66
CA ILE D 146 66.60 -24.19 25.58
C ILE D 146 67.82 -23.64 24.88
N ARG D 147 67.59 -22.66 24.00
CA ARG D 147 68.64 -21.85 23.42
C ARG D 147 68.42 -20.40 23.83
N LYS D 148 69.51 -19.64 23.78
CA LYS D 148 69.45 -18.22 24.12
C LYS D 148 68.45 -17.49 23.24
N GLY D 149 67.63 -16.65 23.85
CA GLY D 149 66.66 -15.86 23.14
C GLY D 149 65.30 -16.51 22.95
N ASP D 150 65.10 -17.72 23.48
CA ASP D 150 63.82 -18.39 23.35
C ASP D 150 62.71 -17.53 23.96
N ILE D 151 61.50 -17.70 23.41
CA ILE D 151 60.36 -16.87 23.75
C ILE D 151 59.21 -17.73 24.25
N PHE D 152 59.54 -18.79 24.97
CA PHE D 152 58.55 -19.72 25.48
C PHE D 152 57.50 -19.01 26.33
N LEU D 153 56.44 -19.73 26.70
CA LEU D 153 55.34 -19.12 27.43
C LEU D 153 54.59 -20.20 28.20
N VAL D 154 53.85 -19.75 29.23
CA VAL D 154 52.97 -20.62 30.00
C VAL D 154 51.71 -19.86 30.38
N ARG D 155 50.64 -20.61 30.62
CA ARG D 155 49.34 -20.06 30.95
C ARG D 155 48.83 -20.61 32.27
N GLY D 156 48.12 -19.76 33.00
CA GLY D 156 47.49 -20.15 34.24
C GLY D 156 46.70 -19.00 34.80
N GLY D 157 45.76 -19.35 35.69
CA GLY D 157 44.97 -18.35 36.39
C GLY D 157 44.37 -17.30 35.47
N MET D 158 43.71 -17.73 34.41
CA MET D 158 43.03 -16.83 33.50
C MET D 158 44.00 -15.86 32.83
N ARG D 159 45.25 -16.26 32.68
CA ARG D 159 46.22 -15.35 32.10
C ARG D 159 47.32 -16.16 31.44
N ALA D 160 48.15 -15.47 30.67
CA ALA D 160 49.31 -16.07 30.02
C ALA D 160 50.50 -15.17 30.24
N VAL D 161 51.69 -15.74 30.10
CA VAL D 161 52.91 -14.98 30.37
C VAL D 161 54.10 -15.74 29.80
N GLU D 162 55.03 -14.99 29.22
CA GLU D 162 56.23 -15.53 28.62
C GLU D 162 57.46 -14.95 29.29
N PHE D 163 58.59 -15.61 29.07
CA PHE D 163 59.87 -15.11 29.52
C PHE D 163 60.89 -15.28 28.41
N LYS D 164 61.99 -14.56 28.52
CA LYS D 164 63.05 -14.56 27.53
C LYS D 164 64.34 -15.04 28.16
N VAL D 165 64.85 -16.18 27.68
CA VAL D 165 66.14 -16.67 28.14
C VAL D 165 67.21 -15.81 27.51
N VAL D 166 67.72 -14.84 28.28
CA VAL D 166 68.76 -13.96 27.77
C VAL D 166 70.11 -14.63 27.84
N GLU D 167 70.32 -15.49 28.83
CA GLU D 167 71.61 -16.10 29.09
C GLU D 167 71.46 -17.61 29.13
N THR D 168 72.31 -18.28 28.36
CA THR D 168 72.50 -19.73 28.45
C THR D 168 73.92 -19.95 28.94
N ASP D 169 74.07 -20.25 30.23
CA ASP D 169 75.38 -20.33 30.88
C ASP D 169 76.35 -21.06 29.94
N PRO D 170 76.06 -22.30 29.52
CA PRO D 170 76.64 -22.76 28.25
C PRO D 170 75.72 -22.38 27.10
N SER D 171 76.32 -22.01 25.99
CA SER D 171 75.61 -21.46 24.85
C SER D 171 76.00 -22.22 23.59
N PRO D 172 75.20 -22.09 22.52
CA PRO D 172 73.98 -21.29 22.45
C PRO D 172 72.80 -21.89 23.21
N TYR D 173 72.86 -23.19 23.49
CA TYR D 173 71.72 -23.89 24.05
C TYR D 173 72.18 -24.93 25.05
N CYS D 174 71.23 -25.41 25.84
CA CYS D 174 71.47 -26.49 26.79
C CYS D 174 70.16 -27.21 27.07
N ILE D 175 70.27 -28.30 27.83
CA ILE D 175 69.10 -28.95 28.38
C ILE D 175 68.79 -28.36 29.75
N VAL D 176 67.55 -28.52 30.16
CA VAL D 176 67.10 -28.14 31.50
C VAL D 176 67.16 -29.39 32.37
N ALA D 177 67.99 -29.35 33.39
CA ALA D 177 68.13 -30.51 34.24
C ALA D 177 67.30 -30.32 35.51
N PRO D 178 66.65 -31.38 36.01
CA PRO D 178 65.83 -31.23 37.22
C PRO D 178 66.62 -30.69 38.39
N ASP D 179 67.95 -30.74 38.30
CA ASP D 179 68.81 -30.22 39.35
C ASP D 179 69.22 -28.78 39.12
N THR D 180 69.23 -28.33 37.86
CA THR D 180 69.78 -27.02 37.53
C THR D 180 69.11 -25.93 38.37
N VAL D 181 69.86 -24.88 38.62
CA VAL D 181 69.40 -23.76 39.43
C VAL D 181 68.71 -22.75 38.52
N ILE D 182 67.68 -22.11 39.07
CA ILE D 182 67.04 -21.00 38.38
C ILE D 182 66.76 -19.89 39.39
N HIS D 183 67.66 -18.91 39.46
CA HIS D 183 67.45 -17.73 40.28
C HIS D 183 66.80 -16.67 39.42
N CYS D 184 65.58 -16.28 39.79
CA CYS D 184 64.71 -15.47 38.95
C CYS D 184 64.69 -14.03 39.46
N GLU D 185 65.21 -13.12 38.64
CA GLU D 185 65.31 -11.72 39.02
C GLU D 185 65.12 -10.87 37.78
N GLY D 186 65.40 -9.58 37.90
CA GLY D 186 65.30 -8.65 36.79
C GLY D 186 63.89 -8.12 36.61
N GLU D 187 63.79 -7.09 35.77
CA GLU D 187 62.54 -6.45 35.44
C GLU D 187 62.19 -6.70 33.98
N PRO D 188 60.90 -6.61 33.63
CA PRO D 188 60.51 -6.91 32.25
C PRO D 188 61.17 -5.98 31.25
N ILE D 189 61.53 -6.53 30.10
CA ILE D 189 62.14 -5.76 29.04
C ILE D 189 61.07 -5.43 28.00
N LYS D 190 61.43 -4.55 27.08
CA LYS D 190 60.48 -4.03 26.10
C LYS D 190 60.52 -4.92 24.87
N ARG D 191 59.38 -5.54 24.57
CA ARG D 191 59.28 -6.38 23.38
C ARG D 191 59.72 -5.60 22.15
N GLU D 192 60.77 -6.08 21.51
CA GLU D 192 61.27 -5.41 20.32
C GLU D 192 60.21 -5.42 19.22
N ASP D 193 60.51 -4.70 18.14
CA ASP D 193 59.59 -4.60 17.01
C ASP D 193 59.61 -5.84 16.13
N GLU D 194 60.62 -6.68 16.29
CA GLU D 194 60.65 -7.93 15.53
C GLU D 194 59.47 -8.73 16.01
N GLU D 195 59.24 -8.70 17.32
CA GLU D 195 58.10 -9.41 17.88
C GLU D 195 56.82 -8.81 17.34
N GLU D 196 55.90 -9.66 16.89
CA GLU D 196 54.62 -9.18 16.36
C GLU D 196 53.46 -9.83 17.08
N SER D 197 52.46 -9.02 17.46
CA SER D 197 51.30 -9.55 18.17
C SER D 197 50.51 -10.51 17.31
N LEU D 198 50.03 -11.60 17.90
CA LEU D 198 49.25 -12.57 17.14
C LEU D 198 47.81 -12.64 17.67
N ASN D 199 47.39 -11.60 18.37
CA ASN D 199 46.03 -11.57 18.94
C ASN D 199 44.96 -11.61 17.86
N GLU D 200 45.34 -11.29 16.62
CA GLU D 200 44.38 -11.27 15.53
C GLU D 200 43.62 -12.58 15.44
N VAL D 201 42.30 -12.48 15.27
CA VAL D 201 41.47 -13.68 15.18
C VAL D 201 42.00 -14.64 14.14
N GLY D 202 41.85 -15.94 14.38
CA GLY D 202 42.35 -16.92 13.44
C GLY D 202 41.31 -17.99 13.16
N TYR D 203 41.72 -18.97 12.35
CA TYR D 203 40.81 -20.06 12.00
C TYR D 203 40.48 -20.93 13.21
N ASP D 204 41.37 -20.93 14.21
CA ASP D 204 41.08 -21.64 15.45
C ASP D 204 39.89 -21.05 16.19
N ASP D 205 39.53 -19.81 15.89
CA ASP D 205 38.40 -19.13 16.50
C ASP D 205 37.10 -19.32 15.73
N ILE D 206 37.10 -20.12 14.67
CA ILE D 206 35.94 -20.32 13.83
C ILE D 206 35.43 -21.75 14.02
N GLY D 207 34.15 -21.87 14.32
CA GLY D 207 33.54 -23.17 14.47
C GLY D 207 32.12 -23.16 13.92
N GLY D 208 31.67 -24.33 13.47
CA GLY D 208 30.35 -24.47 12.90
C GLY D 208 30.24 -24.15 11.43
N CYS D 209 31.32 -23.67 10.81
CA CYS D 209 31.33 -23.34 9.39
C CYS D 209 32.57 -23.91 8.73
N ARG D 210 32.92 -25.15 9.06
CA ARG D 210 34.13 -25.75 8.53
C ARG D 210 34.09 -25.86 7.01
N LYS D 211 32.95 -26.31 6.47
CA LYS D 211 32.80 -26.32 5.02
C LYS D 211 32.83 -24.92 4.45
N GLN D 212 32.12 -23.99 5.09
CA GLN D 212 32.14 -22.60 4.65
C GLN D 212 33.52 -21.99 4.78
N LEU D 213 34.23 -22.32 5.86
CA LEU D 213 35.59 -21.82 6.03
C LEU D 213 36.51 -22.34 4.94
N ALA D 214 36.38 -23.62 4.60
CA ALA D 214 37.20 -24.18 3.51
C ALA D 214 36.86 -23.53 2.18
N GLN D 215 35.57 -23.28 1.93
CA GLN D 215 35.17 -22.59 0.70
C GLN D 215 35.78 -21.20 0.63
N ILE D 216 35.73 -20.46 1.75
CA ILE D 216 36.32 -19.13 1.78
C ILE D 216 37.82 -19.20 1.55
N LYS D 217 38.47 -20.20 2.16
CA LYS D 217 39.91 -20.36 1.98
C LYS D 217 40.25 -20.59 0.52
N GLU D 218 39.55 -21.51 -0.13
CA GLU D 218 39.83 -21.81 -1.53
C GLU D 218 39.45 -20.65 -2.44
N MET D 219 38.54 -19.79 -2.00
CA MET D 219 38.21 -18.60 -2.79
C MET D 219 39.28 -17.52 -2.68
N VAL D 220 39.80 -17.28 -1.48
CA VAL D 220 40.63 -16.10 -1.23
C VAL D 220 42.11 -16.42 -1.14
N GLU D 221 42.52 -17.70 -1.22
CA GLU D 221 43.93 -18.01 -1.11
C GLU D 221 44.72 -17.45 -2.29
N LEU D 222 44.27 -17.72 -3.51
CA LEU D 222 45.00 -17.25 -4.68
C LEU D 222 45.04 -15.73 -4.79
N PRO D 223 43.92 -15.00 -4.68
CA PRO D 223 44.01 -13.53 -4.84
C PRO D 223 44.88 -12.85 -3.79
N LEU D 224 44.91 -13.38 -2.56
CA LEU D 224 45.59 -12.70 -1.46
C LEU D 224 47.02 -13.23 -1.26
N ARG D 225 47.17 -14.54 -1.08
CA ARG D 225 48.49 -15.09 -0.82
C ARG D 225 49.40 -14.95 -2.03
N HIS D 226 48.85 -14.91 -3.23
CA HIS D 226 49.61 -14.85 -4.47
C HIS D 226 49.10 -13.71 -5.33
N PRO D 227 49.44 -12.47 -4.98
CA PRO D 227 48.97 -11.32 -5.78
C PRO D 227 49.67 -11.20 -7.12
N ALA D 228 51.01 -11.30 -7.12
CA ALA D 228 51.75 -11.20 -8.37
C ALA D 228 51.49 -12.41 -9.26
N LEU D 229 51.35 -13.60 -8.64
CA LEU D 229 51.03 -14.80 -9.40
C LEU D 229 49.72 -14.63 -10.16
N PHE D 230 48.70 -14.11 -9.48
CA PHE D 230 47.41 -13.91 -10.15
C PHE D 230 47.47 -12.76 -11.14
N LYS D 231 48.31 -11.76 -10.87
CA LYS D 231 48.49 -10.67 -11.82
C LYS D 231 49.14 -11.16 -13.10
N ALA D 232 49.97 -12.20 -13.02
CA ALA D 232 50.57 -12.76 -14.22
C ALA D 232 49.52 -13.34 -15.16
N ILE D 233 48.53 -14.04 -14.61
CA ILE D 233 47.47 -14.63 -15.41
C ILE D 233 46.37 -13.60 -15.62
N GLY D 234 45.49 -13.88 -16.58
CA GLY D 234 44.41 -12.98 -16.92
C GLY D 234 43.04 -13.53 -16.61
N VAL D 235 42.91 -14.20 -15.46
CA VAL D 235 41.64 -14.77 -15.04
C VAL D 235 40.91 -13.76 -14.16
N LYS D 236 39.60 -13.88 -14.10
CA LYS D 236 38.81 -13.00 -13.24
C LYS D 236 38.78 -13.55 -11.82
N PRO D 237 39.19 -12.77 -10.83
CA PRO D 237 39.18 -13.26 -9.45
C PRO D 237 37.80 -13.11 -8.84
N PRO D 238 37.49 -13.87 -7.80
CA PRO D 238 36.30 -13.58 -7.01
C PRO D 238 36.52 -12.38 -6.11
N ARG D 239 35.99 -11.23 -6.50
CA ARG D 239 36.18 -9.99 -5.76
C ARG D 239 34.93 -9.56 -5.02
N GLY D 240 33.91 -10.42 -4.97
CA GLY D 240 32.73 -10.15 -4.18
C GLY D 240 32.25 -11.39 -3.46
N ILE D 241 32.19 -11.32 -2.14
CA ILE D 241 31.77 -12.44 -1.30
C ILE D 241 30.58 -12.00 -0.47
N LEU D 242 29.49 -12.75 -0.55
CA LEU D 242 28.26 -12.44 0.17
C LEU D 242 28.07 -13.49 1.26
N LEU D 243 28.58 -13.20 2.45
CA LEU D 243 28.37 -14.05 3.62
C LEU D 243 26.99 -13.74 4.19
N TYR D 244 26.02 -14.60 3.91
CA TYR D 244 24.66 -14.40 4.39
C TYR D 244 24.26 -15.51 5.34
N GLY D 245 23.47 -15.13 6.35
CA GLY D 245 23.02 -16.04 7.37
C GLY D 245 22.40 -15.30 8.52
N PRO D 246 22.03 -16.01 9.58
CA PRO D 246 21.46 -15.35 10.75
C PRO D 246 22.47 -14.43 11.38
N PRO D 247 22.02 -13.36 12.03
CA PRO D 247 22.95 -12.50 12.75
C PRO D 247 23.63 -13.25 13.89
N GLY D 248 24.89 -12.90 14.12
CA GLY D 248 25.65 -13.55 15.18
C GLY D 248 26.31 -14.86 14.81
N THR D 249 26.37 -15.20 13.52
CA THR D 249 27.01 -16.42 13.07
C THR D 249 28.48 -16.23 12.69
N GLY D 250 29.13 -15.19 13.22
CA GLY D 250 30.55 -15.02 13.02
C GLY D 250 30.97 -14.57 11.64
N LYS D 251 30.09 -13.88 10.90
CA LYS D 251 30.46 -13.41 9.58
C LYS D 251 31.62 -12.43 9.65
N THR D 252 31.52 -11.41 10.49
CA THR D 252 32.64 -10.49 10.66
C THR D 252 33.83 -11.18 11.31
N LEU D 253 33.57 -12.14 12.21
CA LEU D 253 34.67 -12.91 12.79
C LEU D 253 35.38 -13.73 11.73
N ILE D 254 34.62 -14.38 10.85
CA ILE D 254 35.22 -15.17 9.77
C ILE D 254 36.05 -14.27 8.86
N ALA D 255 35.50 -13.12 8.49
CA ALA D 255 36.23 -12.21 7.61
C ALA D 255 37.50 -11.71 8.27
N ARG D 256 37.43 -11.33 9.55
CA ARG D 256 38.62 -10.84 10.24
C ARG D 256 39.68 -11.92 10.36
N ALA D 257 39.27 -13.15 10.70
CA ALA D 257 40.23 -14.24 10.80
C ALA D 257 40.88 -14.53 9.47
N VAL D 258 40.10 -14.55 8.39
CA VAL D 258 40.64 -14.82 7.07
C VAL D 258 41.63 -13.74 6.66
N ALA D 259 41.27 -12.48 6.89
CA ALA D 259 42.15 -11.38 6.51
C ALA D 259 43.43 -11.38 7.33
N ASN D 260 43.32 -11.64 8.63
CA ASN D 260 44.50 -11.58 9.49
C ASN D 260 45.45 -12.72 9.21
N GLU D 261 44.92 -13.95 9.11
CA GLU D 261 45.79 -15.10 8.88
C GLU D 261 46.45 -15.05 7.51
N THR D 262 45.69 -14.65 6.48
CA THR D 262 46.26 -14.54 5.14
C THR D 262 47.14 -13.31 4.98
N GLY D 263 47.15 -12.41 5.97
CA GLY D 263 47.96 -11.21 5.89
C GLY D 263 47.35 -10.07 5.13
N ALA D 264 46.16 -10.24 4.56
CA ALA D 264 45.51 -9.17 3.83
C ALA D 264 45.07 -8.07 4.78
N PHE D 265 45.14 -6.83 4.30
CA PHE D 265 44.72 -5.68 5.11
C PHE D 265 43.21 -5.70 5.25
N PHE D 266 42.72 -5.73 6.49
CA PHE D 266 41.30 -5.80 6.77
C PHE D 266 40.78 -4.40 7.08
N PHE D 267 39.78 -3.96 6.33
CA PHE D 267 39.08 -2.72 6.60
C PHE D 267 37.64 -3.05 6.97
N LEU D 268 37.24 -2.69 8.18
CA LEU D 268 35.91 -3.01 8.69
C LEU D 268 34.95 -1.90 8.28
N ILE D 269 34.35 -2.05 7.10
CA ILE D 269 33.32 -1.12 6.63
C ILE D 269 32.00 -1.53 7.27
N ASN D 270 31.45 -0.67 8.12
CA ASN D 270 30.19 -0.95 8.79
C ASN D 270 29.09 -0.11 8.16
N GLY D 271 27.97 -0.77 7.83
CA GLY D 271 26.84 -0.10 7.23
C GLY D 271 26.34 1.08 8.04
N PRO D 272 26.07 0.86 9.33
CA PRO D 272 25.77 2.00 10.21
C PRO D 272 26.88 3.03 10.23
N GLU D 273 28.14 2.60 10.24
CA GLU D 273 29.24 3.57 10.21
C GLU D 273 29.27 4.33 8.90
N ILE D 274 28.95 3.67 7.79
CA ILE D 274 28.94 4.34 6.50
C ILE D 274 27.84 5.39 6.44
N MET D 275 26.58 4.96 6.57
CA MET D 275 25.47 5.87 6.37
C MET D 275 25.02 6.56 7.66
N SER D 276 25.88 6.57 8.69
CA SER D 276 25.62 7.37 9.87
C SER D 276 25.88 8.85 9.63
N LYS D 277 26.80 9.17 8.74
CA LYS D 277 27.20 10.54 8.50
C LYS D 277 26.35 11.14 7.38
N LEU D 278 26.74 12.32 6.89
CA LEU D 278 26.02 12.97 5.81
C LEU D 278 26.17 12.15 4.52
N ALA D 279 25.22 12.36 3.60
CA ALA D 279 25.23 11.63 2.34
C ALA D 279 26.54 11.83 1.60
N GLY D 280 26.93 13.09 1.39
CA GLY D 280 28.24 13.36 0.82
C GLY D 280 29.37 12.84 1.68
N GLU D 281 29.24 12.98 3.00
CA GLU D 281 30.25 12.46 3.90
C GLU D 281 30.30 10.93 3.84
N SER D 282 29.14 10.28 3.75
CA SER D 282 29.11 8.83 3.64
C SER D 282 29.78 8.36 2.36
N GLU D 283 29.49 9.03 1.24
CA GLU D 283 30.12 8.65 -0.02
C GLU D 283 31.62 8.89 0.02
N SER D 284 32.04 10.00 0.64
CA SER D 284 33.47 10.28 0.79
C SER D 284 34.14 9.22 1.64
N ASN D 285 33.48 8.78 2.71
CA ASN D 285 34.04 7.74 3.56
C ASN D 285 34.17 6.43 2.80
N LEU D 286 33.15 6.07 2.02
CA LEU D 286 33.23 4.85 1.21
C LEU D 286 34.38 4.94 0.21
N ARG D 287 34.51 6.08 -0.47
CA ARG D 287 35.59 6.24 -1.44
C ARG D 287 36.95 6.17 -0.78
N LYS D 288 37.09 6.81 0.39
CA LYS D 288 38.36 6.78 1.10
C LYS D 288 38.70 5.37 1.55
N ALA D 289 37.71 4.62 2.05
CA ALA D 289 37.96 3.25 2.46
C ALA D 289 38.39 2.39 1.28
N PHE D 290 37.72 2.53 0.15
CA PHE D 290 38.09 1.74 -1.02
C PHE D 290 39.48 2.12 -1.52
N GLU D 291 39.80 3.42 -1.50
CA GLU D 291 41.13 3.86 -1.92
C GLU D 291 42.21 3.32 -1.00
N GLU D 292 41.95 3.34 0.31
CA GLU D 292 42.92 2.80 1.26
C GLU D 292 43.11 1.30 1.07
N ALA D 293 42.01 0.58 0.82
CA ALA D 293 42.12 -0.85 0.56
C ALA D 293 42.93 -1.12 -0.72
N GLU D 294 42.69 -0.33 -1.76
CA GLU D 294 43.46 -0.49 -2.99
C GLU D 294 44.94 -0.19 -2.76
N LYS D 295 45.23 0.84 -1.96
CA LYS D 295 46.62 1.17 -1.64
C LYS D 295 47.28 0.04 -0.85
N ASN D 296 46.52 -0.60 0.04
CA ASN D 296 47.04 -1.69 0.87
C ASN D 296 46.81 -3.06 0.25
N ALA D 297 46.81 -3.16 -1.07
CA ALA D 297 46.61 -4.44 -1.72
C ALA D 297 47.79 -5.37 -1.41
N PRO D 298 47.52 -6.66 -1.14
CA PRO D 298 46.21 -7.31 -1.08
C PRO D 298 45.44 -6.94 0.18
N ALA D 299 44.19 -6.54 0.03
CA ALA D 299 43.37 -6.12 1.16
C ALA D 299 41.98 -6.73 1.03
N ILE D 300 41.29 -6.82 2.16
CA ILE D 300 39.93 -7.35 2.21
C ILE D 300 39.01 -6.23 2.70
N ILE D 301 37.99 -5.93 1.90
CA ILE D 301 36.94 -5.00 2.29
C ILE D 301 35.77 -5.83 2.79
N PHE D 302 35.36 -5.61 4.03
CA PHE D 302 34.23 -6.30 4.62
C PHE D 302 33.14 -5.30 4.96
N ILE D 303 31.92 -5.59 4.53
CA ILE D 303 30.77 -4.71 4.74
C ILE D 303 29.72 -5.52 5.46
N ASP D 304 29.72 -5.47 6.79
CA ASP D 304 28.67 -6.10 7.56
C ASP D 304 27.40 -5.25 7.50
N GLU D 305 26.26 -5.91 7.65
CA GLU D 305 24.96 -5.27 7.51
C GLU D 305 24.85 -4.57 6.15
N LEU D 306 25.20 -5.30 5.10
CA LEU D 306 25.13 -4.75 3.75
C LEU D 306 23.72 -4.34 3.38
N ASP D 307 22.71 -5.02 3.94
CA ASP D 307 21.33 -4.64 3.67
C ASP D 307 21.04 -3.22 4.15
N ALA D 308 21.73 -2.77 5.19
CA ALA D 308 21.57 -1.39 5.64
C ALA D 308 22.06 -0.41 4.58
N ILE D 309 23.25 -0.65 4.05
CA ILE D 309 23.75 0.19 2.94
C ILE D 309 22.94 -0.06 1.68
N ALA D 310 22.74 -1.33 1.34
CA ALA D 310 22.15 -1.73 0.06
C ALA D 310 20.91 -2.57 0.29
N PRO D 311 19.75 -1.94 0.40
CA PRO D 311 18.48 -2.67 0.47
C PRO D 311 18.02 -3.03 -0.94
N LYS D 312 16.82 -3.60 -1.02
CA LYS D 312 16.21 -3.85 -2.32
C LYS D 312 15.96 -2.53 -3.04
N ARG D 313 16.14 -2.54 -4.36
CA ARG D 313 16.05 -1.30 -5.12
C ARG D 313 14.64 -0.72 -5.07
N GLU D 314 13.63 -1.58 -5.13
CA GLU D 314 12.25 -1.11 -5.00
C GLU D 314 11.91 -0.69 -3.58
N LYS D 315 12.71 -1.12 -2.60
CA LYS D 315 12.41 -0.86 -1.21
C LYS D 315 13.16 0.34 -0.63
N THR D 316 14.29 0.71 -1.21
CA THR D 316 15.08 1.83 -0.69
C THR D 316 14.32 3.13 -0.94
N HIS D 317 13.69 3.64 0.12
CA HIS D 317 12.81 4.80 -0.02
C HIS D 317 13.62 6.07 -0.27
N GLY D 318 14.65 6.32 0.53
CA GLY D 318 15.37 7.57 0.45
C GLY D 318 16.32 7.63 -0.74
N GLU D 319 16.36 8.80 -1.37
CA GLU D 319 17.28 9.00 -2.49
C GLU D 319 18.73 8.93 -2.02
N VAL D 320 19.00 9.34 -0.79
CA VAL D 320 20.35 9.24 -0.24
C VAL D 320 20.79 7.79 -0.19
N GLU D 321 19.90 6.89 0.23
CA GLU D 321 20.24 5.48 0.29
C GLU D 321 20.55 4.92 -1.09
N ARG D 322 19.75 5.28 -2.10
CA ARG D 322 20.02 4.82 -3.46
C ARG D 322 21.35 5.37 -3.97
N ARG D 323 21.65 6.63 -3.64
CA ARG D 323 22.92 7.23 -4.02
C ARG D 323 24.09 6.49 -3.38
N ILE D 324 23.94 6.10 -2.11
CA ILE D 324 24.99 5.34 -1.44
C ILE D 324 25.15 3.97 -2.08
N VAL D 325 24.04 3.32 -2.43
CA VAL D 325 24.10 2.02 -3.10
C VAL D 325 24.87 2.15 -4.41
N SER D 326 24.56 3.17 -5.19
CA SER D 326 25.23 3.37 -6.47
C SER D 326 26.70 3.70 -6.27
N GLN D 327 27.03 4.49 -5.24
CA GLN D 327 28.42 4.80 -4.96
C GLN D 327 29.20 3.53 -4.61
N LEU D 328 28.61 2.66 -3.79
CA LEU D 328 29.25 1.38 -3.48
C LEU D 328 29.43 0.53 -4.73
N LEU D 329 28.41 0.50 -5.59
CA LEU D 329 28.51 -0.28 -6.82
C LEU D 329 29.65 0.23 -7.70
N THR D 330 29.74 1.56 -7.85
CA THR D 330 30.80 2.14 -8.67
C THR D 330 32.17 1.89 -8.06
N LEU D 331 32.29 1.98 -6.74
CA LEU D 331 33.57 1.74 -6.09
C LEU D 331 34.02 0.30 -6.27
N MET D 332 33.09 -0.65 -6.12
CA MET D 332 33.46 -2.05 -6.31
C MET D 332 33.73 -2.38 -7.77
N ASP D 333 33.05 -1.71 -8.71
CA ASP D 333 33.38 -1.88 -10.12
C ASP D 333 34.76 -1.32 -10.42
N GLY D 334 35.12 -0.19 -9.81
CA GLY D 334 36.46 0.34 -9.96
C GLY D 334 37.51 -0.60 -9.39
N LEU D 335 37.19 -1.26 -8.28
CA LEU D 335 38.07 -2.31 -7.78
C LEU D 335 38.18 -3.44 -8.80
N LYS D 336 37.07 -3.82 -9.42
CA LYS D 336 37.08 -4.91 -10.39
C LYS D 336 37.98 -4.57 -11.58
N GLN D 337 37.89 -3.35 -12.09
CA GLN D 337 38.65 -3.01 -13.29
C GLN D 337 40.13 -2.82 -12.98
N ARG D 338 40.45 -2.17 -11.85
CA ARG D 338 41.86 -1.91 -11.52
C ARG D 338 42.00 -1.89 -10.00
N ALA D 339 42.31 -3.05 -9.42
CA ALA D 339 42.66 -3.19 -8.01
C ALA D 339 43.06 -4.63 -7.70
N HIS D 340 43.38 -4.90 -6.44
CA HIS D 340 43.64 -6.25 -5.95
C HIS D 340 42.97 -6.46 -4.60
N VAL D 341 41.72 -6.02 -4.48
CA VAL D 341 40.99 -6.04 -3.21
C VAL D 341 39.81 -6.99 -3.36
N ILE D 342 39.61 -7.83 -2.35
CA ILE D 342 38.47 -8.75 -2.30
C ILE D 342 37.43 -8.16 -1.35
N VAL D 343 36.20 -8.02 -1.85
CA VAL D 343 35.12 -7.40 -1.09
C VAL D 343 34.26 -8.50 -0.48
N MET D 344 34.04 -8.44 0.83
CA MET D 344 33.17 -9.35 1.54
C MET D 344 32.00 -8.57 2.14
N ALA D 345 30.86 -9.23 2.24
CA ALA D 345 29.65 -8.59 2.75
C ALA D 345 28.92 -9.54 3.68
N ALA D 346 28.20 -8.97 4.64
CA ALA D 346 27.40 -9.72 5.59
C ALA D 346 25.97 -9.21 5.56
N THR D 347 25.01 -10.12 5.50
CA THR D 347 23.60 -9.76 5.50
C THR D 347 22.80 -10.91 6.09
N ASN D 348 21.58 -10.60 6.54
CA ASN D 348 20.70 -11.63 7.08
C ASN D 348 20.28 -12.62 5.99
N ARG D 349 19.79 -12.11 4.86
CA ARG D 349 19.34 -12.92 3.74
C ARG D 349 19.97 -12.39 2.46
N PRO D 350 20.26 -13.28 1.51
CA PRO D 350 20.83 -12.81 0.24
C PRO D 350 19.88 -11.93 -0.56
N ASN D 351 18.57 -12.15 -0.44
CA ASN D 351 17.59 -11.36 -1.17
C ASN D 351 17.31 -10.02 -0.50
N SER D 352 17.71 -9.84 0.76
CA SER D 352 17.48 -8.56 1.44
C SER D 352 18.30 -7.45 0.81
N ILE D 353 19.45 -7.79 0.21
CA ILE D 353 20.30 -6.80 -0.43
C ILE D 353 19.81 -6.54 -1.84
N ASP D 354 20.31 -5.50 -2.47
CA ASP D 354 19.90 -5.15 -3.82
C ASP D 354 20.28 -6.27 -4.78
N PRO D 355 19.38 -6.69 -5.68
CA PRO D 355 19.76 -7.69 -6.68
C PRO D 355 20.90 -7.23 -7.58
N ALA D 356 21.04 -5.92 -7.78
CA ALA D 356 22.17 -5.41 -8.57
C ALA D 356 23.50 -5.68 -7.88
N LEU D 357 23.50 -5.81 -6.55
CA LEU D 357 24.73 -6.16 -5.86
C LEU D 357 25.21 -7.54 -6.25
N ARG D 358 24.30 -8.51 -6.36
CA ARG D 358 24.63 -9.88 -6.72
C ARG D 358 24.85 -10.06 -8.21
N ARG D 359 24.96 -8.98 -8.98
CA ARG D 359 25.24 -9.08 -10.40
C ARG D 359 26.61 -9.70 -10.62
N PHE D 360 26.74 -10.46 -11.71
CA PHE D 360 28.01 -11.07 -12.05
C PHE D 360 29.08 -10.01 -12.22
N GLY D 361 30.27 -10.30 -11.71
CA GLY D 361 31.36 -9.35 -11.64
C GLY D 361 31.42 -8.58 -10.35
N ARG D 362 30.27 -8.34 -9.71
CA ARG D 362 30.22 -7.61 -8.45
C ARG D 362 30.21 -8.56 -7.26
N PHE D 363 29.20 -9.42 -7.17
CA PHE D 363 29.12 -10.47 -6.14
C PHE D 363 28.80 -11.78 -6.85
N ASP D 364 29.85 -12.44 -7.35
CA ASP D 364 29.65 -13.66 -8.12
C ASP D 364 29.28 -14.84 -7.23
N ARG D 365 29.98 -14.99 -6.11
CA ARG D 365 29.81 -16.15 -5.23
C ARG D 365 29.25 -15.70 -3.89
N GLU D 366 28.17 -16.33 -3.47
CA GLU D 366 27.53 -16.07 -2.19
C GLU D 366 27.73 -17.28 -1.30
N VAL D 367 28.31 -17.06 -0.12
CA VAL D 367 28.62 -18.14 0.81
C VAL D 367 27.57 -18.12 1.92
N ASP D 368 26.85 -19.22 2.06
CA ASP D 368 25.83 -19.36 3.10
C ASP D 368 26.51 -19.78 4.38
N ILE D 369 26.74 -18.82 5.29
CA ILE D 369 27.33 -19.15 6.58
C ILE D 369 26.43 -20.11 7.34
N GLY D 370 25.13 -19.87 7.33
CA GLY D 370 24.20 -20.80 7.92
C GLY D 370 24.28 -20.85 9.44
N ILE D 371 23.86 -22.00 9.97
CA ILE D 371 23.81 -22.22 11.41
C ILE D 371 24.75 -23.36 11.77
N PRO D 372 25.33 -23.37 12.97
CA PRO D 372 26.17 -24.49 13.38
C PRO D 372 25.32 -25.68 13.83
N ASP D 373 25.79 -26.87 13.51
CA ASP D 373 25.12 -28.10 13.93
C ASP D 373 25.58 -28.47 15.33
N ALA D 374 25.26 -29.68 15.77
CA ALA D 374 25.69 -30.13 17.09
C ALA D 374 27.20 -30.15 17.20
N THR D 375 27.88 -30.69 16.17
CA THR D 375 29.33 -30.65 16.14
C THR D 375 29.83 -29.21 16.04
N GLY D 376 29.15 -28.38 15.24
CA GLY D 376 29.54 -26.99 15.13
C GLY D 376 29.35 -26.23 16.43
N ARG D 377 28.23 -26.46 17.12
CA ARG D 377 28.01 -25.84 18.41
C ARG D 377 29.06 -26.31 19.41
N LEU D 378 29.42 -27.59 19.36
CA LEU D 378 30.48 -28.10 20.22
C LEU D 378 31.80 -27.38 19.95
N GLU D 379 32.13 -27.19 18.67
CA GLU D 379 33.37 -26.50 18.32
C GLU D 379 33.35 -25.05 18.80
N ILE D 380 32.20 -24.38 18.64
CA ILE D 380 32.09 -22.99 19.10
C ILE D 380 32.25 -22.91 20.60
N LEU D 381 31.60 -23.81 21.34
CA LEU D 381 31.72 -23.82 22.79
C LEU D 381 33.16 -24.09 23.23
N GLN D 382 33.83 -25.03 22.56
CA GLN D 382 35.23 -25.32 22.87
C GLN D 382 36.11 -24.10 22.60
N ILE D 383 35.83 -23.37 21.52
CA ILE D 383 36.59 -22.17 21.21
C ILE D 383 36.39 -21.12 22.30
N HIS D 384 35.15 -20.92 22.73
CA HIS D 384 34.86 -19.91 23.73
C HIS D 384 35.32 -20.31 25.13
N THR D 385 35.50 -21.61 25.37
CA THR D 385 35.98 -22.09 26.66
C THR D 385 37.47 -22.40 26.64
N LYS D 386 38.19 -22.00 25.58
CA LYS D 386 39.61 -22.28 25.50
C LYS D 386 40.38 -21.58 26.63
N ASN D 387 40.06 -20.31 26.88
CA ASN D 387 40.69 -19.55 27.93
C ASN D 387 39.87 -19.52 29.22
N MET D 388 38.79 -20.28 29.28
CA MET D 388 37.90 -20.31 30.44
C MET D 388 38.21 -21.56 31.27
N LYS D 389 38.50 -21.35 32.55
CA LYS D 389 38.77 -22.45 33.47
C LYS D 389 37.44 -23.12 33.81
N LEU D 390 37.18 -24.25 33.18
CA LEU D 390 35.91 -24.96 33.31
C LEU D 390 36.15 -26.34 33.89
N ALA D 391 35.19 -26.79 34.70
CA ALA D 391 35.32 -28.05 35.41
C ALA D 391 35.16 -29.23 34.44
N ASP D 392 35.32 -30.44 34.99
CA ASP D 392 35.20 -31.66 34.20
C ASP D 392 33.76 -32.08 33.96
N ASP D 393 32.79 -31.49 34.67
CA ASP D 393 31.39 -31.84 34.52
C ASP D 393 30.70 -31.04 33.42
N VAL D 394 31.46 -30.24 32.65
CA VAL D 394 30.85 -29.39 31.64
C VAL D 394 30.21 -30.22 30.53
N ASP D 395 30.81 -31.36 30.20
CA ASP D 395 30.34 -32.29 29.16
C ASP D 395 29.77 -31.54 27.96
N LEU D 396 30.64 -30.75 27.32
CA LEU D 396 30.23 -29.87 26.25
C LEU D 396 29.57 -30.62 25.09
N GLU D 397 29.85 -31.91 24.96
CA GLU D 397 29.10 -32.72 24.00
C GLU D 397 27.61 -32.72 24.32
N GLN D 398 27.27 -32.91 25.59
CA GLN D 398 25.87 -32.88 26.00
C GLN D 398 25.27 -31.50 25.81
N VAL D 399 26.03 -30.45 26.12
CA VAL D 399 25.53 -29.09 25.94
C VAL D 399 25.23 -28.81 24.48
N ALA D 400 26.17 -29.18 23.60
CA ALA D 400 25.99 -28.94 22.17
C ALA D 400 24.83 -29.75 21.62
N ASN D 401 24.70 -31.01 22.05
CA ASN D 401 23.57 -31.83 21.61
C ASN D 401 22.26 -31.23 22.08
N GLU D 402 22.24 -30.71 23.31
CA GLU D 402 21.05 -30.03 23.82
C GLU D 402 20.84 -28.68 23.14
N THR D 403 21.92 -27.97 22.83
CA THR D 403 21.80 -26.62 22.31
C THR D 403 21.13 -26.64 20.94
N HIS D 404 20.00 -25.95 20.82
CA HIS D 404 19.30 -25.78 19.54
C HIS D 404 18.83 -24.35 19.44
N GLY D 405 18.90 -23.79 18.24
CA GLY D 405 18.51 -22.42 18.01
C GLY D 405 19.55 -21.38 18.39
N HIS D 406 20.70 -21.79 18.86
CA HIS D 406 21.79 -20.89 19.20
C HIS D 406 22.84 -20.93 18.09
N VAL D 407 23.23 -19.76 17.60
CA VAL D 407 24.17 -19.66 16.49
C VAL D 407 25.31 -18.74 16.90
N GLY D 408 26.52 -19.28 16.96
CA GLY D 408 27.72 -18.47 17.10
C GLY D 408 27.73 -17.57 18.30
N ALA D 409 27.51 -16.28 18.06
CA ALA D 409 27.47 -15.30 19.14
C ALA D 409 26.44 -15.65 20.21
N ASP D 410 25.41 -16.41 19.86
CA ASP D 410 24.50 -16.92 20.89
C ASP D 410 25.24 -17.84 21.86
N LEU D 411 26.07 -18.74 21.33
CA LEU D 411 26.88 -19.59 22.19
C LEU D 411 27.94 -18.80 22.94
N ALA D 412 28.47 -17.75 22.31
CA ALA D 412 29.40 -16.86 23.01
C ALA D 412 28.72 -16.21 24.20
N ALA D 413 27.50 -15.73 24.02
CA ALA D 413 26.75 -15.14 25.13
C ALA D 413 26.42 -16.18 26.18
N LEU D 414 26.18 -17.43 25.75
CA LEU D 414 25.94 -18.51 26.70
C LEU D 414 27.15 -18.73 27.59
N CYS D 415 28.34 -18.81 26.97
CA CYS D 415 29.57 -18.99 27.74
C CYS D 415 29.82 -17.81 28.65
N SER D 416 29.56 -16.59 28.16
CA SER D 416 29.73 -15.40 28.98
C SER D 416 28.78 -15.43 30.17
N GLU D 417 27.53 -15.86 29.95
CA GLU D 417 26.57 -15.94 31.05
C GLU D 417 27.00 -16.97 32.08
N ALA D 418 27.50 -18.13 31.63
CA ALA D 418 27.98 -19.13 32.57
C ALA D 418 29.15 -18.59 33.39
N ALA D 419 30.11 -17.94 32.73
CA ALA D 419 31.24 -17.36 33.45
C ALA D 419 30.80 -16.30 34.44
N LEU D 420 29.86 -15.43 34.02
CA LEU D 420 29.38 -14.37 34.89
C LEU D 420 28.63 -14.93 36.09
N GLN D 421 27.85 -16.01 35.88
CA GLN D 421 27.18 -16.64 37.01
C GLN D 421 28.18 -17.25 37.97
N ALA D 422 29.23 -17.89 37.45
CA ALA D 422 30.27 -18.42 38.33
C ALA D 422 30.94 -17.30 39.13
N ILE D 423 31.23 -16.18 38.47
CA ILE D 423 31.88 -15.07 39.16
C ILE D 423 30.94 -14.48 40.21
N ARG D 424 29.65 -14.34 39.89
CA ARG D 424 28.72 -13.79 40.87
C ARG D 424 28.49 -14.75 42.03
N LYS D 425 28.68 -16.05 41.81
CA LYS D 425 28.59 -17.01 42.91
C LYS D 425 29.84 -17.00 43.78
N LYS D 426 31.02 -16.76 43.20
CA LYS D 426 32.26 -16.81 43.95
C LYS D 426 32.64 -15.46 44.56
N MET D 427 32.86 -14.46 43.71
CA MET D 427 33.33 -13.15 44.16
C MET D 427 32.33 -12.47 45.09
N ASP D 428 31.06 -12.48 44.71
CA ASP D 428 30.06 -11.75 45.49
C ASP D 428 29.78 -12.40 46.84
N LEU D 429 30.24 -13.63 47.08
CA LEU D 429 29.97 -14.33 48.32
C LEU D 429 31.21 -14.66 49.13
N ILE D 430 32.40 -14.57 48.56
CA ILE D 430 33.64 -14.97 49.24
C ILE D 430 34.43 -13.75 49.71
N ASP D 431 34.86 -12.90 48.78
CA ASP D 431 35.74 -11.78 49.09
C ASP D 431 34.91 -10.52 49.27
N LEU D 432 34.51 -10.25 50.50
CA LEU D 432 33.74 -9.04 50.81
C LEU D 432 34.49 -8.07 51.70
N GLU D 433 35.00 -8.55 52.85
CA GLU D 433 35.70 -7.69 53.78
C GLU D 433 37.09 -8.21 54.15
N ASP D 434 37.51 -9.36 53.62
CA ASP D 434 38.80 -9.94 54.00
C ASP D 434 39.96 -9.04 53.58
N GLU D 435 40.14 -8.87 52.28
CA GLU D 435 41.28 -8.12 51.74
C GLU D 435 41.06 -7.97 50.24
N THR D 436 41.74 -6.98 49.66
CA THR D 436 41.52 -6.63 48.26
C THR D 436 41.82 -7.81 47.35
N ILE D 437 41.09 -7.88 46.23
CA ILE D 437 41.19 -9.02 45.34
C ILE D 437 42.59 -9.11 44.74
N ASP D 438 43.11 -10.33 44.66
CA ASP D 438 44.41 -10.62 44.05
C ASP D 438 44.21 -11.67 42.96
N ALA D 439 45.32 -12.08 42.34
CA ALA D 439 45.25 -13.01 41.23
C ALA D 439 44.90 -14.42 41.69
N GLU D 440 45.25 -14.77 42.93
CA GLU D 440 45.04 -16.14 43.40
C GLU D 440 43.56 -16.51 43.39
N VAL D 441 42.70 -15.61 43.87
CA VAL D 441 41.28 -15.92 43.93
C VAL D 441 40.67 -15.97 42.54
N MET D 442 41.09 -15.08 41.64
CA MET D 442 40.49 -15.05 40.31
C MET D 442 40.92 -16.25 39.47
N ASN D 443 42.19 -16.67 39.57
CA ASN D 443 42.62 -17.82 38.79
C ASN D 443 42.07 -19.13 39.33
N SER D 444 41.55 -19.13 40.56
CA SER D 444 40.95 -20.32 41.15
C SER D 444 39.49 -20.51 40.72
N LEU D 445 38.93 -19.56 39.98
CA LEU D 445 37.54 -19.67 39.55
C LEU D 445 37.36 -20.82 38.57
N ALA D 446 36.30 -21.59 38.77
CA ALA D 446 35.97 -22.72 37.91
C ALA D 446 34.51 -22.64 37.51
N VAL D 447 34.22 -22.99 36.26
CA VAL D 447 32.87 -23.00 35.73
C VAL D 447 32.33 -24.41 35.77
N THR D 448 31.14 -24.58 36.34
CA THR D 448 30.55 -25.89 36.56
C THR D 448 29.41 -26.13 35.57
N MET D 449 28.86 -27.34 35.64
CA MET D 449 27.74 -27.70 34.77
C MET D 449 26.48 -26.93 35.11
N ASP D 450 26.28 -26.61 36.40
CA ASP D 450 25.08 -25.89 36.81
C ASP D 450 25.02 -24.51 36.17
N ASP D 451 26.18 -23.86 36.01
CA ASP D 451 26.22 -22.57 35.34
C ASP D 451 25.76 -22.69 33.90
N PHE D 452 26.23 -23.72 33.20
CA PHE D 452 25.81 -23.94 31.81
C PHE D 452 24.33 -24.26 31.72
N ARG D 453 23.81 -25.06 32.66
CA ARG D 453 22.38 -25.36 32.67
C ARG D 453 21.55 -24.10 32.87
N TRP D 454 21.97 -23.25 33.80
CA TRP D 454 21.26 -22.00 34.06
C TRP D 454 21.33 -21.09 32.84
N ALA D 455 22.48 -21.03 32.17
CA ALA D 455 22.60 -20.23 30.95
C ALA D 455 21.67 -20.75 29.87
N LEU D 456 21.61 -22.08 29.71
CA LEU D 456 20.71 -22.68 28.73
C LEU D 456 19.26 -22.33 29.03
N SER D 457 18.86 -22.46 30.29
CA SER D 457 17.45 -22.38 30.63
C SER D 457 16.96 -20.93 30.75
N GLN D 458 17.55 -20.18 31.69
CA GLN D 458 16.93 -18.92 32.11
C GLN D 458 17.40 -17.71 31.32
N SER D 459 18.68 -17.68 30.91
CA SER D 459 19.30 -16.46 30.44
C SER D 459 19.88 -16.63 29.05
N ASN D 460 19.09 -17.19 28.13
CA ASN D 460 19.55 -17.26 26.74
C ASN D 460 18.39 -17.17 25.76
N PRO D 461 18.30 -16.08 24.99
CA PRO D 461 17.30 -16.01 23.92
C PRO D 461 17.81 -16.63 22.63
N SER D 462 17.14 -17.68 22.16
CA SER D 462 17.52 -18.32 20.91
C SER D 462 16.99 -17.51 19.74
N ALA D 463 17.90 -16.95 18.94
CA ALA D 463 17.53 -16.10 17.83
C ALA D 463 17.18 -16.86 16.56
N LEU D 464 17.26 -18.19 16.58
CA LEU D 464 17.01 -19.00 15.40
C LEU D 464 15.61 -19.60 15.47
N ARG D 465 14.81 -19.36 14.43
CA ARG D 465 13.48 -19.92 14.32
C ARG D 465 13.17 -20.48 12.94
N GLU D 466 14.03 -20.26 11.95
CA GLU D 466 13.78 -20.71 10.59
C GLU D 466 14.24 -22.15 10.42
N THR D 467 14.31 -22.62 9.18
CA THR D 467 14.64 -24.01 8.91
C THR D 467 16.05 -24.34 9.35
N VAL D 468 16.22 -25.58 9.81
CA VAL D 468 17.52 -26.08 10.25
C VAL D 468 18.23 -26.72 9.08
N VAL D 469 19.51 -26.40 8.91
CA VAL D 469 20.34 -26.94 7.84
C VAL D 469 21.52 -27.63 8.51
N GLU D 470 21.42 -28.94 8.71
CA GLU D 470 22.47 -29.69 9.38
C GLU D 470 22.34 -31.17 9.00
N VAL D 471 23.40 -31.91 9.26
CA VAL D 471 23.37 -33.36 9.09
C VAL D 471 22.69 -33.96 10.31
N PRO D 472 21.54 -34.63 10.13
CA PRO D 472 20.83 -35.17 11.29
C PRO D 472 21.61 -36.31 11.94
N GLN D 473 21.44 -36.43 13.26
CA GLN D 473 22.13 -37.46 14.02
C GLN D 473 21.45 -38.82 13.93
N VAL D 474 20.28 -38.90 13.32
CA VAL D 474 19.58 -40.17 13.21
C VAL D 474 20.26 -41.03 12.16
N THR D 475 20.60 -42.26 12.53
CA THR D 475 21.27 -43.20 11.65
C THR D 475 20.32 -44.35 11.32
N TRP D 476 20.85 -45.31 10.55
CA TRP D 476 20.05 -46.48 10.18
C TRP D 476 19.71 -47.32 11.40
N GLU D 477 20.66 -47.43 12.35
CA GLU D 477 20.40 -48.18 13.57
C GLU D 477 19.28 -47.56 14.39
N ASP D 478 19.01 -46.26 14.23
CA ASP D 478 17.91 -45.62 14.92
C ASP D 478 16.55 -46.00 14.35
N ILE D 479 16.52 -46.69 13.21
CA ILE D 479 15.27 -47.13 12.58
C ILE D 479 15.19 -48.64 12.68
N GLY D 480 14.00 -49.14 13.01
CA GLY D 480 13.76 -50.56 13.09
C GLY D 480 12.98 -51.04 11.87
N GLY D 481 13.44 -52.16 11.30
CA GLY D 481 12.77 -52.73 10.16
C GLY D 481 12.94 -51.89 8.90
N LEU D 482 12.01 -52.12 7.96
CA LEU D 482 12.01 -51.43 6.67
C LEU D 482 13.34 -51.64 5.94
N GLU D 483 13.87 -52.86 6.00
CA GLU D 483 15.17 -53.15 5.40
C GLU D 483 15.12 -52.95 3.89
N ASP D 484 14.05 -53.44 3.24
CA ASP D 484 13.92 -53.23 1.80
C ASP D 484 13.80 -51.75 1.46
N VAL D 485 13.01 -51.01 2.25
CA VAL D 485 12.90 -49.57 2.03
C VAL D 485 14.24 -48.89 2.27
N LYS D 486 14.95 -49.32 3.31
CA LYS D 486 16.28 -48.77 3.57
C LYS D 486 17.21 -48.97 2.39
N ARG D 487 17.22 -50.19 1.84
CA ARG D 487 18.09 -50.49 0.70
C ARG D 487 17.69 -49.69 -0.53
N GLU D 488 16.39 -49.59 -0.80
CA GLU D 488 15.95 -48.83 -1.98
C GLU D 488 16.31 -47.36 -1.85
N LEU D 489 16.11 -46.78 -0.67
CA LEU D 489 16.47 -45.38 -0.46
C LEU D 489 17.98 -45.19 -0.55
N GLN D 490 18.75 -46.13 -0.01
CA GLN D 490 20.20 -46.07 -0.12
C GLN D 490 20.62 -46.06 -1.58
N GLU D 491 20.03 -46.94 -2.39
CA GLU D 491 20.28 -46.88 -3.83
C GLU D 491 19.97 -45.50 -4.37
N LEU D 492 18.70 -45.10 -4.27
CA LEU D 492 18.22 -43.89 -4.95
C LEU D 492 19.00 -42.65 -4.53
N VAL D 493 19.59 -42.63 -3.34
CA VAL D 493 20.31 -41.44 -2.90
C VAL D 493 21.80 -41.59 -3.14
N GLN D 494 22.42 -42.62 -2.53
CA GLN D 494 23.87 -42.74 -2.60
C GLN D 494 24.35 -43.00 -4.02
N TYR D 495 23.69 -43.90 -4.75
CA TYR D 495 24.21 -44.30 -6.05
C TYR D 495 24.39 -43.15 -7.03
N PRO D 496 23.44 -42.21 -7.18
CA PRO D 496 23.72 -41.04 -8.02
C PRO D 496 24.90 -40.21 -7.53
N VAL D 497 25.13 -40.13 -6.22
CA VAL D 497 26.17 -39.28 -5.68
C VAL D 497 27.46 -40.03 -5.37
N GLU D 498 27.39 -41.33 -5.11
CA GLU D 498 28.60 -42.11 -4.82
C GLU D 498 29.19 -42.75 -6.08
N HIS D 499 28.37 -43.01 -7.08
CA HIS D 499 28.83 -43.59 -8.35
C HIS D 499 28.23 -42.80 -9.51
N PRO D 500 28.64 -41.54 -9.67
CA PRO D 500 28.15 -40.76 -10.82
C PRO D 500 28.57 -41.34 -12.15
N ASP D 501 29.74 -41.99 -12.20
CA ASP D 501 30.21 -42.57 -13.45
C ASP D 501 29.29 -43.67 -13.95
N LYS D 502 28.79 -44.50 -13.04
CA LYS D 502 27.87 -45.57 -13.45
C LYS D 502 26.59 -45.02 -14.03
N PHE D 503 26.04 -43.97 -13.40
CA PHE D 503 24.82 -43.35 -13.94
C PHE D 503 25.09 -42.68 -15.27
N LEU D 504 26.24 -42.01 -15.41
CA LEU D 504 26.57 -41.37 -16.67
C LEU D 504 26.80 -42.38 -17.79
N LYS D 505 27.31 -43.56 -17.45
CA LYS D 505 27.55 -44.59 -18.46
C LYS D 505 26.25 -45.02 -19.13
N PHE D 506 25.20 -45.21 -18.34
CA PHE D 506 23.90 -45.57 -18.88
C PHE D 506 23.14 -44.32 -19.30
N GLY D 507 22.16 -44.51 -20.19
CA GLY D 507 21.38 -43.40 -20.69
C GLY D 507 20.15 -43.11 -19.86
N MET D 508 20.32 -43.05 -18.54
CA MET D 508 19.23 -42.75 -17.63
C MET D 508 19.65 -41.64 -16.69
N THR D 509 18.83 -40.60 -16.59
CA THR D 509 19.05 -39.54 -15.63
C THR D 509 18.62 -40.01 -14.24
N PRO D 510 19.47 -39.87 -13.22
CA PRO D 510 19.08 -40.32 -11.88
C PRO D 510 17.88 -39.54 -11.37
N SER D 511 17.05 -40.22 -10.58
CA SER D 511 15.88 -39.57 -9.99
C SER D 511 16.30 -38.64 -8.87
N LYS D 512 15.64 -37.49 -8.79
CA LYS D 512 15.95 -36.47 -7.80
C LYS D 512 14.87 -36.32 -6.74
N GLY D 513 13.99 -37.31 -6.61
CA GLY D 513 12.93 -37.24 -5.62
C GLY D 513 12.30 -38.59 -5.38
N VAL D 514 11.79 -38.77 -4.16
CA VAL D 514 11.05 -39.96 -3.79
C VAL D 514 9.92 -39.54 -2.85
N LEU D 515 8.82 -40.27 -2.89
CA LEU D 515 7.66 -40.02 -2.05
C LEU D 515 7.48 -41.16 -1.07
N PHE D 516 7.31 -40.82 0.20
CA PHE D 516 7.02 -41.80 1.24
C PHE D 516 5.55 -41.70 1.61
N TYR D 517 4.83 -42.81 1.48
CA TYR D 517 3.41 -42.85 1.78
C TYR D 517 3.11 -44.07 2.63
N GLY D 518 2.19 -43.92 3.57
CA GLY D 518 1.83 -44.98 4.48
C GLY D 518 1.22 -44.45 5.75
N PRO D 519 0.91 -45.34 6.69
CA PRO D 519 0.33 -44.91 7.97
C PRO D 519 1.28 -44.00 8.72
N PRO D 520 0.77 -42.97 9.38
CA PRO D 520 1.64 -42.12 10.20
C PRO D 520 2.23 -42.91 11.35
N GLY D 521 3.48 -42.59 11.66
CA GLY D 521 4.19 -43.27 12.73
C GLY D 521 5.12 -44.36 12.30
N CYS D 522 5.34 -44.54 10.99
CA CYS D 522 6.22 -45.58 10.49
C CYS D 522 7.65 -45.12 10.28
N GLY D 523 7.95 -43.85 10.55
CA GLY D 523 9.32 -43.37 10.52
C GLY D 523 9.79 -42.82 9.19
N LYS D 524 8.91 -42.19 8.41
CA LYS D 524 9.34 -41.55 7.18
C LYS D 524 10.32 -40.41 7.48
N THR D 525 10.05 -39.64 8.53
CA THR D 525 10.96 -38.59 8.94
C THR D 525 12.32 -39.16 9.31
N LEU D 526 12.33 -40.25 10.09
CA LEU D 526 13.60 -40.88 10.40
C LEU D 526 14.26 -41.48 9.17
N LEU D 527 13.48 -41.97 8.21
CA LEU D 527 14.07 -42.46 6.98
C LEU D 527 14.82 -41.37 6.25
N ALA D 528 14.20 -40.19 6.13
CA ALA D 528 14.88 -39.06 5.51
C ALA D 528 16.12 -38.65 6.31
N LYS D 529 16.00 -38.59 7.63
CA LYS D 529 17.14 -38.20 8.46
C LYS D 529 18.29 -39.19 8.33
N ALA D 530 17.97 -40.50 8.31
CA ALA D 530 19.01 -41.51 8.23
C ALA D 530 19.67 -41.53 6.85
N ILE D 531 18.90 -41.32 5.79
CA ILE D 531 19.51 -41.27 4.47
C ILE D 531 20.36 -40.01 4.31
N ALA D 532 19.98 -38.92 4.99
CA ALA D 532 20.83 -37.74 4.97
C ALA D 532 22.11 -37.98 5.76
N ASN D 533 22.02 -38.68 6.89
CA ASN D 533 23.19 -38.93 7.73
C ASN D 533 24.15 -39.90 7.05
N GLU D 534 23.62 -40.93 6.37
CA GLU D 534 24.47 -41.91 5.72
C GLU D 534 25.32 -41.25 4.63
N CYS D 535 24.73 -40.35 3.86
CA CYS D 535 25.47 -39.59 2.86
C CYS D 535 26.22 -38.41 3.46
N GLN D 536 26.11 -38.18 4.77
CA GLN D 536 26.67 -37.01 5.43
C GLN D 536 26.16 -35.73 4.78
N ALA D 537 24.90 -35.75 4.38
CA ALA D 537 24.28 -34.64 3.66
C ALA D 537 23.35 -33.88 4.60
N ASN D 538 23.33 -32.56 4.45
CA ASN D 538 22.43 -31.73 5.24
C ASN D 538 20.98 -32.09 4.94
N ALA D 539 20.14 -32.02 5.97
CA ALA D 539 18.72 -32.30 5.84
C ALA D 539 17.92 -31.08 6.26
N ILE D 540 17.02 -30.64 5.39
CA ILE D 540 16.12 -29.53 5.68
C ILE D 540 14.71 -30.12 5.68
N SER D 541 14.18 -30.37 6.87
CA SER D 541 12.87 -31.00 7.02
C SER D 541 11.81 -29.91 7.11
N ILE D 542 11.03 -29.75 6.05
CA ILE D 542 9.90 -28.84 6.02
C ILE D 542 8.67 -29.64 6.41
N LYS D 543 8.23 -29.51 7.65
CA LYS D 543 7.10 -30.25 8.13
C LYS D 543 5.80 -29.65 7.62
N GLY D 544 4.68 -30.33 7.92
CA GLY D 544 3.37 -29.83 7.59
C GLY D 544 3.04 -28.47 8.14
N PRO D 545 3.43 -28.14 9.38
CA PRO D 545 3.23 -26.77 9.86
C PRO D 545 3.85 -25.71 8.96
N GLU D 546 5.04 -25.95 8.43
CA GLU D 546 5.66 -24.96 7.55
C GLU D 546 4.89 -24.82 6.24
N LEU D 547 4.47 -25.95 5.66
CA LEU D 547 3.69 -25.90 4.43
C LEU D 547 2.38 -25.15 4.63
N LEU D 548 1.69 -25.44 5.73
CA LEU D 548 0.43 -24.76 6.01
C LEU D 548 0.66 -23.29 6.35
N THR D 549 1.79 -22.95 6.96
CA THR D 549 2.11 -21.55 7.20
C THR D 549 2.31 -20.80 5.90
N MET D 550 3.01 -21.42 4.95
CA MET D 550 3.20 -20.77 3.65
C MET D 550 1.89 -20.68 2.88
N TRP D 551 1.02 -21.69 3.00
CA TRP D 551 -0.24 -21.68 2.29
C TRP D 551 -1.19 -20.63 2.86
N PHE D 552 -1.36 -20.62 4.18
CA PHE D 552 -2.30 -19.70 4.82
C PHE D 552 -1.83 -18.25 4.67
N GLY D 553 -0.53 -18.03 4.80
CA GLY D 553 0.01 -16.69 4.64
C GLY D 553 0.05 -16.19 3.22
N GLU D 554 -0.38 -17.01 2.26
CA GLU D 554 -0.40 -16.64 0.84
C GLU D 554 1.00 -16.26 0.34
N SER D 555 2.03 -16.81 0.98
CA SER D 555 3.41 -16.55 0.60
C SER D 555 4.00 -17.87 0.12
N GLU D 556 3.78 -18.18 -1.16
CA GLU D 556 4.37 -19.35 -1.77
C GLU D 556 5.82 -19.13 -2.18
N ALA D 557 6.26 -17.87 -2.22
CA ALA D 557 7.63 -17.56 -2.60
C ALA D 557 8.66 -18.05 -1.59
N ASN D 558 8.22 -18.43 -0.39
CA ASN D 558 9.18 -18.95 0.60
C ASN D 558 9.81 -20.26 0.13
N VAL D 559 9.08 -21.03 -0.68
CA VAL D 559 9.63 -22.26 -1.25
C VAL D 559 10.86 -21.95 -2.09
N ARG D 560 10.90 -20.76 -2.70
CA ARG D 560 12.06 -20.40 -3.53
C ARG D 560 13.34 -20.37 -2.70
N GLU D 561 13.34 -19.63 -1.58
CA GLU D 561 14.55 -19.60 -0.78
C GLU D 561 14.74 -20.88 0.02
N ILE D 562 13.68 -21.65 0.27
CA ILE D 562 13.86 -22.97 0.86
C ILE D 562 14.69 -23.85 -0.07
N PHE D 563 14.32 -23.88 -1.36
CA PHE D 563 15.08 -24.64 -2.34
C PHE D 563 16.46 -24.06 -2.54
N ASP D 564 16.61 -22.73 -2.45
CA ASP D 564 17.92 -22.12 -2.55
C ASP D 564 18.82 -22.57 -1.40
N LYS D 565 18.28 -22.62 -0.18
CA LYS D 565 19.04 -23.12 0.96
C LYS D 565 19.41 -24.58 0.77
N ALA D 566 18.47 -25.38 0.26
CA ALA D 566 18.77 -26.79 0.01
C ALA D 566 19.88 -26.95 -1.02
N ARG D 567 19.83 -26.15 -2.09
CA ARG D 567 20.84 -26.24 -3.13
C ARG D 567 22.21 -25.78 -2.62
N GLN D 568 22.23 -24.70 -1.84
CA GLN D 568 23.49 -24.20 -1.28
C GLN D 568 24.10 -25.16 -0.30
N ALA D 569 23.32 -26.09 0.26
CA ALA D 569 23.82 -27.11 1.17
C ALA D 569 24.07 -28.43 0.47
N ALA D 570 24.46 -28.40 -0.79
CA ALA D 570 24.69 -29.63 -1.55
C ALA D 570 25.89 -30.37 -0.98
N PRO D 571 25.80 -31.69 -0.75
CA PRO D 571 24.63 -32.53 -0.97
C PRO D 571 23.58 -32.36 0.12
N CYS D 572 22.31 -32.34 -0.24
CA CYS D 572 21.24 -32.09 0.72
C CYS D 572 20.07 -33.02 0.45
N VAL D 573 19.37 -33.39 1.51
CA VAL D 573 18.15 -34.16 1.42
C VAL D 573 17.01 -33.25 1.85
N LEU D 574 16.28 -32.73 0.87
CA LEU D 574 15.22 -31.76 1.13
C LEU D 574 13.95 -32.51 1.48
N PHE D 575 13.69 -32.66 2.78
CA PHE D 575 12.57 -33.44 3.26
C PHE D 575 11.35 -32.56 3.44
N PHE D 576 10.21 -33.03 2.94
CA PHE D 576 8.93 -32.33 3.06
C PHE D 576 7.99 -33.22 3.87
N ASP D 577 8.07 -33.10 5.19
CA ASP D 577 7.19 -33.88 6.06
C ASP D 577 5.75 -33.41 5.94
N GLU D 578 4.83 -34.36 5.94
CA GLU D 578 3.40 -34.10 5.81
C GLU D 578 3.12 -33.25 4.57
N LEU D 579 3.52 -33.80 3.42
CA LEU D 579 3.32 -33.11 2.15
C LEU D 579 1.85 -32.94 1.80
N ASP D 580 0.98 -33.75 2.41
CA ASP D 580 -0.46 -33.66 2.18
C ASP D 580 -1.15 -32.74 3.19
N SER D 581 -0.37 -32.02 4.01
CA SER D 581 -0.98 -31.14 5.01
C SER D 581 -1.85 -30.07 4.37
N ILE D 582 -1.37 -29.47 3.27
CA ILE D 582 -2.17 -28.46 2.60
C ILE D 582 -3.38 -29.09 1.93
N ALA D 583 -3.19 -30.25 1.30
CA ALA D 583 -4.30 -30.97 0.69
C ALA D 583 -5.30 -31.45 1.73
N LYS D 584 -4.87 -31.62 2.98
CA LYS D 584 -5.77 -32.02 4.06
C LYS D 584 -6.49 -30.84 4.70
N ALA D 585 -5.83 -29.69 4.79
CA ALA D 585 -6.49 -28.49 5.30
C ALA D 585 -7.52 -27.97 4.32
N ARG D 586 -7.22 -28.05 3.03
CA ARG D 586 -8.17 -27.66 1.98
C ARG D 586 -9.12 -28.80 1.65
N GLY D 587 -9.75 -29.36 2.67
CA GLY D 587 -10.68 -30.45 2.50
C GLY D 587 -10.05 -31.80 2.78
N GLY D 588 -10.92 -32.79 3.00
CA GLY D 588 -10.47 -34.13 3.31
C GLY D 588 -10.20 -34.97 2.08
N ASN D 589 -10.83 -36.14 2.01
CA ASN D 589 -10.64 -37.01 0.84
C ASN D 589 -11.14 -36.32 -0.43
N ILE D 590 -12.43 -36.00 -0.48
CA ILE D 590 -12.97 -35.25 -1.59
C ILE D 590 -12.92 -33.75 -1.34
N GLY D 591 -13.06 -33.34 -0.08
CA GLY D 591 -12.91 -31.94 0.29
C GLY D 591 -13.94 -31.04 -0.36
N ASP D 592 -13.51 -29.83 -0.69
CA ASP D 592 -14.37 -28.85 -1.33
C ASP D 592 -14.54 -29.23 -2.80
N GLY D 593 -15.20 -28.35 -3.56
CA GLY D 593 -15.37 -28.58 -4.98
C GLY D 593 -14.14 -28.36 -5.82
N GLY D 594 -13.07 -27.83 -5.23
CA GLY D 594 -11.84 -27.57 -5.95
C GLY D 594 -11.02 -28.82 -6.20
N GLY D 595 -9.91 -28.63 -6.90
CA GLY D 595 -9.02 -29.73 -7.24
C GLY D 595 -8.04 -30.04 -6.14
N ALA D 596 -6.98 -30.74 -6.51
CA ALA D 596 -5.96 -31.17 -5.56
C ALA D 596 -4.70 -30.31 -5.58
N ALA D 597 -4.51 -29.50 -6.61
CA ALA D 597 -3.31 -28.67 -6.69
C ALA D 597 -3.39 -27.52 -5.69
N ASP D 598 -2.24 -27.16 -5.13
CA ASP D 598 -2.13 -26.11 -4.13
C ASP D 598 -0.99 -25.18 -4.49
N ARG D 599 -1.09 -23.92 -4.03
CA ARG D 599 -0.12 -22.91 -4.42
C ARG D 599 1.29 -23.25 -3.93
N VAL D 600 1.40 -23.70 -2.68
CA VAL D 600 2.71 -24.06 -2.15
C VAL D 600 3.22 -25.34 -2.81
N ILE D 601 2.33 -26.32 -3.00
CA ILE D 601 2.71 -27.52 -3.75
C ILE D 601 3.09 -27.16 -5.17
N ASN D 602 2.41 -26.18 -5.76
CA ASN D 602 2.76 -25.73 -7.10
C ASN D 602 4.14 -25.11 -7.14
N GLN D 603 4.46 -24.29 -6.14
CA GLN D 603 5.80 -23.70 -6.08
C GLN D 603 6.86 -24.78 -5.87
N ILE D 604 6.55 -25.79 -5.07
CA ILE D 604 7.47 -26.92 -4.91
C ILE D 604 7.70 -27.61 -6.24
N LEU D 605 6.62 -27.83 -7.01
CA LEU D 605 6.76 -28.45 -8.32
C LEU D 605 7.61 -27.60 -9.24
N THR D 606 7.38 -26.29 -9.24
CA THR D 606 8.17 -25.40 -10.09
C THR D 606 9.65 -25.45 -9.71
N GLU D 607 9.94 -25.42 -8.41
CA GLU D 607 11.33 -25.45 -7.97
C GLU D 607 11.99 -26.78 -8.33
N MET D 608 11.27 -27.89 -8.14
CA MET D 608 11.83 -29.20 -8.49
C MET D 608 12.09 -29.30 -9.99
N ASP D 609 11.17 -28.77 -10.80
CA ASP D 609 11.41 -28.74 -12.24
C ASP D 609 12.62 -27.88 -12.58
N GLY D 610 12.81 -26.80 -11.83
CA GLY D 610 13.97 -25.95 -12.02
C GLY D 610 15.23 -26.41 -11.32
N MET D 611 15.17 -27.52 -10.58
CA MET D 611 16.33 -28.03 -9.86
C MET D 611 17.07 -29.06 -10.71
N SER D 612 18.36 -28.83 -10.91
CA SER D 612 19.18 -29.78 -11.65
C SER D 612 19.45 -31.01 -10.78
N THR D 613 19.36 -32.19 -11.40
CA THR D 613 19.61 -33.43 -10.66
C THR D 613 21.07 -33.51 -10.21
N LYS D 614 21.99 -33.02 -11.04
CA LYS D 614 23.41 -33.04 -10.72
C LYS D 614 23.72 -32.32 -9.42
N LYS D 615 22.90 -31.35 -9.03
CA LYS D 615 23.08 -30.60 -7.79
C LYS D 615 22.98 -31.48 -6.56
N ASN D 616 22.74 -32.78 -6.75
CA ASN D 616 22.66 -33.79 -5.67
C ASN D 616 21.89 -33.27 -4.47
N VAL D 617 20.76 -32.63 -4.76
CA VAL D 617 19.80 -32.20 -3.75
C VAL D 617 18.57 -33.09 -3.93
N PHE D 618 18.33 -33.96 -2.96
CA PHE D 618 17.26 -34.95 -3.05
C PHE D 618 16.04 -34.46 -2.28
N ILE D 619 14.87 -34.64 -2.88
CA ILE D 619 13.61 -34.21 -2.30
C ILE D 619 12.85 -35.44 -1.85
N ILE D 620 12.50 -35.49 -0.57
CA ILE D 620 11.76 -36.60 0.00
C ILE D 620 10.44 -36.06 0.55
N GLY D 621 9.33 -36.68 0.12
CA GLY D 621 8.03 -36.25 0.58
C GLY D 621 7.31 -37.33 1.37
N ALA D 622 6.76 -36.97 2.52
CA ALA D 622 6.02 -37.88 3.38
C ALA D 622 4.55 -37.49 3.36
N THR D 623 3.69 -38.43 3.02
CA THR D 623 2.26 -38.20 2.95
C THR D 623 1.53 -39.29 3.73
N ASN D 624 0.76 -38.90 4.74
CA ASN D 624 -0.11 -39.85 5.42
C ASN D 624 -1.39 -40.11 4.64
N ARG D 625 -1.71 -39.27 3.68
CA ARG D 625 -2.87 -39.45 2.80
C ARG D 625 -2.40 -39.27 1.36
N PRO D 626 -1.76 -40.29 0.79
CA PRO D 626 -1.27 -40.15 -0.60
C PRO D 626 -2.37 -39.96 -1.62
N ASP D 627 -3.61 -40.37 -1.31
CA ASP D 627 -4.68 -40.25 -2.28
C ASP D 627 -5.18 -38.82 -2.42
N ILE D 628 -4.90 -37.95 -1.44
CA ILE D 628 -5.39 -36.57 -1.51
C ILE D 628 -4.38 -35.63 -2.14
N ILE D 629 -3.13 -36.05 -2.33
CA ILE D 629 -2.16 -35.18 -2.97
C ILE D 629 -2.42 -35.11 -4.47
N ASP D 630 -1.97 -34.03 -5.07
CA ASP D 630 -2.17 -33.83 -6.51
C ASP D 630 -1.30 -34.81 -7.29
N PRO D 631 -1.85 -35.48 -8.31
CA PRO D 631 -1.02 -36.38 -9.13
C PRO D 631 0.08 -35.67 -9.88
N ALA D 632 0.00 -34.35 -10.03
CA ALA D 632 1.04 -33.61 -10.74
C ALA D 632 2.39 -33.75 -10.06
N ILE D 633 2.41 -33.95 -8.74
CA ILE D 633 3.66 -34.18 -8.05
C ILE D 633 4.17 -35.60 -8.26
N LEU D 634 3.32 -36.51 -8.71
CA LEU D 634 3.70 -37.88 -8.99
C LEU D 634 4.15 -38.10 -10.42
N ARG D 635 4.21 -37.04 -11.21
CA ARG D 635 4.67 -37.17 -12.60
C ARG D 635 6.13 -37.61 -12.61
N PRO D 636 6.54 -38.41 -13.59
CA PRO D 636 7.95 -38.83 -13.65
C PRO D 636 8.87 -37.62 -13.77
N GLY D 637 10.01 -37.71 -13.07
CA GLY D 637 10.98 -36.63 -13.02
C GLY D 637 10.97 -35.82 -11.76
N ARG D 638 9.89 -35.89 -10.97
CA ARG D 638 9.81 -35.18 -9.69
C ARG D 638 9.75 -36.14 -8.52
N LEU D 639 8.73 -37.00 -8.47
CA LEU D 639 8.56 -37.98 -7.40
C LEU D 639 8.11 -39.30 -7.97
N ASP D 640 8.78 -39.74 -9.04
CA ASP D 640 8.35 -40.94 -9.75
C ASP D 640 8.40 -42.19 -8.87
N GLN D 641 9.29 -42.21 -7.88
CA GLN D 641 9.38 -43.35 -6.96
C GLN D 641 8.42 -43.13 -5.81
N LEU D 642 7.43 -44.02 -5.68
CA LEU D 642 6.47 -43.98 -4.59
C LEU D 642 6.79 -45.15 -3.66
N ILE D 643 7.68 -44.91 -2.70
CA ILE D 643 8.09 -45.94 -1.76
C ILE D 643 7.03 -46.06 -0.67
N TYR D 644 6.45 -47.25 -0.55
CA TYR D 644 5.44 -47.50 0.46
C TYR D 644 6.11 -47.84 1.78
N ILE D 645 5.73 -47.14 2.84
CA ILE D 645 6.24 -47.43 4.17
C ILE D 645 5.17 -48.22 4.91
N PRO D 646 5.23 -49.54 4.92
CA PRO D 646 4.15 -50.34 5.47
C PRO D 646 4.15 -50.32 6.99
N LEU D 647 3.01 -50.73 7.54
CA LEU D 647 2.91 -50.88 8.99
C LEU D 647 3.85 -51.99 9.44
N PRO D 648 4.67 -51.75 10.46
CA PRO D 648 5.70 -52.73 10.83
C PRO D 648 5.10 -54.06 11.25
N ASP D 649 5.76 -55.14 10.83
CA ASP D 649 5.38 -56.48 11.22
C ASP D 649 6.17 -56.89 12.46
N GLU D 650 6.15 -58.19 12.79
CA GLU D 650 6.76 -58.67 14.02
C GLU D 650 8.24 -58.32 14.07
N LYS D 651 8.99 -58.67 13.01
CA LYS D 651 10.42 -58.39 13.00
C LYS D 651 10.70 -56.90 13.01
N SER D 652 9.94 -56.13 12.21
CA SER D 652 10.12 -54.68 12.19
C SER D 652 9.80 -54.07 13.54
N ARG D 653 8.73 -54.53 14.19
CA ARG D 653 8.38 -53.99 15.51
C ARG D 653 9.46 -54.34 16.53
N VAL D 654 10.00 -55.55 16.47
CA VAL D 654 11.08 -55.93 17.37
C VAL D 654 12.30 -55.03 17.17
N ALA D 655 12.65 -54.78 15.91
CA ALA D 655 13.79 -53.91 15.62
C ALA D 655 13.53 -52.48 16.09
N ILE D 656 12.30 -52.00 15.92
CA ILE D 656 11.94 -50.65 16.38
C ILE D 656 12.08 -50.56 17.89
N LEU D 657 11.59 -51.57 18.61
CA LEU D 657 11.71 -51.57 20.06
C LEU D 657 13.18 -51.61 20.48
N LYS D 658 13.99 -52.41 19.79
CA LYS D 658 15.41 -52.48 20.10
C LYS D 658 16.08 -51.11 19.89
N ALA D 659 15.73 -50.43 18.79
CA ALA D 659 16.30 -49.12 18.52
C ALA D 659 15.88 -48.09 19.54
N ASN D 660 14.60 -48.12 19.95
CA ASN D 660 14.10 -47.11 20.88
C ASN D 660 14.64 -47.33 22.28
N LEU D 661 14.67 -48.57 22.75
CA LEU D 661 15.09 -48.86 24.12
C LEU D 661 16.58 -48.75 24.32
N ARG D 662 17.36 -48.52 23.26
CA ARG D 662 18.80 -48.35 23.41
C ARG D 662 19.17 -47.13 24.23
N LYS D 663 18.27 -46.16 24.33
CA LYS D 663 18.53 -44.94 25.10
C LYS D 663 18.04 -45.06 26.54
N SER D 664 16.80 -45.46 26.72
CA SER D 664 16.23 -45.59 28.06
C SER D 664 16.72 -46.88 28.70
N PRO D 665 17.35 -46.82 29.88
CA PRO D 665 17.78 -48.06 30.55
C PRO D 665 16.58 -48.93 30.91
N VAL D 666 16.57 -50.14 30.35
CA VAL D 666 15.47 -51.08 30.55
C VAL D 666 16.04 -52.36 31.15
N ALA D 667 15.30 -52.94 32.10
CA ALA D 667 15.71 -54.19 32.72
C ALA D 667 15.69 -55.32 31.70
N LYS D 668 16.59 -56.29 31.89
CA LYS D 668 16.67 -57.43 30.99
C LYS D 668 15.45 -58.34 31.04
N ASP D 669 14.60 -58.18 32.07
CA ASP D 669 13.38 -58.97 32.15
C ASP D 669 12.39 -58.63 31.05
N VAL D 670 12.58 -57.49 30.36
CA VAL D 670 11.67 -57.11 29.29
C VAL D 670 11.76 -58.13 28.16
N ASP D 671 10.63 -58.38 27.50
CA ASP D 671 10.51 -59.35 26.41
C ASP D 671 10.02 -58.66 25.14
N LEU D 672 10.96 -58.12 24.37
CA LEU D 672 10.60 -57.29 23.22
C LEU D 672 9.85 -58.09 22.16
N GLU D 673 10.24 -59.34 21.93
CA GLU D 673 9.54 -60.16 20.96
C GLU D 673 8.09 -60.38 21.36
N PHE D 674 7.85 -60.70 22.64
CA PHE D 674 6.49 -60.85 23.13
C PHE D 674 5.72 -59.55 23.02
N LEU D 675 6.35 -58.43 23.40
CA LEU D 675 5.67 -57.14 23.31
C LEU D 675 5.27 -56.82 21.88
N ALA D 676 6.15 -57.10 20.93
CA ALA D 676 5.82 -56.91 19.52
C ALA D 676 4.69 -57.83 19.09
N LYS D 677 4.68 -59.07 19.58
CA LYS D 677 3.64 -59.99 19.16
C LYS D 677 2.28 -59.63 19.75
N MET D 678 2.24 -58.95 20.91
CA MET D 678 0.97 -58.40 21.36
C MET D 678 0.53 -57.23 20.49
N THR D 679 1.47 -56.34 20.15
CA THR D 679 1.17 -55.15 19.38
C THR D 679 0.97 -55.55 17.92
N ASN D 680 -0.28 -55.83 17.56
CA ASN D 680 -0.63 -56.19 16.19
C ASN D 680 -0.92 -54.90 15.42
N GLY D 681 -0.17 -54.69 14.34
CA GLY D 681 -0.36 -53.51 13.52
C GLY D 681 -0.06 -52.20 14.23
N PHE D 682 1.07 -52.14 14.92
CA PHE D 682 1.48 -50.95 15.66
C PHE D 682 2.59 -50.22 14.90
N SER D 683 2.46 -48.92 14.77
CA SER D 683 3.46 -48.12 14.08
C SER D 683 4.65 -47.86 15.00
N GLY D 684 5.76 -47.43 14.39
CA GLY D 684 6.97 -47.17 15.15
C GLY D 684 6.80 -46.04 16.15
N ALA D 685 6.17 -44.94 15.73
CA ALA D 685 5.95 -43.86 16.66
C ALA D 685 4.94 -44.23 17.74
N ASP D 686 4.05 -45.19 17.46
CA ASP D 686 3.21 -45.71 18.52
C ASP D 686 3.99 -46.57 19.50
N LEU D 687 5.05 -47.24 19.04
CA LEU D 687 5.94 -47.93 19.98
C LEU D 687 6.74 -46.94 20.81
N THR D 688 7.15 -45.82 20.22
CA THR D 688 7.80 -44.79 21.02
C THR D 688 6.82 -44.16 22.00
N GLU D 689 5.54 -44.05 21.64
CA GLU D 689 4.53 -43.64 22.61
C GLU D 689 4.34 -44.70 23.69
N ILE D 690 4.52 -45.97 23.33
CA ILE D 690 4.53 -47.05 24.34
C ILE D 690 5.64 -46.81 25.35
N CYS D 691 6.84 -46.47 24.88
CA CYS D 691 7.88 -46.10 25.84
C CYS D 691 7.49 -44.83 26.58
N GLN D 692 6.89 -43.86 25.89
CA GLN D 692 6.45 -42.67 26.60
C GLN D 692 5.65 -43.06 27.83
N ARG D 693 4.64 -43.91 27.64
CA ARG D 693 3.82 -44.37 28.74
C ARG D 693 4.64 -45.13 29.79
N ALA D 694 5.31 -46.21 29.38
CA ALA D 694 5.96 -47.10 30.34
C ALA D 694 7.18 -46.46 30.99
N CYS D 695 8.06 -45.88 30.17
CA CYS D 695 9.22 -45.16 30.67
C CYS D 695 8.83 -43.99 31.56
N LYS D 696 7.71 -43.32 31.25
CA LYS D 696 7.23 -42.25 32.13
C LYS D 696 6.69 -42.81 33.43
N LEU D 697 6.04 -43.97 33.38
CA LEU D 697 5.61 -44.62 34.61
C LEU D 697 6.81 -44.98 35.48
N ALA D 698 7.89 -45.45 34.85
CA ALA D 698 9.11 -45.73 35.59
C ALA D 698 9.69 -44.47 36.22
N ILE D 699 9.69 -43.37 35.47
CA ILE D 699 10.19 -42.10 36.00
C ILE D 699 9.34 -41.65 37.19
N ARG D 700 8.02 -41.77 37.06
CA ARG D 700 7.12 -41.39 38.16
C ARG D 700 7.31 -42.28 39.36
N GLU D 701 7.53 -43.58 39.14
CA GLU D 701 7.80 -44.49 40.24
C GLU D 701 9.08 -44.11 40.96
N SER D 702 10.14 -43.77 40.19
CA SER D 702 11.38 -43.34 40.82
C SER D 702 11.19 -42.07 41.62
N ILE D 703 10.44 -41.11 41.07
CA ILE D 703 10.24 -39.84 41.77
C ILE D 703 9.44 -40.04 43.05
N GLU D 704 8.37 -40.84 42.97
CA GLU D 704 7.55 -41.07 44.16
C GLU D 704 8.32 -41.87 45.22
N SER D 705 9.15 -42.82 44.77
CA SER D 705 9.99 -43.54 45.73
C SER D 705 10.97 -42.60 46.40
N GLU D 706 11.57 -41.68 45.63
CA GLU D 706 12.49 -40.72 46.21
C GLU D 706 11.80 -39.83 47.24
N ILE D 707 10.60 -39.33 46.90
CA ILE D 707 9.92 -38.41 47.83
C ILE D 707 9.45 -39.14 49.07
N ARG D 708 8.96 -40.38 48.93
CA ARG D 708 8.52 -41.12 50.11
C ARG D 708 9.72 -41.51 50.98
N ARG D 709 10.85 -41.83 50.37
CA ARG D 709 12.07 -42.11 51.13
C ARG D 709 12.53 -40.86 51.87
N GLU D 710 12.42 -39.69 51.22
CA GLU D 710 12.76 -38.44 51.88
C GLU D 710 11.84 -38.18 53.07
N ARG D 711 10.54 -38.44 52.91
CA ARG D 711 9.58 -38.11 53.95
C ARG D 711 9.59 -39.10 55.12
N GLU D 712 9.96 -40.36 54.87
CA GLU D 712 9.79 -41.37 55.91
C GLU D 712 10.76 -41.17 57.06
N ARG D 713 12.03 -40.87 56.78
CA ARG D 713 13.03 -40.82 57.84
C ARG D 713 13.15 -39.43 58.47
N GLN D 714 12.47 -38.42 57.92
CA GLN D 714 12.55 -37.09 58.51
C GLN D 714 11.91 -37.01 59.89
N THR D 715 11.02 -37.95 60.21
CA THR D 715 10.38 -37.95 61.53
C THR D 715 11.37 -38.39 62.61
N ASN D 716 12.16 -39.43 62.32
CA ASN D 716 13.10 -39.95 63.30
C ASN D 716 14.29 -39.01 63.43
N PRO D 717 14.58 -38.47 64.62
CA PRO D 717 15.75 -37.59 64.80
C PRO D 717 17.04 -38.37 65.02
N SER D 718 17.47 -39.08 63.98
CA SER D 718 18.67 -39.90 64.04
C SER D 718 19.81 -39.17 63.31
N ALA D 719 20.93 -38.99 64.02
CA ALA D 719 22.06 -38.29 63.42
C ALA D 719 22.65 -39.08 62.26
N MET D 720 22.78 -40.40 62.40
CA MET D 720 23.35 -41.26 61.37
C MET D 720 22.37 -42.41 61.12
N GLU D 721 21.48 -42.23 60.15
CA GLU D 721 20.57 -43.29 59.72
C GLU D 721 20.27 -43.03 58.24
N VAL D 722 21.05 -43.66 57.37
CA VAL D 722 20.94 -43.48 55.92
C VAL D 722 20.96 -44.89 55.30
N GLU D 723 19.80 -45.38 54.91
CA GLU D 723 19.70 -46.64 54.18
C GLU D 723 19.62 -46.33 52.68
N GLU D 724 20.73 -45.83 52.16
CA GLU D 724 20.78 -45.37 50.78
C GLU D 724 20.76 -46.56 49.82
N ASP D 725 19.79 -46.56 48.91
CA ASP D 725 19.69 -47.58 47.88
C ASP D 725 18.82 -47.05 46.76
N ASP D 726 19.24 -47.29 45.52
CA ASP D 726 18.46 -46.86 44.37
C ASP D 726 17.19 -47.68 44.28
N PRO D 727 16.01 -47.05 44.15
CA PRO D 727 14.77 -47.81 44.03
C PRO D 727 14.76 -48.70 42.78
N VAL D 728 14.95 -48.08 41.62
CA VAL D 728 15.09 -48.81 40.36
C VAL D 728 15.73 -47.89 39.34
N PRO D 729 16.84 -48.30 38.71
CA PRO D 729 17.49 -47.44 37.72
C PRO D 729 17.06 -47.76 36.30
N GLU D 730 16.27 -48.82 36.13
CA GLU D 730 15.85 -49.29 34.82
C GLU D 730 14.32 -49.32 34.77
N ILE D 731 13.79 -49.90 33.69
CA ILE D 731 12.36 -50.05 33.48
C ILE D 731 12.04 -51.54 33.48
N ARG D 732 11.15 -51.96 34.36
CA ARG D 732 10.78 -53.36 34.47
C ARG D 732 9.60 -53.68 33.57
N ARG D 733 9.29 -54.97 33.45
CA ARG D 733 8.20 -55.41 32.59
C ARG D 733 6.84 -54.96 33.11
N ASP D 734 6.74 -54.63 34.41
CA ASP D 734 5.47 -54.15 34.95
C ASP D 734 5.06 -52.84 34.31
N HIS D 735 6.02 -51.94 34.10
CA HIS D 735 5.71 -50.67 33.44
C HIS D 735 5.22 -50.90 32.02
N PHE D 736 5.85 -51.82 31.29
CA PHE D 736 5.42 -52.10 29.93
C PHE D 736 4.03 -52.74 29.91
N GLU D 737 3.74 -53.61 30.88
CA GLU D 737 2.41 -54.20 30.97
C GLU D 737 1.36 -53.13 31.27
N GLU D 738 1.69 -52.19 32.16
CA GLU D 738 0.77 -51.09 32.43
C GLU D 738 0.56 -50.23 31.19
N ALA D 739 1.63 -50.00 30.42
CA ALA D 739 1.49 -49.27 29.16
C ALA D 739 0.58 -50.00 28.19
N MET D 740 0.74 -51.33 28.09
CA MET D 740 -0.16 -52.13 27.27
C MET D 740 -1.60 -52.01 27.72
N ARG D 741 -1.82 -52.01 29.04
CA ARG D 741 -3.17 -51.81 29.55
C ARG D 741 -3.69 -50.41 29.25
N PHE D 742 -2.78 -49.45 29.06
CA PHE D 742 -3.15 -48.08 28.73
C PHE D 742 -3.16 -47.85 27.22
N ALA D 743 -2.02 -48.05 26.57
CA ALA D 743 -1.93 -47.85 25.12
C ALA D 743 -2.70 -48.94 24.39
N ARG D 744 -3.38 -48.56 23.32
CA ARG D 744 -4.22 -49.49 22.57
C ARG D 744 -3.85 -49.48 21.09
N ARG D 745 -4.70 -50.10 20.26
CA ARG D 745 -4.45 -50.29 18.83
C ARG D 745 -3.94 -49.00 18.18
N SER D 746 -3.03 -49.17 17.24
CA SER D 746 -2.33 -48.03 16.65
C SER D 746 -3.27 -47.20 15.77
N VAL D 747 -3.76 -47.78 14.69
CA VAL D 747 -4.60 -47.08 13.73
C VAL D 747 -5.74 -47.99 13.30
N SER D 748 -6.76 -47.38 12.69
CA SER D 748 -7.90 -48.13 12.20
C SER D 748 -7.48 -49.04 11.04
N ASP D 749 -8.10 -50.22 10.98
CA ASP D 749 -7.81 -51.15 9.90
C ASP D 749 -8.27 -50.62 8.56
N ASN D 750 -9.28 -49.74 8.55
CA ASN D 750 -9.75 -49.15 7.29
C ASN D 750 -8.65 -48.32 6.64
N ASP D 751 -7.88 -47.58 7.45
CA ASP D 751 -6.75 -46.83 6.91
C ASP D 751 -5.72 -47.75 6.29
N ILE D 752 -5.44 -48.88 6.95
CA ILE D 752 -4.47 -49.83 6.42
C ILE D 752 -4.97 -50.42 5.10
N ARG D 753 -6.27 -50.70 5.02
CA ARG D 753 -6.84 -51.19 3.77
C ARG D 753 -6.72 -50.13 2.67
N LYS D 754 -6.93 -48.87 3.02
CA LYS D 754 -6.77 -47.80 2.04
C LYS D 754 -5.32 -47.72 1.54
N TYR D 755 -4.37 -47.85 2.47
CA TYR D 755 -2.96 -47.82 2.06
C TYR D 755 -2.63 -49.01 1.18
N GLU D 756 -3.14 -50.19 1.52
CA GLU D 756 -2.83 -51.38 0.73
C GLU D 756 -3.48 -51.31 -0.65
N MET D 757 -4.66 -50.70 -0.76
CA MET D 757 -5.27 -50.56 -2.08
C MET D 757 -4.59 -49.47 -2.89
N PHE D 758 -4.08 -48.43 -2.24
CA PHE D 758 -3.27 -47.44 -2.95
C PHE D 758 -1.98 -48.08 -3.47
N ALA D 759 -1.35 -48.94 -2.66
CA ALA D 759 -0.17 -49.66 -3.11
C ALA D 759 -0.51 -50.59 -4.26
N GLN D 760 -1.66 -51.27 -4.18
CA GLN D 760 -2.09 -52.13 -5.28
C GLN D 760 -2.38 -51.33 -6.54
N THR D 761 -2.74 -50.06 -6.40
CA THR D 761 -3.04 -49.18 -7.52
C THR D 761 -1.88 -48.23 -7.81
N LEU D 762 -0.64 -48.71 -7.65
CA LEU D 762 0.51 -47.88 -8.01
C LEU D 762 0.53 -47.55 -9.50
N GLN D 763 -0.04 -48.43 -10.32
CA GLN D 763 -0.17 -48.19 -11.76
C GLN D 763 -1.63 -48.28 -12.17
N GLN D 764 -1.88 -48.21 -13.48
CA GLN D 764 -3.24 -48.26 -14.03
C GLN D 764 -4.12 -47.17 -13.44
N SER D 765 -3.55 -45.98 -13.26
CA SER D 765 -4.27 -44.84 -12.70
C SER D 765 -3.97 -43.61 -13.53
N ARG D 766 -4.91 -42.67 -13.51
CA ARG D 766 -4.79 -41.40 -14.25
C ARG D 766 -4.53 -41.64 -15.73
N ASN E 21 41.44 -16.56 59.87
CA ASN E 21 42.22 -15.44 59.35
C ASN E 21 41.61 -14.11 59.79
N ARG E 22 41.59 -13.89 61.11
CA ARG E 22 41.08 -12.65 61.67
C ARG E 22 39.64 -12.39 61.25
N PRO E 23 38.68 -13.13 61.80
CA PRO E 23 37.27 -12.81 61.51
C PRO E 23 36.79 -11.59 62.27
N ASN E 24 37.61 -10.54 62.27
CA ASN E 24 37.22 -9.27 62.88
C ASN E 24 36.37 -8.46 61.93
N ARG E 25 36.88 -8.22 60.72
CA ARG E 25 36.13 -7.46 59.73
C ARG E 25 34.96 -8.30 59.23
N LEU E 26 34.23 -7.73 58.27
CA LEU E 26 33.11 -8.46 57.70
C LEU E 26 32.61 -7.72 56.48
N ILE E 27 31.82 -8.43 55.67
CA ILE E 27 31.31 -7.87 54.43
C ILE E 27 30.04 -7.08 54.71
N VAL E 28 29.71 -6.21 53.78
CA VAL E 28 28.49 -5.42 53.84
C VAL E 28 27.38 -6.14 53.10
N ASP E 29 26.14 -5.79 53.43
CA ASP E 29 24.99 -6.34 52.75
C ASP E 29 23.79 -5.47 53.06
N GLU E 30 22.68 -5.76 52.38
CA GLU E 30 21.46 -4.99 52.56
C GLU E 30 20.97 -5.11 54.01
N ALA E 31 20.05 -4.22 54.36
CA ALA E 31 19.46 -4.16 55.69
C ALA E 31 17.96 -4.42 55.59
N ILE E 32 17.46 -5.35 56.42
CA ILE E 32 16.03 -5.59 56.48
C ILE E 32 15.37 -4.64 57.46
N ASN E 33 15.87 -4.61 58.69
CA ASN E 33 15.32 -3.72 59.70
C ASN E 33 15.52 -2.28 59.27
N GLU E 34 14.41 -1.56 59.10
CA GLU E 34 14.48 -0.21 58.57
C GLU E 34 14.90 0.80 59.63
N ASP E 35 14.69 0.49 60.90
CA ASP E 35 15.08 1.40 61.97
C ASP E 35 16.57 1.66 61.90
N ASN E 36 16.94 2.93 61.98
CA ASN E 36 18.35 3.29 61.95
C ASN E 36 19.04 2.84 63.22
N SER E 37 20.37 2.84 63.18
CA SER E 37 21.17 2.45 64.34
C SER E 37 20.95 0.99 64.69
N VAL E 38 20.48 0.20 63.72
CA VAL E 38 20.15 -1.20 63.93
C VAL E 38 20.86 -2.05 62.88
N VAL E 39 21.09 -3.31 63.23
CA VAL E 39 21.79 -4.25 62.36
C VAL E 39 21.12 -5.60 62.47
N SER E 40 21.63 -6.55 61.70
CA SER E 40 21.14 -7.92 61.71
C SER E 40 22.23 -8.84 61.17
N LEU E 41 22.68 -9.77 62.00
CA LEU E 41 23.71 -10.71 61.62
C LEU E 41 23.19 -12.13 61.79
N SER E 42 24.05 -13.09 61.47
CA SER E 42 23.68 -14.49 61.61
C SER E 42 23.69 -14.89 63.08
N GLN E 43 23.06 -16.03 63.35
CA GLN E 43 22.86 -16.52 64.72
C GLN E 43 24.15 -16.99 65.38
N PRO E 44 25.06 -17.67 64.67
CA PRO E 44 26.15 -18.36 65.38
C PRO E 44 27.19 -17.38 65.88
N LYS E 45 27.43 -16.33 65.11
CA LYS E 45 28.49 -15.39 65.44
C LYS E 45 28.04 -14.51 66.59
N MET E 46 27.85 -15.13 67.75
CA MET E 46 27.62 -14.45 69.01
C MET E 46 28.81 -14.53 69.93
N ASP E 47 29.33 -15.73 70.14
CA ASP E 47 30.59 -15.91 70.84
C ASP E 47 31.78 -15.51 69.98
N GLU E 48 31.62 -15.60 68.66
CA GLU E 48 32.65 -15.09 67.77
C GLU E 48 32.91 -13.62 68.06
N LEU E 49 31.89 -12.91 68.53
CA LEU E 49 32.02 -11.52 68.96
C LEU E 49 31.80 -11.34 70.46
N GLN E 50 31.25 -12.34 71.14
CA GLN E 50 31.08 -12.30 72.59
C GLN E 50 30.21 -11.12 73.01
N LEU E 51 28.96 -11.17 72.60
CA LEU E 51 28.02 -10.10 72.90
C LEU E 51 26.61 -10.53 72.52
N PHE E 52 25.63 -9.78 73.03
CA PHE E 52 24.22 -10.04 72.79
C PHE E 52 23.64 -8.98 71.87
N ARG E 53 22.36 -9.19 71.53
CA ARG E 53 21.66 -8.22 70.69
C ARG E 53 21.58 -6.86 71.35
N GLY E 54 21.19 -6.84 72.63
CA GLY E 54 21.10 -5.56 73.33
C GLY E 54 22.43 -4.85 73.39
N ASP E 55 23.52 -5.57 73.31
CA ASP E 55 24.84 -4.96 73.34
C ASP E 55 25.00 -3.98 72.19
N THR E 56 25.58 -2.82 72.50
CA THR E 56 25.84 -1.80 71.49
C THR E 56 27.27 -1.95 70.98
N VAL E 57 27.46 -1.72 69.70
CA VAL E 57 28.71 -2.05 69.03
C VAL E 57 29.09 -0.93 68.08
N LEU E 58 30.37 -0.58 68.06
CA LEU E 58 30.91 0.39 67.12
C LEU E 58 31.42 -0.33 65.87
N LEU E 59 31.28 0.35 64.74
CA LEU E 59 31.64 -0.20 63.45
C LEU E 59 32.46 0.83 62.68
N LYS E 60 33.51 0.35 62.02
CA LYS E 60 34.54 1.21 61.46
C LYS E 60 34.29 1.51 59.99
N GLY E 61 35.07 2.42 59.47
CA GLY E 61 35.00 2.74 58.06
C GLY E 61 35.93 3.89 57.73
N LYS E 62 36.10 4.09 56.43
CA LYS E 62 37.14 4.93 55.88
C LYS E 62 36.99 6.39 56.29
N LYS E 63 37.91 7.22 55.83
CA LYS E 63 38.04 8.60 56.29
C LYS E 63 38.14 8.67 57.81
N ARG E 64 38.48 7.53 58.42
CA ARG E 64 38.58 7.44 59.87
C ARG E 64 37.27 7.84 60.52
N ARG E 65 36.23 7.05 60.27
CA ARG E 65 34.96 7.27 60.95
C ARG E 65 34.37 5.94 61.39
N GLU E 66 33.71 5.97 62.53
CA GLU E 66 33.06 4.81 63.09
C GLU E 66 31.75 5.24 63.72
N ALA E 67 30.74 4.40 63.58
CA ALA E 67 29.40 4.69 64.08
C ALA E 67 28.96 3.59 65.04
N VAL E 68 28.25 3.99 66.07
CA VAL E 68 27.70 3.05 67.04
C VAL E 68 26.31 2.64 66.57
N CYS E 69 25.97 1.39 66.84
CA CYS E 69 24.64 0.88 66.54
C CYS E 69 24.30 -0.22 67.52
N ILE E 70 23.01 -0.46 67.66
CA ILE E 70 22.54 -1.56 68.49
C ILE E 70 22.71 -2.84 67.68
N VAL E 71 22.56 -3.99 68.34
CA VAL E 71 22.83 -5.26 67.71
C VAL E 71 21.55 -6.08 67.64
N LEU E 72 21.52 -6.98 66.68
CA LEU E 72 20.47 -7.98 66.55
C LEU E 72 20.97 -9.00 65.55
N SER E 73 20.38 -10.19 65.62
CA SER E 73 20.83 -11.28 64.76
C SER E 73 19.64 -12.02 64.17
N ASP E 74 19.80 -12.44 62.93
CA ASP E 74 18.86 -13.28 62.22
C ASP E 74 19.56 -14.60 61.88
N ASP E 75 18.90 -15.41 61.06
CA ASP E 75 19.43 -16.69 60.63
C ASP E 75 19.68 -16.75 59.13
N THR E 76 18.76 -16.20 58.33
CA THR E 76 18.90 -16.29 56.89
C THR E 76 20.19 -15.64 56.41
N CYS E 77 20.61 -14.57 57.07
CA CYS E 77 21.84 -13.90 56.69
C CYS E 77 23.04 -14.78 57.02
N SER E 78 23.98 -14.85 56.09
CA SER E 78 25.16 -15.67 56.30
C SER E 78 25.97 -15.12 57.47
N ASP E 79 26.92 -15.93 57.94
CA ASP E 79 27.76 -15.53 59.05
C ASP E 79 28.78 -14.46 58.66
N GLU E 80 28.84 -14.08 57.38
CA GLU E 80 29.88 -13.20 56.89
C GLU E 80 29.35 -11.86 56.40
N LYS E 81 28.12 -11.49 56.75
CA LYS E 81 27.46 -10.35 56.15
C LYS E 81 26.79 -9.50 57.20
N ILE E 82 27.08 -8.23 57.17
CA ILE E 82 26.42 -7.22 58.01
C ILE E 82 25.22 -6.69 57.25
N ARG E 83 24.21 -6.26 57.98
CA ARG E 83 23.00 -5.70 57.40
C ARG E 83 22.86 -4.25 57.84
N MET E 84 22.77 -3.34 56.88
CA MET E 84 22.78 -1.92 57.17
C MET E 84 22.29 -1.16 55.94
N ASN E 85 21.77 0.04 56.18
CA ASN E 85 20.99 0.77 55.21
C ASN E 85 21.74 2.00 54.68
N ARG E 86 21.05 2.81 53.89
CA ARG E 86 21.71 3.88 53.15
C ARG E 86 22.32 4.93 54.09
N VAL E 87 21.61 5.30 55.14
CA VAL E 87 22.03 6.43 55.96
C VAL E 87 23.27 6.06 56.77
N VAL E 88 23.28 4.86 57.33
CA VAL E 88 24.44 4.43 58.10
C VAL E 88 25.65 4.30 57.20
N ARG E 89 25.45 3.78 55.99
CA ARG E 89 26.54 3.73 55.03
C ARG E 89 27.04 5.13 54.70
N ASN E 90 26.11 6.09 54.58
CA ASN E 90 26.51 7.45 54.26
C ASN E 90 27.34 8.05 55.38
N ASN E 91 26.91 7.86 56.62
CA ASN E 91 27.68 8.32 57.75
C ASN E 91 28.83 7.38 58.07
N LEU E 92 29.10 6.41 57.19
CA LEU E 92 30.31 5.60 57.25
C LEU E 92 31.14 5.64 55.98
N ARG E 93 30.64 6.26 54.91
CA ARG E 93 31.39 6.39 53.66
C ARG E 93 31.76 5.02 53.11
N VAL E 94 30.73 4.27 52.72
CA VAL E 94 30.87 2.88 52.34
C VAL E 94 29.80 2.53 51.30
N ARG E 95 30.05 1.47 50.56
CA ARG E 95 29.09 0.89 49.64
C ARG E 95 29.01 -0.60 49.89
N LEU E 96 28.13 -1.27 49.14
CA LEU E 96 27.99 -2.70 49.28
C LEU E 96 29.23 -3.41 48.76
N GLY E 97 29.43 -4.64 49.24
CA GLY E 97 30.57 -5.43 48.87
C GLY E 97 31.87 -5.04 49.54
N ASP E 98 31.92 -3.87 50.16
CA ASP E 98 33.09 -3.45 50.91
C ASP E 98 33.16 -4.23 52.22
N VAL E 99 34.13 -3.87 53.06
CA VAL E 99 34.35 -4.53 54.33
C VAL E 99 34.78 -3.51 55.37
N ILE E 100 34.40 -3.78 56.62
CA ILE E 100 34.69 -2.88 57.74
C ILE E 100 35.04 -3.74 58.95
N SER E 101 35.37 -3.06 60.03
CA SER E 101 35.68 -3.68 61.31
C SER E 101 34.48 -3.57 62.25
N ILE E 102 34.70 -4.04 63.48
CA ILE E 102 33.64 -4.09 64.48
C ILE E 102 34.28 -4.19 65.86
N GLN E 103 33.58 -3.69 66.86
CA GLN E 103 34.04 -3.84 68.23
C GLN E 103 32.92 -3.52 69.20
N PRO E 104 32.62 -4.37 70.17
CA PRO E 104 31.51 -4.09 71.08
C PRO E 104 31.76 -2.83 71.89
N CYS E 105 30.66 -2.24 72.37
CA CYS E 105 30.70 -0.97 73.10
C CYS E 105 29.93 -1.10 74.41
N PRO E 106 30.44 -1.88 75.36
CA PRO E 106 29.86 -1.86 76.70
C PRO E 106 30.16 -0.59 77.47
N ASP E 107 31.13 0.20 77.02
CA ASP E 107 31.53 1.43 77.67
C ASP E 107 30.66 2.62 77.28
N VAL E 108 29.46 2.36 76.75
CA VAL E 108 28.58 3.45 76.35
C VAL E 108 28.25 4.32 77.57
N LYS E 109 27.82 5.54 77.27
CA LYS E 109 27.41 6.49 78.29
C LYS E 109 26.02 7.02 77.99
N TYR E 110 25.26 7.31 79.04
CA TYR E 110 23.99 7.99 78.88
C TYR E 110 24.24 9.46 78.60
N GLY E 111 23.88 9.90 77.40
CA GLY E 111 24.19 11.24 76.94
C GLY E 111 23.10 12.22 77.30
N LYS E 112 23.51 13.30 77.95
CA LYS E 112 22.63 14.44 78.17
C LYS E 112 22.60 15.29 76.91
N ARG E 113 22.13 16.53 77.03
CA ARG E 113 21.92 17.39 75.87
C ARG E 113 22.99 17.19 74.82
N ILE E 114 22.56 16.83 73.62
CA ILE E 114 23.44 16.58 72.49
C ILE E 114 22.91 17.42 71.33
N HIS E 115 23.54 18.56 71.10
CA HIS E 115 22.99 19.53 70.15
C HIS E 115 22.93 18.93 68.76
N VAL E 116 21.86 19.25 68.03
CA VAL E 116 21.62 18.76 66.69
C VAL E 116 21.27 19.94 65.80
N LEU E 117 21.06 19.65 64.52
CA LEU E 117 20.57 20.68 63.61
C LEU E 117 20.03 20.08 62.32
N PRO E 118 18.96 20.64 61.76
CA PRO E 118 18.46 20.16 60.46
C PRO E 118 19.27 20.81 59.35
N ILE E 119 19.94 19.99 58.54
CA ILE E 119 20.93 20.48 57.60
C ILE E 119 20.53 19.98 56.22
N ASP E 120 19.77 20.78 55.50
CA ASP E 120 19.40 20.45 54.13
C ASP E 120 18.60 21.57 53.53
N ASP E 121 18.39 21.48 52.22
CA ASP E 121 17.37 22.27 51.54
C ASP E 121 15.97 21.70 51.74
N THR E 122 15.86 20.52 52.37
CA THR E 122 14.55 20.04 52.79
C THR E 122 13.84 21.08 53.63
N VAL E 123 14.61 21.88 54.36
CA VAL E 123 14.05 22.94 55.17
C VAL E 123 13.15 23.83 54.32
N GLU E 124 13.55 24.07 53.09
CA GLU E 124 12.81 24.98 52.21
C GLU E 124 11.33 24.66 52.24
N GLY E 125 10.53 25.65 52.60
CA GLY E 125 9.10 25.47 52.64
C GLY E 125 8.61 24.68 53.83
N ILE E 126 9.15 24.98 55.01
CA ILE E 126 8.76 24.30 56.23
C ILE E 126 8.39 25.33 57.28
N THR E 127 7.57 24.92 58.24
CA THR E 127 7.18 25.77 59.35
C THR E 127 6.58 24.88 60.43
N GLY E 128 6.30 25.49 61.57
CA GLY E 128 5.77 24.76 62.71
C GLY E 128 6.87 24.25 63.62
N ASN E 129 6.45 23.74 64.78
CA ASN E 129 7.37 23.17 65.74
C ASN E 129 7.69 21.73 65.36
N LEU E 130 8.34 21.61 64.21
CA LEU E 130 8.82 20.31 63.74
C LEU E 130 9.58 19.58 64.82
N PHE E 131 10.28 20.32 65.68
CA PHE E 131 11.12 19.70 66.69
C PHE E 131 10.38 18.58 67.39
N GLU E 132 9.30 18.92 68.08
CA GLU E 132 8.56 17.98 68.88
C GLU E 132 8.06 16.83 68.04
N VAL E 133 7.14 17.16 67.14
CA VAL E 133 6.42 16.16 66.36
C VAL E 133 7.37 15.18 65.71
N TYR E 134 8.49 15.68 65.20
CA TYR E 134 9.37 14.82 64.41
C TYR E 134 10.31 14.01 65.31
N LEU E 135 10.84 14.62 66.36
CA LEU E 135 11.93 14.00 67.11
C LEU E 135 11.43 13.24 68.33
N LYS E 136 10.59 13.87 69.15
CA LYS E 136 10.18 13.25 70.40
C LYS E 136 9.63 11.85 70.20
N PRO E 137 8.84 11.57 69.16
CA PRO E 137 8.40 10.19 68.95
C PRO E 137 9.51 9.29 68.48
N TYR E 138 10.53 9.85 67.82
CA TYR E 138 11.63 9.01 67.33
C TYR E 138 12.52 8.57 68.49
N PHE E 139 13.14 9.54 69.17
CA PHE E 139 13.95 9.21 70.34
C PHE E 139 13.14 8.56 71.44
N LEU E 140 11.81 8.59 71.33
CA LEU E 140 10.96 7.95 72.32
C LEU E 140 11.35 6.49 72.50
N GLU E 141 11.49 6.07 73.76
CA GLU E 141 11.73 4.67 74.09
C GLU E 141 12.79 4.05 73.18
N ALA E 142 13.76 4.85 72.76
CA ALA E 142 14.75 4.44 71.79
C ALA E 142 16.09 4.08 72.41
N TYR E 143 16.60 4.91 73.33
CA TYR E 143 17.97 4.75 73.81
C TYR E 143 18.95 4.70 72.65
N ARG E 144 18.58 5.37 71.56
CA ARG E 144 19.35 5.38 70.33
C ARG E 144 20.81 5.74 70.60
N PRO E 145 21.74 4.80 70.44
CA PRO E 145 23.16 5.14 70.62
C PRO E 145 23.60 6.08 69.52
N ILE E 146 23.95 7.31 69.91
CA ILE E 146 24.24 8.37 68.95
C ILE E 146 25.66 8.83 69.15
N ARG E 147 26.37 9.00 68.05
CA ARG E 147 27.73 9.51 68.04
C ARG E 147 27.80 10.72 67.11
N LYS E 148 28.63 11.69 67.48
CA LYS E 148 28.71 12.92 66.72
C LYS E 148 28.97 12.64 65.25
N GLY E 149 28.59 13.60 64.40
CA GLY E 149 28.73 13.46 62.98
C GLY E 149 27.62 12.69 62.30
N ASP E 150 26.77 12.00 63.05
CA ASP E 150 25.68 11.26 62.44
C ASP E 150 24.73 12.20 61.72
N ILE E 151 24.08 11.67 60.69
CA ILE E 151 23.20 12.46 59.83
C ILE E 151 21.82 11.83 59.82
N PHE E 152 21.41 11.28 60.96
CA PHE E 152 20.17 10.53 61.06
C PHE E 152 18.99 11.30 60.48
N LEU E 153 17.92 10.58 60.17
CA LEU E 153 16.84 11.09 59.35
C LEU E 153 15.49 10.67 59.90
N VAL E 154 14.46 11.42 59.54
CA VAL E 154 13.09 11.12 59.95
C VAL E 154 12.13 11.66 58.91
N ARG E 155 10.98 11.00 58.77
CA ARG E 155 9.99 11.32 57.77
C ARG E 155 8.65 11.62 58.41
N GLY E 156 7.96 12.63 57.87
CA GLY E 156 6.64 13.00 58.36
C GLY E 156 6.00 13.99 57.41
N GLY E 157 4.68 14.04 57.46
CA GLY E 157 3.91 15.03 56.73
C GLY E 157 4.34 15.22 55.28
N MET E 158 4.18 14.19 54.46
CA MET E 158 4.46 14.25 53.04
C MET E 158 5.90 14.65 52.74
N ARG E 159 6.76 14.66 53.76
CA ARG E 159 8.12 15.11 53.56
C ARG E 159 9.05 14.25 54.38
N ALA E 160 10.34 14.38 54.13
CA ALA E 160 11.35 13.62 54.84
C ALA E 160 12.57 14.51 55.04
N VAL E 161 12.92 14.73 56.30
CA VAL E 161 13.96 15.68 56.66
C VAL E 161 14.97 14.98 57.55
N GLU E 162 16.18 15.53 57.60
CA GLU E 162 17.29 14.92 58.30
C GLU E 162 17.89 15.90 59.29
N PHE E 163 18.53 15.36 60.32
CA PHE E 163 19.25 16.17 61.29
C PHE E 163 20.61 15.55 61.54
N LYS E 164 21.57 16.41 61.84
CA LYS E 164 22.93 16.01 62.14
C LYS E 164 23.24 16.36 63.58
N VAL E 165 23.86 15.41 64.28
CA VAL E 165 24.38 15.64 65.62
C VAL E 165 25.63 16.51 65.52
N VAL E 166 25.54 17.75 65.96
CA VAL E 166 26.68 18.65 65.91
C VAL E 166 27.57 18.46 67.12
N GLU E 167 26.97 18.18 68.27
CA GLU E 167 27.72 18.03 69.51
C GLU E 167 27.06 16.99 70.39
N THR E 168 27.89 16.31 71.19
CA THR E 168 27.43 15.33 72.17
C THR E 168 28.02 15.73 73.51
N ASP E 169 27.15 16.07 74.48
CA ASP E 169 27.60 16.57 75.77
C ASP E 169 28.66 15.63 76.34
N PRO E 170 28.39 14.33 76.49
CA PRO E 170 29.49 13.37 76.50
C PRO E 170 29.77 12.86 75.10
N SER E 171 31.01 12.46 74.89
CA SER E 171 31.51 12.13 73.57
C SER E 171 32.25 10.81 73.60
N PRO E 172 32.41 10.16 72.45
CA PRO E 172 31.86 10.59 71.17
C PRO E 172 30.43 10.13 70.99
N TYR E 173 30.13 8.97 71.57
CA TYR E 173 28.86 8.29 71.39
C TYR E 173 28.19 8.10 72.75
N CYS E 174 26.86 8.13 72.74
CA CYS E 174 26.12 8.11 73.99
C CYS E 174 24.74 7.53 73.75
N ILE E 175 24.19 6.94 74.82
CA ILE E 175 22.77 6.63 74.82
C ILE E 175 21.99 7.93 74.91
N VAL E 176 20.76 7.89 74.42
CA VAL E 176 19.82 8.98 74.60
C VAL E 176 18.87 8.60 75.73
N ALA E 177 18.73 9.48 76.68
CA ALA E 177 17.82 9.22 77.78
C ALA E 177 16.45 9.79 77.46
N PRO E 178 15.36 9.06 77.73
CA PRO E 178 14.03 9.65 77.52
C PRO E 178 13.85 10.91 78.34
N ASP E 179 14.76 11.12 79.30
CA ASP E 179 14.77 12.31 80.14
C ASP E 179 15.74 13.36 79.66
N THR E 180 16.77 12.98 78.89
CA THR E 180 17.76 13.95 78.46
C THR E 180 17.09 15.12 77.77
N VAL E 181 17.65 16.29 77.96
CA VAL E 181 17.07 17.53 77.46
C VAL E 181 17.47 17.71 76.01
N ILE E 182 16.56 18.33 75.25
CA ILE E 182 16.84 18.77 73.89
C ILE E 182 16.38 20.22 73.81
N HIS E 183 17.27 21.15 74.12
CA HIS E 183 17.06 22.55 73.77
C HIS E 183 17.43 22.68 72.30
N CYS E 184 16.43 22.60 71.44
CA CYS E 184 16.62 22.47 70.00
C CYS E 184 16.52 23.84 69.36
N GLU E 185 17.63 24.32 68.83
CA GLU E 185 17.69 25.60 68.14
C GLU E 185 18.61 25.42 66.93
N GLY E 186 19.04 26.53 66.36
CA GLY E 186 19.95 26.50 65.24
C GLY E 186 19.22 26.62 63.91
N GLU E 187 19.95 27.07 62.91
CA GLU E 187 19.41 27.31 61.58
C GLU E 187 20.07 26.41 60.56
N PRO E 188 19.42 26.19 59.41
CA PRO E 188 19.94 25.21 58.45
C PRO E 188 21.32 25.59 57.95
N ILE E 189 22.11 24.54 57.69
CA ILE E 189 23.45 24.74 57.14
C ILE E 189 23.62 23.81 55.93
N LYS E 190 24.83 23.78 55.39
CA LYS E 190 25.08 23.12 54.12
C LYS E 190 25.68 21.75 54.32
N ARG E 191 25.40 20.87 53.37
CA ARG E 191 25.99 19.53 53.34
C ARG E 191 27.31 19.59 52.58
N GLU E 192 28.39 19.22 53.26
CA GLU E 192 29.68 19.18 52.60
C GLU E 192 29.61 18.27 51.38
N ASP E 193 30.51 18.53 50.43
CA ASP E 193 30.53 17.75 49.19
C ASP E 193 30.81 16.28 49.44
N GLU E 194 31.35 15.94 50.61
CA GLU E 194 31.71 14.55 50.88
C GLU E 194 30.51 13.64 50.74
N GLU E 195 29.48 13.86 51.57
CA GLU E 195 28.31 13.01 51.58
C GLU E 195 27.36 13.41 50.45
N GLU E 196 26.46 12.48 50.11
CA GLU E 196 25.50 12.77 49.04
C GLU E 196 24.09 12.33 49.44
N SER E 197 23.08 12.97 48.86
CA SER E 197 21.70 12.64 49.19
C SER E 197 21.35 11.22 48.76
N LEU E 198 20.58 10.53 49.59
CA LEU E 198 20.15 9.16 49.27
C LEU E 198 18.74 9.16 48.72
N ASN E 199 18.19 10.35 48.43
CA ASN E 199 16.83 10.44 47.91
C ASN E 199 16.71 9.76 46.56
N GLU E 200 17.83 9.51 45.91
CA GLU E 200 17.80 8.87 44.59
C GLU E 200 16.99 7.58 44.62
N VAL E 201 16.16 7.38 43.60
CA VAL E 201 15.32 6.18 43.54
C VAL E 201 16.11 4.93 43.90
N GLY E 202 15.50 4.03 44.66
CA GLY E 202 16.16 2.81 45.05
C GLY E 202 15.31 1.59 44.77
N TYR E 203 15.84 0.44 45.17
CA TYR E 203 15.12 -0.82 44.95
C TYR E 203 13.85 -0.87 45.79
N ASP E 204 13.82 -0.13 46.91
CA ASP E 204 12.61 -0.05 47.72
C ASP E 204 11.46 0.61 46.95
N ASP E 205 11.77 1.34 45.89
CA ASP E 205 10.75 2.01 45.08
C ASP E 205 10.29 1.15 43.90
N ILE E 206 10.76 -0.08 43.79
CA ILE E 206 10.43 -0.96 42.68
C ILE E 206 9.54 -2.08 43.20
N GLY E 207 8.40 -2.27 42.54
CA GLY E 207 7.50 -3.35 42.89
C GLY E 207 6.86 -3.93 41.64
N GLY E 208 6.51 -5.20 41.73
CA GLY E 208 5.90 -5.91 40.63
C GLY E 208 6.87 -6.52 39.65
N CYS E 209 8.17 -6.28 39.81
CA CYS E 209 9.19 -6.83 38.93
C CYS E 209 10.33 -7.40 39.75
N ARG E 210 10.00 -8.13 40.81
CA ARG E 210 11.03 -8.67 41.70
C ARG E 210 11.96 -9.63 40.97
N LYS E 211 11.38 -10.54 40.16
CA LYS E 211 12.21 -11.40 39.33
C LYS E 211 13.01 -10.60 38.32
N GLN E 212 12.36 -9.63 37.66
CA GLN E 212 13.06 -8.78 36.71
C GLN E 212 14.13 -7.95 37.39
N LEU E 213 13.82 -7.45 38.60
CA LEU E 213 14.81 -6.67 39.34
C LEU E 213 16.02 -7.53 39.69
N ALA E 214 15.79 -8.77 40.12
CA ALA E 214 16.90 -9.67 40.42
C ALA E 214 17.72 -9.98 39.18
N GLN E 215 17.04 -10.18 38.04
CA GLN E 215 17.75 -10.42 36.79
C GLN E 215 18.63 -9.23 36.44
N ILE E 216 18.08 -8.01 36.56
CA ILE E 216 18.86 -6.82 36.27
C ILE E 216 20.04 -6.70 37.21
N LYS E 217 19.82 -7.01 38.50
CA LYS E 217 20.90 -6.96 39.47
C LYS E 217 22.03 -7.92 39.09
N GLU E 218 21.68 -9.16 38.78
CA GLU E 218 22.72 -10.14 38.43
C GLU E 218 23.37 -9.81 37.10
N MET E 219 22.69 -9.06 36.23
CA MET E 219 23.32 -8.62 34.98
C MET E 219 24.31 -7.49 35.20
N VAL E 220 23.96 -6.50 36.03
CA VAL E 220 24.72 -5.26 36.08
C VAL E 220 25.61 -5.16 37.31
N GLU E 221 25.59 -6.15 38.22
CA GLU E 221 26.43 -6.05 39.41
C GLU E 221 27.90 -6.11 39.05
N LEU E 222 28.30 -7.12 38.28
CA LEU E 222 29.70 -7.27 37.93
C LEU E 222 30.24 -6.11 37.10
N PRO E 223 29.60 -5.69 36.01
CA PRO E 223 30.19 -4.60 35.21
C PRO E 223 30.30 -3.28 35.96
N LEU E 224 29.38 -2.99 36.87
CA LEU E 224 29.34 -1.68 37.54
C LEU E 224 30.06 -1.70 38.88
N ARG E 225 29.66 -2.61 39.78
CA ARG E 225 30.27 -2.64 41.11
C ARG E 225 31.75 -3.04 41.05
N HIS E 226 32.14 -3.80 40.04
CA HIS E 226 33.50 -4.32 39.92
C HIS E 226 34.04 -4.01 38.52
N PRO E 227 34.40 -2.74 38.26
CA PRO E 227 34.92 -2.38 36.94
C PRO E 227 36.33 -2.90 36.68
N ALA E 228 37.24 -2.72 37.63
CA ALA E 228 38.60 -3.21 37.47
C ALA E 228 38.64 -4.73 37.50
N LEU E 229 37.80 -5.34 38.33
CA LEU E 229 37.72 -6.80 38.38
C LEU E 229 37.34 -7.36 37.02
N PHE E 230 36.33 -6.76 36.37
CA PHE E 230 35.92 -7.24 35.06
C PHE E 230 36.94 -6.89 33.99
N LYS E 231 37.63 -5.76 34.15
CA LYS E 231 38.70 -5.41 33.22
C LYS E 231 39.85 -6.40 33.28
N ALA E 232 40.07 -7.01 34.45
CA ALA E 232 41.12 -8.02 34.56
C ALA E 232 40.82 -9.22 33.67
N ILE E 233 39.56 -9.68 33.66
CA ILE E 233 39.17 -10.81 32.84
C ILE E 233 38.83 -10.34 31.43
N GLY E 234 38.76 -11.29 30.51
CA GLY E 234 38.47 -10.98 29.12
C GLY E 234 37.14 -11.52 28.64
N VAL E 235 36.12 -11.43 29.49
CA VAL E 235 34.79 -11.90 29.13
C VAL E 235 34.00 -10.73 28.54
N LYS E 236 32.99 -11.06 27.73
CA LYS E 236 32.13 -10.02 27.16
C LYS E 236 31.03 -9.65 28.14
N PRO E 237 30.91 -8.39 28.52
CA PRO E 237 29.87 -7.99 29.45
C PRO E 237 28.53 -7.81 28.74
N PRO E 238 27.42 -7.87 29.47
CA PRO E 238 26.15 -7.43 28.89
C PRO E 238 26.08 -5.91 28.85
N ARG E 239 26.28 -5.33 27.68
CA ARG E 239 26.29 -3.88 27.52
C ARG E 239 25.05 -3.38 26.80
N GLY E 240 24.06 -4.24 26.59
CA GLY E 240 22.80 -3.80 26.04
C GLY E 240 21.63 -4.48 26.74
N ILE E 241 20.74 -3.67 27.33
CA ILE E 241 19.59 -4.17 28.06
C ILE E 241 18.33 -3.58 27.44
N LEU E 242 17.40 -4.45 27.05
CA LEU E 242 16.16 -4.04 26.40
C LEU E 242 15.02 -4.30 27.38
N LEU E 243 14.69 -3.27 28.17
CA LEU E 243 13.54 -3.33 29.06
C LEU E 243 12.28 -3.03 28.25
N TYR E 244 11.53 -4.07 27.91
CA TYR E 244 10.33 -3.92 27.11
C TYR E 244 9.10 -4.33 27.91
N GLY E 245 8.01 -3.62 27.68
CA GLY E 245 6.77 -3.85 28.37
C GLY E 245 5.79 -2.72 28.13
N PRO E 246 4.64 -2.77 28.79
CA PRO E 246 3.67 -1.69 28.63
C PRO E 246 4.24 -0.38 29.15
N PRO E 247 3.80 0.74 28.59
CA PRO E 247 4.24 2.03 29.13
C PRO E 247 3.76 2.23 30.56
N GLY E 248 4.60 2.88 31.36
CA GLY E 248 4.26 3.12 32.75
C GLY E 248 4.59 2.01 33.71
N THR E 249 5.37 1.01 33.28
CA THR E 249 5.76 -0.09 34.15
C THR E 249 7.10 0.14 34.85
N GLY E 250 7.51 1.39 35.00
CA GLY E 250 8.69 1.70 35.79
C GLY E 250 10.00 1.37 35.14
N LYS E 251 10.07 1.31 33.81
CA LYS E 251 11.32 1.01 33.13
C LYS E 251 12.38 2.05 33.45
N THR E 252 12.05 3.33 33.26
CA THR E 252 13.00 4.38 33.61
C THR E 252 13.20 4.45 35.12
N LEU E 253 12.17 4.15 35.90
CA LEU E 253 12.35 4.09 37.36
C LEU E 253 13.29 2.97 37.74
N ILE E 254 13.14 1.79 37.12
CA ILE E 254 14.03 0.68 37.42
C ILE E 254 15.47 1.03 37.04
N ALA E 255 15.66 1.63 35.88
CA ALA E 255 17.00 2.00 35.44
C ALA E 255 17.62 3.03 36.38
N ARG E 256 16.84 4.05 36.77
CA ARG E 256 17.37 5.07 37.66
C ARG E 256 17.72 4.50 39.02
N ALA E 257 16.86 3.63 39.57
CA ALA E 257 17.17 3.02 40.86
C ALA E 257 18.41 2.16 40.79
N VAL E 258 18.54 1.36 39.72
CA VAL E 258 19.71 0.49 39.57
C VAL E 258 20.98 1.32 39.47
N ALA E 259 20.94 2.39 38.65
CA ALA E 259 22.13 3.22 38.48
C ALA E 259 22.49 3.96 39.76
N ASN E 260 21.50 4.47 40.49
CA ASN E 260 21.78 5.25 41.69
C ASN E 260 22.31 4.36 42.80
N GLU E 261 21.65 3.22 43.05
CA GLU E 261 22.08 2.35 44.13
C GLU E 261 23.45 1.73 43.87
N THR E 262 23.70 1.31 42.62
CA THR E 262 25.00 0.75 42.28
C THR E 262 26.08 1.83 42.15
N GLY E 263 25.71 3.10 42.17
CA GLY E 263 26.66 4.18 42.05
C GLY E 263 27.05 4.53 40.63
N ALA E 264 26.53 3.82 39.63
CA ALA E 264 26.86 4.13 38.26
C ALA E 264 26.26 5.46 37.84
N PHE E 265 26.97 6.19 36.99
CA PHE E 265 26.48 7.47 36.50
C PHE E 265 25.32 7.24 35.55
N PHE E 266 24.17 7.82 35.86
CA PHE E 266 22.96 7.64 35.06
C PHE E 266 22.80 8.83 34.12
N PHE E 267 22.71 8.55 32.82
CA PHE E 267 22.39 9.55 31.82
C PHE E 267 21.06 9.20 31.20
N LEU E 268 20.09 10.10 31.34
CA LEU E 268 18.73 9.86 30.86
C LEU E 268 18.64 10.33 29.41
N ILE E 269 18.93 9.41 28.50
CA ILE E 269 18.79 9.68 27.07
C ILE E 269 17.33 9.44 26.70
N ASN E 270 16.64 10.51 26.29
CA ASN E 270 15.23 10.42 25.92
C ASN E 270 15.11 10.49 24.41
N GLY E 271 14.35 9.57 23.83
CA GLY E 271 14.13 9.53 22.40
C GLY E 271 13.61 10.82 21.84
N PRO E 272 12.51 11.33 22.42
CA PRO E 272 12.06 12.68 22.05
C PRO E 272 13.12 13.74 22.27
N GLU E 273 13.88 13.66 23.35
CA GLU E 273 14.94 14.63 23.58
C GLU E 273 16.03 14.50 22.53
N ILE E 274 16.33 13.27 22.12
CA ILE E 274 17.37 13.06 21.11
C ILE E 274 16.94 13.64 19.77
N MET E 275 15.85 13.12 19.21
CA MET E 275 15.45 13.51 17.86
C MET E 275 14.50 14.70 17.84
N SER E 276 14.43 15.46 18.93
CA SER E 276 13.71 16.73 18.92
C SER E 276 14.48 17.82 18.19
N LYS E 277 15.80 17.75 18.19
CA LYS E 277 16.64 18.79 17.61
C LYS E 277 16.94 18.46 16.15
N LEU E 278 17.87 19.20 15.55
CA LEU E 278 18.25 18.94 14.17
C LEU E 278 18.95 17.59 14.05
N ALA E 279 18.94 17.05 12.83
CA ALA E 279 19.56 15.74 12.61
C ALA E 279 21.03 15.74 13.01
N GLY E 280 21.79 16.70 12.51
CA GLY E 280 23.16 16.86 12.96
C GLY E 280 23.25 17.15 14.45
N GLU E 281 22.35 18.00 14.94
CA GLU E 281 22.31 18.30 16.37
C GLU E 281 21.95 17.06 17.18
N SER E 282 21.00 16.26 16.69
CA SER E 282 20.64 15.03 17.39
C SER E 282 21.81 14.06 17.45
N GLU E 283 22.52 13.89 16.34
CA GLU E 283 23.68 13.00 16.33
C GLU E 283 24.77 13.52 17.25
N SER E 284 24.99 14.84 17.26
CA SER E 284 25.97 15.43 18.15
C SER E 284 25.59 15.22 19.60
N ASN E 285 24.30 15.35 19.92
CA ASN E 285 23.85 15.12 21.29
C ASN E 285 24.05 13.67 21.70
N LEU E 286 23.74 12.73 20.80
CA LEU E 286 23.98 11.32 21.10
C LEU E 286 25.45 11.05 21.34
N ARG E 287 26.31 11.59 20.47
CA ARG E 287 27.75 11.37 20.63
C ARG E 287 28.26 11.98 21.93
N LYS E 288 27.79 13.17 22.27
CA LYS E 288 28.20 13.81 23.52
C LYS E 288 27.75 13.02 24.72
N ALA E 289 26.51 12.52 24.69
CA ALA E 289 26.01 11.71 25.80
C ALA E 289 26.84 10.44 25.97
N PHE E 290 27.14 9.76 24.86
CA PHE E 290 27.94 8.54 24.94
C PHE E 290 29.36 8.83 25.43
N GLU E 291 29.94 9.94 24.97
CA GLU E 291 31.28 10.32 25.44
C GLU E 291 31.28 10.64 26.92
N GLU E 292 30.26 11.35 27.40
CA GLU E 292 30.16 11.66 28.82
C GLU E 292 29.99 10.39 29.65
N ALA E 293 29.17 9.46 29.16
CA ALA E 293 29.01 8.19 29.87
C ALA E 293 30.32 7.41 29.93
N GLU E 294 31.07 7.40 28.81
CA GLU E 294 32.36 6.72 28.80
C GLU E 294 33.33 7.39 29.77
N LYS E 295 33.32 8.73 29.83
CA LYS E 295 34.17 9.45 30.76
C LYS E 295 33.80 9.15 32.20
N ASN E 296 32.51 8.98 32.48
CA ASN E 296 32.02 8.70 33.82
C ASN E 296 31.87 7.21 34.09
N ALA E 297 32.69 6.37 33.47
CA ALA E 297 32.61 4.94 33.69
C ALA E 297 32.97 4.61 35.15
N PRO E 298 32.24 3.70 35.80
CA PRO E 298 31.09 2.94 35.27
C PRO E 298 29.83 3.80 35.19
N ALA E 299 29.17 3.79 34.04
CA ALA E 299 27.97 4.60 33.84
C ALA E 299 26.91 3.76 33.15
N ILE E 300 25.67 4.19 33.28
CA ILE E 300 24.52 3.53 32.67
C ILE E 300 23.88 4.50 31.69
N ILE E 301 23.76 4.09 30.43
CA ILE E 301 23.03 4.84 29.42
C ILE E 301 21.65 4.22 29.31
N PHE E 302 20.62 5.04 29.54
CA PHE E 302 19.24 4.58 29.43
C PHE E 302 18.55 5.36 28.33
N ILE E 303 17.89 4.63 27.43
CA ILE E 303 17.19 5.23 26.29
C ILE E 303 15.74 4.78 26.37
N ASP E 304 14.90 5.59 27.01
CA ASP E 304 13.47 5.31 27.01
C ASP E 304 12.88 5.69 25.67
N GLU E 305 11.78 5.02 25.31
CA GLU E 305 11.14 5.19 24.01
C GLU E 305 12.14 4.95 22.89
N LEU E 306 12.86 3.84 22.99
CA LEU E 306 13.86 3.50 21.97
C LEU E 306 13.22 3.32 20.60
N ASP E 307 11.96 2.89 20.56
CA ASP E 307 11.26 2.77 19.28
C ASP E 307 11.15 4.10 18.57
N ALA E 308 11.10 5.21 19.32
CA ALA E 308 11.09 6.53 18.70
C ALA E 308 12.41 6.80 17.98
N ILE E 309 13.53 6.55 18.65
CA ILE E 309 14.83 6.68 18.00
C ILE E 309 15.01 5.59 16.95
N ALA E 310 14.73 4.35 17.32
CA ALA E 310 15.03 3.19 16.48
C ALA E 310 13.76 2.40 16.20
N PRO E 311 13.05 2.74 15.12
CA PRO E 311 11.91 1.93 14.69
C PRO E 311 12.39 0.75 13.85
N LYS E 312 11.43 0.01 13.30
CA LYS E 312 11.77 -1.05 12.37
C LYS E 312 12.45 -0.47 11.13
N ARG E 313 13.43 -1.20 10.60
CA ARG E 313 14.22 -0.66 9.49
C ARG E 313 13.37 -0.45 8.26
N GLU E 314 12.44 -1.38 7.99
CA GLU E 314 11.52 -1.21 6.87
C GLU E 314 10.48 -0.13 7.12
N LYS E 315 10.29 0.26 8.39
CA LYS E 315 9.23 1.20 8.74
C LYS E 315 9.73 2.63 8.90
N THR E 316 11.01 2.82 9.19
CA THR E 316 11.57 4.16 9.39
C THR E 316 11.56 4.91 8.05
N HIS E 317 10.57 5.78 7.88
CA HIS E 317 10.38 6.46 6.60
C HIS E 317 11.48 7.49 6.34
N GLY E 318 11.76 8.34 7.32
CA GLY E 318 12.67 9.45 7.10
C GLY E 318 14.13 9.00 7.12
N GLU E 319 14.91 9.58 6.20
CA GLU E 319 16.34 9.29 6.17
C GLU E 319 17.04 9.78 7.43
N VAL E 320 16.54 10.88 8.01
CA VAL E 320 17.11 11.39 9.25
C VAL E 320 16.97 10.34 10.36
N GLU E 321 15.81 9.69 10.43
CA GLU E 321 15.61 8.67 11.46
C GLU E 321 16.56 7.49 11.27
N ARG E 322 16.75 7.05 10.03
CA ARG E 322 17.70 5.96 9.78
C ARG E 322 19.12 6.39 10.13
N ARG E 323 19.47 7.62 9.83
CA ARG E 323 20.80 8.13 10.17
C ARG E 323 20.99 8.14 11.69
N ILE E 324 19.95 8.53 12.43
CA ILE E 324 20.03 8.53 13.89
C ILE E 324 20.16 7.10 14.41
N VAL E 325 19.42 6.16 13.82
CA VAL E 325 19.53 4.77 14.22
C VAL E 325 20.96 4.27 14.03
N SER E 326 21.54 4.57 12.86
CA SER E 326 22.90 4.14 12.59
C SER E 326 23.90 4.80 13.51
N GLN E 327 23.69 6.08 13.83
CA GLN E 327 24.58 6.77 14.76
C GLN E 327 24.54 6.13 16.13
N LEU E 328 23.33 5.77 16.60
CA LEU E 328 23.21 5.08 17.88
C LEU E 328 23.91 3.72 17.83
N LEU E 329 23.73 2.99 16.73
CA LEU E 329 24.38 1.70 16.58
C LEU E 329 25.90 1.82 16.64
N THR E 330 26.44 2.81 15.93
CA THR E 330 27.89 3.03 15.94
C THR E 330 28.39 3.44 17.30
N LEU E 331 27.64 4.30 18.00
CA LEU E 331 28.06 4.73 19.32
C LEU E 331 28.06 3.57 20.31
N MET E 332 27.04 2.71 20.26
CA MET E 332 27.02 1.57 21.16
C MET E 332 28.07 0.53 20.78
N ASP E 333 28.39 0.39 19.49
CA ASP E 333 29.49 -0.48 19.11
C ASP E 333 30.83 0.07 19.60
N GLY E 334 31.00 1.38 19.54
CA GLY E 334 32.19 1.99 20.10
C GLY E 334 32.29 1.78 21.59
N LEU E 335 31.16 1.83 22.29
CA LEU E 335 31.15 1.45 23.70
C LEU E 335 31.57 -0.01 23.88
N LYS E 336 31.08 -0.89 23.00
CA LYS E 336 31.40 -2.30 23.10
C LYS E 336 32.89 -2.54 22.94
N GLN E 337 33.52 -1.87 21.96
CA GLN E 337 34.93 -2.14 21.71
C GLN E 337 35.83 -1.50 22.76
N ARG E 338 35.52 -0.28 23.21
CA ARG E 338 36.36 0.40 24.19
C ARG E 338 35.46 1.32 25.04
N ALA E 339 35.00 0.78 26.17
CA ALA E 339 34.28 1.54 27.18
C ALA E 339 33.94 0.66 28.38
N HIS E 340 33.27 1.24 29.37
CA HIS E 340 32.75 0.49 30.51
C HIS E 340 31.35 0.95 30.85
N VAL E 341 30.51 1.13 29.82
CA VAL E 341 29.16 1.68 29.98
C VAL E 341 28.15 0.61 29.60
N ILE E 342 27.11 0.47 30.42
CA ILE E 342 26.01 -0.46 30.15
C ILE E 342 24.84 0.34 29.61
N VAL E 343 24.33 -0.07 28.45
CA VAL E 343 23.26 0.63 27.76
C VAL E 343 21.94 -0.07 28.06
N MET E 344 20.97 0.69 28.54
CA MET E 344 19.62 0.19 28.79
C MET E 344 18.64 0.92 27.89
N ALA E 345 17.57 0.22 27.51
CA ALA E 345 16.58 0.78 26.60
C ALA E 345 15.18 0.41 27.08
N ALA E 346 14.22 1.26 26.76
CA ALA E 346 12.82 1.04 27.09
C ALA E 346 11.97 1.16 25.83
N THR E 347 11.08 0.20 25.63
CA THR E 347 10.19 0.20 24.48
C THR E 347 8.91 -0.55 24.84
N ASN E 348 7.86 -0.29 24.06
CA ASN E 348 6.59 -0.97 24.30
C ASN E 348 6.72 -2.46 23.99
N ARG E 349 7.25 -2.80 22.82
CA ARG E 349 7.43 -4.17 22.38
C ARG E 349 8.86 -4.36 21.88
N PRO E 350 9.43 -5.56 22.07
CA PRO E 350 10.79 -5.79 21.56
C PRO E 350 10.89 -5.74 20.05
N ASN E 351 9.82 -6.11 19.34
CA ASN E 351 9.84 -6.09 17.89
C ASN E 351 9.59 -4.71 17.32
N SER E 352 9.10 -3.76 18.12
CA SER E 352 8.87 -2.41 17.63
C SER E 352 10.18 -1.71 17.29
N ILE E 353 11.27 -2.09 17.94
CA ILE E 353 12.57 -1.50 17.68
C ILE E 353 13.22 -2.20 16.50
N ASP E 354 14.29 -1.63 15.96
CA ASP E 354 14.98 -2.20 14.83
C ASP E 354 15.54 -3.57 15.19
N PRO E 355 15.37 -4.59 14.35
CA PRO E 355 16.01 -5.88 14.64
C PRO E 355 17.51 -5.80 14.73
N ALA E 356 18.13 -4.85 14.02
CA ALA E 356 19.57 -4.67 14.12
C ALA E 356 20.00 -4.22 15.52
N LEU E 357 19.10 -3.57 16.25
CA LEU E 357 19.40 -3.19 17.63
C LEU E 357 19.60 -4.43 18.50
N ARG E 358 18.75 -5.44 18.33
CA ARG E 358 18.82 -6.67 19.11
C ARG E 358 19.89 -7.63 18.60
N ARG E 359 20.78 -7.17 17.72
CA ARG E 359 21.86 -8.01 17.25
C ARG E 359 22.80 -8.36 18.40
N PHE E 360 23.37 -9.56 18.35
CA PHE E 360 24.32 -9.99 19.37
C PHE E 360 25.49 -9.03 19.45
N GLY E 361 25.91 -8.72 20.68
CA GLY E 361 26.90 -7.71 20.93
C GLY E 361 26.32 -6.35 21.22
N ARG E 362 25.18 -6.02 20.63
CA ARG E 362 24.54 -4.73 20.84
C ARG E 362 23.48 -4.80 21.94
N PHE E 363 22.46 -5.65 21.76
CA PHE E 363 21.43 -5.91 22.77
C PHE E 363 21.29 -7.42 22.90
N ASP E 364 22.16 -8.01 23.71
CA ASP E 364 22.18 -9.47 23.84
C ASP E 364 21.00 -9.97 24.66
N ARG E 365 20.71 -9.31 25.78
CA ARG E 365 19.70 -9.77 26.72
C ARG E 365 18.57 -8.75 26.78
N GLU E 366 17.35 -9.24 26.58
CA GLU E 366 16.14 -8.42 26.65
C GLU E 366 15.35 -8.84 27.89
N VAL E 367 15.06 -7.87 28.76
CA VAL E 367 14.35 -8.13 30.01
C VAL E 367 12.90 -7.70 29.84
N ASP E 368 11.99 -8.65 30.01
CA ASP E 368 10.56 -8.37 29.90
C ASP E 368 10.08 -7.83 31.24
N ILE E 369 9.92 -6.50 31.33
CA ILE E 369 9.41 -5.90 32.55
C ILE E 369 8.01 -6.41 32.84
N GLY E 370 7.16 -6.48 31.82
CA GLY E 370 5.86 -7.08 31.98
C GLY E 370 4.92 -6.24 32.83
N ILE E 371 3.96 -6.93 33.43
CA ILE E 371 2.92 -6.30 34.23
C ILE E 371 3.01 -6.81 35.65
N PRO E 372 2.64 -6.01 36.65
CA PRO E 372 2.64 -6.50 38.03
C PRO E 372 1.41 -7.35 38.31
N ASP E 373 1.61 -8.40 39.11
CA ASP E 373 0.51 -9.27 39.51
C ASP E 373 -0.19 -8.67 40.73
N ALA E 374 -1.04 -9.45 41.38
CA ALA E 374 -1.73 -8.96 42.57
C ALA E 374 -0.74 -8.61 43.67
N THR E 375 0.24 -9.49 43.89
CA THR E 375 1.30 -9.18 44.85
C THR E 375 2.13 -8.00 44.37
N GLY E 376 2.41 -7.94 43.06
CA GLY E 376 3.16 -6.81 42.53
C GLY E 376 2.40 -5.51 42.65
N ARG E 377 1.10 -5.53 42.35
CA ARG E 377 0.29 -4.32 42.53
C ARG E 377 0.23 -3.92 43.99
N LEU E 378 0.16 -4.89 44.90
CA LEU E 378 0.20 -4.59 46.33
C LEU E 378 1.51 -3.91 46.71
N GLU E 379 2.62 -4.43 46.19
CA GLU E 379 3.92 -3.82 46.48
C GLU E 379 4.01 -2.40 45.94
N ILE E 380 3.51 -2.18 44.72
CA ILE E 380 3.53 -0.85 44.14
C ILE E 380 2.68 0.11 44.96
N LEU E 381 1.49 -0.31 45.37
CA LEU E 381 0.63 0.54 46.19
C LEU E 381 1.28 0.85 47.52
N GLN E 382 1.92 -0.15 48.14
CA GLN E 382 2.61 0.10 49.40
C GLN E 382 3.76 1.08 49.22
N ILE E 383 4.47 0.98 48.10
CA ILE E 383 5.56 1.92 47.82
C ILE E 383 5.01 3.33 47.68
N HIS E 384 3.91 3.48 46.94
CA HIS E 384 3.36 4.81 46.71
C HIS E 384 2.65 5.38 47.93
N THR E 385 2.25 4.53 48.87
CA THR E 385 1.61 4.97 50.10
C THR E 385 2.58 5.02 51.28
N LYS E 386 3.88 4.87 51.01
CA LYS E 386 4.87 4.89 52.09
C LYS E 386 4.87 6.24 52.80
N ASN E 387 4.85 7.33 52.04
CA ASN E 387 4.83 8.67 52.59
C ASN E 387 3.43 9.26 52.66
N MET E 388 2.41 8.47 52.36
CA MET E 388 1.03 8.94 52.37
C MET E 388 0.34 8.49 53.66
N LYS E 389 -0.23 9.43 54.39
CA LYS E 389 -0.95 9.14 55.61
C LYS E 389 -2.30 8.54 55.23
N LEU E 390 -2.39 7.21 55.34
CA LEU E 390 -3.58 6.48 54.91
C LEU E 390 -4.19 5.75 56.11
N ALA E 391 -5.52 5.67 56.10
CA ALA E 391 -6.25 5.09 57.22
C ALA E 391 -6.08 3.58 57.26
N ASP E 392 -6.67 2.95 58.28
CA ASP E 392 -6.59 1.51 58.46
C ASP E 392 -7.58 0.74 57.58
N ASP E 393 -8.54 1.43 56.96
CA ASP E 393 -9.53 0.79 56.11
C ASP E 393 -9.07 0.65 54.67
N VAL E 394 -7.82 1.01 54.37
CA VAL E 394 -7.33 0.98 52.99
C VAL E 394 -7.31 -0.45 52.45
N ASP E 395 -6.99 -1.43 53.30
CA ASP E 395 -6.92 -2.85 52.95
C ASP E 395 -6.33 -3.06 51.55
N LEU E 396 -5.07 -2.61 51.41
CA LEU E 396 -4.41 -2.61 50.11
C LEU E 396 -4.34 -4.00 49.50
N GLU E 397 -4.44 -5.06 50.30
CA GLU E 397 -4.56 -6.40 49.75
C GLU E 397 -5.82 -6.50 48.89
N GLN E 398 -6.94 -6.01 49.40
CA GLN E 398 -8.18 -6.03 48.63
C GLN E 398 -8.09 -5.16 47.39
N VAL E 399 -7.45 -3.99 47.50
CA VAL E 399 -7.30 -3.11 46.35
C VAL E 399 -6.47 -3.79 45.26
N ALA E 400 -5.34 -4.39 45.66
CA ALA E 400 -4.48 -5.05 44.69
C ALA E 400 -5.17 -6.26 44.05
N ASN E 401 -5.90 -7.04 44.85
CA ASN E 401 -6.65 -8.16 44.30
C ASN E 401 -7.71 -7.68 43.31
N GLU E 402 -8.37 -6.57 43.65
CA GLU E 402 -9.34 -5.99 42.73
C GLU E 402 -8.66 -5.34 41.54
N THR E 403 -7.49 -4.73 41.73
CA THR E 403 -6.85 -3.98 40.67
C THR E 403 -6.43 -4.91 39.54
N HIS E 404 -6.95 -4.66 38.33
CA HIS E 404 -6.57 -5.38 37.13
C HIS E 404 -6.42 -4.40 35.99
N GLY E 405 -5.43 -4.62 35.14
CA GLY E 405 -5.17 -3.74 34.03
C GLY E 405 -4.37 -2.51 34.37
N HIS E 406 -3.99 -2.32 35.63
CA HIS E 406 -3.18 -1.19 36.06
C HIS E 406 -1.74 -1.65 36.23
N VAL E 407 -0.81 -0.92 35.62
CA VAL E 407 0.60 -1.28 35.65
C VAL E 407 1.41 -0.09 36.15
N GLY E 408 2.07 -0.25 37.30
CA GLY E 408 3.05 0.72 37.74
C GLY E 408 2.54 2.13 37.88
N ALA E 409 2.90 2.97 36.91
CA ALA E 409 2.46 4.36 36.91
C ALA E 409 0.95 4.48 36.93
N ASP E 410 0.22 3.47 36.46
CA ASP E 410 -1.23 3.47 36.63
C ASP E 410 -1.60 3.45 38.11
N LEU E 411 -0.93 2.59 38.89
CA LEU E 411 -1.18 2.57 40.33
C LEU E 411 -0.68 3.84 41.00
N ALA E 412 0.41 4.43 40.48
CA ALA E 412 0.86 5.72 40.99
C ALA E 412 -0.20 6.79 40.80
N ALA E 413 -0.80 6.83 39.60
CA ALA E 413 -1.89 7.77 39.34
C ALA E 413 -3.10 7.46 40.19
N LEU E 414 -3.35 6.19 40.47
CA LEU E 414 -4.45 5.82 41.37
C LEU E 414 -4.23 6.39 42.77
N CYS E 415 -3.03 6.22 43.31
CA CYS E 415 -2.71 6.76 44.62
C CYS E 415 -2.79 8.28 44.61
N SER E 416 -2.29 8.91 43.55
CA SER E 416 -2.37 10.36 43.44
C SER E 416 -3.82 10.83 43.40
N GLU E 417 -4.68 10.11 42.68
CA GLU E 417 -6.09 10.47 42.61
C GLU E 417 -6.76 10.33 43.98
N ALA E 418 -6.44 9.25 44.70
CA ALA E 418 -7.00 9.10 46.04
C ALA E 418 -6.57 10.23 46.96
N ALA E 419 -5.27 10.57 46.92
CA ALA E 419 -4.77 11.65 47.76
C ALA E 419 -5.41 12.98 47.38
N LEU E 420 -5.55 13.24 46.08
CA LEU E 420 -6.16 14.49 45.62
C LEU E 420 -7.63 14.57 46.01
N GLN E 421 -8.34 13.45 45.94
CA GLN E 421 -9.74 13.46 46.40
C GLN E 421 -9.83 13.72 47.89
N ALA E 422 -8.94 13.12 48.68
CA ALA E 422 -8.93 13.41 50.11
C ALA E 422 -8.66 14.88 50.37
N ILE E 423 -7.70 15.46 49.64
CA ILE E 423 -7.37 16.87 49.84
C ILE E 423 -8.54 17.75 49.41
N ARG E 424 -9.20 17.42 48.30
CA ARG E 424 -10.34 18.23 47.86
C ARG E 424 -11.52 18.08 48.80
N LYS E 425 -11.62 16.96 49.51
CA LYS E 425 -12.67 16.81 50.51
C LYS E 425 -12.37 17.57 51.79
N LYS E 426 -11.08 17.66 52.17
CA LYS E 426 -10.72 18.31 53.43
C LYS E 426 -10.45 19.81 53.28
N MET E 427 -9.45 20.15 52.46
CA MET E 427 -9.04 21.55 52.31
C MET E 427 -10.15 22.42 51.73
N ASP E 428 -10.81 21.95 50.67
CA ASP E 428 -11.81 22.77 50.00
C ASP E 428 -13.06 22.96 50.83
N LEU E 429 -13.24 22.22 51.92
CA LEU E 429 -14.45 22.31 52.73
C LEU E 429 -14.20 22.76 54.16
N ILE E 430 -12.96 22.75 54.65
CA ILE E 430 -12.65 23.07 56.04
C ILE E 430 -12.04 24.46 56.17
N ASP E 431 -10.90 24.70 55.54
CA ASP E 431 -10.15 25.94 55.69
C ASP E 431 -10.49 26.88 54.55
N LEU E 432 -11.49 27.72 54.75
CA LEU E 432 -11.88 28.69 53.73
C LEU E 432 -11.66 30.14 54.19
N GLU E 433 -12.18 30.50 55.36
CA GLU E 433 -12.05 31.87 55.85
C GLU E 433 -11.46 31.94 57.25
N ASP E 434 -11.16 30.81 57.89
CA ASP E 434 -10.67 30.82 59.26
C ASP E 434 -9.32 31.54 59.36
N GLU E 435 -8.28 30.96 58.75
CA GLU E 435 -6.93 31.48 58.85
C GLU E 435 -6.06 30.71 57.86
N THR E 436 -4.92 31.30 57.51
CA THR E 436 -4.07 30.73 56.48
C THR E 436 -3.60 29.33 56.85
N ILE E 437 -3.41 28.50 55.83
CA ILE E 437 -3.08 27.09 56.06
C ILE E 437 -1.73 26.96 56.76
N ASP E 438 -1.67 26.05 57.72
CA ASP E 438 -0.45 25.74 58.45
C ASP E 438 -0.18 24.23 58.33
N ALA E 439 0.88 23.79 59.00
CA ALA E 439 1.29 22.39 58.89
C ALA E 439 0.34 21.46 59.64
N GLU E 440 -0.32 21.96 60.68
CA GLU E 440 -1.17 21.10 61.50
C GLU E 440 -2.31 20.50 60.70
N VAL E 441 -2.97 21.31 59.86
CA VAL E 441 -4.10 20.81 59.10
C VAL E 441 -3.65 19.86 58.00
N MET E 442 -2.50 20.14 57.36
CA MET E 442 -2.05 19.28 56.27
C MET E 442 -1.55 17.93 56.78
N ASN E 443 -0.84 17.92 57.92
CA ASN E 443 -0.37 16.64 58.43
C ASN E 443 -1.48 15.80 59.02
N SER E 444 -2.64 16.40 59.30
CA SER E 444 -3.79 15.66 59.81
C SER E 444 -4.59 14.97 58.71
N LEU E 445 -4.23 15.19 57.45
CA LEU E 445 -4.97 14.58 56.35
C LEU E 445 -4.78 13.06 56.35
N ALA E 446 -5.88 12.35 56.13
CA ALA E 446 -5.87 10.90 56.07
C ALA E 446 -6.63 10.43 54.84
N VAL E 447 -6.11 9.39 54.20
CA VAL E 447 -6.72 8.81 53.01
C VAL E 447 -7.54 7.59 53.43
N THR E 448 -8.80 7.54 52.99
CA THR E 448 -9.74 6.51 53.39
C THR E 448 -9.96 5.53 52.25
N MET E 449 -10.74 4.48 52.55
CA MET E 449 -11.07 3.48 51.54
C MET E 449 -11.97 4.04 50.45
N ASP E 450 -12.85 4.99 50.78
CA ASP E 450 -13.74 5.55 49.79
C ASP E 450 -12.97 6.27 48.69
N ASP E 451 -11.88 6.94 49.06
CA ASP E 451 -11.04 7.59 48.05
C ASP E 451 -10.45 6.57 47.09
N PHE E 452 -9.97 5.44 47.61
CA PHE E 452 -9.42 4.40 46.74
C PHE E 452 -10.50 3.79 45.86
N ARG E 453 -11.71 3.59 46.40
CA ARG E 453 -12.80 3.07 45.60
C ARG E 453 -13.16 4.02 44.46
N TRP E 454 -13.22 5.31 44.76
CA TRP E 454 -13.52 6.31 43.73
C TRP E 454 -12.43 6.35 42.68
N ALA E 455 -11.16 6.25 43.10
CA ALA E 455 -10.06 6.21 42.14
C ALA E 455 -10.15 4.98 41.25
N LEU E 456 -10.48 3.83 41.84
CA LEU E 456 -10.64 2.62 41.04
C LEU E 456 -11.77 2.76 40.03
N SER E 457 -12.90 3.31 40.45
CA SER E 457 -14.09 3.28 39.62
C SER E 457 -14.09 4.40 38.58
N GLN E 458 -14.07 5.66 39.04
CA GLN E 458 -14.42 6.77 38.16
C GLN E 458 -13.23 7.38 37.46
N SER E 459 -12.06 7.43 38.09
CA SER E 459 -10.95 8.26 37.62
C SER E 459 -9.69 7.43 37.42
N ASN E 460 -9.81 6.30 36.72
CA ASN E 460 -8.62 5.56 36.38
C ASN E 460 -8.76 4.84 35.04
N PRO E 461 -8.02 5.24 34.01
CA PRO E 461 -8.01 4.48 32.76
C PRO E 461 -6.98 3.35 32.79
N SER E 462 -7.46 2.11 32.66
CA SER E 462 -6.56 0.96 32.63
C SER E 462 -5.94 0.84 31.24
N ALA E 463 -4.61 1.00 31.17
CA ALA E 463 -3.91 0.98 29.90
C ALA E 463 -3.55 -0.43 29.44
N LEU E 464 -3.89 -1.45 30.21
CA LEU E 464 -3.54 -2.83 29.87
C LEU E 464 -4.74 -3.55 29.28
N ARG E 465 -4.56 -4.10 28.08
CA ARG E 465 -5.59 -4.89 27.42
C ARG E 465 -5.06 -6.18 26.81
N GLU E 466 -3.75 -6.40 26.79
CA GLU E 466 -3.17 -7.58 26.17
C GLU E 466 -3.16 -8.73 27.17
N THR E 467 -2.43 -9.80 26.85
CA THR E 467 -2.43 -11.00 27.66
C THR E 467 -1.83 -10.73 29.04
N VAL E 468 -2.36 -11.41 30.04
CA VAL E 468 -1.87 -11.28 31.42
C VAL E 468 -0.79 -12.33 31.66
N VAL E 469 0.31 -11.91 32.28
CA VAL E 469 1.43 -12.79 32.58
C VAL E 469 1.62 -12.72 34.10
N GLU E 470 1.05 -13.68 34.82
CA GLU E 470 1.13 -13.68 36.27
C GLU E 470 0.86 -15.08 36.78
N VAL E 471 1.22 -15.31 38.04
CA VAL E 471 0.90 -16.58 38.70
C VAL E 471 -0.54 -16.50 39.16
N PRO E 472 -1.43 -17.36 38.65
CA PRO E 472 -2.84 -17.27 39.04
C PRO E 472 -3.04 -17.65 40.50
N GLN E 473 -4.04 -17.02 41.11
CA GLN E 473 -4.35 -17.26 42.51
C GLN E 473 -5.16 -18.53 42.73
N VAL E 474 -5.62 -19.18 41.66
CA VAL E 474 -6.41 -20.40 41.81
C VAL E 474 -5.49 -21.56 42.21
N THR E 475 -5.85 -22.24 43.28
CA THR E 475 -5.08 -23.36 43.79
C THR E 475 -5.86 -24.66 43.60
N TRP E 476 -5.27 -25.76 44.07
CA TRP E 476 -5.92 -27.06 43.98
C TRP E 476 -7.20 -27.09 44.81
N GLU E 477 -7.18 -26.45 45.98
CA GLU E 477 -8.37 -26.39 46.82
C GLU E 477 -9.52 -25.66 46.14
N ASP E 478 -9.22 -24.78 45.19
CA ASP E 478 -10.26 -24.10 44.44
C ASP E 478 -10.95 -25.00 43.43
N ILE E 479 -10.44 -26.20 43.20
CA ILE E 479 -11.03 -27.16 42.27
C ILE E 479 -11.59 -28.33 43.06
N GLY E 480 -12.79 -28.77 42.68
CA GLY E 480 -13.42 -29.91 43.33
C GLY E 480 -13.32 -31.14 42.44
N GLY E 481 -12.94 -32.26 43.06
CA GLY E 481 -12.84 -33.50 42.33
C GLY E 481 -11.66 -33.53 41.38
N LEU E 482 -11.76 -34.43 40.39
CA LEU E 482 -10.72 -34.62 39.37
C LEU E 482 -9.38 -34.94 40.02
N GLU E 483 -9.41 -35.77 41.07
CA GLU E 483 -8.18 -36.08 41.80
C GLU E 483 -7.17 -36.81 40.91
N ASP E 484 -7.64 -37.76 40.11
CA ASP E 484 -6.75 -38.46 39.19
C ASP E 484 -6.18 -37.49 38.16
N VAL E 485 -7.03 -36.61 37.61
CA VAL E 485 -6.56 -35.61 36.66
C VAL E 485 -5.57 -34.66 37.34
N LYS E 486 -5.86 -34.27 38.57
CA LYS E 486 -4.95 -33.41 39.31
C LYS E 486 -3.59 -34.07 39.45
N ARG E 487 -3.57 -35.34 39.84
CA ARG E 487 -2.31 -36.06 40.02
C ARG E 487 -1.55 -36.20 38.70
N GLU E 488 -2.26 -36.54 37.62
CA GLU E 488 -1.60 -36.70 36.33
C GLU E 488 -1.00 -35.39 35.85
N LEU E 489 -1.73 -34.29 36.00
CA LEU E 489 -1.21 -32.98 35.61
C LEU E 489 -0.04 -32.58 36.49
N GLN E 490 -0.12 -32.87 37.79
CA GLN E 490 0.98 -32.59 38.68
C GLN E 490 2.24 -33.32 38.25
N GLU E 491 2.10 -34.61 37.90
CA GLU E 491 3.21 -35.33 37.32
C GLU E 491 3.75 -34.60 36.10
N LEU E 492 2.91 -34.48 35.07
CA LEU E 492 3.36 -34.01 33.76
C LEU E 492 3.99 -32.62 33.83
N VAL E 493 3.64 -31.82 34.83
CA VAL E 493 4.21 -30.48 34.90
C VAL E 493 5.36 -30.43 35.88
N GLN E 494 5.11 -30.77 37.14
CA GLN E 494 6.14 -30.62 38.17
C GLN E 494 7.32 -31.53 37.92
N TYR E 495 7.07 -32.80 37.59
CA TYR E 495 8.17 -33.77 37.51
C TYR E 495 9.26 -33.37 36.52
N PRO E 496 8.96 -32.89 35.30
CA PRO E 496 10.05 -32.39 34.44
C PRO E 496 10.80 -31.21 35.04
N VAL E 497 10.13 -30.36 35.82
CA VAL E 497 10.77 -29.16 36.34
C VAL E 497 11.25 -29.31 37.78
N GLU E 498 10.65 -30.22 38.56
CA GLU E 498 11.09 -30.43 39.94
C GLU E 498 12.13 -31.53 40.05
N HIS E 499 12.13 -32.49 39.13
CA HIS E 499 13.12 -33.57 39.11
C HIS E 499 13.68 -33.72 37.71
N PRO E 500 14.43 -32.73 37.23
CA PRO E 500 15.06 -32.87 35.90
C PRO E 500 16.06 -34.00 35.83
N ASP E 501 16.72 -34.32 36.95
CA ASP E 501 17.71 -35.40 36.95
C ASP E 501 17.06 -36.75 36.67
N LYS E 502 15.87 -36.99 37.22
CA LYS E 502 15.18 -38.25 36.97
C LYS E 502 14.82 -38.41 35.49
N PHE E 503 14.33 -37.33 34.88
CA PHE E 503 13.99 -37.39 33.45
C PHE E 503 15.24 -37.56 32.61
N LEU E 504 16.34 -36.88 32.97
CA LEU E 504 17.57 -37.02 32.22
C LEU E 504 18.17 -38.41 32.35
N LYS E 505 17.96 -39.06 33.50
CA LYS E 505 18.49 -40.40 33.71
C LYS E 505 17.89 -41.39 32.72
N PHE E 506 16.59 -41.30 32.50
CA PHE E 506 15.92 -42.16 31.53
C PHE E 506 16.01 -41.56 30.13
N GLY E 507 15.85 -42.41 29.13
CA GLY E 507 15.95 -41.99 27.75
C GLY E 507 14.63 -41.52 27.18
N MET E 508 13.91 -40.68 27.92
CA MET E 508 12.63 -40.14 27.47
C MET E 508 12.64 -38.63 27.64
N THR E 509 12.30 -37.92 26.57
CA THR E 509 12.13 -36.48 26.64
C THR E 509 10.79 -36.15 27.29
N PRO E 510 10.77 -35.30 28.32
CA PRO E 510 9.49 -34.96 28.96
C PRO E 510 8.54 -34.28 27.98
N SER E 511 7.25 -34.54 28.18
CA SER E 511 6.23 -33.93 27.33
C SER E 511 6.06 -32.45 27.68
N LYS E 512 5.88 -31.63 26.65
CA LYS E 512 5.76 -30.19 26.81
C LYS E 512 4.35 -29.69 26.54
N GLY E 513 3.35 -30.58 26.54
CA GLY E 513 2.00 -30.17 26.27
C GLY E 513 1.00 -31.23 26.68
N VAL E 514 -0.20 -30.78 27.04
CA VAL E 514 -1.32 -31.66 27.36
C VAL E 514 -2.60 -31.02 26.83
N LEU E 515 -3.56 -31.86 26.46
CA LEU E 515 -4.83 -31.40 25.95
C LEU E 515 -5.93 -31.78 26.93
N PHE E 516 -6.79 -30.83 27.27
CA PHE E 516 -7.94 -31.06 28.12
C PHE E 516 -9.19 -31.07 27.25
N TYR E 517 -9.93 -32.18 27.28
CA TYR E 517 -11.13 -32.32 26.49
C TYR E 517 -12.24 -32.87 27.36
N GLY E 518 -13.47 -32.39 27.13
CA GLY E 518 -14.61 -32.79 27.91
C GLY E 518 -15.72 -31.76 27.84
N PRO E 519 -16.80 -32.00 28.57
CA PRO E 519 -17.91 -31.04 28.58
C PRO E 519 -17.48 -29.70 29.13
N PRO E 520 -17.96 -28.61 28.56
CA PRO E 520 -17.64 -27.28 29.11
C PRO E 520 -18.19 -27.14 30.52
N GLY E 521 -17.43 -26.44 31.36
CA GLY E 521 -17.82 -26.24 32.73
C GLY E 521 -17.19 -27.17 33.74
N CYS E 522 -16.24 -28.01 33.32
CA CYS E 522 -15.60 -28.96 34.22
C CYS E 522 -14.33 -28.41 34.85
N GLY E 523 -13.92 -27.19 34.51
CA GLY E 523 -12.80 -26.56 35.17
C GLY E 523 -11.45 -26.78 34.53
N LYS E 524 -11.38 -26.90 33.21
CA LYS E 524 -10.09 -27.01 32.54
C LYS E 524 -9.27 -25.73 32.76
N THR E 525 -9.93 -24.58 32.68
CA THR E 525 -9.24 -23.31 32.96
C THR E 525 -8.69 -23.29 34.37
N LEU E 526 -9.50 -23.72 35.35
CA LEU E 526 -8.99 -23.77 36.72
C LEU E 526 -7.90 -24.82 36.86
N LEU E 527 -7.97 -25.91 36.10
CA LEU E 527 -6.90 -26.90 36.16
C LEU E 527 -5.58 -26.29 35.71
N ALA E 528 -5.60 -25.54 34.61
CA ALA E 528 -4.39 -24.86 34.15
C ALA E 528 -3.92 -23.84 35.18
N LYS E 529 -4.85 -23.06 35.74
CA LYS E 529 -4.46 -22.04 36.72
C LYS E 529 -3.86 -22.68 37.97
N ALA E 530 -4.45 -23.78 38.43
CA ALA E 530 -3.96 -24.43 39.64
C ALA E 530 -2.61 -25.10 39.41
N ILE E 531 -2.40 -25.69 38.23
CA ILE E 531 -1.10 -26.28 37.97
C ILE E 531 -0.03 -25.20 37.80
N ALA E 532 -0.42 -24.03 37.29
CA ALA E 532 0.52 -22.92 37.23
C ALA E 532 0.85 -22.40 38.63
N ASN E 533 -0.16 -22.33 39.50
CA ASN E 533 0.05 -21.82 40.86
C ASN E 533 0.89 -22.79 41.69
N GLU E 534 0.66 -24.09 41.53
CA GLU E 534 1.40 -25.08 42.31
C GLU E 534 2.90 -25.02 42.00
N CYS E 535 3.24 -24.84 40.73
CA CYS E 535 4.63 -24.66 40.32
C CYS E 535 5.11 -23.23 40.50
N GLN E 536 4.24 -22.33 40.96
CA GLN E 536 4.55 -20.90 41.06
C GLN E 536 4.99 -20.36 39.69
N ALA E 537 4.35 -20.86 38.64
CA ALA E 537 4.69 -20.51 37.27
C ALA E 537 3.66 -19.55 36.70
N ASN E 538 4.12 -18.60 35.90
CA ASN E 538 3.21 -17.67 35.26
C ASN E 538 2.28 -18.41 34.31
N ALA E 539 1.04 -17.94 34.22
CA ALA E 539 0.04 -18.53 33.33
C ALA E 539 -0.44 -17.48 32.34
N ILE E 540 -0.38 -17.80 31.06
CA ILE E 540 -0.88 -16.94 30.00
C ILE E 540 -2.04 -17.68 29.36
N SER E 541 -3.26 -17.31 29.73
CA SER E 541 -4.47 -17.99 29.25
C SER E 541 -4.95 -17.29 27.99
N ILE E 542 -4.77 -17.94 26.85
CA ILE E 542 -5.28 -17.44 25.58
C ILE E 542 -6.63 -18.11 25.36
N LYS E 543 -7.70 -17.37 25.60
CA LYS E 543 -9.04 -17.93 25.48
C LYS E 543 -9.44 -17.99 24.00
N GLY E 544 -10.62 -18.59 23.76
CA GLY E 544 -11.19 -18.65 22.43
C GLY E 544 -11.38 -17.32 21.76
N PRO E 545 -11.82 -16.28 22.48
CA PRO E 545 -11.88 -14.95 21.85
C PRO E 545 -10.55 -14.50 21.26
N GLU E 546 -9.43 -14.75 21.93
CA GLU E 546 -8.14 -14.33 21.38
C GLU E 546 -7.79 -15.13 20.13
N LEU E 547 -8.04 -16.44 20.15
CA LEU E 547 -7.77 -17.26 18.97
C LEU E 547 -8.61 -16.82 17.79
N LEU E 548 -9.90 -16.56 18.02
CA LEU E 548 -10.76 -16.11 16.94
C LEU E 548 -10.40 -14.70 16.48
N THR E 549 -9.90 -13.85 17.38
CA THR E 549 -9.43 -12.54 16.98
C THR E 549 -8.23 -12.65 16.05
N MET E 550 -7.29 -13.54 16.38
CA MET E 550 -6.13 -13.73 15.52
C MET E 550 -6.52 -14.36 14.19
N TRP E 551 -7.51 -15.27 14.20
CA TRP E 551 -7.93 -15.92 12.97
C TRP E 551 -8.67 -14.95 12.05
N PHE E 552 -9.65 -14.22 12.59
CA PHE E 552 -10.45 -13.32 11.78
C PHE E 552 -9.62 -12.15 11.26
N GLY E 553 -8.71 -11.64 12.09
CA GLY E 553 -7.85 -10.56 11.66
C GLY E 553 -6.75 -10.97 10.71
N GLU E 554 -6.66 -12.25 10.38
CA GLU E 554 -5.65 -12.78 9.46
C GLU E 554 -4.23 -12.48 9.95
N SER E 555 -4.08 -12.34 11.26
CA SER E 555 -2.79 -12.08 11.89
C SER E 555 -2.44 -13.28 12.75
N GLU E 556 -1.85 -14.30 12.11
CA GLU E 556 -1.38 -15.47 12.83
C GLU E 556 -0.04 -15.23 13.51
N ALA E 557 0.67 -14.16 13.11
CA ALA E 557 1.97 -13.86 13.69
C ALA E 557 1.89 -13.46 15.15
N ASN E 558 0.70 -13.16 15.67
CA ASN E 558 0.57 -12.82 17.09
C ASN E 558 0.95 -14.00 17.98
N VAL E 559 0.75 -15.22 17.49
CA VAL E 559 1.15 -16.41 18.22
C VAL E 559 2.65 -16.40 18.48
N ARG E 560 3.42 -15.80 17.58
CA ARG E 560 4.87 -15.75 17.75
C ARG E 560 5.23 -15.00 19.03
N GLU E 561 4.73 -13.77 19.19
CA GLU E 561 5.07 -13.03 20.40
C GLU E 561 4.31 -13.56 21.62
N ILE E 562 3.19 -14.25 21.43
CA ILE E 562 2.56 -14.93 22.56
C ILE E 562 3.48 -15.99 23.11
N PHE E 563 4.05 -16.82 22.24
CA PHE E 563 5.00 -17.83 22.68
C PHE E 563 6.28 -17.21 23.20
N ASP E 564 6.70 -16.07 22.63
CA ASP E 564 7.87 -15.38 23.16
C ASP E 564 7.62 -14.90 24.59
N LYS E 565 6.43 -14.35 24.85
CA LYS E 565 6.09 -13.93 26.21
C LYS E 565 6.05 -15.14 27.15
N ALA E 566 5.48 -16.26 26.68
CA ALA E 566 5.45 -17.46 27.51
C ALA E 566 6.85 -17.95 27.83
N ARG E 567 7.74 -17.94 26.84
CA ARG E 567 9.11 -18.40 27.06
C ARG E 567 9.87 -17.47 27.99
N GLN E 568 9.69 -16.16 27.82
CA GLN E 568 10.36 -15.19 28.68
C GLN E 568 9.88 -15.26 30.13
N ALA E 569 8.70 -15.84 30.36
CA ALA E 569 8.16 -16.03 31.70
C ALA E 569 8.41 -17.43 32.23
N ALA E 570 9.52 -18.05 31.83
CA ALA E 570 9.81 -19.41 32.27
C ALA E 570 10.08 -19.43 33.77
N PRO E 571 9.48 -20.37 34.51
CA PRO E 571 8.56 -21.41 34.06
C PRO E 571 7.17 -20.86 33.81
N CYS E 572 6.50 -21.30 32.75
CA CYS E 572 5.20 -20.78 32.38
C CYS E 572 4.29 -21.90 31.93
N VAL E 573 3.00 -21.73 32.18
CA VAL E 573 1.97 -22.65 31.72
C VAL E 573 1.16 -21.90 30.67
N LEU E 574 1.43 -22.19 29.40
CA LEU E 574 0.80 -21.48 28.29
C LEU E 574 -0.55 -22.14 28.01
N PHE E 575 -1.61 -21.57 28.57
CA PHE E 575 -2.95 -22.14 28.46
C PHE E 575 -3.66 -21.58 27.24
N PHE E 576 -4.27 -22.48 26.47
CA PHE E 576 -5.05 -22.11 25.28
C PHE E 576 -6.49 -22.55 25.53
N ASP E 577 -7.26 -21.67 26.17
CA ASP E 577 -8.67 -21.97 26.43
C ASP E 577 -9.45 -21.96 25.14
N GLU E 578 -10.39 -22.90 25.02
CA GLU E 578 -11.23 -23.05 23.83
C GLU E 578 -10.38 -23.15 22.57
N LEU E 579 -9.51 -24.16 22.56
CA LEU E 579 -8.63 -24.37 21.42
C LEU E 579 -9.40 -24.74 20.15
N ASP E 580 -10.63 -25.21 20.29
CA ASP E 580 -11.48 -25.55 19.16
C ASP E 580 -12.34 -24.39 18.70
N SER E 581 -12.12 -23.19 19.25
CA SER E 581 -12.95 -22.04 18.88
C SER E 581 -12.83 -21.73 17.40
N ILE E 582 -11.61 -21.79 16.85
CA ILE E 582 -11.44 -21.53 15.43
C ILE E 582 -12.04 -22.66 14.60
N ALA E 583 -11.83 -23.90 15.03
CA ALA E 583 -12.43 -25.04 14.35
C ALA E 583 -13.96 -25.03 14.45
N LYS E 584 -14.51 -24.37 15.46
CA LYS E 584 -15.95 -24.25 15.61
C LYS E 584 -16.53 -23.10 14.81
N ALA E 585 -15.79 -22.00 14.69
CA ALA E 585 -16.25 -20.88 13.86
C ALA E 585 -16.19 -21.24 12.39
N ARG E 586 -15.16 -21.98 11.98
CA ARG E 586 -15.03 -22.45 10.61
C ARG E 586 -15.81 -23.75 10.39
N GLY E 587 -17.08 -23.73 10.77
CA GLY E 587 -17.94 -24.88 10.64
C GLY E 587 -18.08 -25.67 11.93
N GLY E 588 -19.11 -26.51 11.98
CA GLY E 588 -19.38 -27.31 13.16
C GLY E 588 -18.63 -28.61 13.17
N ASN E 589 -19.37 -29.72 13.33
CA ASN E 589 -18.74 -31.04 13.33
C ASN E 589 -18.06 -31.33 11.99
N ILE E 590 -18.84 -31.35 10.92
CA ILE E 590 -18.28 -31.50 9.58
C ILE E 590 -17.97 -30.16 8.95
N GLY E 591 -18.77 -29.14 9.27
CA GLY E 591 -18.51 -27.79 8.81
C GLY E 591 -18.55 -27.65 7.30
N ASP E 592 -17.69 -26.78 6.79
CA ASP E 592 -17.59 -26.54 5.35
C ASP E 592 -16.86 -27.72 4.69
N GLY E 593 -16.58 -27.58 3.40
CA GLY E 593 -15.84 -28.61 2.69
C GLY E 593 -14.37 -28.67 2.99
N GLY E 594 -13.85 -27.69 3.74
CA GLY E 594 -12.44 -27.65 4.06
C GLY E 594 -12.07 -28.62 5.17
N GLY E 595 -10.77 -28.65 5.48
CA GLY E 595 -10.25 -29.54 6.49
C GLY E 595 -10.36 -28.96 7.88
N ALA E 596 -9.56 -29.52 8.80
CA ALA E 596 -9.60 -29.11 10.20
C ALA E 596 -8.46 -28.18 10.58
N ALA E 597 -7.41 -28.09 9.77
CA ALA E 597 -6.28 -27.23 10.10
C ALA E 597 -6.65 -25.76 9.93
N ASP E 598 -6.09 -24.92 10.81
CA ASP E 598 -6.37 -23.49 10.83
C ASP E 598 -5.07 -22.73 10.93
N ARG E 599 -5.08 -21.49 10.41
CA ARG E 599 -3.84 -20.71 10.35
C ARG E 599 -3.27 -20.42 11.73
N VAL E 600 -4.14 -20.03 12.68
CA VAL E 600 -3.65 -19.77 14.03
C VAL E 600 -3.24 -21.05 14.72
N ILE E 601 -4.02 -22.12 14.54
CA ILE E 601 -3.63 -23.42 15.06
C ILE E 601 -2.32 -23.87 14.43
N ASN E 602 -2.14 -23.57 13.13
CA ASN E 602 -0.90 -23.91 12.46
C ASN E 602 0.29 -23.15 13.05
N GLN E 603 0.10 -21.86 13.34
CA GLN E 603 1.17 -21.10 13.97
C GLN E 603 1.47 -21.62 15.37
N ILE E 604 0.44 -22.04 16.10
CA ILE E 604 0.65 -22.64 17.40
C ILE E 604 1.48 -23.92 17.26
N LEU E 605 1.16 -24.74 16.27
CA LEU E 605 1.93 -25.96 16.03
C LEU E 605 3.38 -25.64 15.69
N THR E 606 3.60 -24.64 14.84
CA THR E 606 4.96 -24.26 14.47
C THR E 606 5.74 -23.79 15.70
N GLU E 607 5.11 -22.96 16.53
CA GLU E 607 5.78 -22.46 17.72
C GLU E 607 6.10 -23.58 18.70
N MET E 608 5.15 -24.50 18.90
CA MET E 608 5.40 -25.63 19.80
C MET E 608 6.52 -26.52 19.27
N ASP E 609 6.56 -26.75 17.96
CA ASP E 609 7.66 -27.50 17.38
C ASP E 609 8.99 -26.76 17.58
N GLY E 610 8.95 -25.44 17.51
CA GLY E 610 10.13 -24.63 17.76
C GLY E 610 10.43 -24.34 19.21
N MET E 611 9.59 -24.82 20.12
CA MET E 611 9.79 -24.58 21.55
C MET E 611 10.56 -25.73 22.18
N SER E 612 11.68 -25.41 22.82
CA SER E 612 12.44 -26.43 23.52
C SER E 612 11.72 -26.85 24.80
N THR E 613 11.72 -28.16 25.06
CA THR E 613 11.07 -28.67 26.26
C THR E 613 11.77 -28.18 27.52
N LYS E 614 13.10 -28.07 27.47
CA LYS E 614 13.88 -27.63 28.61
C LYS E 614 13.47 -26.25 29.10
N LYS E 615 12.92 -25.43 28.22
CA LYS E 615 12.46 -24.08 28.56
C LYS E 615 11.33 -24.10 29.58
N ASN E 616 10.90 -25.28 30.02
CA ASN E 616 9.87 -25.49 31.03
C ASN E 616 8.69 -24.54 30.84
N VAL E 617 8.27 -24.43 29.58
CA VAL E 617 7.06 -23.71 29.20
C VAL E 617 6.06 -24.76 28.75
N PHE E 618 5.01 -24.95 29.54
CA PHE E 618 4.03 -26.01 29.29
C PHE E 618 2.81 -25.42 28.59
N ILE E 619 2.32 -26.14 27.58
CA ILE E 619 1.18 -25.71 26.78
C ILE E 619 0.00 -26.60 27.15
N ILE E 620 -1.09 -25.98 27.58
CA ILE E 620 -2.31 -26.69 27.95
C ILE E 620 -3.43 -26.22 27.04
N GLY E 621 -4.11 -27.16 26.40
CA GLY E 621 -5.20 -26.83 25.52
C GLY E 621 -6.53 -27.38 26.00
N ALA E 622 -7.56 -26.54 26.02
CA ALA E 622 -8.90 -26.93 26.42
C ALA E 622 -9.82 -26.92 25.20
N THR E 623 -10.47 -28.04 24.95
CA THR E 623 -11.37 -28.18 23.81
C THR E 623 -12.70 -28.76 24.29
N ASN E 624 -13.78 -28.02 24.06
CA ASN E 624 -15.11 -28.56 24.32
C ASN E 624 -15.59 -29.47 23.19
N ARG E 625 -14.93 -29.42 22.03
CA ARG E 625 -15.24 -30.29 20.91
C ARG E 625 -13.92 -30.88 20.41
N PRO E 626 -13.39 -31.89 21.10
CA PRO E 626 -12.11 -32.47 20.67
C PRO E 626 -12.16 -33.12 19.30
N ASP E 627 -13.34 -33.53 18.84
CA ASP E 627 -13.45 -34.20 17.55
C ASP E 627 -13.29 -33.24 16.38
N ILE E 628 -13.48 -31.94 16.59
CA ILE E 628 -13.38 -30.98 15.50
C ILE E 628 -11.99 -30.38 15.36
N ILE E 629 -11.10 -30.58 16.35
CA ILE E 629 -9.75 -30.06 16.22
C ILE E 629 -8.95 -30.91 15.24
N ASP E 630 -7.92 -30.30 14.69
CA ASP E 630 -7.08 -31.01 13.72
C ASP E 630 -6.24 -32.06 14.44
N PRO E 631 -6.16 -33.28 13.91
CA PRO E 631 -5.31 -34.30 14.55
C PRO E 631 -3.84 -33.95 14.55
N ALA E 632 -3.41 -32.99 13.71
CA ALA E 632 -2.00 -32.60 13.67
C ALA E 632 -1.54 -32.05 15.00
N ILE E 633 -2.44 -31.45 15.78
CA ILE E 633 -2.07 -30.98 17.11
C ILE E 633 -1.98 -32.14 18.10
N LEU E 634 -2.56 -33.29 17.77
CA LEU E 634 -2.51 -34.46 18.64
C LEU E 634 -1.32 -35.36 18.34
N ARG E 635 -0.45 -34.97 17.41
CA ARG E 635 0.72 -35.77 17.11
C ARG E 635 1.64 -35.82 18.32
N PRO E 636 2.34 -36.94 18.55
CA PRO E 636 3.24 -37.02 19.70
C PRO E 636 4.32 -35.94 19.63
N GLY E 637 4.64 -35.38 20.79
CA GLY E 637 5.60 -34.30 20.90
C GLY E 637 4.99 -32.94 21.10
N ARG E 638 3.71 -32.76 20.79
CA ARG E 638 3.03 -31.49 21.01
C ARG E 638 1.95 -31.59 22.07
N LEU E 639 0.95 -32.46 21.86
CA LEU E 639 -0.15 -32.64 22.79
C LEU E 639 -0.47 -34.13 22.90
N ASP E 640 0.57 -34.95 23.06
CA ASP E 640 0.39 -36.40 23.05
C ASP E 640 -0.51 -36.87 24.19
N GLN E 641 -0.54 -36.15 25.31
CA GLN E 641 -1.40 -36.51 26.43
C GLN E 641 -2.76 -35.87 26.25
N LEU E 642 -3.79 -36.70 26.10
CA LEU E 642 -5.17 -36.25 25.98
C LEU E 642 -5.88 -36.57 27.28
N ILE E 643 -5.81 -35.65 28.24
CA ILE E 643 -6.43 -35.85 29.55
C ILE E 643 -7.91 -35.55 29.44
N TYR E 644 -8.74 -36.54 29.73
CA TYR E 644 -10.19 -36.37 29.69
C TYR E 644 -10.67 -35.75 30.99
N ILE E 645 -11.42 -34.66 30.88
CA ILE E 645 -12.02 -34.02 32.05
C ILE E 645 -13.48 -34.44 32.12
N PRO E 646 -13.81 -35.48 32.87
CA PRO E 646 -15.17 -36.02 32.84
C PRO E 646 -16.15 -35.14 33.58
N LEU E 647 -17.43 -35.38 33.31
CA LEU E 647 -18.49 -34.70 34.04
C LEU E 647 -18.44 -35.13 35.50
N PRO E 648 -18.45 -34.18 36.44
CA PRO E 648 -18.24 -34.54 37.86
C PRO E 648 -19.32 -35.49 38.36
N ASP E 649 -18.90 -36.46 39.18
CA ASP E 649 -19.81 -37.38 39.83
C ASP E 649 -20.18 -36.84 41.21
N GLU E 650 -20.78 -37.69 42.04
CA GLU E 650 -21.27 -37.23 43.34
C GLU E 650 -20.17 -36.64 44.19
N LYS E 651 -19.06 -37.36 44.35
CA LYS E 651 -17.96 -36.86 45.17
C LYS E 651 -17.35 -35.62 44.57
N SER E 652 -17.14 -35.61 43.24
CA SER E 652 -16.58 -34.44 42.59
C SER E 652 -17.50 -33.23 42.72
N ARG E 653 -18.82 -33.45 42.56
CA ARG E 653 -19.75 -32.35 42.71
C ARG E 653 -19.78 -31.81 44.13
N VAL E 654 -19.69 -32.70 45.12
CA VAL E 654 -19.63 -32.27 46.51
C VAL E 654 -18.39 -31.43 46.75
N ALA E 655 -17.24 -31.88 46.23
CA ALA E 655 -16.00 -31.12 46.39
C ALA E 655 -16.08 -29.78 45.69
N ILE E 656 -16.70 -29.73 44.51
CA ILE E 656 -16.86 -28.47 43.78
C ILE E 656 -17.72 -27.50 44.58
N LEU E 657 -18.82 -27.99 45.15
CA LEU E 657 -19.67 -27.14 45.97
C LEU E 657 -18.93 -26.64 47.20
N LYS E 658 -18.14 -27.51 47.83
CA LYS E 658 -17.36 -27.09 48.99
C LYS E 658 -16.36 -26.00 48.61
N ALA E 659 -15.70 -26.15 47.45
CA ALA E 659 -14.74 -25.15 47.02
C ALA E 659 -15.41 -23.83 46.69
N ASN E 660 -16.57 -23.88 46.03
CA ASN E 660 -17.24 -22.65 45.63
C ASN E 660 -17.84 -21.90 46.82
N LEU E 661 -18.48 -22.62 47.73
CA LEU E 661 -19.15 -21.98 48.85
C LEU E 661 -18.20 -21.49 49.92
N ARG E 662 -16.90 -21.74 49.79
CA ARG E 662 -15.94 -21.24 50.77
C ARG E 662 -15.85 -19.72 50.77
N LYS E 663 -16.28 -19.06 49.69
CA LYS E 663 -16.24 -17.61 49.60
C LYS E 663 -17.55 -16.99 50.05
N SER E 664 -18.67 -17.45 49.50
CA SER E 664 -19.97 -16.89 49.87
C SER E 664 -20.41 -17.45 51.21
N PRO E 665 -20.73 -16.62 52.20
CA PRO E 665 -21.21 -17.14 53.49
C PRO E 665 -22.53 -17.86 53.32
N VAL E 666 -22.54 -19.14 53.68
CA VAL E 666 -23.70 -20.01 53.54
C VAL E 666 -24.06 -20.56 54.90
N ALA E 667 -25.37 -20.64 55.17
CA ALA E 667 -25.83 -21.18 56.44
C ALA E 667 -25.52 -22.68 56.52
N LYS E 668 -25.29 -23.16 57.74
CA LYS E 668 -24.97 -24.56 57.95
C LYS E 668 -26.13 -25.50 57.63
N ASP E 669 -27.34 -24.96 57.48
CA ASP E 669 -28.48 -25.79 57.11
C ASP E 669 -28.36 -26.34 55.69
N VAL E 670 -27.46 -25.79 54.88
CA VAL E 670 -27.30 -26.29 53.52
C VAL E 670 -26.79 -27.73 53.56
N ASP E 671 -27.23 -28.52 52.58
CA ASP E 671 -26.89 -29.94 52.49
C ASP E 671 -26.22 -30.22 51.13
N LEU E 672 -24.89 -30.03 51.10
CA LEU E 672 -24.16 -30.11 49.83
C LEU E 672 -24.23 -31.50 49.23
N GLU E 673 -24.16 -32.55 50.04
CA GLU E 673 -24.27 -33.90 49.51
C GLU E 673 -25.62 -34.14 48.84
N PHE E 674 -26.70 -33.70 49.49
CA PHE E 674 -28.02 -33.82 48.90
C PHE E 674 -28.13 -33.00 47.62
N LEU E 675 -27.60 -31.78 47.64
CA LEU E 675 -27.64 -30.93 46.45
C LEU E 675 -26.91 -31.57 45.29
N ALA E 676 -25.75 -32.17 45.57
CA ALA E 676 -25.01 -32.87 44.52
C ALA E 676 -25.79 -34.08 44.02
N LYS E 677 -26.47 -34.79 44.93
CA LYS E 677 -27.20 -35.99 44.50
C LYS E 677 -28.43 -35.63 43.68
N MET E 678 -29.01 -34.44 43.87
CA MET E 678 -30.06 -34.00 42.93
C MET E 678 -29.45 -33.65 41.59
N THR E 679 -28.32 -32.95 41.58
CA THR E 679 -27.68 -32.50 40.34
C THR E 679 -27.00 -33.70 39.70
N ASN E 680 -27.72 -34.38 38.81
CA ASN E 680 -27.18 -35.51 38.07
C ASN E 680 -26.51 -35.00 36.81
N GLY E 681 -25.22 -35.27 36.66
CA GLY E 681 -24.48 -34.85 35.49
C GLY E 681 -24.36 -33.35 35.35
N PHE E 682 -23.99 -32.67 36.44
CA PHE E 682 -23.84 -31.22 36.45
C PHE E 682 -22.36 -30.86 36.45
N SER E 683 -21.98 -29.92 35.59
CA SER E 683 -20.60 -29.48 35.50
C SER E 683 -20.28 -28.50 36.63
N GLY E 684 -18.99 -28.29 36.85
CA GLY E 684 -18.56 -27.40 37.93
C GLY E 684 -19.00 -25.97 37.71
N ALA E 685 -18.85 -25.46 36.49
CA ALA E 685 -19.31 -24.10 36.23
C ALA E 685 -20.83 -24.00 36.28
N ASP E 686 -21.54 -25.10 36.04
CA ASP E 686 -22.98 -25.07 36.27
C ASP E 686 -23.30 -25.04 37.76
N LEU E 687 -22.45 -25.62 38.60
CA LEU E 687 -22.63 -25.46 40.04
C LEU E 687 -22.33 -24.03 40.48
N THR E 688 -21.32 -23.40 39.87
CA THR E 688 -21.11 -21.99 40.16
C THR E 688 -22.24 -21.12 39.66
N GLU E 689 -22.88 -21.50 38.55
CA GLU E 689 -24.11 -20.82 38.13
C GLU E 689 -25.24 -21.09 39.11
N ILE E 690 -25.25 -22.26 39.73
CA ILE E 690 -26.20 -22.55 40.81
C ILE E 690 -26.02 -21.56 41.94
N CYS E 691 -24.76 -21.32 42.35
CA CYS E 691 -24.55 -20.26 43.34
C CYS E 691 -24.93 -18.91 42.77
N GLN E 692 -24.64 -18.65 41.49
CA GLN E 692 -25.06 -17.38 40.92
C GLN E 692 -26.53 -17.15 41.20
N ARG E 693 -27.36 -18.14 40.86
CA ARG E 693 -28.80 -18.05 41.11
C ARG E 693 -29.11 -17.88 42.59
N ALA E 694 -28.68 -18.84 43.42
CA ALA E 694 -29.11 -18.87 44.82
C ALA E 694 -28.49 -17.74 45.63
N CYS E 695 -27.17 -17.58 45.52
CA CYS E 695 -26.46 -16.48 46.18
C CYS E 695 -26.99 -15.12 45.73
N LYS E 696 -27.38 -14.98 44.45
CA LYS E 696 -27.98 -13.73 43.99
C LYS E 696 -29.37 -13.54 44.59
N LEU E 697 -30.13 -14.63 44.74
CA LEU E 697 -31.42 -14.53 45.40
C LEU E 697 -31.24 -14.09 46.85
N ALA E 698 -30.20 -14.59 47.52
CA ALA E 698 -29.91 -14.14 48.87
C ALA E 698 -29.54 -12.67 48.90
N ILE E 699 -28.74 -12.22 47.94
CA ILE E 699 -28.37 -10.80 47.88
C ILE E 699 -29.61 -9.94 47.65
N ARG E 700 -30.50 -10.38 46.75
CA ARG E 700 -31.72 -9.63 46.49
C ARG E 700 -32.63 -9.61 47.71
N GLU E 701 -32.70 -10.73 48.43
CA GLU E 701 -33.50 -10.77 49.66
C GLU E 701 -32.94 -9.80 50.68
N SER E 702 -31.61 -9.75 50.84
CA SER E 702 -31.01 -8.81 51.77
C SER E 702 -31.31 -7.36 51.36
N ILE E 703 -31.20 -7.07 50.07
CA ILE E 703 -31.43 -5.70 49.59
C ILE E 703 -32.88 -5.30 49.81
N GLU E 704 -33.82 -6.18 49.47
CA GLU E 704 -35.24 -5.85 49.63
C GLU E 704 -35.60 -5.73 51.11
N SER E 705 -35.01 -6.58 51.96
CA SER E 705 -35.24 -6.43 53.39
C SER E 705 -34.72 -5.10 53.89
N GLU E 706 -33.53 -4.69 53.43
CA GLU E 706 -32.99 -3.41 53.83
C GLU E 706 -33.88 -2.26 53.40
N ILE E 707 -34.36 -2.29 52.16
CA ILE E 707 -35.17 -1.17 51.67
C ILE E 707 -36.53 -1.13 52.35
N ARG E 708 -37.13 -2.30 52.61
CA ARG E 708 -38.42 -2.30 53.30
C ARG E 708 -38.26 -1.86 54.76
N ARG E 709 -37.15 -2.25 55.40
CA ARG E 709 -36.88 -1.78 56.75
C ARG E 709 -36.66 -0.27 56.77
N GLU E 710 -35.99 0.25 55.75
CA GLU E 710 -35.82 1.69 55.65
C GLU E 710 -37.17 2.40 55.48
N ARG E 711 -38.05 1.84 54.65
CA ARG E 711 -39.31 2.50 54.34
C ARG E 711 -40.34 2.38 55.45
N GLU E 712 -40.29 1.31 56.27
CA GLU E 712 -41.37 1.07 57.21
C GLU E 712 -41.38 2.08 58.34
N ARG E 713 -40.21 2.42 58.91
CA ARG E 713 -40.18 3.27 60.08
C ARG E 713 -40.11 4.75 59.76
N GLN E 714 -39.94 5.11 58.48
CA GLN E 714 -39.87 6.52 58.11
C GLN E 714 -41.21 7.23 58.32
N THR E 715 -42.31 6.49 58.37
CA THR E 715 -43.61 7.12 58.61
C THR E 715 -43.75 7.58 60.06
N ASN E 716 -43.30 6.76 61.00
CA ASN E 716 -43.44 7.10 62.41
C ASN E 716 -42.40 8.15 62.79
N PRO E 717 -42.83 9.31 63.30
CA PRO E 717 -41.86 10.36 63.72
C PRO E 717 -41.33 10.12 65.13
N SER E 718 -40.55 9.05 65.26
CA SER E 718 -39.97 8.67 66.55
C SER E 718 -38.50 9.06 66.58
N ALA E 719 -38.11 9.84 67.60
CA ALA E 719 -36.73 10.28 67.71
C ALA E 719 -35.78 9.11 67.93
N MET E 720 -36.17 8.17 68.79
CA MET E 720 -35.34 7.01 69.13
C MET E 720 -36.20 5.76 68.96
N GLU E 721 -36.14 5.17 67.76
CA GLU E 721 -36.81 3.90 67.48
C GLU E 721 -35.99 3.19 66.41
N VAL E 722 -35.06 2.35 66.84
CA VAL E 722 -34.15 1.64 65.94
C VAL E 722 -34.12 0.18 66.38
N GLU E 723 -34.83 -0.68 65.66
CA GLU E 723 -34.79 -2.11 65.90
C GLU E 723 -33.80 -2.74 64.93
N GLU E 724 -32.52 -2.42 65.16
CA GLU E 724 -31.46 -2.83 64.26
C GLU E 724 -31.18 -4.32 64.39
N ASP E 725 -31.28 -5.04 63.28
CA ASP E 725 -30.98 -6.46 63.24
C ASP E 725 -30.71 -6.86 61.79
N ASP E 726 -29.68 -7.66 61.59
CA ASP E 726 -29.35 -8.14 60.25
C ASP E 726 -30.42 -9.11 59.77
N PRO E 727 -30.99 -8.92 58.57
CA PRO E 727 -32.00 -9.85 58.07
C PRO E 727 -31.46 -11.26 57.91
N VAL E 728 -30.40 -11.40 57.13
CA VAL E 728 -29.70 -12.66 56.98
C VAL E 728 -28.30 -12.39 56.41
N PRO E 729 -27.24 -12.85 57.08
CA PRO E 729 -25.89 -12.60 56.56
C PRO E 729 -25.37 -13.76 55.72
N GLU E 730 -26.11 -14.85 55.67
CA GLU E 730 -25.70 -16.06 54.97
C GLU E 730 -26.75 -16.43 53.92
N ILE E 731 -26.58 -17.61 53.33
CA ILE E 731 -27.50 -18.14 52.33
C ILE E 731 -28.14 -19.39 52.90
N ARG E 732 -29.47 -19.39 52.96
CA ARG E 732 -30.20 -20.52 53.51
C ARG E 732 -30.54 -21.53 52.42
N ARG E 733 -31.05 -22.69 52.84
CA ARG E 733 -31.40 -23.74 51.90
C ARG E 733 -32.56 -23.36 51.00
N ASP E 734 -33.37 -22.39 51.40
CA ASP E 734 -34.48 -21.95 50.56
C ASP E 734 -33.97 -21.34 49.26
N HIS E 735 -32.90 -20.55 49.32
CA HIS E 735 -32.32 -19.98 48.11
C HIS E 735 -31.81 -21.08 47.18
N PHE E 736 -31.17 -22.10 47.73
CA PHE E 736 -30.67 -23.19 46.90
C PHE E 736 -31.81 -23.99 46.29
N GLU E 737 -32.90 -24.18 47.06
CA GLU E 737 -34.07 -24.87 46.50
C GLU E 737 -34.70 -24.07 45.38
N GLU E 738 -34.77 -22.74 45.53
CA GLU E 738 -35.27 -21.89 44.46
C GLU E 738 -34.37 -21.97 43.24
N ALA E 739 -33.05 -22.01 43.45
CA ALA E 739 -32.12 -22.17 42.33
C ALA E 739 -32.34 -23.50 41.62
N MET E 740 -32.55 -24.57 42.39
CA MET E 740 -32.87 -25.87 41.78
C MET E 740 -34.15 -25.79 40.97
N ARG E 741 -35.16 -25.09 41.48
CA ARG E 741 -36.38 -24.91 40.71
C ARG E 741 -36.14 -24.07 39.46
N PHE E 742 -35.11 -23.23 39.48
CA PHE E 742 -34.76 -22.41 38.32
C PHE E 742 -33.72 -23.09 37.44
N ALA E 743 -32.55 -23.39 38.00
CA ALA E 743 -31.50 -24.04 37.23
C ALA E 743 -31.88 -25.49 36.92
N ARG E 744 -31.54 -25.93 35.71
CA ARG E 744 -31.91 -27.26 35.26
C ARG E 744 -30.70 -28.03 34.76
N ARG E 745 -30.94 -29.16 34.09
CA ARG E 745 -29.89 -30.08 33.65
C ARG E 745 -28.73 -29.33 32.99
N SER E 746 -27.52 -29.82 33.24
CA SER E 746 -26.32 -29.10 32.80
C SER E 746 -26.18 -29.13 31.28
N VAL E 747 -25.99 -30.32 30.71
CA VAL E 747 -25.75 -30.47 29.27
C VAL E 747 -26.53 -31.67 28.77
N SER E 748 -26.68 -31.73 27.44
CA SER E 748 -27.38 -32.85 26.83
C SER E 748 -26.60 -34.14 27.01
N ASP E 749 -27.34 -35.24 27.18
CA ASP E 749 -26.70 -36.55 27.34
C ASP E 749 -25.99 -36.98 26.06
N ASN E 750 -26.44 -36.50 24.91
CA ASN E 750 -25.79 -36.84 23.65
C ASN E 750 -24.35 -36.33 23.63
N ASP E 751 -24.12 -35.12 24.16
CA ASP E 751 -22.76 -34.60 24.26
C ASP E 751 -21.91 -35.48 25.15
N ILE E 752 -22.46 -35.95 26.27
CA ILE E 752 -21.70 -36.81 27.16
C ILE E 752 -21.38 -38.13 26.48
N ARG E 753 -22.32 -38.67 25.70
CA ARG E 753 -22.05 -39.88 24.94
C ARG E 753 -20.94 -39.65 23.92
N LYS E 754 -20.95 -38.49 23.27
CA LYS E 754 -19.89 -38.16 22.32
C LYS E 754 -18.53 -38.10 23.02
N TYR E 755 -18.49 -37.47 24.19
CA TYR E 755 -17.23 -37.39 24.93
C TYR E 755 -16.76 -38.78 25.36
N GLU E 756 -17.68 -39.63 25.81
CA GLU E 756 -17.30 -40.97 26.25
C GLU E 756 -16.84 -41.83 25.09
N MET E 757 -17.42 -41.65 23.89
CA MET E 757 -16.96 -42.41 22.75
C MET E 757 -15.63 -41.87 22.22
N PHE E 758 -15.40 -40.56 22.34
CA PHE E 758 -14.08 -40.03 22.01
C PHE E 758 -13.02 -40.57 22.97
N ALA E 759 -13.35 -40.66 24.26
CA ALA E 759 -12.44 -41.25 25.22
C ALA E 759 -12.20 -42.73 24.91
N GLN E 760 -13.25 -43.45 24.53
CA GLN E 760 -13.10 -44.85 24.14
C GLN E 760 -12.24 -44.98 22.89
N THR E 761 -12.23 -43.97 22.04
CA THR E 761 -11.45 -43.97 20.80
C THR E 761 -10.18 -43.14 20.94
N LEU E 762 -9.54 -43.18 22.11
CA LEU E 762 -8.26 -42.50 22.28
C LEU E 762 -7.20 -43.08 21.37
N GLN E 763 -7.31 -44.37 21.03
CA GLN E 763 -6.40 -45.01 20.11
C GLN E 763 -7.18 -45.63 18.95
N GLN E 764 -6.49 -46.37 18.08
CA GLN E 764 -7.11 -47.00 16.91
C GLN E 764 -7.80 -45.97 16.02
N SER E 765 -7.16 -44.81 15.87
CA SER E 765 -7.70 -43.73 15.05
C SER E 765 -6.60 -43.15 14.19
N ARG E 766 -7.00 -42.59 13.05
CA ARG E 766 -6.08 -41.98 12.09
C ARG E 766 -5.00 -42.96 11.64
N ASN F 21 -16.25 28.70 65.15
CA ASN F 21 -15.01 29.46 65.16
C ASN F 21 -15.18 30.76 64.38
N ARG F 22 -15.82 31.74 65.00
CA ARG F 22 -16.04 33.03 64.37
C ARG F 22 -16.84 32.85 63.09
N PRO F 23 -18.12 32.49 63.18
CA PRO F 23 -18.93 32.34 61.97
C PRO F 23 -19.39 33.69 61.42
N ASN F 24 -18.46 34.64 61.34
CA ASN F 24 -18.76 35.94 60.75
C ASN F 24 -18.27 36.03 59.32
N ARG F 25 -17.16 35.37 58.99
CA ARG F 25 -16.73 35.27 57.61
C ARG F 25 -17.42 34.11 56.92
N LEU F 26 -17.22 33.98 55.63
CA LEU F 26 -17.88 32.91 54.90
C LEU F 26 -17.24 32.70 53.55
N ILE F 27 -17.40 31.47 53.05
CA ILE F 27 -16.80 31.04 51.80
C ILE F 27 -17.66 31.53 50.64
N VAL F 28 -17.08 31.50 49.44
CA VAL F 28 -17.77 31.95 48.24
C VAL F 28 -18.22 30.74 47.44
N ASP F 29 -19.25 30.96 46.62
CA ASP F 29 -19.73 29.95 45.70
C ASP F 29 -20.56 30.65 44.64
N GLU F 30 -20.82 29.94 43.55
CA GLU F 30 -21.60 30.50 42.46
C GLU F 30 -23.03 30.78 42.92
N ALA F 31 -23.83 31.32 42.00
CA ALA F 31 -25.20 31.71 42.28
C ALA F 31 -26.14 31.17 41.22
N ILE F 32 -27.31 30.72 41.66
CA ILE F 32 -28.35 30.28 40.74
C ILE F 32 -29.25 31.43 40.34
N ASN F 33 -29.38 32.44 41.20
CA ASN F 33 -30.15 33.64 40.86
C ASN F 33 -29.23 34.64 40.17
N GLU F 34 -29.66 35.08 38.99
CA GLU F 34 -28.80 35.92 38.14
C GLU F 34 -28.99 37.41 38.42
N ASP F 35 -30.10 37.81 39.02
CA ASP F 35 -30.34 39.22 39.25
C ASP F 35 -29.20 39.85 40.03
N ASN F 36 -28.83 41.06 39.63
CA ASN F 36 -27.69 41.73 40.22
C ASN F 36 -27.96 42.06 41.68
N SER F 37 -26.87 42.17 42.44
CA SER F 37 -26.93 42.62 43.83
C SER F 37 -27.84 41.74 44.67
N VAL F 38 -27.79 40.43 44.41
CA VAL F 38 -28.65 39.47 45.09
C VAL F 38 -27.85 38.23 45.43
N VAL F 39 -28.23 37.59 46.54
CA VAL F 39 -27.51 36.44 47.07
C VAL F 39 -28.51 35.41 47.57
N SER F 40 -27.98 34.32 48.12
CA SER F 40 -28.77 33.27 48.73
C SER F 40 -27.90 32.53 49.75
N LEU F 41 -28.50 32.18 50.89
CA LEU F 41 -27.75 31.65 52.01
C LEU F 41 -28.50 30.47 52.62
N SER F 42 -27.77 29.72 53.43
CA SER F 42 -28.37 28.64 54.21
C SER F 42 -29.49 29.18 55.09
N GLN F 43 -30.51 28.37 55.28
CA GLN F 43 -31.70 28.77 56.03
C GLN F 43 -31.46 28.87 57.53
N PRO F 44 -30.64 28.00 58.14
CA PRO F 44 -30.54 28.03 59.60
C PRO F 44 -29.68 29.19 60.08
N LYS F 45 -28.78 29.65 59.22
CA LYS F 45 -27.84 30.71 59.58
C LYS F 45 -28.43 32.08 59.26
N MET F 46 -29.66 32.27 59.72
CA MET F 46 -30.33 33.56 59.66
C MET F 46 -30.44 34.21 61.02
N ASP F 47 -30.45 33.44 62.09
CA ASP F 47 -30.38 34.00 63.43
C ASP F 47 -28.93 34.18 63.87
N GLU F 48 -28.06 33.28 63.42
CA GLU F 48 -26.64 33.37 63.75
C GLU F 48 -26.12 34.75 63.39
N LEU F 49 -26.26 35.14 62.13
CA LEU F 49 -26.01 36.52 61.74
C LEU F 49 -27.17 37.42 62.17
N GLN F 50 -28.34 36.82 62.39
CA GLN F 50 -29.48 37.55 62.92
C GLN F 50 -29.96 38.63 61.96
N LEU F 51 -30.34 38.23 60.75
CA LEU F 51 -30.86 39.17 59.77
C LEU F 51 -31.73 38.40 58.79
N PHE F 52 -32.47 39.15 57.98
CA PHE F 52 -33.53 38.58 57.15
C PHE F 52 -33.27 38.81 55.67
N ARG F 53 -34.06 38.12 54.85
CA ARG F 53 -33.91 38.22 53.41
C ARG F 53 -33.96 39.68 52.95
N GLY F 54 -35.03 40.38 53.31
CA GLY F 54 -35.14 41.77 52.91
C GLY F 54 -34.11 42.65 53.57
N ASP F 55 -33.60 42.22 54.73
CA ASP F 55 -32.58 42.99 55.42
C ASP F 55 -31.39 43.15 54.50
N THR F 56 -31.16 44.37 54.03
CA THR F 56 -29.98 44.62 53.20
C THR F 56 -28.73 44.49 54.06
N VAL F 57 -27.69 43.91 53.47
CA VAL F 57 -26.48 43.55 54.21
C VAL F 57 -25.27 43.94 53.38
N LEU F 58 -24.23 44.42 54.07
CA LEU F 58 -22.98 44.78 53.43
C LEU F 58 -22.00 43.63 53.56
N LEU F 59 -21.12 43.52 52.57
CA LEU F 59 -20.18 42.41 52.48
C LEU F 59 -18.82 42.96 52.12
N LYS F 60 -17.80 42.49 52.82
CA LYS F 60 -16.46 43.01 52.67
C LYS F 60 -15.76 42.37 51.49
N GLY F 61 -14.74 43.04 51.01
CA GLY F 61 -13.96 42.56 49.88
C GLY F 61 -12.62 43.24 49.90
N LYS F 62 -11.61 42.50 49.45
CA LYS F 62 -10.23 42.94 49.58
C LYS F 62 -10.01 44.21 48.78
N LYS F 63 -8.77 44.67 48.79
CA LYS F 63 -8.40 45.99 48.30
C LYS F 63 -9.27 47.08 48.92
N ARG F 64 -9.80 46.84 50.11
CA ARG F 64 -10.56 47.82 50.87
C ARG F 64 -11.80 48.26 50.09
N ARG F 65 -12.72 47.32 49.93
CA ARG F 65 -14.04 47.64 49.42
C ARG F 65 -15.08 46.86 50.19
N GLU F 66 -16.33 47.35 50.12
CA GLU F 66 -17.46 46.60 50.62
C GLU F 66 -18.66 46.96 49.76
N ALA F 67 -19.43 45.94 49.39
CA ALA F 67 -20.60 46.12 48.56
C ALA F 67 -21.83 45.61 49.29
N VAL F 68 -22.93 46.33 49.15
CA VAL F 68 -24.16 45.99 49.83
C VAL F 68 -25.08 45.28 48.87
N CYS F 69 -25.96 44.45 49.41
CA CYS F 69 -26.90 43.71 48.57
C CYS F 69 -28.02 43.15 49.44
N ILE F 70 -29.01 42.58 48.76
CA ILE F 70 -30.11 41.93 49.43
C ILE F 70 -29.70 40.55 49.93
N VAL F 71 -30.49 40.02 50.84
CA VAL F 71 -30.25 38.69 51.40
C VAL F 71 -31.41 37.79 51.01
N LEU F 72 -31.15 36.48 51.09
CA LEU F 72 -32.19 35.47 50.92
C LEU F 72 -31.78 34.22 51.67
N SER F 73 -32.77 33.36 51.91
CA SER F 73 -32.57 32.11 52.63
C SER F 73 -32.91 30.94 51.73
N ASP F 74 -31.94 30.06 51.51
CA ASP F 74 -32.14 28.82 50.77
C ASP F 74 -31.50 27.67 51.55
N ASP F 75 -31.42 26.52 50.90
CA ASP F 75 -30.93 25.30 51.53
C ASP F 75 -29.81 24.63 50.75
N THR F 76 -29.91 24.58 49.42
CA THR F 76 -28.94 23.84 48.63
C THR F 76 -27.52 24.30 48.95
N CYS F 77 -27.30 25.60 49.06
CA CYS F 77 -26.00 26.10 49.47
C CYS F 77 -25.70 25.64 50.89
N SER F 78 -24.44 25.32 51.13
CA SER F 78 -24.05 24.84 52.44
C SER F 78 -24.20 25.94 53.48
N ASP F 79 -24.08 25.55 54.74
CA ASP F 79 -24.11 26.50 55.85
C ASP F 79 -22.79 27.26 55.99
N GLU F 80 -21.90 27.17 55.00
CA GLU F 80 -20.61 27.85 55.08
C GLU F 80 -20.25 28.58 53.81
N LYS F 81 -21.15 28.66 52.84
CA LYS F 81 -20.83 29.26 51.54
C LYS F 81 -21.95 30.17 51.08
N ILE F 82 -21.56 31.33 50.59
CA ILE F 82 -22.46 32.30 50.02
C ILE F 82 -22.62 32.00 48.53
N ARG F 83 -23.68 32.54 47.94
CA ARG F 83 -23.89 32.48 46.51
C ARG F 83 -23.99 33.89 45.94
N MET F 84 -23.31 34.10 44.83
CA MET F 84 -23.24 35.43 44.22
C MET F 84 -22.85 35.28 42.75
N ASN F 85 -22.90 36.38 42.02
CA ASN F 85 -22.63 36.39 40.59
C ASN F 85 -21.29 37.05 40.29
N ARG F 86 -20.90 36.99 39.01
CA ARG F 86 -19.58 37.47 38.62
C ARG F 86 -19.42 38.96 38.78
N VAL F 87 -20.52 39.73 38.76
CA VAL F 87 -20.39 41.18 38.80
C VAL F 87 -19.81 41.63 40.13
N VAL F 88 -20.42 41.17 41.22
CA VAL F 88 -19.94 41.57 42.53
C VAL F 88 -18.59 40.92 42.82
N ARG F 89 -18.40 39.68 42.38
CA ARG F 89 -17.11 39.05 42.55
C ARG F 89 -16.04 39.78 41.76
N ASN F 90 -16.44 40.61 40.80
CA ASN F 90 -15.49 41.44 40.08
C ASN F 90 -15.24 42.74 40.82
N ASN F 91 -16.30 43.44 41.22
CA ASN F 91 -16.08 44.68 41.96
C ASN F 91 -15.44 44.39 43.31
N LEU F 92 -15.74 43.25 43.91
CA LEU F 92 -15.07 42.85 45.12
C LEU F 92 -13.71 42.23 44.86
N ARG F 93 -13.33 42.06 43.59
CA ARG F 93 -11.97 41.69 43.23
C ARG F 93 -11.59 40.33 43.79
N VAL F 94 -12.58 39.46 43.97
CA VAL F 94 -12.39 38.19 44.65
C VAL F 94 -12.91 37.06 43.77
N ARG F 95 -12.23 35.92 43.85
CA ARG F 95 -12.61 34.72 43.12
C ARG F 95 -13.08 33.66 44.11
N LEU F 96 -13.55 32.56 43.56
CA LEU F 96 -13.91 31.42 44.38
C LEU F 96 -12.69 30.90 45.13
N GLY F 97 -12.95 30.15 46.19
CA GLY F 97 -11.90 29.69 47.06
C GLY F 97 -11.48 30.69 48.11
N ASP F 98 -12.11 31.86 48.13
CA ASP F 98 -11.79 32.92 49.08
C ASP F 98 -12.90 33.03 50.13
N VAL F 99 -12.69 33.93 51.07
CA VAL F 99 -13.60 34.13 52.19
C VAL F 99 -13.59 35.60 52.58
N ILE F 100 -14.75 36.13 52.96
CA ILE F 100 -14.92 37.52 53.35
C ILE F 100 -15.85 37.60 54.55
N SER F 101 -16.03 38.81 55.04
CA SER F 101 -16.92 39.07 56.17
C SER F 101 -18.25 39.62 55.67
N ILE F 102 -19.09 40.01 56.64
CA ILE F 102 -20.47 40.38 56.36
C ILE F 102 -21.00 41.16 57.55
N GLN F 103 -22.00 42.00 57.31
CA GLN F 103 -22.64 42.72 58.40
C GLN F 103 -24.01 43.24 57.99
N PRO F 104 -25.04 43.04 58.81
CA PRO F 104 -26.36 43.58 58.47
C PRO F 104 -26.33 45.11 58.40
N CYS F 105 -27.23 45.67 57.61
CA CYS F 105 -27.30 47.11 57.40
C CYS F 105 -28.74 47.59 57.53
N PRO F 106 -29.30 47.54 58.75
CA PRO F 106 -30.60 48.19 58.97
C PRO F 106 -30.52 49.70 58.93
N ASP F 107 -29.32 50.28 58.97
CA ASP F 107 -29.12 51.71 58.87
C ASP F 107 -29.10 52.20 57.44
N VAL F 108 -29.60 51.39 56.50
CA VAL F 108 -29.54 51.76 55.10
C VAL F 108 -30.36 53.03 54.86
N LYS F 109 -30.07 53.68 53.73
CA LYS F 109 -30.65 54.96 53.38
C LYS F 109 -31.32 54.88 52.02
N TYR F 110 -32.28 55.77 51.78
CA TYR F 110 -32.96 55.82 50.50
C TYR F 110 -32.12 56.64 49.53
N GLY F 111 -31.60 55.97 48.50
CA GLY F 111 -30.68 56.62 47.59
C GLY F 111 -31.35 57.74 46.82
N LYS F 112 -30.91 58.97 47.05
CA LYS F 112 -31.27 60.08 46.20
C LYS F 112 -30.38 60.05 44.96
N ARG F 113 -30.38 61.14 44.21
CA ARG F 113 -29.62 61.17 42.96
C ARG F 113 -28.22 60.60 43.15
N ILE F 114 -27.94 59.52 42.44
CA ILE F 114 -26.64 58.85 42.50
C ILE F 114 -26.23 58.62 41.05
N HIS F 115 -25.36 59.49 40.55
CA HIS F 115 -25.10 59.55 39.12
C HIS F 115 -24.40 58.29 38.64
N VAL F 116 -24.69 57.92 37.39
CA VAL F 116 -24.12 56.74 36.76
C VAL F 116 -23.57 57.14 35.40
N LEU F 117 -22.77 56.25 34.83
CA LEU F 117 -22.17 56.55 33.56
C LEU F 117 -21.86 55.27 32.82
N PRO F 118 -22.01 55.24 31.50
CA PRO F 118 -21.76 54.01 30.75
C PRO F 118 -20.26 53.78 30.61
N ILE F 119 -19.73 52.84 31.38
CA ILE F 119 -18.30 52.74 31.60
C ILE F 119 -17.80 51.55 30.77
N ASP F 120 -17.49 51.82 29.50
CA ASP F 120 -16.89 50.82 28.64
C ASP F 120 -16.68 51.42 27.26
N ASP F 121 -16.03 50.64 26.41
CA ASP F 121 -16.09 50.86 24.97
C ASP F 121 -17.35 50.27 24.38
N THR F 122 -18.04 49.39 25.11
CA THR F 122 -19.31 48.85 24.64
C THR F 122 -20.25 49.97 24.22
N VAL F 123 -20.07 51.15 24.80
CA VAL F 123 -20.81 52.32 24.36
C VAL F 123 -20.64 52.54 22.88
N GLU F 124 -19.56 52.03 22.30
CA GLU F 124 -19.30 52.19 20.88
C GLU F 124 -20.48 51.66 20.06
N GLY F 125 -20.64 52.25 18.87
CA GLY F 125 -21.64 51.78 17.93
C GLY F 125 -23.03 51.75 18.50
N ILE F 126 -23.50 52.89 19.00
CA ILE F 126 -24.83 52.97 19.59
C ILE F 126 -25.29 54.42 19.60
N THR F 127 -26.60 54.61 19.75
CA THR F 127 -27.19 55.94 19.80
C THR F 127 -28.49 55.88 20.59
N GLY F 128 -28.93 57.05 21.03
CA GLY F 128 -30.18 57.19 21.76
C GLY F 128 -29.96 57.37 23.25
N ASN F 129 -31.01 57.84 23.91
CA ASN F 129 -31.03 57.95 25.37
C ASN F 129 -31.35 56.57 25.91
N LEU F 130 -30.43 55.64 25.67
CA LEU F 130 -30.59 54.27 26.15
C LEU F 130 -30.73 54.21 27.65
N PHE F 131 -30.29 55.25 28.36
CA PHE F 131 -30.43 55.27 29.81
C PHE F 131 -31.84 54.86 30.21
N GLU F 132 -32.83 55.48 29.57
CA GLU F 132 -34.21 55.26 29.96
C GLU F 132 -34.57 53.78 29.90
N VAL F 133 -34.52 53.23 28.69
CA VAL F 133 -35.05 51.89 28.46
C VAL F 133 -34.27 50.86 29.26
N TYR F 134 -32.96 51.03 29.36
CA TYR F 134 -32.14 50.02 30.02
C TYR F 134 -32.27 50.10 31.54
N LEU F 135 -32.43 51.31 32.08
CA LEU F 135 -32.36 51.53 33.52
C LEU F 135 -33.73 51.53 34.17
N LYS F 136 -34.61 52.41 33.71
CA LYS F 136 -35.91 52.57 34.36
C LYS F 136 -36.60 51.25 34.66
N PRO F 137 -36.55 50.24 33.80
CA PRO F 137 -37.17 48.97 34.15
C PRO F 137 -36.29 48.17 35.10
N TYR F 138 -34.98 48.33 34.94
CA TYR F 138 -34.04 47.58 35.76
C TYR F 138 -34.11 48.02 37.21
N PHE F 139 -34.21 49.33 37.44
CA PHE F 139 -34.30 49.84 38.79
C PHE F 139 -35.72 49.80 39.34
N LEU F 140 -36.72 49.71 38.45
CA LEU F 140 -38.10 49.78 38.90
C LEU F 140 -38.44 48.64 39.84
N GLU F 141 -38.85 49.00 41.05
CA GLU F 141 -39.35 48.08 42.08
C GLU F 141 -38.27 47.18 42.63
N ALA F 142 -37.04 47.26 42.11
CA ALA F 142 -35.99 46.37 42.58
C ALA F 142 -35.53 46.70 43.99
N TYR F 143 -35.79 47.91 44.46
CA TYR F 143 -35.29 48.37 45.75
C TYR F 143 -33.80 48.05 45.88
N ARG F 144 -33.11 48.13 44.76
CA ARG F 144 -31.68 47.85 44.66
C ARG F 144 -30.90 48.64 45.72
N PRO F 145 -30.32 47.97 46.72
CA PRO F 145 -29.41 48.65 47.65
C PRO F 145 -28.07 48.90 46.98
N ILE F 146 -27.79 50.16 46.68
CA ILE F 146 -26.68 50.52 45.83
C ILE F 146 -25.67 51.32 46.61
N ARG F 147 -24.40 51.07 46.33
CA ARG F 147 -23.29 51.82 46.90
C ARG F 147 -22.39 52.30 45.77
N LYS F 148 -21.61 53.33 46.07
CA LYS F 148 -20.62 53.84 45.12
C LYS F 148 -19.76 52.72 44.59
N GLY F 149 -19.18 52.92 43.41
CA GLY F 149 -18.33 51.92 42.80
C GLY F 149 -19.05 50.76 42.17
N ASP F 150 -20.36 50.67 42.31
CA ASP F 150 -21.10 49.58 41.69
C ASP F 150 -20.84 49.54 40.20
N ILE F 151 -20.78 48.32 39.66
CA ILE F 151 -20.48 48.12 38.24
C ILE F 151 -21.58 47.28 37.60
N PHE F 152 -22.80 47.45 38.09
CA PHE F 152 -23.94 46.68 37.63
C PHE F 152 -24.08 46.72 36.12
N LEU F 153 -24.87 45.81 35.57
CA LEU F 153 -24.93 45.59 34.12
C LEU F 153 -26.35 45.20 33.73
N VAL F 154 -26.74 45.57 32.51
CA VAL F 154 -28.07 45.31 31.99
C VAL F 154 -27.98 45.06 30.49
N ARG F 155 -28.95 44.30 29.96
CA ARG F 155 -28.85 43.74 28.63
C ARG F 155 -30.15 43.94 27.86
N GLY F 156 -30.00 44.35 26.60
CA GLY F 156 -31.14 44.52 25.72
C GLY F 156 -30.71 44.71 24.29
N GLY F 157 -31.65 44.48 23.38
CA GLY F 157 -31.42 44.67 21.97
C GLY F 157 -30.11 44.10 21.47
N MET F 158 -29.96 42.78 21.58
CA MET F 158 -28.78 42.08 21.08
C MET F 158 -27.49 42.53 21.74
N ARG F 159 -27.57 43.33 22.80
CA ARG F 159 -26.37 43.91 23.38
C ARG F 159 -26.44 43.83 24.88
N ALA F 160 -25.27 43.97 25.51
CA ALA F 160 -25.14 43.87 26.95
C ALA F 160 -24.13 44.89 27.43
N VAL F 161 -24.57 45.85 28.25
CA VAL F 161 -23.73 46.97 28.63
C VAL F 161 -24.01 47.31 30.09
N GLU F 162 -23.06 48.02 30.70
CA GLU F 162 -23.08 48.27 32.13
C GLU F 162 -22.98 49.76 32.42
N PHE F 163 -22.97 50.07 33.71
CA PHE F 163 -22.80 51.44 34.19
C PHE F 163 -22.11 51.39 35.54
N LYS F 164 -21.53 52.52 35.94
CA LYS F 164 -20.94 52.67 37.25
C LYS F 164 -21.63 53.79 38.01
N VAL F 165 -22.08 53.50 39.22
CA VAL F 165 -22.60 54.55 40.10
C VAL F 165 -21.41 55.34 40.60
N VAL F 166 -21.17 56.49 39.97
CA VAL F 166 -20.00 57.29 40.30
C VAL F 166 -20.27 58.17 41.50
N GLU F 167 -21.48 58.70 41.60
CA GLU F 167 -21.87 59.62 42.66
C GLU F 167 -22.90 58.96 43.57
N THR F 168 -22.79 59.26 44.86
CA THR F 168 -23.76 58.82 45.86
C THR F 168 -24.15 60.05 46.67
N ASP F 169 -25.28 60.67 46.29
CA ASP F 169 -25.69 61.92 46.92
C ASP F 169 -25.73 61.70 48.43
N PRO F 170 -26.48 60.71 48.95
CA PRO F 170 -26.13 60.17 50.26
C PRO F 170 -25.13 59.04 50.10
N SER F 171 -24.08 59.09 50.92
CA SER F 171 -23.01 58.13 50.78
C SER F 171 -23.01 57.14 51.94
N PRO F 172 -22.44 55.93 51.74
CA PRO F 172 -21.94 55.44 50.46
C PRO F 172 -22.96 54.53 49.78
N TYR F 173 -23.83 53.95 50.59
CA TYR F 173 -24.76 52.93 50.15
C TYR F 173 -26.18 53.35 50.51
N CYS F 174 -27.10 53.12 49.58
CA CYS F 174 -28.48 53.56 49.77
C CYS F 174 -29.41 52.66 48.98
N ILE F 175 -30.70 52.91 49.12
CA ILE F 175 -31.73 52.19 48.39
C ILE F 175 -32.13 52.98 47.16
N VAL F 176 -32.77 52.29 46.22
CA VAL F 176 -33.37 52.92 45.06
C VAL F 176 -34.85 53.13 45.32
N ALA F 177 -35.33 54.33 45.04
CA ALA F 177 -36.75 54.64 45.13
C ALA F 177 -37.21 55.26 43.81
N PRO F 178 -38.43 54.96 43.37
CA PRO F 178 -38.85 55.42 42.05
C PRO F 178 -38.83 56.93 41.91
N ASP F 179 -39.00 57.65 43.02
CA ASP F 179 -38.97 59.10 42.95
C ASP F 179 -37.59 59.62 42.64
N THR F 180 -36.55 58.86 42.97
CA THR F 180 -35.20 59.35 42.83
C THR F 180 -34.92 59.75 41.39
N VAL F 181 -34.22 60.86 41.21
CA VAL F 181 -34.02 61.45 39.90
C VAL F 181 -32.85 60.77 39.20
N ILE F 182 -32.82 60.91 37.86
CA ILE F 182 -31.66 60.52 37.08
C ILE F 182 -31.38 61.59 36.03
N HIS F 183 -30.46 62.51 36.34
CA HIS F 183 -29.82 63.32 35.31
C HIS F 183 -28.76 62.44 34.66
N CYS F 184 -29.11 61.82 33.55
CA CYS F 184 -28.30 60.79 32.92
C CYS F 184 -27.45 61.43 31.83
N GLU F 185 -26.20 61.72 32.16
CA GLU F 185 -25.26 62.32 31.23
C GLU F 185 -23.88 61.72 31.48
N GLY F 186 -22.88 62.30 30.84
CA GLY F 186 -21.50 61.87 30.99
C GLY F 186 -20.96 61.23 29.72
N GLU F 187 -19.64 61.07 29.72
CA GLU F 187 -18.93 60.49 28.61
C GLU F 187 -18.28 59.17 29.03
N PRO F 188 -18.40 58.11 28.23
CA PRO F 188 -17.86 56.80 28.65
C PRO F 188 -16.45 56.92 29.20
N ILE F 189 -16.27 56.48 30.44
CA ILE F 189 -15.00 56.64 31.11
C ILE F 189 -14.21 55.34 31.00
N LYS F 190 -12.94 55.41 31.36
CA LYS F 190 -12.02 54.32 31.11
C LYS F 190 -11.96 53.42 32.32
N ARG F 191 -12.37 52.17 32.14
CA ARG F 191 -12.20 51.17 33.18
C ARG F 191 -10.72 51.03 33.52
N GLU F 192 -10.42 51.01 34.81
CA GLU F 192 -9.03 50.88 35.25
C GLU F 192 -8.52 49.49 34.93
N ASP F 193 -7.27 49.25 35.32
CA ASP F 193 -6.65 47.94 35.13
C ASP F 193 -7.05 46.93 36.20
N GLU F 194 -7.54 47.41 37.35
CA GLU F 194 -7.86 46.49 38.44
C GLU F 194 -8.99 45.56 38.05
N GLU F 195 -10.10 46.12 37.57
CA GLU F 195 -11.23 45.31 37.12
C GLU F 195 -10.91 44.37 35.94
N GLU F 196 -11.94 43.69 35.43
CA GLU F 196 -11.74 42.76 34.33
C GLU F 196 -12.98 42.66 33.45
N SER F 197 -13.21 41.49 32.84
CA SER F 197 -14.34 41.36 31.93
C SER F 197 -15.21 40.15 32.22
N LEU F 198 -16.46 40.22 31.79
CA LEU F 198 -17.36 39.10 31.98
C LEU F 198 -17.50 38.38 30.66
N ASN F 199 -17.01 39.01 29.60
CA ASN F 199 -17.02 38.34 28.31
C ASN F 199 -16.10 37.16 28.46
N GLU F 200 -15.04 37.34 29.23
CA GLU F 200 -14.15 36.22 29.51
C GLU F 200 -15.08 35.09 29.74
N VAL F 201 -14.71 33.91 29.27
CA VAL F 201 -15.67 32.81 29.33
C VAL F 201 -15.73 32.22 30.73
N GLY F 202 -16.92 31.85 31.17
CA GLY F 202 -17.05 31.24 32.48
C GLY F 202 -17.81 29.93 32.40
N TYR F 203 -18.04 29.35 33.58
CA TYR F 203 -18.77 28.09 33.65
C TYR F 203 -20.22 28.27 33.25
N ASP F 204 -20.76 29.49 33.39
CA ASP F 204 -22.10 29.78 32.92
C ASP F 204 -22.23 29.64 31.41
N ASP F 205 -21.12 29.68 30.69
CA ASP F 205 -21.11 29.53 29.24
C ASP F 205 -20.93 28.09 28.79
N ILE F 206 -20.89 27.14 29.72
CA ILE F 206 -20.65 25.73 29.40
C ILE F 206 -21.93 24.96 29.65
N GLY F 207 -22.37 24.20 28.65
CA GLY F 207 -23.55 23.37 28.78
C GLY F 207 -23.35 22.06 28.04
N GLY F 208 -24.04 21.03 28.53
CA GLY F 208 -23.95 19.71 27.94
C GLY F 208 -22.81 18.86 28.43
N CYS F 209 -21.92 19.40 29.26
CA CYS F 209 -20.79 18.68 29.81
C CYS F 209 -20.68 18.91 31.31
N ARG F 210 -21.82 18.88 32.01
CA ARG F 210 -21.83 19.17 33.43
C ARG F 210 -20.97 18.16 34.20
N LYS F 211 -21.11 16.88 33.89
CA LYS F 211 -20.25 15.87 34.51
C LYS F 211 -18.79 16.09 34.11
N GLN F 212 -18.55 16.35 32.83
CA GLN F 212 -17.20 16.61 32.37
C GLN F 212 -16.64 17.89 32.99
N LEU F 213 -17.48 18.92 33.11
CA LEU F 213 -17.05 20.15 33.75
C LEU F 213 -16.67 19.93 35.21
N ALA F 214 -17.47 19.13 35.93
CA ALA F 214 -17.14 18.81 37.31
C ALA F 214 -15.85 18.01 37.41
N GLN F 215 -15.66 17.08 36.49
CA GLN F 215 -14.41 16.32 36.47
C GLN F 215 -13.22 17.23 36.25
N ILE F 216 -13.34 18.15 35.29
CA ILE F 216 -12.25 19.09 35.03
C ILE F 216 -11.99 19.96 36.25
N LYS F 217 -13.07 20.40 36.92
CA LYS F 217 -12.92 21.22 38.11
C LYS F 217 -12.15 20.47 39.19
N GLU F 218 -12.55 19.23 39.47
CA GLU F 218 -11.89 18.46 40.51
C GLU F 218 -10.46 18.10 40.12
N MET F 219 -10.16 18.05 38.82
CA MET F 219 -8.80 17.81 38.39
C MET F 219 -7.91 19.03 38.56
N VAL F 220 -8.40 20.23 38.22
CA VAL F 220 -7.54 21.40 38.10
C VAL F 220 -7.68 22.35 39.27
N GLU F 221 -8.56 22.09 40.23
CA GLU F 221 -8.72 23.02 41.35
C GLU F 221 -7.47 23.07 42.21
N LEU F 222 -6.98 21.90 42.63
CA LEU F 222 -5.80 21.86 43.49
C LEU F 222 -4.54 22.41 42.82
N PRO F 223 -4.17 21.99 41.60
CA PRO F 223 -2.93 22.52 41.02
C PRO F 223 -2.95 24.01 40.78
N LEU F 224 -4.11 24.59 40.45
CA LEU F 224 -4.19 26.00 40.06
C LEU F 224 -4.55 26.90 41.23
N ARG F 225 -5.68 26.62 41.90
CA ARG F 225 -6.11 27.48 43.00
C ARG F 225 -5.15 27.42 44.18
N HIS F 226 -4.44 26.30 44.35
CA HIS F 226 -3.55 26.11 45.49
C HIS F 226 -2.18 25.67 44.98
N PRO F 227 -1.40 26.59 44.43
CA PRO F 227 -0.06 26.22 43.92
C PRO F 227 0.94 25.94 45.03
N ALA F 228 1.02 26.82 46.03
CA ALA F 228 1.95 26.60 47.13
C ALA F 228 1.52 25.42 47.99
N LEU F 229 0.21 25.24 48.17
CA LEU F 229 -0.30 24.09 48.91
C LEU F 229 0.14 22.79 48.27
N PHE F 230 0.03 22.70 46.94
CA PHE F 230 0.44 21.48 46.26
C PHE F 230 1.96 21.36 46.22
N LYS F 231 2.67 22.49 46.17
CA LYS F 231 4.12 22.44 46.24
C LYS F 231 4.61 21.92 47.58
N ALA F 232 3.83 22.15 48.65
CA ALA F 232 4.22 21.62 49.96
C ALA F 232 4.22 20.09 49.95
N ILE F 233 3.23 19.47 49.33
CA ILE F 233 3.14 18.02 49.27
C ILE F 233 3.95 17.53 48.07
N GLY F 234 4.22 16.22 48.06
CA GLY F 234 5.00 15.62 47.01
C GLY F 234 4.23 14.65 46.14
N VAL F 235 2.98 15.00 45.82
CA VAL F 235 2.14 14.16 44.98
C VAL F 235 2.30 14.59 43.54
N LYS F 236 2.02 13.66 42.63
CA LYS F 236 2.09 13.98 41.20
C LYS F 236 0.78 14.62 40.75
N PRO F 237 0.82 15.81 40.17
CA PRO F 237 -0.42 16.47 39.71
C PRO F 237 -0.84 15.93 38.36
N PRO F 238 -2.11 16.07 38.00
CA PRO F 238 -2.50 15.83 36.61
C PRO F 238 -2.09 17.00 35.74
N ARG F 239 -1.02 16.84 34.97
CA ARG F 239 -0.49 17.89 34.13
C ARG F 239 -0.76 17.64 32.66
N GLY F 240 -1.57 16.65 32.33
CA GLY F 240 -1.98 16.41 30.96
C GLY F 240 -3.45 16.04 30.88
N ILE F 241 -4.22 16.84 30.15
CA ILE F 241 -5.66 16.63 29.99
C ILE F 241 -5.96 16.49 28.52
N LEU F 242 -6.62 15.40 28.15
CA LEU F 242 -6.96 15.10 26.77
C LEU F 242 -8.48 15.23 26.62
N LEU F 243 -8.92 16.43 26.23
CA LEU F 243 -10.33 16.66 25.94
C LEU F 243 -10.60 16.19 24.51
N TYR F 244 -11.21 15.01 24.39
CA TYR F 244 -11.50 14.44 23.09
C TYR F 244 -13.00 14.32 22.88
N GLY F 245 -13.42 14.54 21.63
CA GLY F 245 -14.80 14.49 21.26
C GLY F 245 -15.01 15.07 19.87
N PRO F 246 -16.26 15.17 19.44
CA PRO F 246 -16.54 15.74 18.13
C PRO F 246 -16.10 17.19 18.07
N PRO F 247 -15.72 17.68 16.90
CA PRO F 247 -15.38 19.11 16.78
C PRO F 247 -16.59 19.98 17.08
N GLY F 248 -16.33 21.12 17.69
CA GLY F 248 -17.39 22.05 18.02
C GLY F 248 -18.11 21.77 19.33
N THR F 249 -17.56 20.90 20.19
CA THR F 249 -18.17 20.59 21.47
C THR F 249 -17.61 21.45 22.61
N GLY F 250 -17.06 22.62 22.30
CA GLY F 250 -16.65 23.55 23.33
C GLY F 250 -15.39 23.18 24.08
N LYS F 251 -14.51 22.38 23.47
CA LYS F 251 -13.27 22.00 24.16
C LYS F 251 -12.42 23.23 24.48
N THR F 252 -12.17 24.06 23.47
CA THR F 252 -11.42 25.29 23.73
C THR F 252 -12.23 26.25 24.60
N LEU F 253 -13.56 26.25 24.45
CA LEU F 253 -14.39 27.08 25.33
C LEU F 253 -14.31 26.60 26.77
N ILE F 254 -14.34 25.28 26.98
CA ILE F 254 -14.22 24.74 28.34
C ILE F 254 -12.87 25.10 28.93
N ALA F 255 -11.80 24.93 28.15
CA ALA F 255 -10.48 25.25 28.65
C ALA F 255 -10.35 26.73 28.99
N ARG F 256 -10.85 27.60 28.11
CA ARG F 256 -10.77 29.04 28.36
C ARG F 256 -11.55 29.43 29.61
N ALA F 257 -12.76 28.88 29.76
CA ALA F 257 -13.57 29.20 30.94
C ALA F 257 -12.89 28.72 32.21
N VAL F 258 -12.33 27.51 32.19
CA VAL F 258 -11.67 26.97 33.36
C VAL F 258 -10.47 27.82 33.73
N ALA F 259 -9.66 28.20 32.74
CA ALA F 259 -8.47 28.99 33.01
C ALA F 259 -8.83 30.38 33.51
N ASN F 260 -9.86 31.01 32.92
CA ASN F 260 -10.21 32.36 33.30
C ASN F 260 -10.82 32.41 34.70
N GLU F 261 -11.76 31.51 34.98
CA GLU F 261 -12.42 31.54 36.28
C GLU F 261 -11.45 31.17 37.40
N THR F 262 -10.60 30.16 37.17
CA THR F 262 -9.61 29.78 38.18
C THR F 262 -8.46 30.77 38.28
N GLY F 263 -8.37 31.73 37.36
CA GLY F 263 -7.30 32.70 37.38
C GLY F 263 -6.00 32.25 36.74
N ALA F 264 -5.94 31.01 36.26
CA ALA F 264 -4.72 30.52 35.62
C ALA F 264 -4.49 31.23 34.29
N PHE F 265 -3.23 31.47 33.97
CA PHE F 265 -2.89 32.11 32.71
C PHE F 265 -3.15 31.13 31.56
N PHE F 266 -4.00 31.55 30.62
CA PHE F 266 -4.40 30.71 29.49
C PHE F 266 -3.55 31.08 28.28
N PHE F 267 -2.86 30.09 27.72
CA PHE F 267 -2.14 30.25 26.47
C PHE F 267 -2.79 29.36 25.42
N LEU F 268 -3.31 29.96 24.36
CA LEU F 268 -4.02 29.22 23.33
C LEU F 268 -3.00 28.74 22.29
N ILE F 269 -2.47 27.55 22.52
CA ILE F 269 -1.57 26.91 21.56
C ILE F 269 -2.43 26.22 20.51
N ASN F 270 -2.35 26.69 19.27
CA ASN F 270 -3.12 26.12 18.17
C ASN F 270 -2.21 25.30 17.28
N GLY F 271 -2.64 24.08 16.97
CA GLY F 271 -1.88 23.18 16.13
C GLY F 271 -1.51 23.78 14.79
N PRO F 272 -2.52 24.29 14.07
CA PRO F 272 -2.20 25.06 12.85
C PRO F 272 -1.29 26.24 13.13
N GLU F 273 -1.48 26.96 14.23
CA GLU F 273 -0.60 28.07 14.55
C GLU F 273 0.82 27.58 14.83
N ILE F 274 0.95 26.43 15.48
CA ILE F 274 2.27 25.89 15.79
C ILE F 274 2.99 25.50 14.51
N MET F 275 2.43 24.54 13.76
CA MET F 275 3.14 23.99 12.61
C MET F 275 2.83 24.74 11.32
N SER F 276 2.30 25.97 11.41
CA SER F 276 2.17 26.83 10.24
C SER F 276 3.49 27.43 9.81
N LYS F 277 4.41 27.63 10.75
CA LYS F 277 5.67 28.30 10.48
C LYS F 277 6.72 27.25 10.12
N LEU F 278 7.98 27.68 10.05
CA LEU F 278 9.08 26.76 9.76
C LEU F 278 9.25 25.76 10.90
N ALA F 279 9.88 24.64 10.58
CA ALA F 279 10.08 23.58 11.57
C ALA F 279 10.85 24.11 12.78
N GLY F 280 12.01 24.74 12.53
CA GLY F 280 12.72 25.39 13.61
C GLY F 280 11.90 26.50 14.26
N GLU F 281 11.20 27.28 13.44
CA GLU F 281 10.33 28.33 13.97
C GLU F 281 9.19 27.74 14.79
N SER F 282 8.61 26.62 14.33
CA SER F 282 7.54 25.98 15.08
C SER F 282 8.05 25.49 16.44
N GLU F 283 9.22 24.85 16.45
CA GLU F 283 9.79 24.37 17.71
C GLU F 283 10.12 25.53 18.63
N SER F 284 10.64 26.62 18.09
CA SER F 284 10.93 27.80 18.89
C SER F 284 9.65 28.39 19.48
N ASN F 285 8.58 28.43 18.69
CA ASN F 285 7.31 28.93 19.19
C ASN F 285 6.77 28.05 20.31
N LEU F 286 6.86 26.73 20.14
CA LEU F 286 6.43 25.82 21.21
C LEU F 286 7.23 26.04 22.48
N ARG F 287 8.55 26.15 22.34
CA ARG F 287 9.40 26.35 23.50
C ARG F 287 9.10 27.69 24.18
N LYS F 288 8.89 28.74 23.39
CA LYS F 288 8.57 30.04 23.97
C LYS F 288 7.23 30.01 24.68
N ALA F 289 6.24 29.35 24.09
CA ALA F 289 4.93 29.24 24.75
C ALA F 289 5.04 28.49 26.07
N PHE F 290 5.77 27.38 26.08
CA PHE F 290 5.93 26.62 27.32
C PHE F 290 6.69 27.42 28.37
N GLU F 291 7.73 28.15 27.95
CA GLU F 291 8.48 28.98 28.89
C GLU F 291 7.61 30.09 29.46
N GLU F 292 6.78 30.73 28.62
CA GLU F 292 5.88 31.77 29.11
C GLU F 292 4.87 31.20 30.08
N ALA F 293 4.33 30.01 29.79
CA ALA F 293 3.40 29.38 30.71
C ALA F 293 4.06 29.06 32.04
N GLU F 294 5.30 28.55 32.00
CA GLU F 294 6.02 28.27 33.23
C GLU F 294 6.28 29.55 34.02
N LYS F 295 6.61 30.64 33.32
CA LYS F 295 6.83 31.91 33.99
C LYS F 295 5.54 32.44 34.63
N ASN F 296 4.40 32.20 33.98
CA ASN F 296 3.11 32.65 34.47
C ASN F 296 2.39 31.59 35.30
N ALA F 297 3.14 30.74 36.00
CA ALA F 297 2.52 29.71 36.82
C ALA F 297 1.74 30.35 37.96
N PRO F 298 0.54 29.85 38.28
CA PRO F 298 -0.16 28.72 37.64
C PRO F 298 -0.74 29.10 36.28
N ALA F 299 -0.47 28.30 35.25
CA ALA F 299 -0.94 28.59 33.92
C ALA F 299 -1.48 27.32 33.29
N ILE F 300 -2.33 27.50 32.28
CA ILE F 300 -2.93 26.39 31.55
C ILE F 300 -2.47 26.46 30.10
N ILE F 301 -1.85 25.40 29.62
CA ILE F 301 -1.50 25.26 28.21
C ILE F 301 -2.58 24.44 27.54
N PHE F 302 -3.23 25.01 26.52
CA PHE F 302 -4.26 24.31 25.77
C PHE F 302 -3.80 24.15 24.33
N ILE F 303 -3.90 22.94 23.81
CA ILE F 303 -3.48 22.60 22.46
C ILE F 303 -4.68 22.00 21.75
N ASP F 304 -5.46 22.84 21.07
CA ASP F 304 -6.55 22.34 20.25
C ASP F 304 -5.98 21.76 18.96
N GLU F 305 -6.73 20.80 18.39
CA GLU F 305 -6.29 20.06 17.21
C GLU F 305 -4.91 19.43 17.45
N LEU F 306 -4.80 18.74 18.60
CA LEU F 306 -3.54 18.09 18.94
C LEU F 306 -3.15 17.03 17.92
N ASP F 307 -4.14 16.42 17.26
CA ASP F 307 -3.84 15.44 16.22
C ASP F 307 -3.06 16.08 15.06
N ALA F 308 -3.28 17.38 14.82
CA ALA F 308 -2.50 18.06 13.80
C ALA F 308 -1.03 18.13 14.18
N ILE F 309 -0.73 18.54 15.42
CA ILE F 309 0.64 18.53 15.90
C ILE F 309 1.13 17.10 16.08
N ALA F 310 0.33 16.26 16.74
CA ALA F 310 0.75 14.92 17.15
C ALA F 310 -0.19 13.89 16.55
N PRO F 311 0.10 13.39 15.36
CA PRO F 311 -0.65 12.28 14.80
C PRO F 311 -0.11 10.96 15.33
N LYS F 312 -0.64 9.86 14.80
CA LYS F 312 -0.11 8.54 15.13
C LYS F 312 1.33 8.44 14.66
N ARG F 313 2.16 7.74 15.44
CA ARG F 313 3.59 7.70 15.14
C ARG F 313 3.85 6.99 13.83
N GLU F 314 3.10 5.92 13.55
CA GLU F 314 3.23 5.21 12.28
C GLU F 314 2.64 6.02 11.12
N LYS F 315 1.80 7.00 11.42
CA LYS F 315 1.10 7.75 10.38
C LYS F 315 1.76 9.07 10.04
N THR F 316 2.54 9.65 10.95
CA THR F 316 3.18 10.95 10.71
C THR F 316 4.25 10.77 9.64
N HIS F 317 3.92 11.16 8.41
CA HIS F 317 4.81 10.93 7.28
C HIS F 317 6.05 11.82 7.34
N GLY F 318 5.86 13.11 7.57
CA GLY F 318 6.97 14.06 7.49
C GLY F 318 7.86 14.00 8.73
N GLU F 319 9.16 14.08 8.49
CA GLU F 319 10.12 14.13 9.59
C GLU F 319 9.94 15.38 10.43
N VAL F 320 9.52 16.48 9.81
CA VAL F 320 9.27 17.71 10.55
C VAL F 320 8.15 17.49 11.58
N GLU F 321 7.09 16.79 11.17
CA GLU F 321 5.99 16.51 12.09
C GLU F 321 6.45 15.67 13.27
N ARG F 322 7.25 14.63 13.02
CA ARG F 322 7.78 13.82 14.12
C ARG F 322 8.67 14.64 15.03
N ARG F 323 9.48 15.52 14.46
CA ARG F 323 10.33 16.40 15.27
C ARG F 323 9.49 17.31 16.14
N ILE F 324 8.39 17.84 15.61
CA ILE F 324 7.50 18.69 16.39
C ILE F 324 6.84 17.88 17.50
N VAL F 325 6.43 16.65 17.21
CA VAL F 325 5.84 15.78 18.23
C VAL F 325 6.83 15.58 19.37
N SER F 326 8.08 15.26 19.02
CA SER F 326 9.09 15.02 20.04
C SER F 326 9.40 16.29 20.82
N GLN F 327 9.41 17.44 20.16
CA GLN F 327 9.64 18.70 20.85
C GLN F 327 8.53 18.97 21.86
N LEU F 328 7.28 18.71 21.48
CA LEU F 328 6.17 18.87 22.41
C LEU F 328 6.30 17.90 23.57
N LEU F 329 6.68 16.66 23.29
CA LEU F 329 6.85 15.67 24.36
C LEU F 329 7.92 16.12 25.34
N THR F 330 9.05 16.60 24.83
CA THR F 330 10.13 17.06 25.70
C THR F 330 9.71 18.28 26.51
N LEU F 331 8.98 19.20 25.89
CA LEU F 331 8.55 20.40 26.60
C LEU F 331 7.58 20.04 27.73
N MET F 332 6.64 19.12 27.46
CA MET F 332 5.72 18.72 28.51
C MET F 332 6.40 17.90 29.60
N ASP F 333 7.42 17.11 29.24
CA ASP F 333 8.19 16.41 30.27
C ASP F 333 8.98 17.40 31.12
N GLY F 334 9.52 18.45 30.50
CA GLY F 334 10.17 19.49 31.27
C GLY F 334 9.21 20.20 32.20
N LEU F 335 7.97 20.41 31.75
CA LEU F 335 6.94 20.91 32.66
C LEU F 335 6.71 19.94 33.81
N LYS F 336 6.67 18.64 33.51
CA LYS F 336 6.43 17.64 34.54
C LYS F 336 7.52 17.66 35.59
N GLN F 337 8.78 17.76 35.18
CA GLN F 337 9.87 17.68 36.14
C GLN F 337 10.00 18.97 36.95
N ARG F 338 9.85 20.13 36.30
CA ARG F 338 9.99 21.41 37.02
C ARG F 338 9.09 22.44 36.35
N ALA F 339 7.86 22.57 36.87
CA ALA F 339 6.92 23.61 36.48
C ALA F 339 5.67 23.53 37.33
N HIS F 340 4.71 24.43 37.06
CA HIS F 340 3.39 24.37 37.68
C HIS F 340 2.31 24.66 36.64
N VAL F 341 2.44 24.05 35.48
CA VAL F 341 1.56 24.30 34.34
C VAL F 341 0.78 23.03 34.03
N ILE F 342 -0.53 23.17 33.81
CA ILE F 342 -1.40 22.08 33.43
C ILE F 342 -1.65 22.16 31.93
N VAL F 343 -1.38 21.06 31.22
CA VAL F 343 -1.49 21.01 29.77
C VAL F 343 -2.81 20.36 29.41
N MET F 344 -3.59 21.04 28.57
CA MET F 344 -4.84 20.52 28.06
C MET F 344 -4.74 20.38 26.54
N ALA F 345 -5.46 19.40 26.00
CA ALA F 345 -5.41 19.12 24.57
C ALA F 345 -6.81 18.82 24.06
N ALA F 346 -7.02 19.14 22.78
CA ALA F 346 -8.29 18.87 22.12
C ALA F 346 -8.03 18.06 20.86
N THR F 347 -8.82 17.01 20.65
CA THR F 347 -8.70 16.17 19.47
C THR F 347 -10.05 15.53 19.18
N ASN F 348 -10.22 15.08 17.93
CA ASN F 348 -11.46 14.41 17.55
C ASN F 348 -11.60 13.08 18.28
N ARG F 349 -10.57 12.25 18.24
CA ARG F 349 -10.55 10.94 18.88
C ARG F 349 -9.27 10.79 19.69
N PRO F 350 -9.34 10.06 20.82
CA PRO F 350 -8.13 9.86 21.61
C PRO F 350 -7.06 9.06 20.89
N ASN F 351 -7.47 8.14 20.01
CA ASN F 351 -6.51 7.32 19.28
C ASN F 351 -5.91 8.05 18.08
N SER F 352 -6.51 9.16 17.65
CA SER F 352 -5.95 9.91 16.53
C SER F 352 -4.61 10.53 16.87
N ILE F 353 -4.37 10.82 18.14
CA ILE F 353 -3.11 11.40 18.59
C ILE F 353 -2.10 10.29 18.80
N ASP F 354 -0.83 10.66 18.95
CA ASP F 354 0.23 9.68 19.15
C ASP F 354 -0.01 8.92 20.45
N PRO F 355 0.12 7.60 20.46
CA PRO F 355 0.00 6.86 21.73
C PRO F 355 1.05 7.28 22.75
N ALA F 356 2.21 7.76 22.31
CA ALA F 356 3.21 8.24 23.25
C ALA F 356 2.73 9.48 24.00
N LEU F 357 1.81 10.25 23.41
CA LEU F 357 1.24 11.39 24.11
C LEU F 357 0.47 10.95 25.34
N ARG F 358 -0.32 9.88 25.21
CA ARG F 358 -1.13 9.36 26.31
C ARG F 358 -0.32 8.54 27.30
N ARG F 359 1.01 8.57 27.21
CA ARG F 359 1.84 7.84 28.17
C ARG F 359 1.65 8.42 29.56
N PHE F 360 1.75 7.54 30.57
CA PHE F 360 1.61 7.98 31.95
C PHE F 360 2.68 9.02 32.27
N GLY F 361 2.27 10.05 33.02
CA GLY F 361 3.10 11.20 33.28
C GLY F 361 2.90 12.34 32.30
N ARG F 362 2.56 12.02 31.05
CA ARG F 362 2.34 13.05 30.03
C ARG F 362 0.86 13.40 29.90
N PHE F 363 0.02 12.43 29.56
CA PHE F 363 -1.44 12.59 29.51
C PHE F 363 -2.05 11.44 30.29
N ASP F 364 -2.15 11.61 31.61
CA ASP F 364 -2.63 10.53 32.46
C ASP F 364 -4.14 10.36 32.34
N ARG F 365 -4.87 11.47 32.36
CA ARG F 365 -6.33 11.45 32.38
C ARG F 365 -6.87 12.05 31.10
N GLU F 366 -7.75 11.31 30.43
CA GLU F 366 -8.41 11.77 29.21
C GLU F 366 -9.88 11.99 29.52
N VAL F 367 -10.37 13.18 29.25
CA VAL F 367 -11.75 13.56 29.53
C VAL F 367 -12.54 13.52 28.23
N ASP F 368 -13.57 12.67 28.19
CA ASP F 368 -14.43 12.55 27.01
C ASP F 368 -15.48 13.65 27.07
N ILE F 369 -15.26 14.72 26.32
CA ILE F 369 -16.25 15.80 26.25
C ILE F 369 -17.57 15.27 25.72
N GLY F 370 -17.52 14.47 24.67
CA GLY F 370 -18.72 13.82 24.18
C GLY F 370 -19.68 14.79 23.53
N ILE F 371 -20.95 14.39 23.53
CA ILE F 371 -22.02 15.14 22.89
C ILE F 371 -23.03 15.57 23.95
N PRO F 372 -23.70 16.71 23.77
CA PRO F 372 -24.74 17.10 24.72
C PRO F 372 -26.03 16.34 24.48
N ASP F 373 -26.71 16.00 25.58
CA ASP F 373 -28.00 15.33 25.50
C ASP F 373 -29.10 16.37 25.32
N ALA F 374 -30.36 15.94 25.47
CA ALA F 374 -31.47 16.88 25.35
C ALA F 374 -31.37 17.98 26.39
N THR F 375 -31.10 17.61 27.64
CA THR F 375 -30.87 18.62 28.67
C THR F 375 -29.63 19.46 28.36
N GLY F 376 -28.57 18.81 27.87
CA GLY F 376 -27.37 19.54 27.50
C GLY F 376 -27.61 20.50 26.34
N ARG F 377 -28.33 20.05 25.33
CA ARG F 377 -28.68 20.94 24.22
C ARG F 377 -29.55 22.09 24.70
N LEU F 378 -30.47 21.82 25.63
CA LEU F 378 -31.27 22.88 26.21
C LEU F 378 -30.39 23.90 26.93
N GLU F 379 -29.42 23.43 27.71
CA GLU F 379 -28.52 24.33 28.41
C GLU F 379 -27.71 25.17 27.43
N ILE F 380 -27.21 24.54 26.36
CA ILE F 380 -26.42 25.27 25.38
C ILE F 380 -27.27 26.34 24.71
N LEU F 381 -28.51 25.99 24.33
CA LEU F 381 -29.40 26.96 23.70
C LEU F 381 -29.71 28.11 24.64
N GLN F 382 -29.95 27.81 25.92
CA GLN F 382 -30.21 28.86 26.89
C GLN F 382 -29.00 29.77 27.06
N ILE F 383 -27.79 29.19 27.03
CA ILE F 383 -26.57 29.99 27.12
C ILE F 383 -26.46 30.92 25.93
N HIS F 384 -26.71 30.40 24.73
CA HIS F 384 -26.57 31.21 23.52
C HIS F 384 -27.70 32.22 23.37
N THR F 385 -28.84 31.99 24.02
CA THR F 385 -29.95 32.93 23.97
C THR F 385 -30.02 33.84 25.19
N LYS F 386 -28.97 33.83 26.03
CA LYS F 386 -28.97 34.66 27.22
C LYS F 386 -29.03 36.15 26.86
N ASN F 387 -28.24 36.57 25.88
CA ASN F 387 -28.23 37.95 25.42
C ASN F 387 -29.09 38.18 24.19
N MET F 388 -29.85 37.17 23.77
CA MET F 388 -30.68 37.26 22.58
C MET F 388 -32.13 37.50 23.01
N LYS F 389 -32.73 38.57 22.48
CA LYS F 389 -34.13 38.89 22.76
C LYS F 389 -35.00 37.92 21.98
N LEU F 390 -35.53 36.92 22.67
CA LEU F 390 -36.30 35.85 22.05
C LEU F 390 -37.71 35.84 22.61
N ALA F 391 -38.68 35.49 21.75
CA ALA F 391 -40.07 35.54 22.13
C ALA F 391 -40.42 34.38 23.08
N ASP F 392 -41.68 34.36 23.52
CA ASP F 392 -42.15 33.32 24.43
C ASP F 392 -42.49 32.02 23.72
N ASP F 393 -42.59 32.02 22.40
CA ASP F 393 -42.91 30.82 21.65
C ASP F 393 -41.69 29.99 21.30
N VAL F 394 -40.51 30.34 21.81
CA VAL F 394 -39.29 29.63 21.47
C VAL F 394 -39.34 28.19 21.96
N ASP F 395 -39.95 27.96 23.13
CA ASP F 395 -40.08 26.64 23.77
C ASP F 395 -38.81 25.80 23.58
N LEU F 396 -37.71 26.33 24.12
CA LEU F 396 -36.40 25.71 23.92
C LEU F 396 -36.35 24.27 24.40
N GLU F 397 -37.26 23.87 25.31
CA GLU F 397 -37.37 22.46 25.66
C GLU F 397 -37.73 21.63 24.43
N GLN F 398 -38.71 22.10 23.66
CA GLN F 398 -39.09 21.39 22.45
C GLN F 398 -37.97 21.39 21.42
N VAL F 399 -37.25 22.51 21.29
CA VAL F 399 -36.14 22.58 20.34
C VAL F 399 -35.06 21.58 20.72
N ALA F 400 -34.69 21.56 22.00
CA ALA F 400 -33.64 20.65 22.45
C ALA F 400 -34.07 19.19 22.30
N ASN F 401 -35.33 18.88 22.63
CA ASN F 401 -35.82 17.51 22.45
C ASN F 401 -35.79 17.13 20.97
N GLU F 402 -36.16 18.07 20.09
CA GLU F 402 -36.08 17.81 18.67
C GLU F 402 -34.63 17.77 18.18
N THR F 403 -33.76 18.61 18.75
CA THR F 403 -32.40 18.72 18.24
C THR F 403 -31.65 17.41 18.46
N HIS F 404 -31.16 16.82 17.37
CA HIS F 404 -30.33 15.63 17.42
C HIS F 404 -29.20 15.78 16.41
N GLY F 405 -28.01 15.32 16.79
CA GLY F 405 -26.86 15.44 15.93
C GLY F 405 -26.15 16.78 15.98
N HIS F 406 -26.65 17.72 16.78
CA HIS F 406 -26.02 19.02 16.93
C HIS F 406 -25.26 19.05 18.25
N VAL F 407 -24.00 19.47 18.18
CA VAL F 407 -23.13 19.48 19.36
C VAL F 407 -22.53 20.88 19.51
N GLY F 408 -22.85 21.54 20.63
CA GLY F 408 -22.18 22.75 21.00
C GLY F 408 -22.22 23.85 19.97
N ALA F 409 -21.08 24.05 19.28
CA ALA F 409 -21.00 25.05 18.25
C ALA F 409 -22.04 24.86 17.15
N ASP F 410 -22.54 23.64 16.95
CA ASP F 410 -23.68 23.45 16.06
C ASP F 410 -24.90 24.20 16.57
N LEU F 411 -25.19 24.11 17.87
CA LEU F 411 -26.29 24.87 18.44
C LEU F 411 -26.01 26.36 18.43
N ALA F 412 -24.74 26.75 18.60
CA ALA F 412 -24.38 28.15 18.47
C ALA F 412 -24.68 28.68 17.08
N ALA F 413 -24.34 27.90 16.05
CA ALA F 413 -24.64 28.28 14.68
C ALA F 413 -26.15 28.29 14.45
N LEU F 414 -26.87 27.39 15.10
CA LEU F 414 -28.33 27.39 15.00
C LEU F 414 -28.92 28.69 15.54
N CYS F 415 -28.46 29.10 16.72
CA CYS F 415 -28.94 30.34 17.32
C CYS F 415 -28.55 31.53 16.45
N SER F 416 -27.33 31.52 15.91
CA SER F 416 -26.89 32.60 15.03
C SER F 416 -27.76 32.65 13.78
N GLU F 417 -28.11 31.50 13.21
CA GLU F 417 -28.95 31.46 12.03
C GLU F 417 -30.34 32.00 12.33
N ALA F 418 -30.90 31.62 13.49
CA ALA F 418 -32.21 32.15 13.87
C ALA F 418 -32.17 33.67 14.02
N ALA F 419 -31.14 34.18 14.70
CA ALA F 419 -31.01 35.62 14.87
C ALA F 419 -30.83 36.33 13.54
N LEU F 420 -30.02 35.76 12.65
CA LEU F 420 -29.79 36.37 11.34
C LEU F 420 -31.05 36.36 10.50
N GLN F 421 -31.84 35.29 10.58
CA GLN F 421 -33.11 35.27 9.86
C GLN F 421 -34.06 36.32 10.40
N ALA F 422 -34.11 36.48 11.73
CA ALA F 422 -34.96 37.53 12.30
C ALA F 422 -34.50 38.91 11.82
N ILE F 423 -33.19 39.14 11.80
CA ILE F 423 -32.67 40.43 11.35
C ILE F 423 -32.97 40.66 9.87
N ARG F 424 -32.82 39.63 9.05
CA ARG F 424 -33.09 39.79 7.62
C ARG F 424 -34.58 39.97 7.37
N LYS F 425 -35.44 39.47 8.26
CA LYS F 425 -36.87 39.71 8.14
C LYS F 425 -37.26 41.11 8.58
N LYS F 426 -36.58 41.66 9.59
CA LYS F 426 -36.95 42.96 10.14
C LYS F 426 -36.23 44.11 9.44
N MET F 427 -34.90 44.13 9.51
CA MET F 427 -34.11 45.23 8.98
C MET F 427 -34.27 45.37 7.47
N ASP F 428 -34.18 44.26 6.74
CA ASP F 428 -34.21 44.33 5.29
C ASP F 428 -35.58 44.70 4.74
N LEU F 429 -36.63 44.70 5.56
CA LEU F 429 -37.97 44.99 5.10
C LEU F 429 -38.59 46.23 5.74
N ILE F 430 -38.04 46.74 6.84
CA ILE F 430 -38.62 47.86 7.58
C ILE F 430 -37.87 49.16 7.31
N ASP F 431 -36.59 49.22 7.65
CA ASP F 431 -35.80 50.45 7.58
C ASP F 431 -35.03 50.46 6.27
N LEU F 432 -35.63 51.05 5.24
CA LEU F 432 -34.96 51.16 3.94
C LEU F 432 -34.68 52.61 3.55
N GLU F 433 -35.70 53.47 3.58
CA GLU F 433 -35.53 54.86 3.20
C GLU F 433 -36.00 55.84 4.26
N ASP F 434 -36.52 55.36 5.39
CA ASP F 434 -37.06 56.26 6.41
C ASP F 434 -35.98 57.16 6.99
N GLU F 435 -35.01 56.56 7.70
CA GLU F 435 -33.98 57.30 8.39
C GLU F 435 -32.95 56.29 8.90
N THR F 436 -31.74 56.79 9.18
CA THR F 436 -30.63 55.91 9.55
C THR F 436 -30.96 55.10 10.80
N ILE F 437 -30.40 53.89 10.86
CA ILE F 437 -30.72 52.97 11.95
C ILE F 437 -30.26 53.55 13.28
N ASP F 438 -31.11 53.39 14.30
CA ASP F 438 -30.81 53.80 15.67
C ASP F 438 -30.98 52.60 16.59
N ALA F 439 -30.79 52.83 17.89
CA ALA F 439 -30.83 51.74 18.86
C ALA F 439 -32.25 51.25 19.09
N GLU F 440 -33.25 52.10 18.89
CA GLU F 440 -34.63 51.72 19.18
C GLU F 440 -35.09 50.56 18.32
N VAL F 441 -34.78 50.60 17.02
CA VAL F 441 -35.22 49.53 16.13
C VAL F 441 -34.46 48.23 16.41
N MET F 442 -33.17 48.33 16.72
CA MET F 442 -32.40 47.10 16.92
C MET F 442 -32.75 46.42 18.24
N ASN F 443 -33.00 47.21 19.31
CA ASN F 443 -33.37 46.58 20.58
C ASN F 443 -34.78 46.04 20.56
N SER F 444 -35.60 46.43 19.59
CA SER F 444 -36.96 45.91 19.47
C SER F 444 -37.01 44.57 18.73
N LEU F 445 -35.88 44.09 18.22
CA LEU F 445 -35.86 42.83 17.50
C LEU F 445 -36.17 41.66 18.43
N ALA F 446 -37.01 40.75 17.96
CA ALA F 446 -37.39 39.56 18.71
C ALA F 446 -37.26 38.34 17.82
N VAL F 447 -36.78 37.24 18.41
CA VAL F 447 -36.62 35.98 17.71
C VAL F 447 -37.81 35.09 18.00
N THR F 448 -38.42 34.55 16.97
CA THR F 448 -39.64 33.78 17.07
C THR F 448 -39.36 32.29 16.87
N MET F 449 -40.40 31.48 17.04
CA MET F 449 -40.26 30.03 16.86
C MET F 449 -40.02 29.67 15.40
N ASP F 450 -40.59 30.44 14.47
CA ASP F 450 -40.42 30.13 13.06
C ASP F 450 -38.95 30.23 12.65
N ASP F 451 -38.23 31.20 13.22
CA ASP F 451 -36.79 31.30 12.93
C ASP F 451 -36.05 30.05 13.39
N PHE F 452 -36.38 29.55 14.59
CA PHE F 452 -35.73 28.34 15.08
C PHE F 452 -36.10 27.14 14.22
N ARG F 453 -37.36 27.05 13.78
CA ARG F 453 -37.76 25.95 12.92
C ARG F 453 -37.00 25.98 11.60
N TRP F 454 -36.86 27.17 11.01
CA TRP F 454 -36.12 27.31 9.77
C TRP F 454 -34.65 26.95 9.95
N ALA F 455 -34.07 27.38 11.08
CA ALA F 455 -32.68 27.02 11.36
C ALA F 455 -32.52 25.51 11.51
N LEU F 456 -33.46 24.86 12.21
CA LEU F 456 -33.42 23.41 12.34
C LEU F 456 -33.51 22.72 10.98
N SER F 457 -34.43 23.17 10.14
CA SER F 457 -34.74 22.43 8.92
C SER F 457 -33.74 22.73 7.80
N GLN F 458 -33.66 23.99 7.37
CA GLN F 458 -33.03 24.31 6.10
C GLN F 458 -31.54 24.63 6.23
N SER F 459 -31.12 25.25 7.32
CA SER F 459 -29.80 25.87 7.40
C SER F 459 -29.01 25.35 8.59
N ASN F 460 -28.97 24.03 8.76
CA ASN F 460 -28.12 23.48 9.79
C ASN F 460 -27.57 22.11 9.42
N PRO F 461 -26.26 22.00 9.19
CA PRO F 461 -25.66 20.67 8.98
C PRO F 461 -25.29 19.99 10.28
N SER F 462 -25.89 18.85 10.56
CA SER F 462 -25.57 18.10 11.77
C SER F 462 -24.27 17.33 11.56
N ALA F 463 -23.25 17.67 12.34
CA ALA F 463 -21.94 17.07 12.18
C ALA F 463 -21.78 15.76 12.95
N LEU F 464 -22.82 15.32 13.66
CA LEU F 464 -22.76 14.11 14.46
C LEU F 464 -23.42 12.96 13.73
N ARG F 465 -22.68 11.86 13.55
CA ARG F 465 -23.20 10.66 12.94
C ARG F 465 -22.82 9.38 13.68
N GLU F 466 -21.94 9.46 14.67
CA GLU F 466 -21.48 8.28 15.40
C GLU F 466 -22.45 7.94 16.51
N THR F 467 -22.03 7.06 17.41
CA THR F 467 -22.90 6.58 18.48
C THR F 467 -23.29 7.70 19.42
N VAL F 468 -24.51 7.62 19.94
CA VAL F 468 -25.02 8.60 20.89
C VAL F 468 -24.72 8.13 22.30
N VAL F 469 -24.22 9.04 23.14
CA VAL F 469 -23.89 8.75 24.53
C VAL F 469 -24.71 9.71 25.38
N GLU F 470 -25.85 9.25 25.86
CA GLU F 470 -26.73 10.10 26.65
C GLU F 470 -27.65 9.21 27.47
N VAL F 471 -28.29 9.82 28.46
CA VAL F 471 -29.31 9.13 29.26
C VAL F 471 -30.61 9.17 28.46
N PRO F 472 -31.14 8.03 28.06
CA PRO F 472 -32.36 8.03 27.26
C PRO F 472 -33.56 8.53 28.06
N GLN F 473 -34.49 9.17 27.35
CA GLN F 473 -35.68 9.72 27.97
C GLN F 473 -36.76 8.68 28.20
N VAL F 474 -36.59 7.46 27.71
CA VAL F 474 -37.58 6.41 27.90
C VAL F 474 -37.53 5.91 29.33
N THR F 475 -38.67 5.91 30.00
CA THR F 475 -38.78 5.47 31.38
C THR F 475 -39.58 4.17 31.44
N TRP F 476 -39.79 3.68 32.67
CA TRP F 476 -40.56 2.47 32.87
C TRP F 476 -42.02 2.66 32.44
N GLU F 477 -42.57 3.84 32.70
CA GLU F 477 -43.94 4.13 32.28
C GLU F 477 -44.09 4.09 30.76
N ASP F 478 -43.01 4.31 30.03
CA ASP F 478 -43.06 4.21 28.56
C ASP F 478 -43.17 2.79 28.07
N ILE F 479 -43.01 1.80 28.95
CA ILE F 479 -43.10 0.39 28.59
C ILE F 479 -44.35 -0.20 29.24
N GLY F 480 -45.07 -1.01 28.47
CA GLY F 480 -46.26 -1.68 28.96
C GLY F 480 -45.97 -3.14 29.25
N GLY F 481 -46.43 -3.59 30.42
CA GLY F 481 -46.25 -4.98 30.79
C GLY F 481 -44.80 -5.32 31.13
N LEU F 482 -44.49 -6.61 31.03
CA LEU F 482 -43.16 -7.14 31.33
C LEU F 482 -42.72 -6.75 32.74
N GLU F 483 -43.66 -6.82 33.69
CA GLU F 483 -43.36 -6.41 35.06
C GLU F 483 -42.29 -7.28 35.68
N ASP F 484 -42.37 -8.60 35.47
CA ASP F 484 -41.35 -9.49 35.99
C ASP F 484 -40.00 -9.22 35.34
N VAL F 485 -39.98 -9.00 34.02
CA VAL F 485 -38.75 -8.65 33.33
C VAL F 485 -38.22 -7.32 33.83
N LYS F 486 -39.12 -6.34 34.04
CA LYS F 486 -38.70 -5.06 34.58
C LYS F 486 -38.02 -5.23 35.93
N ARG F 487 -38.63 -6.02 36.81
CA ARG F 487 -38.06 -6.23 38.14
C ARG F 487 -36.71 -6.94 38.08
N GLU F 488 -36.62 -7.98 37.23
CA GLU F 488 -35.36 -8.71 37.11
C GLU F 488 -34.24 -7.81 36.58
N LEU F 489 -34.55 -7.01 35.57
CA LEU F 489 -33.55 -6.09 35.03
C LEU F 489 -33.17 -5.03 36.05
N GLN F 490 -34.15 -4.54 36.80
CA GLN F 490 -33.88 -3.57 37.86
C GLN F 490 -32.92 -4.17 38.88
N GLU F 491 -33.16 -5.40 39.30
CA GLU F 491 -32.20 -6.10 40.15
C GLU F 491 -30.82 -6.10 39.51
N LEU F 492 -30.72 -6.77 38.36
CA LEU F 492 -29.42 -7.05 37.75
C LEU F 492 -28.62 -5.79 37.48
N VAL F 493 -29.27 -4.65 37.32
CA VAL F 493 -28.54 -3.42 37.02
C VAL F 493 -28.34 -2.59 38.28
N GLN F 494 -29.44 -2.18 38.92
CA GLN F 494 -29.34 -1.27 40.06
C GLN F 494 -28.60 -1.91 41.22
N TYR F 495 -28.92 -3.16 41.57
CA TYR F 495 -28.38 -3.74 42.79
C TYR F 495 -26.86 -3.78 42.81
N PRO F 496 -26.14 -4.15 41.75
CA PRO F 496 -24.68 -4.04 41.79
C PRO F 496 -24.19 -2.61 41.97
N VAL F 497 -24.93 -1.61 41.45
CA VAL F 497 -24.47 -0.23 41.50
C VAL F 497 -25.11 0.57 42.64
N GLU F 498 -26.29 0.17 43.11
CA GLU F 498 -26.93 0.88 44.21
C GLU F 498 -26.58 0.28 45.57
N HIS F 499 -26.27 -1.01 45.62
CA HIS F 499 -25.88 -1.69 46.85
C HIS F 499 -24.61 -2.50 46.61
N PRO F 500 -23.48 -1.83 46.35
CA PRO F 500 -22.22 -2.57 46.18
C PRO F 500 -21.81 -3.32 47.43
N ASP F 501 -22.15 -2.79 48.61
CA ASP F 501 -21.77 -3.45 49.87
C ASP F 501 -22.43 -4.82 50.00
N LYS F 502 -23.70 -4.93 49.60
CA LYS F 502 -24.38 -6.22 49.69
C LYS F 502 -23.73 -7.25 48.77
N PHE F 503 -23.37 -6.85 47.55
CA PHE F 503 -22.70 -7.79 46.65
C PHE F 503 -21.32 -8.15 47.16
N LEU F 504 -20.59 -7.19 47.72
CA LEU F 504 -19.26 -7.48 48.26
C LEU F 504 -19.34 -8.39 49.47
N LYS F 505 -20.41 -8.29 50.26
CA LYS F 505 -20.56 -9.14 51.44
C LYS F 505 -20.62 -10.60 51.05
N PHE F 506 -21.38 -10.93 50.01
CA PHE F 506 -21.48 -12.29 49.53
C PHE F 506 -20.33 -12.60 48.57
N GLY F 507 -20.05 -13.88 48.42
CA GLY F 507 -18.95 -14.31 47.55
C GLY F 507 -19.39 -14.54 46.12
N MET F 508 -20.13 -13.59 45.57
CA MET F 508 -20.58 -13.67 44.18
C MET F 508 -20.26 -12.37 43.46
N THR F 509 -19.60 -12.49 42.31
CA THR F 509 -19.34 -11.34 41.47
C THR F 509 -20.61 -10.96 40.71
N PRO F 510 -21.05 -9.70 40.75
CA PRO F 510 -22.26 -9.32 40.03
C PRO F 510 -22.11 -9.54 38.53
N SER F 511 -23.22 -9.89 37.88
CA SER F 511 -23.21 -10.10 36.44
C SER F 511 -23.13 -8.77 35.71
N LYS F 512 -22.36 -8.74 34.63
CA LYS F 512 -22.14 -7.52 33.86
C LYS F 512 -22.80 -7.56 32.50
N GLY F 513 -23.75 -8.48 32.29
CA GLY F 513 -24.43 -8.57 31.01
C GLY F 513 -25.69 -9.38 31.11
N VAL F 514 -26.65 -9.05 30.24
CA VAL F 514 -27.89 -9.79 30.11
C VAL F 514 -28.27 -9.85 28.64
N LEU F 515 -28.95 -10.92 28.24
CA LEU F 515 -29.39 -11.10 26.86
C LEU F 515 -30.91 -11.07 26.82
N PHE F 516 -31.45 -10.28 25.90
CA PHE F 516 -32.89 -10.22 25.67
C PHE F 516 -33.21 -10.97 24.39
N TYR F 517 -34.06 -11.97 24.49
CA TYR F 517 -34.44 -12.78 23.34
C TYR F 517 -35.96 -12.95 23.32
N GLY F 518 -36.52 -12.93 22.12
CA GLY F 518 -37.95 -13.05 21.95
C GLY F 518 -38.39 -12.48 20.61
N PRO F 519 -39.70 -12.47 20.37
CA PRO F 519 -40.21 -11.93 19.12
C PRO F 519 -39.88 -10.45 18.97
N PRO F 520 -39.53 -10.01 17.77
CA PRO F 520 -39.28 -8.59 17.55
C PRO F 520 -40.53 -7.77 17.81
N GLY F 521 -40.34 -6.59 18.38
CA GLY F 521 -41.45 -5.72 18.70
C GLY F 521 -41.91 -5.75 20.12
N CYS F 522 -41.23 -6.47 21.01
CA CYS F 522 -41.64 -6.57 22.41
C CYS F 522 -40.98 -5.52 23.29
N GLY F 523 -40.13 -4.66 22.75
CA GLY F 523 -39.57 -3.56 23.50
C GLY F 523 -38.28 -3.84 24.22
N LYS F 524 -37.41 -4.68 23.67
CA LYS F 524 -36.09 -4.88 24.26
C LYS F 524 -35.29 -3.58 24.25
N THR F 525 -35.37 -2.84 23.15
CA THR F 525 -34.69 -1.55 23.08
C THR F 525 -35.22 -0.60 24.15
N LEU F 526 -36.54 -0.54 24.31
CA LEU F 526 -37.08 0.29 25.37
C LEU F 526 -36.71 -0.23 26.75
N LEU F 527 -36.59 -1.55 26.91
CA LEU F 527 -36.15 -2.09 28.19
C LEU F 527 -34.75 -1.59 28.54
N ALA F 528 -33.84 -1.63 27.57
CA ALA F 528 -32.50 -1.11 27.80
C ALA F 528 -32.53 0.39 28.08
N LYS F 529 -33.32 1.14 27.32
CA LYS F 529 -33.38 2.58 27.53
C LYS F 529 -33.95 2.91 28.91
N ALA F 530 -34.99 2.19 29.34
CA ALA F 530 -35.62 2.46 30.62
C ALA F 530 -34.70 2.07 31.77
N ILE F 531 -33.97 0.97 31.65
CA ILE F 531 -33.05 0.61 32.72
C ILE F 531 -31.88 1.59 32.77
N ALA F 532 -31.48 2.14 31.63
CA ALA F 532 -30.46 3.19 31.65
C ALA F 532 -30.99 4.46 32.30
N ASN F 533 -32.25 4.81 32.01
CA ASN F 533 -32.82 6.04 32.57
C ASN F 533 -33.06 5.91 34.07
N GLU F 534 -33.49 4.74 34.53
CA GLU F 534 -33.75 4.55 35.96
C GLU F 534 -32.47 4.72 36.78
N CYS F 535 -31.36 4.20 36.28
CA CYS F 535 -30.07 4.39 36.93
C CYS F 535 -29.43 5.72 36.58
N GLN F 536 -30.08 6.53 35.74
CA GLN F 536 -29.51 7.78 35.24
C GLN F 536 -28.16 7.52 34.56
N ALA F 537 -28.08 6.39 33.87
CA ALA F 537 -26.85 5.95 33.22
C ALA F 537 -26.94 6.18 31.72
N ASN F 538 -25.82 6.57 31.12
CA ASN F 538 -25.77 6.76 29.68
C ASN F 538 -26.02 5.44 28.97
N ALA F 539 -26.70 5.51 27.83
CA ALA F 539 -27.00 4.33 27.02
C ALA F 539 -26.41 4.51 25.64
N ILE F 540 -25.62 3.53 25.20
CA ILE F 540 -25.05 3.51 23.87
C ILE F 540 -25.66 2.31 23.15
N SER F 541 -26.66 2.58 22.31
CA SER F 541 -27.39 1.52 21.62
C SER F 541 -26.71 1.25 20.28
N ILE F 542 -26.03 0.13 20.17
CA ILE F 542 -25.42 -0.31 18.92
C ILE F 542 -26.43 -1.25 18.26
N LYS F 543 -27.14 -0.73 17.25
CA LYS F 543 -28.15 -1.51 16.57
C LYS F 543 -27.51 -2.49 15.60
N GLY F 544 -28.35 -3.34 15.00
CA GLY F 544 -27.91 -4.26 13.97
C GLY F 544 -27.22 -3.63 12.79
N PRO F 545 -27.70 -2.48 12.29
CA PRO F 545 -26.94 -1.80 11.24
C PRO F 545 -25.50 -1.51 11.60
N GLU F 546 -25.22 -1.10 12.83
CA GLU F 546 -23.83 -0.82 13.21
C GLU F 546 -23.00 -2.10 13.25
N LEU F 547 -23.57 -3.19 13.79
CA LEU F 547 -22.86 -4.46 13.82
C LEU F 547 -22.55 -4.95 12.41
N LEU F 548 -23.54 -4.87 11.51
CA LEU F 548 -23.31 -5.30 10.15
C LEU F 548 -22.36 -4.38 9.41
N THR F 549 -22.35 -3.09 9.76
CA THR F 549 -21.37 -2.18 9.16
C THR F 549 -19.96 -2.56 9.58
N MET F 550 -19.77 -2.89 10.86
CA MET F 550 -18.44 -3.30 11.31
C MET F 550 -18.04 -4.64 10.71
N TRP F 551 -19.00 -5.55 10.54
CA TRP F 551 -18.69 -6.87 9.97
C TRP F 551 -18.34 -6.77 8.50
N PHE F 552 -19.18 -6.07 7.71
CA PHE F 552 -18.95 -5.98 6.28
C PHE F 552 -17.69 -5.19 5.97
N GLY F 553 -17.44 -4.12 6.71
CA GLY F 553 -16.24 -3.33 6.52
C GLY F 553 -14.97 -3.99 6.99
N GLU F 554 -15.06 -5.18 7.58
CA GLU F 554 -13.90 -5.92 8.09
C GLU F 554 -13.14 -5.12 9.14
N SER F 555 -13.84 -4.22 9.83
CA SER F 555 -13.25 -3.40 10.88
C SER F 555 -13.92 -3.79 12.19
N GLU F 556 -13.38 -4.85 12.81
CA GLU F 556 -13.86 -5.27 14.12
C GLU F 556 -13.28 -4.43 15.24
N ALA F 557 -12.22 -3.66 14.96
CA ALA F 557 -11.58 -2.83 15.97
C ALA F 557 -12.47 -1.68 16.44
N ASN F 558 -13.56 -1.39 15.72
CA ASN F 558 -14.47 -0.33 16.17
C ASN F 558 -15.12 -0.69 17.50
N VAL F 559 -15.30 -1.98 17.78
CA VAL F 559 -15.84 -2.42 19.05
C VAL F 559 -14.94 -1.97 20.19
N ARG F 560 -13.64 -1.86 19.94
CA ARG F 560 -12.71 -1.43 20.99
C ARG F 560 -13.06 -0.02 21.48
N GLU F 561 -13.17 0.94 20.56
CA GLU F 561 -13.51 2.29 21.02
C GLU F 561 -14.98 2.42 21.39
N ILE F 562 -15.84 1.53 20.89
CA ILE F 562 -17.22 1.52 21.39
C ILE F 562 -17.23 1.18 22.88
N PHE F 563 -16.50 0.13 23.26
CA PHE F 563 -16.42 -0.23 24.66
C PHE F 563 -15.67 0.82 25.47
N ASP F 564 -14.68 1.49 24.86
CA ASP F 564 -13.99 2.57 25.55
C ASP F 564 -14.95 3.72 25.85
N LYS F 565 -15.80 4.07 24.87
CA LYS F 565 -16.81 5.11 25.11
C LYS F 565 -17.79 4.69 26.18
N ALA F 566 -18.21 3.42 26.17
CA ALA F 566 -19.12 2.93 27.20
C ALA F 566 -18.47 3.01 28.57
N ARG F 567 -17.20 2.62 28.69
CA ARG F 567 -16.50 2.65 29.96
C ARG F 567 -16.31 4.08 30.45
N GLN F 568 -15.95 5.00 29.55
CA GLN F 568 -15.75 6.40 29.92
C GLN F 568 -17.05 7.05 30.35
N ALA F 569 -18.20 6.51 29.98
CA ALA F 569 -19.50 7.01 30.39
C ALA F 569 -20.08 6.25 31.57
N ALA F 570 -19.21 5.75 32.46
CA ALA F 570 -19.69 4.98 33.60
C ALA F 570 -20.47 5.87 34.55
N PRO F 571 -21.64 5.44 35.02
CA PRO F 571 -22.30 4.17 34.72
C PRO F 571 -22.96 4.19 33.34
N CYS F 572 -22.88 3.09 32.60
CA CYS F 572 -23.40 3.03 31.25
C CYS F 572 -24.08 1.70 31.01
N VAL F 573 -25.09 1.72 30.16
CA VAL F 573 -25.80 0.52 29.72
C VAL F 573 -25.47 0.36 28.24
N LEU F 574 -24.54 -0.55 27.94
CA LEU F 574 -24.06 -0.75 26.58
C LEU F 574 -25.03 -1.70 25.88
N PHE F 575 -25.97 -1.14 25.13
CA PHE F 575 -27.00 -1.93 24.47
C PHE F 575 -26.56 -2.33 23.08
N PHE F 576 -26.74 -3.61 22.74
CA PHE F 576 -26.43 -4.15 21.43
C PHE F 576 -27.73 -4.64 20.80
N ASP F 577 -28.43 -3.73 20.14
CA ASP F 577 -29.68 -4.09 19.48
C ASP F 577 -29.40 -4.99 18.27
N GLU F 578 -30.25 -6.00 18.09
CA GLU F 578 -30.12 -6.97 17.00
C GLU F 578 -28.73 -7.60 17.00
N LEU F 579 -28.40 -8.23 18.13
CA LEU F 579 -27.10 -8.88 18.26
C LEU F 579 -26.93 -10.04 17.31
N ASP F 580 -28.02 -10.58 16.78
CA ASP F 580 -27.98 -11.68 15.82
C ASP F 580 -27.98 -11.19 14.38
N SER F 581 -27.82 -9.89 14.16
CA SER F 581 -27.83 -9.34 12.80
C SER F 581 -26.70 -9.92 11.97
N ILE F 582 -25.50 -10.04 12.56
CA ILE F 582 -24.38 -10.62 11.82
C ILE F 582 -24.60 -12.11 11.60
N ALA F 583 -25.09 -12.81 12.62
CA ALA F 583 -25.40 -14.21 12.48
C ALA F 583 -26.54 -14.46 11.50
N LYS F 584 -27.39 -13.46 11.26
CA LYS F 584 -28.47 -13.59 10.29
C LYS F 584 -28.03 -13.24 8.88
N ALA F 585 -27.11 -12.27 8.74
CA ALA F 585 -26.58 -11.96 7.42
C ALA F 585 -25.68 -13.08 6.91
N ARG F 586 -24.91 -13.69 7.80
CA ARG F 586 -24.07 -14.83 7.45
C ARG F 586 -24.85 -16.14 7.51
N GLY F 587 -25.99 -16.17 6.83
CA GLY F 587 -26.84 -17.33 6.79
C GLY F 587 -28.00 -17.24 7.76
N GLY F 588 -29.00 -18.08 7.53
CA GLY F 588 -30.18 -18.10 8.36
C GLY F 588 -30.05 -18.98 9.58
N ASN F 589 -30.99 -19.92 9.75
CA ASN F 589 -30.92 -20.84 10.89
C ASN F 589 -29.66 -21.69 10.83
N ILE F 590 -29.52 -22.49 9.77
CA ILE F 590 -28.30 -23.26 9.57
C ILE F 590 -27.29 -22.49 8.73
N GLY F 591 -27.77 -21.66 7.80
CA GLY F 591 -26.89 -20.79 7.03
C GLY F 591 -25.92 -21.56 6.17
N ASP F 592 -24.72 -21.00 6.03
CA ASP F 592 -23.66 -21.61 5.25
C ASP F 592 -23.05 -22.77 6.04
N GLY F 593 -21.98 -23.35 5.52
CA GLY F 593 -21.30 -24.43 6.21
C GLY F 593 -20.47 -24.01 7.39
N GLY F 594 -20.30 -22.70 7.60
CA GLY F 594 -19.51 -22.19 8.70
C GLY F 594 -20.24 -22.25 10.03
N GLY F 595 -19.54 -21.85 11.08
CA GLY F 595 -20.08 -21.86 12.43
C GLY F 595 -20.88 -20.62 12.73
N ALA F 596 -21.08 -20.39 14.04
CA ALA F 596 -21.89 -19.27 14.49
C ALA F 596 -21.06 -18.08 14.97
N ALA F 597 -19.77 -18.27 15.22
CA ALA F 597 -18.95 -17.16 15.70
C ALA F 597 -18.67 -16.17 14.58
N ASP F 598 -18.61 -14.89 14.95
CA ASP F 598 -18.40 -13.81 14.01
C ASP F 598 -17.32 -12.87 14.54
N ARG F 599 -16.64 -12.18 13.61
CA ARG F 599 -15.50 -11.36 14.00
C ARG F 599 -15.92 -10.22 14.92
N VAL F 600 -17.03 -9.54 14.61
CA VAL F 600 -17.48 -8.45 15.47
C VAL F 600 -18.00 -8.99 16.79
N ILE F 601 -18.74 -10.11 16.74
CA ILE F 601 -19.18 -10.77 17.96
C ILE F 601 -17.98 -11.22 18.77
N ASN F 602 -16.93 -11.69 18.08
CA ASN F 602 -15.72 -12.10 18.77
C ASN F 602 -15.05 -10.92 19.47
N GLN F 603 -15.00 -9.76 18.80
CA GLN F 603 -14.42 -8.58 19.42
C GLN F 603 -15.26 -8.13 20.61
N ILE F 604 -16.58 -8.25 20.50
CA ILE F 604 -17.46 -7.95 21.63
C ILE F 604 -17.15 -8.87 22.81
N LEU F 605 -16.97 -10.16 22.53
CA LEU F 605 -16.62 -11.11 23.57
C LEU F 605 -15.29 -10.77 24.22
N THR F 606 -14.30 -10.42 23.42
CA THR F 606 -12.99 -10.05 23.95
C THR F 606 -13.09 -8.81 24.84
N GLU F 607 -13.84 -7.80 24.39
CA GLU F 607 -13.99 -6.58 25.18
C GLU F 607 -14.72 -6.86 26.49
N MET F 608 -15.79 -7.66 26.43
CA MET F 608 -16.53 -7.99 27.66
C MET F 608 -15.65 -8.77 28.62
N ASP F 609 -14.84 -9.70 28.12
CA ASP F 609 -13.90 -10.40 28.99
C ASP F 609 -12.88 -9.45 29.58
N GLY F 610 -12.48 -8.43 28.82
CA GLY F 610 -11.58 -7.42 29.31
C GLY F 610 -12.22 -6.30 30.09
N MET F 611 -13.55 -6.32 30.24
CA MET F 611 -14.26 -5.27 30.95
C MET F 611 -14.45 -5.67 32.41
N SER F 612 -13.99 -4.83 33.32
CA SER F 612 -14.20 -5.08 34.74
C SER F 612 -15.66 -4.82 35.12
N THR F 613 -16.20 -5.72 35.94
CA THR F 613 -17.59 -5.57 36.38
C THR F 613 -17.77 -4.31 37.23
N LYS F 614 -16.76 -3.99 38.05
CA LYS F 614 -16.82 -2.82 38.92
C LYS F 614 -17.03 -1.54 38.14
N LYS F 615 -16.61 -1.50 36.88
CA LYS F 615 -16.76 -0.33 36.03
C LYS F 615 -18.22 0.02 35.79
N ASN F 616 -19.15 -0.76 36.35
CA ASN F 616 -20.60 -0.55 36.27
C ASN F 616 -21.03 -0.13 34.86
N VAL F 617 -20.49 -0.85 33.88
CA VAL F 617 -20.88 -0.75 32.48
C VAL F 617 -21.60 -2.04 32.14
N PHE F 618 -22.90 -1.95 31.92
CA PHE F 618 -23.74 -3.12 31.69
C PHE F 618 -23.98 -3.31 30.20
N ILE F 619 -23.87 -4.55 29.75
CA ILE F 619 -24.05 -4.91 28.35
C ILE F 619 -25.37 -5.63 28.20
N ILE F 620 -26.24 -5.11 27.34
CA ILE F 620 -27.55 -5.71 27.08
C ILE F 620 -27.60 -6.07 25.60
N GLY F 621 -27.94 -7.33 25.33
CA GLY F 621 -28.05 -7.79 23.96
C GLY F 621 -29.46 -8.22 23.59
N ALA F 622 -29.94 -7.75 22.45
CA ALA F 622 -31.27 -8.09 21.95
C ALA F 622 -31.12 -8.96 20.71
N THR F 623 -31.74 -10.14 20.74
CA THR F 623 -31.68 -11.08 19.63
C THR F 623 -33.09 -11.52 19.28
N ASN F 624 -33.50 -11.29 18.03
CA ASN F 624 -34.76 -11.84 17.55
C ASN F 624 -34.63 -13.30 17.15
N ARG F 625 -33.41 -13.80 16.97
CA ARG F 625 -33.15 -15.20 16.68
C ARG F 625 -32.07 -15.68 17.63
N PRO F 626 -32.42 -15.98 18.87
CA PRO F 626 -31.42 -16.44 19.85
C PRO F 626 -30.75 -17.75 19.46
N ASP F 627 -31.40 -18.58 18.65
CA ASP F 627 -30.84 -19.87 18.28
C ASP F 627 -29.69 -19.75 17.30
N ILE F 628 -29.59 -18.63 16.58
CA ILE F 628 -28.53 -18.47 15.59
C ILE F 628 -27.28 -17.80 16.14
N ILE F 629 -27.36 -17.22 17.34
CA ILE F 629 -26.18 -16.60 17.92
C ILE F 629 -25.22 -17.67 18.43
N ASP F 630 -23.96 -17.30 18.53
CA ASP F 630 -22.95 -18.25 18.99
C ASP F 630 -23.12 -18.50 20.48
N PRO F 631 -23.08 -19.76 20.93
CA PRO F 631 -23.19 -20.03 22.37
C PRO F 631 -22.04 -19.46 23.18
N ALA F 632 -20.93 -19.10 22.54
CA ALA F 632 -19.80 -18.54 23.27
C ALA F 632 -20.17 -17.23 23.96
N ILE F 633 -21.14 -16.49 23.42
CA ILE F 633 -21.60 -15.29 24.08
C ILE F 633 -22.51 -15.61 25.27
N LEU F 634 -23.05 -16.83 25.32
CA LEU F 634 -23.90 -17.27 26.41
C LEU F 634 -23.13 -17.91 27.55
N ARG F 635 -21.80 -17.95 27.47
CA ARG F 635 -21.01 -18.53 28.54
C ARG F 635 -21.17 -17.69 29.80
N PRO F 636 -21.14 -18.30 30.98
CA PRO F 636 -21.27 -17.53 32.22
C PRO F 636 -20.16 -16.51 32.34
N GLY F 637 -20.52 -15.32 32.85
CA GLY F 637 -19.60 -14.21 32.99
C GLY F 637 -19.76 -13.13 31.94
N ARG F 638 -20.42 -13.42 30.82
CA ARG F 638 -20.67 -12.42 29.79
C ARG F 638 -22.15 -12.13 29.63
N LEU F 639 -22.96 -13.13 29.31
CA LEU F 639 -24.40 -12.96 29.14
C LEU F 639 -25.13 -14.14 29.76
N ASP F 640 -24.73 -14.50 30.99
CA ASP F 640 -25.28 -15.69 31.63
C ASP F 640 -26.79 -15.59 31.85
N GLN F 641 -27.31 -14.38 32.01
CA GLN F 641 -28.75 -14.19 32.18
C GLN F 641 -29.42 -14.06 30.82
N LEU F 642 -30.29 -15.01 30.48
CA LEU F 642 -31.04 -15.00 29.24
C LEU F 642 -32.49 -14.66 29.59
N ILE F 643 -32.79 -13.37 29.62
CA ILE F 643 -34.13 -12.89 29.97
C ILE F 643 -35.02 -13.01 28.74
N TYR F 644 -36.09 -13.80 28.86
CA TYR F 644 -37.01 -13.97 27.76
C TYR F 644 -38.03 -12.84 27.76
N ILE F 645 -38.17 -12.18 26.61
CA ILE F 645 -39.16 -11.12 26.45
C ILE F 645 -40.36 -11.71 25.72
N PRO F 646 -41.38 -12.17 26.42
CA PRO F 646 -42.48 -12.89 25.77
C PRO F 646 -43.40 -11.96 25.01
N LEU F 647 -44.19 -12.56 24.13
CA LEU F 647 -45.22 -11.82 23.42
C LEU F 647 -46.25 -11.31 24.41
N PRO F 648 -46.59 -10.02 24.37
CA PRO F 648 -47.46 -9.46 25.41
C PRO F 648 -48.83 -10.14 25.44
N ASP F 649 -49.33 -10.35 26.65
CA ASP F 649 -50.67 -10.90 26.86
C ASP F 649 -51.66 -9.75 27.00
N GLU F 650 -52.87 -10.06 27.48
CA GLU F 650 -53.93 -9.06 27.55
C GLU F 650 -53.52 -7.87 28.41
N LYS F 651 -53.07 -8.13 29.63
CA LYS F 651 -52.67 -7.05 30.53
C LYS F 651 -51.48 -6.28 29.97
N SER F 652 -50.48 -6.99 29.44
CA SER F 652 -49.33 -6.33 28.87
C SER F 652 -49.71 -5.48 27.67
N ARG F 653 -50.59 -6.01 26.80
CA ARG F 653 -51.03 -5.23 25.65
C ARG F 653 -51.81 -3.99 26.07
N VAL F 654 -52.66 -4.13 27.10
CA VAL F 654 -53.38 -2.97 27.61
C VAL F 654 -52.42 -1.91 28.12
N ALA F 655 -51.40 -2.33 28.88
CA ALA F 655 -50.42 -1.39 29.40
C ALA F 655 -49.63 -0.75 28.27
N ILE F 656 -49.28 -1.51 27.23
CA ILE F 656 -48.56 -0.96 26.09
C ILE F 656 -49.40 0.09 25.39
N LEU F 657 -50.69 -0.19 25.19
CA LEU F 657 -51.57 0.79 24.56
C LEU F 657 -51.71 2.04 25.41
N LYS F 658 -51.82 1.87 26.74
CA LYS F 658 -51.89 3.03 27.62
C LYS F 658 -50.63 3.87 27.52
N ALA F 659 -49.46 3.22 27.48
CA ALA F 659 -48.20 3.96 27.38
C ALA F 659 -48.08 4.68 26.05
N ASN F 660 -48.50 4.04 24.96
CA ASN F 660 -48.34 4.66 23.65
C ASN F 660 -49.32 5.81 23.44
N LEU F 661 -50.57 5.63 23.85
CA LEU F 661 -51.59 6.64 23.61
C LEU F 661 -51.46 7.85 24.53
N ARG F 662 -50.53 7.83 25.49
CA ARG F 662 -50.35 8.98 26.36
C ARG F 662 -49.85 10.20 25.61
N LYS F 663 -49.26 10.01 24.42
CA LYS F 663 -48.75 11.12 23.64
C LYS F 663 -49.79 11.62 22.64
N SER F 664 -50.36 10.72 21.85
CA SER F 664 -51.35 11.10 20.86
C SER F 664 -52.70 11.34 21.52
N PRO F 665 -53.31 12.51 21.37
CA PRO F 665 -54.64 12.75 21.96
C PRO F 665 -55.67 11.80 21.36
N VAL F 666 -56.27 10.98 22.22
CA VAL F 666 -57.25 9.99 21.81
C VAL F 666 -58.55 10.25 22.55
N ALA F 667 -59.67 10.09 21.85
CA ALA F 667 -60.98 10.29 22.45
C ALA F 667 -61.24 9.21 23.51
N LYS F 668 -62.01 9.58 24.53
CA LYS F 668 -62.33 8.65 25.61
C LYS F 668 -63.20 7.49 25.15
N ASP F 669 -63.81 7.58 23.97
CA ASP F 669 -64.62 6.48 23.45
C ASP F 669 -63.78 5.26 23.12
N VAL F 670 -62.45 5.41 23.03
CA VAL F 670 -61.60 4.27 22.71
C VAL F 670 -61.68 3.25 23.85
N ASP F 671 -61.59 1.97 23.49
CA ASP F 671 -61.69 0.85 24.43
C ASP F 671 -60.43 -0.01 24.36
N LEU F 672 -59.41 0.39 25.14
CA LEU F 672 -58.11 -0.25 25.04
C LEU F 672 -58.16 -1.72 25.43
N GLU F 673 -58.96 -2.07 26.45
CA GLU F 673 -59.07 -3.48 26.83
C GLU F 673 -59.65 -4.31 25.71
N PHE F 674 -60.71 -3.81 25.06
CA PHE F 674 -61.29 -4.52 23.93
C PHE F 674 -60.30 -4.62 22.78
N LEU F 675 -59.59 -3.52 22.49
CA LEU F 675 -58.61 -3.55 21.41
C LEU F 675 -57.52 -4.57 21.67
N ALA F 676 -57.05 -4.66 22.92
CA ALA F 676 -56.08 -5.67 23.27
C ALA F 676 -56.64 -7.07 23.13
N LYS F 677 -57.91 -7.25 23.51
CA LYS F 677 -58.50 -8.59 23.43
C LYS F 677 -58.74 -9.02 21.99
N MET F 678 -58.92 -8.08 21.06
CA MET F 678 -58.92 -8.47 19.65
C MET F 678 -57.52 -8.86 19.19
N THR F 679 -56.52 -8.08 19.58
CA THR F 679 -55.13 -8.30 19.15
C THR F 679 -54.58 -9.49 19.93
N ASN F 680 -54.72 -10.68 19.37
CA ASN F 680 -54.18 -11.90 19.95
C ASN F 680 -52.74 -12.07 19.51
N GLY F 681 -51.82 -12.12 20.46
CA GLY F 681 -50.41 -12.31 20.15
C GLY F 681 -49.81 -11.17 19.36
N PHE F 682 -50.06 -9.93 19.80
CA PHE F 682 -49.54 -8.75 19.13
C PHE F 682 -48.39 -8.16 19.94
N SER F 683 -47.29 -7.84 19.26
CA SER F 683 -46.14 -7.25 19.92
C SER F 683 -46.36 -5.76 20.19
N GLY F 684 -45.53 -5.21 21.07
CA GLY F 684 -45.67 -3.80 21.42
C GLY F 684 -45.42 -2.88 20.24
N ALA F 685 -44.38 -3.14 19.46
CA ALA F 685 -44.13 -2.31 18.29
C ALA F 685 -45.20 -2.50 17.23
N ASP F 686 -45.88 -3.66 17.21
CA ASP F 686 -47.04 -3.79 16.34
C ASP F 686 -48.22 -2.98 16.85
N LEU F 687 -48.34 -2.78 18.16
CA LEU F 687 -49.35 -1.86 18.68
C LEU F 687 -49.00 -0.42 18.35
N THR F 688 -47.72 -0.07 18.37
CA THR F 688 -47.34 1.27 17.93
C THR F 688 -47.56 1.44 16.43
N GLU F 689 -47.41 0.37 15.64
CA GLU F 689 -47.80 0.43 14.24
C GLU F 689 -49.32 0.54 14.10
N ILE F 690 -50.07 -0.03 15.03
CA ILE F 690 -51.51 0.17 15.08
C ILE F 690 -51.84 1.64 15.25
N CYS F 691 -51.15 2.32 16.17
CA CYS F 691 -51.33 3.76 16.25
C CYS F 691 -50.83 4.44 14.98
N GLN F 692 -49.73 3.98 14.41
CA GLN F 692 -49.29 4.57 13.16
C GLN F 692 -50.44 4.62 12.16
N ARG F 693 -51.10 3.47 11.96
CA ARG F 693 -52.24 3.40 11.06
C ARG F 693 -53.38 4.32 11.52
N ALA F 694 -53.89 4.12 12.73
CA ALA F 694 -55.10 4.81 13.15
C ALA F 694 -54.87 6.30 13.39
N CYS F 695 -53.81 6.63 14.14
CA CYS F 695 -53.42 8.01 14.36
C CYS F 695 -53.11 8.73 13.04
N LYS F 696 -52.53 8.03 12.07
CA LYS F 696 -52.29 8.64 10.77
C LYS F 696 -53.60 8.85 10.02
N LEU F 697 -54.54 7.93 10.15
CA LEU F 697 -55.86 8.13 9.56
C LEU F 697 -56.54 9.35 10.17
N ALA F 698 -56.38 9.54 11.48
CA ALA F 698 -56.92 10.73 12.12
C ALA F 698 -56.26 12.00 11.60
N ILE F 699 -54.94 11.96 11.42
CA ILE F 699 -54.23 13.12 10.88
C ILE F 699 -54.72 13.43 9.47
N ARG F 700 -54.87 12.39 8.64
CA ARG F 700 -55.34 12.58 7.28
C ARG F 700 -56.78 13.12 7.27
N GLU F 701 -57.61 12.62 8.17
CA GLU F 701 -58.98 13.14 8.28
C GLU F 701 -58.98 14.61 8.65
N SER F 702 -58.13 15.01 9.60
CA SER F 702 -58.03 16.40 9.97
C SER F 702 -57.56 17.25 8.80
N ILE F 703 -56.55 16.78 8.06
CA ILE F 703 -56.02 17.54 6.95
C ILE F 703 -57.07 17.69 5.85
N GLU F 704 -57.77 16.61 5.51
CA GLU F 704 -58.77 16.68 4.45
C GLU F 704 -59.95 17.54 4.88
N SER F 705 -60.33 17.49 6.16
CA SER F 705 -61.38 18.37 6.65
C SER F 705 -60.94 19.83 6.54
N GLU F 706 -59.69 20.12 6.90
CA GLU F 706 -59.19 21.49 6.78
C GLU F 706 -59.22 21.97 5.34
N ILE F 707 -58.76 21.13 4.41
CA ILE F 707 -58.69 21.58 3.02
C ILE F 707 -60.08 21.74 2.42
N ARG F 708 -61.01 20.83 2.76
CA ARG F 708 -62.37 20.98 2.24
C ARG F 708 -63.07 22.18 2.85
N ARG F 709 -62.82 22.46 4.12
CA ARG F 709 -63.36 23.66 4.74
C ARG F 709 -62.79 24.91 4.09
N GLU F 710 -61.50 24.89 3.75
CA GLU F 710 -60.89 26.01 3.04
C GLU F 710 -61.53 26.20 1.67
N ARG F 711 -61.78 25.10 0.96
CA ARG F 711 -62.27 25.20 -0.41
C ARG F 711 -63.76 25.54 -0.48
N GLU F 712 -64.55 25.16 0.52
CA GLU F 712 -66.00 25.29 0.39
C GLU F 712 -66.46 26.75 0.41
N ARG F 713 -65.89 27.57 1.31
CA ARG F 713 -66.38 28.92 1.48
C ARG F 713 -65.69 29.93 0.56
N GLN F 714 -64.64 29.52 -0.16
CA GLN F 714 -63.96 30.44 -1.05
C GLN F 714 -64.82 30.86 -2.23
N THR F 715 -65.85 30.09 -2.57
CA THR F 715 -66.74 30.46 -3.66
C THR F 715 -67.64 31.62 -3.27
N ASN F 716 -68.18 31.60 -2.06
CA ASN F 716 -69.08 32.66 -1.61
C ASN F 716 -68.30 33.92 -1.29
N PRO F 717 -68.59 35.05 -1.94
CA PRO F 717 -67.88 36.31 -1.63
C PRO F 717 -68.47 37.03 -0.44
N SER F 718 -68.33 36.42 0.74
CA SER F 718 -68.87 36.97 1.98
C SER F 718 -67.73 37.59 2.78
N ALA F 719 -67.89 38.87 3.14
CA ALA F 719 -66.85 39.56 3.90
C ALA F 719 -66.68 38.95 5.29
N MET F 720 -67.78 38.62 5.96
CA MET F 720 -67.75 38.06 7.31
C MET F 720 -68.61 36.80 7.30
N GLU F 721 -67.96 35.65 7.06
CA GLU F 721 -68.61 34.35 7.15
C GLU F 721 -67.54 33.34 7.54
N VAL F 722 -67.40 33.10 8.84
CA VAL F 722 -66.39 32.20 9.38
C VAL F 722 -67.09 31.30 10.41
N GLU F 723 -67.37 30.06 10.02
CA GLU F 723 -67.91 29.06 10.93
C GLU F 723 -66.75 28.21 11.45
N GLU F 724 -65.91 28.86 12.27
CA GLU F 724 -64.70 28.23 12.75
C GLU F 724 -65.02 27.17 13.80
N ASP F 725 -64.57 25.94 13.57
CA ASP F 725 -64.76 24.85 14.51
C ASP F 725 -63.74 23.75 14.18
N ASP F 726 -63.12 23.21 15.22
CA ASP F 726 -62.16 22.13 15.01
C ASP F 726 -62.88 20.87 14.56
N PRO F 727 -62.45 20.23 13.47
CA PRO F 727 -63.11 18.99 13.02
C PRO F 727 -63.03 17.90 14.06
N VAL F 728 -61.82 17.55 14.47
CA VAL F 728 -61.59 16.59 15.55
C VAL F 728 -60.16 16.77 16.07
N PRO F 729 -59.97 16.99 17.37
CA PRO F 729 -58.62 17.17 17.90
C PRO F 729 -58.03 15.87 18.44
N GLU F 730 -58.85 14.82 18.50
CA GLU F 730 -58.46 13.54 19.07
C GLU F 730 -58.63 12.44 18.03
N ILE F 731 -58.46 11.20 18.47
CA ILE F 731 -58.61 10.02 17.62
C ILE F 731 -59.80 9.22 18.15
N ARG F 732 -60.78 8.99 17.28
CA ARG F 732 -61.97 8.27 17.66
C ARG F 732 -61.79 6.77 17.42
N ARG F 733 -62.77 5.99 17.91
CA ARG F 733 -62.70 4.54 17.76
C ARG F 733 -62.84 4.09 16.32
N ASP F 734 -63.39 4.94 15.43
CA ASP F 734 -63.50 4.58 14.02
C ASP F 734 -62.12 4.41 13.39
N HIS F 735 -61.18 5.29 13.74
CA HIS F 735 -59.83 5.16 13.22
C HIS F 735 -59.17 3.87 13.68
N PHE F 736 -59.37 3.50 14.95
CA PHE F 736 -58.80 2.26 15.45
C PHE F 736 -59.45 1.04 14.79
N GLU F 737 -60.75 1.11 14.54
CA GLU F 737 -61.42 0.01 13.83
C GLU F 737 -60.90 -0.12 12.41
N GLU F 738 -60.67 1.01 11.74
CA GLU F 738 -60.09 0.97 10.40
C GLU F 738 -58.68 0.39 10.44
N ALA F 739 -57.90 0.74 11.46
CA ALA F 739 -56.57 0.16 11.61
C ALA F 739 -56.65 -1.34 11.82
N MET F 740 -57.60 -1.80 12.64
CA MET F 740 -57.81 -3.24 12.80
C MET F 740 -58.17 -3.91 11.49
N ARG F 741 -59.00 -3.25 10.69
CA ARG F 741 -59.32 -3.80 9.37
C ARG F 741 -58.10 -3.80 8.46
N PHE F 742 -57.14 -2.92 8.72
CA PHE F 742 -55.91 -2.86 7.94
C PHE F 742 -54.80 -3.70 8.57
N ALA F 743 -54.42 -3.38 9.80
CA ALA F 743 -53.37 -4.13 10.47
C ALA F 743 -53.85 -5.53 10.83
N ARG F 744 -52.96 -6.51 10.69
CA ARG F 744 -53.32 -7.90 10.93
C ARG F 744 -52.36 -8.56 11.92
N ARG F 745 -52.42 -9.88 12.02
CA ARG F 745 -51.66 -10.65 13.00
C ARG F 745 -50.21 -10.21 13.05
N SER F 746 -49.65 -10.22 14.26
CA SER F 746 -48.31 -9.66 14.47
C SER F 746 -47.24 -10.52 13.83
N VAL F 747 -47.08 -11.76 14.30
CA VAL F 747 -46.02 -12.64 13.83
C VAL F 747 -46.59 -14.05 13.68
N SER F 748 -45.87 -14.88 12.95
CA SER F 748 -46.28 -16.27 12.76
C SER F 748 -46.22 -17.03 14.07
N ASP F 749 -47.17 -17.95 14.24
CA ASP F 749 -47.20 -18.77 15.45
C ASP F 749 -46.01 -19.72 15.53
N ASN F 750 -45.44 -20.07 14.37
CA ASN F 750 -44.25 -20.94 14.38
C ASN F 750 -43.08 -20.26 15.07
N ASP F 751 -42.91 -18.95 14.85
CA ASP F 751 -41.87 -18.21 15.53
C ASP F 751 -42.09 -18.22 17.04
N ILE F 752 -43.35 -18.06 17.48
CA ILE F 752 -43.64 -18.08 18.90
C ILE F 752 -43.35 -19.46 19.49
N ARG F 753 -43.67 -20.52 18.74
CA ARG F 753 -43.33 -21.86 19.19
C ARG F 753 -41.83 -22.04 19.30
N LYS F 754 -41.07 -21.50 18.35
CA LYS F 754 -39.61 -21.57 18.42
C LYS F 754 -39.09 -20.85 19.65
N TYR F 755 -39.64 -19.66 19.95
CA TYR F 755 -39.22 -18.93 21.13
C TYR F 755 -39.56 -19.69 22.40
N GLU F 756 -40.74 -20.29 22.46
CA GLU F 756 -41.15 -21.02 23.66
C GLU F 756 -40.32 -22.29 23.85
N MET F 757 -39.90 -22.94 22.75
CA MET F 757 -39.05 -24.11 22.89
C MET F 757 -37.62 -23.72 23.25
N PHE F 758 -37.15 -22.57 22.77
CA PHE F 758 -35.86 -22.06 23.21
C PHE F 758 -35.89 -21.73 24.70
N ALA F 759 -36.98 -21.13 25.16
CA ALA F 759 -37.14 -20.87 26.60
C ALA F 759 -37.19 -22.16 27.39
N GLN F 760 -37.89 -23.17 26.86
CA GLN F 760 -37.94 -24.47 27.53
C GLN F 760 -36.56 -25.13 27.55
N THR F 761 -35.71 -24.81 26.59
CA THR F 761 -34.36 -25.37 26.50
C THR F 761 -33.31 -24.37 26.99
N LEU F 762 -33.64 -23.60 28.03
CA LEU F 762 -32.64 -22.71 28.62
C LEU F 762 -31.47 -23.49 29.20
N GLN F 763 -31.71 -24.72 29.65
CA GLN F 763 -30.65 -25.58 30.15
C GLN F 763 -30.63 -26.89 29.36
N GLN F 764 -29.79 -27.84 29.79
CA GLN F 764 -29.65 -29.13 29.12
C GLN F 764 -29.26 -28.96 27.65
N SER F 765 -28.39 -27.99 27.38
CA SER F 765 -27.93 -27.71 26.03
C SER F 765 -26.42 -27.53 26.03
N ARG F 766 -25.80 -27.83 24.89
CA ARG F 766 -24.37 -27.70 24.71
C ARG F 766 -23.59 -28.53 25.75
PG ATP G . -15.68 25.79 -11.16
O1G ATP G . -16.97 25.05 -11.11
O2G ATP G . -14.48 24.91 -11.51
O3G ATP G . -15.38 26.58 -9.88
PB ATP G . -16.64 28.07 -12.81
O1B ATP G . -17.12 28.87 -11.67
O2B ATP G . -17.72 27.47 -13.70
O3B ATP G . -15.72 26.89 -12.31
PA ATP G . -15.80 29.99 -14.90
O1A ATP G . -14.48 30.42 -15.39
O2A ATP G . -16.69 31.10 -14.36
O3A ATP G . -15.66 28.90 -13.75
O5' ATP G . -16.60 29.21 -16.01
C5' ATP G . -16.37 29.47 -17.42
C4' ATP G . -17.65 30.02 -18.03
O4' ATP G . -18.78 29.24 -17.55
C3' ATP G . -17.95 31.48 -17.73
O3' ATP G . -18.18 32.20 -18.94
C2' ATP G . -19.22 31.43 -16.87
O2' ATP G . -20.09 32.52 -17.13
C1' ATP G . -19.85 30.12 -17.33
N9 ATP G . -20.74 29.52 -16.34
C8 ATP G . -20.45 28.49 -15.49
N7 ATP G . -21.46 28.13 -14.72
C5 ATP G . -22.47 29.01 -15.08
C6 ATP G . -23.79 29.16 -14.63
N6 ATP G . -24.34 28.41 -13.68
N1 ATP G . -24.54 30.12 -15.22
C2 ATP G . -24.01 30.87 -16.18
N3 ATP G . -22.77 30.82 -16.68
C4 ATP G . -22.05 29.86 -16.08
PB ADP H . -40.89 0.20 -12.87
O1B ADP H . -40.15 -1.09 -13.10
O2B ADP H . -42.03 0.11 -11.88
O3B ADP H . -40.02 1.41 -12.70
PA ADP H . -40.80 0.57 -15.64
O1A ADP H . -40.26 -0.79 -15.97
O2A ADP H . -39.86 1.73 -15.50
O3A ADP H . -41.64 0.47 -14.27
O5' ADP H . -41.95 0.96 -16.72
C5' ADP H . -41.76 0.76 -18.12
C4' ADP H . -41.85 2.14 -18.80
O4' ADP H . -43.21 2.54 -18.97
C3' ADP H . -41.17 3.22 -17.97
O3' ADP H . -40.21 3.90 -18.77
C2' ADP H . -42.26 4.16 -17.54
O2' ADP H . -41.92 5.49 -17.94
C1' ADP H . -43.53 3.73 -18.26
N9 ADP H . -44.61 3.39 -17.31
C8 ADP H . -44.58 2.37 -16.44
N7 ADP H . -45.72 2.32 -15.70
C5 ADP H . -46.51 3.32 -16.10
C6 ADP H . -47.85 3.83 -15.74
N6 ADP H . -48.59 3.24 -14.78
N1 ADP H . -48.31 4.91 -16.41
C2 ADP H . -47.59 5.50 -17.38
N3 ADP H . -46.37 5.09 -17.76
C4 ADP H . -45.78 4.03 -17.18
PB ADP I . 3.80 11.22 -30.95
O1B ADP I . 2.48 11.51 -31.64
O2B ADP I . 3.72 10.12 -29.91
O3B ADP I . 4.54 12.44 -30.52
PA ADP I . 5.55 11.55 -33.09
O1A ADP I . 4.61 12.51 -33.76
O2A ADP I . 6.73 12.08 -32.30
O3A ADP I . 4.70 10.59 -32.12
O5' ADP I . 6.12 10.56 -34.22
C5' ADP I . 7.39 10.81 -34.81
C4' ADP I . 7.37 10.41 -36.28
O4' ADP I . 6.28 9.54 -36.56
C3' ADP I . 7.21 11.64 -37.17
O3' ADP I . 8.42 11.90 -37.88
C2' ADP I . 6.10 11.29 -38.16
O2' ADP I . 6.61 11.35 -39.49
C1' ADP I . 5.69 9.86 -37.82
N9 ADP I . 4.22 9.79 -37.72
C8 ADP I . 3.53 9.55 -36.59
N7 ADP I . 2.20 9.54 -36.83
C5 ADP I . 2.02 9.77 -38.13
C6 ADP I . 0.85 9.89 -39.04
N6 ADP I . -0.42 9.75 -38.58
N1 ADP I . 1.10 10.13 -40.34
C2 ADP I . 2.35 10.27 -40.81
N3 ADP I . 3.45 10.17 -40.05
C4 ADP I . 3.35 9.93 -38.72
PB ADP J . -20.56 -15.50 -34.06
O1B ADP J . -20.27 -16.49 -32.97
O2B ADP J . -22.03 -15.23 -34.28
O3B ADP J . -19.70 -14.26 -34.03
PA ADP J . -18.60 -16.78 -35.58
O1A ADP J . -18.39 -17.94 -34.65
O2A ADP J . -17.69 -15.58 -35.50
O3A ADP J . -20.11 -16.25 -35.41
O5' ADP J . -18.60 -17.33 -37.10
C5' ADP J . -17.61 -18.24 -37.58
C4' ADP J . -16.84 -17.57 -38.71
O4' ADP J . -17.57 -17.62 -39.94
C3' ADP J . -16.58 -16.10 -38.41
O3' ADP J . -15.19 -15.80 -38.52
C2' ADP J . -17.35 -15.32 -39.45
O2' ADP J . -16.47 -14.42 -40.13
C1' ADP J . -17.91 -16.34 -40.43
N9 ADP J . -19.39 -16.28 -40.52
C8 ADP J . -20.23 -16.57 -39.51
N7 ADP J . -21.52 -16.42 -39.88
C5 ADP J . -21.53 -16.02 -41.17
C6 ADP J . -22.56 -15.69 -42.17
N6 ADP J . -23.88 -15.74 -41.86
N1 ADP J . -22.13 -15.31 -43.40
C2 ADP J . -20.83 -15.24 -43.71
N3 ADP J . -19.84 -15.54 -42.85
C4 ADP J . -20.12 -15.93 -41.58
PB ADP K . 25.76 -7.85 -18.53
O1B ADP K . 25.47 -8.21 -19.97
O2B ADP K . 24.66 -8.20 -17.56
O3B ADP K . 26.32 -6.45 -18.36
PA ADP K . 28.49 -8.43 -18.52
O1A ADP K . 28.56 -8.25 -20.02
O2A ADP K . 28.93 -7.32 -17.60
O3A ADP K . 26.98 -8.82 -18.14
O5' ADP K . 29.32 -9.76 -18.15
C5' ADP K . 30.63 -9.63 -17.58
C4' ADP K . 31.57 -10.66 -18.19
O4' ADP K . 30.85 -11.81 -18.62
C3' ADP K . 32.27 -10.09 -19.42
O3' ADP K . 33.65 -9.84 -19.12
C2' ADP K . 32.15 -11.16 -20.48
O2' ADP K . 33.45 -11.61 -20.87
C1' ADP K . 31.36 -12.29 -19.86
N9 ADP K . 30.24 -12.66 -20.75
C8 ADP K . 28.94 -12.38 -20.52
N7 ADP K . 28.16 -12.85 -21.54
C5 ADP K . 28.97 -13.44 -22.43
C6 ADP K . 28.80 -14.12 -23.74
N6 ADP K . 27.56 -14.28 -24.28
N1 ADP K . 29.90 -14.58 -24.36
C2 ADP K . 31.12 -14.42 -23.82
N3 ADP K . 31.36 -13.81 -22.65
C4 ADP K . 30.34 -13.30 -21.91
PB ADP L . 3.12 -35.88 -22.34
O1B ADP L . 2.29 -36.09 -23.60
O2B ADP L . 4.05 -34.70 -22.40
O3B ADP L . 2.32 -35.98 -21.06
PA ADP L . 5.12 -37.37 -21.08
O1A ADP L . 6.05 -36.17 -21.06
O2A ADP L . 4.31 -37.70 -19.84
O3A ADP L . 4.09 -37.15 -22.30
O5' ADP L . 5.95 -38.66 -21.54
C5' ADP L . 6.69 -39.46 -20.62
C4' ADP L . 8.17 -39.41 -21.02
O4' ADP L . 8.44 -40.31 -22.10
C3' ADP L . 8.57 -38.02 -21.49
O3' ADP L . 9.71 -37.57 -20.75
C2' ADP L . 8.93 -38.16 -22.94
O2' ADP L . 10.24 -37.65 -23.17
C1' ADP L . 8.89 -39.64 -23.27
N9 ADP L . 7.92 -39.94 -24.35
C8 ADP L . 6.59 -39.78 -24.26
N7 ADP L . 5.96 -40.14 -25.41
C5 ADP L . 6.91 -40.55 -26.26
C6 ADP L . 6.93 -41.07 -27.65
N6 ADP L . 5.79 -41.21 -28.36
N1 ADP L . 8.13 -41.38 -28.18
C2 ADP L . 9.28 -41.24 -27.48
N3 ADP L . 9.32 -40.78 -26.22
C4 ADP L . 8.20 -40.43 -25.57
PB ADP M . 27.61 -11.70 12.67
O1B ADP M . 28.83 -11.49 11.80
O2B ADP M . 26.68 -12.79 12.21
O3B ADP M . 26.91 -10.42 13.08
PA ADP M . 29.55 -11.61 14.65
O1A ADP M . 30.71 -12.13 13.87
O2A ADP M . 29.33 -10.12 14.78
O3A ADP M . 28.22 -12.26 14.05
O5' ADP M . 29.68 -12.22 16.14
C5' ADP M . 30.87 -11.91 16.85
C4' ADP M . 31.03 -12.84 18.06
O4' ADP M . 30.85 -14.20 17.68
C3' ADP M . 32.41 -12.72 18.64
O3' ADP M . 32.36 -12.01 19.89
C2' ADP M . 32.89 -14.14 18.88
O2' ADP M . 33.22 -14.30 20.27
C1' ADP M . 31.70 -15.01 18.51
N9 ADP M . 32.13 -16.25 17.81
C8 ADP M . 33.22 -16.99 18.11
N7 ADP M . 33.31 -18.08 17.31
C5 ADP M . 32.24 -18.06 16.48
C6 ADP M . 31.72 -18.91 15.38
N6 ADP M . 32.37 -20.02 15.00
N1 ADP M . 30.59 -18.53 14.78
C2 ADP M . 29.95 -17.42 15.16
N3 ADP M . 30.35 -16.60 16.13
C4 ADP M . 31.47 -16.86 16.83
PB ADP N . 6.33 -40.58 10.52
O1B ADP N . 6.51 -41.62 9.46
O2B ADP N . 7.38 -39.48 10.50
O3B ADP N . 4.92 -40.09 10.70
PA ADP N . 6.51 -40.63 13.32
O1A ADP N . 7.49 -39.48 13.32
O2A ADP N . 5.05 -40.36 13.57
O3A ADP N . 6.64 -41.37 11.89
O5' ADP N . 7.02 -41.76 14.35
C5' ADP N . 6.72 -41.72 15.74
C4' ADP N . 8.04 -41.61 16.51
O4' ADP N . 8.67 -42.89 16.63
C3' ADP N . 9.02 -40.69 15.81
O3' ADP N . 9.47 -39.68 16.71
C2' ADP N . 10.19 -41.57 15.39
O2' ADP N . 11.40 -41.01 15.90
C1' ADP N . 9.94 -42.94 15.99
N9 ADP N . 9.87 -43.99 14.95
C8 ADP N . 8.92 -44.07 14.00
N7 ADP N . 9.12 -45.14 13.19
C5 ADP N . 10.23 -45.77 13.62
C6 ADP N . 10.99 -46.96 13.21
N6 ADP N . 10.61 -47.72 12.16
N1 ADP N . 12.09 -47.28 13.93
C2 ADP N . 12.49 -46.53 14.99
N3 ADP N . 11.83 -45.44 15.41
C4 ADP N . 10.71 -45.01 14.78
PB ADP O . 7.93 3.70 31.92
O1B ADP O . 6.96 3.47 30.80
O2B ADP O . 8.40 2.44 32.62
O3B ADP O . 9.04 4.67 31.60
PA ADP O . 7.78 5.41 34.12
O1A ADP O . 8.89 4.62 34.79
O2A ADP O . 8.09 6.72 33.44
O3A ADP O . 7.07 4.46 33.05
O5' ADP O . 6.63 5.68 35.23
C5' ADP O . 6.58 6.93 35.88
C4' ADP O . 6.18 6.76 37.34
O4' ADP O . 5.51 5.52 37.55
C3' ADP O . 7.40 6.75 38.25
O3' ADP O . 7.50 7.99 38.95
C2' ADP O . 7.17 5.61 39.22
O2' ADP O . 7.08 6.13 40.56
C1' ADP O . 5.85 4.96 38.82
N9 ADP O . 6.04 3.51 38.70
C8 ADP O . 5.99 2.80 37.56
N7 ADP O . 6.20 1.48 37.79
C5 ADP O . 6.38 1.33 39.11
C6 ADP O . 6.65 0.18 40.02
N6 ADP O . 6.77 -1.08 39.54
N1 ADP O . 6.78 0.45 41.33
C2 ADP O . 6.67 1.70 41.81
N3 ADP O . 6.43 2.78 41.05
C4 ADP O . 6.28 2.66 39.71
PB ADP P . -14.09 -24.92 31.66
O1B ADP P . -13.58 -26.34 31.80
O2B ADP P . -13.03 -23.86 31.77
O3B ADP P . -15.06 -24.73 30.52
PA ADP P . -15.80 -23.34 33.20
O1A ADP P . -16.93 -23.27 32.19
O2A ADP P . -14.79 -22.23 33.27
O3A ADP P . -14.99 -24.71 32.97
O5' ADP P . -16.43 -23.54 34.68
C5' ADP P . -17.55 -22.78 35.14
C4' ADP P . -17.09 -21.99 36.36
O4' ADP P . -17.09 -22.81 37.55
C3' ADP P . -15.67 -21.46 36.20
O3' ADP P . -15.65 -20.05 36.42
C2' ADP P . -14.83 -22.15 37.25
O2' ADP P . -14.16 -21.18 38.04
C1' ADP P . -15.79 -22.96 38.11
N9 ADP P . -15.46 -24.40 38.10
C8 ADP P . -15.54 -25.20 37.02
N7 ADP P . -15.19 -26.48 37.33
C5 ADP P . -14.87 -26.50 38.63
C6 ADP P . -14.41 -27.53 39.59
N6 ADP P . -14.21 -28.81 39.19
N1 ADP P . -14.20 -27.15 40.86
C2 ADP P . -14.39 -25.88 41.26
N3 ADP P . -14.81 -24.90 40.45
C4 ADP P . -15.07 -25.14 39.14
PB ADP Q . -14.31 22.88 20.03
O1B ADP Q . -13.63 23.13 18.70
O2B ADP Q . -14.90 21.51 20.18
O3B ADP Q . -13.52 23.36 21.22
PA ADP Q . -15.39 25.45 20.14
O1A ADP Q . -14.37 25.89 19.12
O2A ADP Q . -15.20 25.77 21.60
O3A ADP Q . -15.59 23.85 20.00
O5' ADP Q . -16.82 26.03 19.71
C5' ADP Q . -16.92 27.37 19.20
C4' ADP Q . -18.19 28.02 19.72
O4' ADP Q . -19.16 27.03 20.05
C3' ADP Q . -17.93 28.80 21.00
O3' ADP Q . -18.01 30.20 20.73
C2' ADP Q . -19.01 28.39 21.97
O2' ADP Q . -19.81 29.52 22.32
C1' ADP Q . -19.86 27.36 21.25
N9 ADP Q . -20.01 26.15 22.09
C8 ADP Q . -19.43 24.96 21.86
N7 ADP Q . -19.76 24.06 22.82
C5 ADP Q . -20.58 24.69 23.69
C6 ADP Q . -21.30 24.31 24.92
N6 ADP Q . -21.20 23.06 25.44
N1 ADP Q . -22.05 25.27 25.52
C2 ADP Q . -22.14 26.50 25.03
N3 ADP Q . -21.52 26.91 23.91
C4 ADP Q . -20.74 26.06 23.20
PB ADP R . -37.74 -4.54 19.99
O1B ADP R . -37.63 -5.23 18.64
O2B ADP R . -37.89 -5.48 21.16
O3B ADP R . -36.76 -3.41 20.19
PA ADP R . -39.49 -2.74 18.75
O1A ADP R . -39.60 -3.49 17.45
O2A ADP R . -38.50 -1.61 18.88
O3A ADP R . -39.17 -3.79 19.92
O5' ADP R . -40.95 -2.18 19.18
C5' ADP R . -41.82 -1.53 18.25
C4' ADP R . -42.06 -0.10 18.75
O4' ADP R . -43.05 -0.08 19.78
C3' ADP R . -40.79 0.50 19.34
O3' ADP R . -40.51 1.75 18.71
C2' ADP R . -41.08 0.72 20.81
O2' ADP R . -40.84 2.08 21.15
C1' ADP R . -42.55 0.39 21.02
N9 ADP R . -42.73 -0.71 22.01
C8 ADP R . -42.32 -1.97 21.84
N7 ADP R . -42.63 -2.74 22.92
C5 ADP R . -43.25 -1.95 23.80
C6 ADP R . -43.85 -2.12 25.15
N6 ADP R . -43.83 -3.33 25.76
N1 ADP R . -44.42 -1.05 25.73
C2 ADP R . -44.45 0.16 25.12
N3 ADP R . -43.92 0.38 23.90
C4 ADP R . -43.33 -0.61 23.19
#